data_2H3K
#
_entry.id   2H3K
#
_entity_poly.entity_id   1
_entity_poly.type   'polypeptide(L)'
_entity_poly.pdbx_seq_one_letter_code
;ADESLKDAIKDPALENKEHDIGPREQVNFQLLDKNNETQYYHFFSIKDPADVYYTKKKAEVELDINTASTWKKFEVYENN
QKLPVRLVSYSPVPEDHAYIRFPVSDGTQELKIVSSTQIDDGEETNYDYTKLVFAKPIYNDPSL
;
_entity_poly.pdbx_strand_id   A
#
# COMPACT_ATOMS: atom_id res chain seq x y z
N ALA A 1 -7.36 -5.34 14.18
CA ALA A 1 -7.24 -4.22 15.16
C ALA A 1 -6.34 -3.12 14.60
N ASP A 2 -6.45 -2.86 13.32
CA ASP A 2 -5.60 -1.79 12.71
C ASP A 2 -6.02 -0.41 13.23
N GLU A 3 -5.30 0.61 12.87
CA GLU A 3 -5.66 1.98 13.35
C GLU A 3 -5.59 2.99 12.20
N SER A 4 -5.28 4.21 12.48
CA SER A 4 -5.20 5.23 11.39
C SER A 4 -3.74 5.47 10.98
N LEU A 5 -3.47 5.45 9.71
CA LEU A 5 -2.07 5.67 9.24
C LEU A 5 -1.53 7.00 9.78
N LYS A 6 -2.40 7.94 10.03
CA LYS A 6 -1.94 9.25 10.56
C LYS A 6 -1.58 9.14 12.04
N ASP A 7 -2.29 8.31 12.77
CA ASP A 7 -1.99 8.16 14.22
C ASP A 7 -1.09 6.94 14.45
N ALA A 8 -0.53 6.38 13.42
CA ALA A 8 0.35 5.18 13.59
C ALA A 8 1.77 5.52 13.14
N ILE A 9 1.91 6.39 12.18
CA ILE A 9 3.27 6.76 11.70
C ILE A 9 4.06 7.48 12.80
N LYS A 10 3.41 7.90 13.85
CA LYS A 10 4.13 8.60 14.94
C LYS A 10 4.77 7.58 15.90
N ASP A 11 5.75 6.86 15.44
CA ASP A 11 6.41 5.86 16.32
C ASP A 11 7.94 5.95 16.18
N PRO A 12 8.62 5.70 17.27
CA PRO A 12 10.11 5.77 17.26
C PRO A 12 10.68 4.53 16.57
N ALA A 13 10.02 3.41 16.67
CA ALA A 13 10.54 2.17 16.03
C ALA A 13 10.26 2.19 14.52
N LEU A 14 9.22 2.86 14.11
CA LEU A 14 8.90 2.91 12.65
C LEU A 14 9.24 4.29 12.07
N GLU A 15 10.18 4.98 12.66
CA GLU A 15 10.56 6.32 12.13
C GLU A 15 11.69 6.19 11.10
N ASN A 16 12.51 5.18 11.25
CA ASN A 16 13.63 4.99 10.28
C ASN A 16 14.13 3.54 10.33
N LYS A 17 13.27 2.60 10.10
CA LYS A 17 13.70 1.16 10.14
C LYS A 17 14.10 0.70 8.74
N GLU A 18 15.04 -0.19 8.64
CA GLU A 18 15.48 -0.68 7.31
C GLU A 18 14.42 -1.61 6.71
N HIS A 19 13.42 -1.06 6.07
CA HIS A 19 12.36 -1.91 5.46
C HIS A 19 12.87 -2.58 4.19
N ASP A 20 13.91 -3.36 4.29
CA ASP A 20 14.46 -4.04 3.08
C ASP A 20 15.35 -5.21 3.49
N ILE A 21 14.78 -6.25 4.01
CA ILE A 21 15.59 -7.43 4.42
C ILE A 21 15.06 -8.71 3.77
N GLY A 22 15.94 -9.56 3.30
CA GLY A 22 15.48 -10.81 2.65
C GLY A 22 15.30 -10.58 1.14
N PRO A 23 14.54 -11.45 0.54
CA PRO A 23 14.28 -11.34 -0.92
C PRO A 23 13.35 -10.16 -1.21
N ARG A 24 13.16 -9.85 -2.45
CA ARG A 24 12.25 -8.70 -2.81
C ARG A 24 12.16 -8.55 -4.33
N GLU A 25 11.04 -8.07 -4.81
CA GLU A 25 10.89 -7.90 -6.29
C GLU A 25 10.20 -6.56 -6.60
N GLN A 26 9.83 -6.34 -7.83
CA GLN A 26 9.16 -5.07 -8.18
C GLN A 26 7.84 -5.33 -8.92
N VAL A 27 6.75 -4.85 -8.39
CA VAL A 27 5.43 -5.09 -9.05
C VAL A 27 4.68 -3.77 -9.23
N ASN A 28 4.39 -3.40 -10.45
CA ASN A 28 3.64 -2.13 -10.69
C ASN A 28 2.18 -2.31 -10.30
N PHE A 29 1.37 -1.30 -10.50
CA PHE A 29 -0.07 -1.43 -10.14
C PHE A 29 -0.93 -0.57 -11.06
N GLN A 30 -2.08 -1.06 -11.45
CA GLN A 30 -2.96 -0.27 -12.36
C GLN A 30 -4.01 0.48 -11.54
N LEU A 31 -3.94 1.78 -11.53
CA LEU A 31 -4.94 2.57 -10.74
C LEU A 31 -6.19 2.83 -11.58
N LEU A 32 -7.33 2.41 -11.11
CA LEU A 32 -8.59 2.63 -11.89
C LEU A 32 -9.71 3.08 -10.96
N ASP A 33 -10.59 3.93 -11.43
CA ASP A 33 -11.71 4.42 -10.57
C ASP A 33 -13.05 3.91 -11.07
N LYS A 34 -13.31 2.63 -10.94
CA LYS A 34 -14.61 2.08 -11.41
C LYS A 34 -14.90 2.54 -12.84
N ASN A 35 -13.89 2.85 -13.60
CA ASN A 35 -14.11 3.31 -15.00
C ASN A 35 -12.89 3.00 -15.86
N ASN A 36 -12.07 2.07 -15.45
CA ASN A 36 -10.86 1.72 -16.24
C ASN A 36 -10.09 2.99 -16.61
N GLU A 37 -10.21 4.02 -15.82
CA GLU A 37 -9.48 5.28 -16.13
C GLU A 37 -8.13 5.30 -15.40
N THR A 38 -7.05 5.18 -16.12
CA THR A 38 -5.71 5.19 -15.47
C THR A 38 -5.16 6.63 -15.41
N GLN A 39 -5.13 7.20 -14.24
CA GLN A 39 -4.61 8.59 -14.11
C GLN A 39 -3.09 8.56 -13.96
N TYR A 40 -2.37 8.74 -15.04
CA TYR A 40 -0.88 8.72 -14.97
C TYR A 40 -0.34 10.10 -14.58
N TYR A 41 -1.19 11.01 -14.18
CA TYR A 41 -0.70 12.36 -13.79
C TYR A 41 -1.12 12.68 -12.36
N HIS A 42 -1.29 11.67 -11.55
CA HIS A 42 -1.70 11.91 -10.13
C HIS A 42 -0.70 11.25 -9.17
N PHE A 43 0.55 11.21 -9.55
CA PHE A 43 1.57 10.58 -8.66
C PHE A 43 1.86 11.49 -7.46
N PHE A 44 0.93 11.60 -6.56
CA PHE A 44 1.14 12.47 -5.37
C PHE A 44 1.41 11.62 -4.12
N SER A 45 0.84 10.45 -4.05
CA SER A 45 1.06 9.58 -2.87
C SER A 45 2.11 8.51 -3.19
N ILE A 46 1.72 7.46 -3.88
CA ILE A 46 2.70 6.39 -4.22
C ILE A 46 3.75 6.93 -5.20
N LYS A 47 4.85 6.25 -5.34
CA LYS A 47 5.90 6.73 -6.28
C LYS A 47 6.46 5.57 -7.11
N ASP A 48 7.10 4.62 -6.46
CA ASP A 48 7.67 3.47 -7.21
C ASP A 48 6.66 2.32 -7.28
N PRO A 49 7.01 1.30 -8.01
CA PRO A 49 6.12 0.13 -8.16
C PRO A 49 6.07 -0.68 -6.86
N ALA A 50 4.94 -1.21 -6.53
CA ALA A 50 4.82 -2.02 -5.27
C ALA A 50 5.93 -3.07 -5.21
N ASP A 51 6.46 -3.31 -4.05
CA ASP A 51 7.54 -4.33 -3.91
C ASP A 51 6.94 -5.67 -3.50
N VAL A 52 7.71 -6.72 -3.53
CA VAL A 52 7.16 -8.06 -3.14
C VAL A 52 8.16 -8.82 -2.26
N TYR A 53 7.98 -8.78 -0.97
CA TYR A 53 8.91 -9.51 -0.06
C TYR A 53 8.43 -10.96 0.09
N TYR A 54 8.78 -11.82 -0.82
CA TYR A 54 8.33 -13.24 -0.72
C TYR A 54 8.99 -13.93 0.47
N THR A 55 8.20 -14.36 1.42
CA THR A 55 8.77 -15.04 2.61
C THR A 55 8.57 -16.56 2.50
N LYS A 56 8.73 -17.29 3.57
CA LYS A 56 8.55 -18.76 3.51
C LYS A 56 7.07 -19.12 3.68
N LYS A 57 6.30 -18.27 4.32
CA LYS A 57 4.86 -18.57 4.52
C LYS A 57 4.05 -18.04 3.33
N LYS A 58 3.92 -16.75 3.20
CA LYS A 58 3.14 -16.17 2.07
C LYS A 58 3.87 -14.97 1.48
N ALA A 59 3.50 -14.54 0.31
CA ALA A 59 4.18 -13.37 -0.32
C ALA A 59 3.84 -12.09 0.46
N GLU A 60 4.68 -11.11 0.40
CA GLU A 60 4.39 -9.84 1.14
C GLU A 60 4.61 -8.62 0.24
N VAL A 61 3.57 -8.09 -0.33
CA VAL A 61 3.72 -6.90 -1.21
C VAL A 61 4.02 -5.66 -0.37
N GLU A 62 4.53 -4.62 -0.99
CA GLU A 62 4.84 -3.39 -0.21
C GLU A 62 4.60 -2.15 -1.08
N LEU A 63 4.14 -1.08 -0.48
CA LEU A 63 3.89 0.16 -1.27
C LEU A 63 4.30 1.39 -0.45
N ASP A 64 5.14 2.23 -0.99
CA ASP A 64 5.59 3.44 -0.25
C ASP A 64 4.59 4.58 -0.42
N ILE A 65 4.27 5.28 0.64
CA ILE A 65 3.30 6.41 0.52
C ILE A 65 4.02 7.74 0.81
N ASN A 66 4.28 8.51 -0.22
CA ASN A 66 4.98 9.81 -0.01
C ASN A 66 4.17 10.72 0.94
N THR A 67 2.92 10.93 0.66
CA THR A 67 2.09 11.81 1.54
C THR A 67 1.49 11.01 2.68
N ALA A 68 2.30 10.29 3.41
CA ALA A 68 1.76 9.48 4.55
C ALA A 68 0.96 10.37 5.50
N SER A 69 1.29 11.64 5.57
CA SER A 69 0.55 12.56 6.49
C SER A 69 -0.88 12.80 5.98
N THR A 70 -1.18 12.38 4.79
CA THR A 70 -2.56 12.62 4.25
C THR A 70 -3.41 11.35 4.38
N TRP A 71 -2.78 10.22 4.62
CA TRP A 71 -3.57 8.95 4.74
C TRP A 71 -4.26 8.90 6.11
N LYS A 72 -5.48 8.42 6.15
CA LYS A 72 -6.21 8.33 7.45
C LYS A 72 -6.59 6.88 7.74
N LYS A 73 -7.16 6.20 6.76
CA LYS A 73 -7.54 4.78 6.96
C LYS A 73 -7.07 3.93 5.78
N PHE A 74 -7.34 2.66 5.79
CA PHE A 74 -6.91 1.79 4.67
C PHE A 74 -7.44 0.37 4.85
N GLU A 75 -8.23 -0.12 3.94
CA GLU A 75 -8.77 -1.50 4.07
C GLU A 75 -8.79 -2.19 2.70
N VAL A 76 -7.68 -2.71 2.27
CA VAL A 76 -7.64 -3.39 0.94
C VAL A 76 -8.45 -4.69 1.00
N TYR A 77 -9.15 -5.01 -0.06
CA TYR A 77 -9.96 -6.26 -0.04
C TYR A 77 -10.03 -6.86 -1.45
N GLU A 78 -9.79 -8.15 -1.57
CA GLU A 78 -9.84 -8.80 -2.91
C GLU A 78 -10.82 -9.97 -2.87
N ASN A 79 -11.61 -10.13 -3.90
CA ASN A 79 -12.60 -11.26 -3.93
C ASN A 79 -13.67 -11.04 -2.86
N ASN A 80 -13.31 -11.20 -1.61
CA ASN A 80 -14.31 -11.02 -0.52
C ASN A 80 -13.62 -11.06 0.85
N GLN A 81 -12.44 -10.53 0.94
CA GLN A 81 -11.71 -10.55 2.24
C GLN A 81 -10.82 -9.31 2.38
N LYS A 82 -11.15 -8.42 3.27
CA LYS A 82 -10.33 -7.19 3.45
C LYS A 82 -9.04 -7.52 4.21
N LEU A 83 -7.92 -7.48 3.53
CA LEU A 83 -6.63 -7.79 4.23
C LEU A 83 -6.21 -6.60 5.11
N PRO A 84 -5.87 -6.89 6.33
CA PRO A 84 -5.45 -5.83 7.28
C PRO A 84 -4.05 -5.32 6.93
N VAL A 85 -3.95 -4.35 6.05
CA VAL A 85 -2.61 -3.81 5.68
C VAL A 85 -1.96 -3.18 6.91
N ARG A 86 -0.75 -3.55 7.21
CA ARG A 86 -0.06 -2.98 8.40
C ARG A 86 1.08 -2.05 7.97
N LEU A 87 1.82 -1.54 8.91
CA LEU A 87 2.95 -0.62 8.57
C LEU A 87 4.27 -1.26 8.98
N VAL A 88 5.29 -1.11 8.18
CA VAL A 88 6.61 -1.71 8.52
C VAL A 88 7.63 -0.61 8.82
N SER A 89 7.47 0.54 8.22
CA SER A 89 8.42 1.66 8.48
C SER A 89 7.84 2.97 7.95
N TYR A 90 8.20 4.07 8.56
CA TYR A 90 7.65 5.38 8.09
C TYR A 90 8.65 6.50 8.34
N SER A 91 8.98 7.25 7.32
CA SER A 91 9.94 8.38 7.50
C SER A 91 9.23 9.54 8.19
N PRO A 92 9.98 10.32 8.90
CA PRO A 92 9.41 11.47 9.66
C PRO A 92 8.86 12.57 8.74
N VAL A 93 8.08 13.46 9.31
CA VAL A 93 7.45 14.59 8.55
C VAL A 93 8.31 15.11 7.40
N PRO A 94 9.53 15.49 7.68
CA PRO A 94 10.42 16.04 6.62
C PRO A 94 10.59 15.02 5.49
N GLU A 95 10.63 13.76 5.81
CA GLU A 95 10.75 12.73 4.73
C GLU A 95 9.36 12.36 4.22
N ASP A 96 8.40 12.35 5.10
CA ASP A 96 7.00 12.02 4.70
C ASP A 96 6.99 10.76 3.82
N HIS A 97 6.97 9.61 4.43
CA HIS A 97 6.96 8.35 3.65
C HIS A 97 6.50 7.18 4.54
N ALA A 98 5.40 6.56 4.21
CA ALA A 98 4.93 5.42 5.05
C ALA A 98 5.04 4.12 4.28
N TYR A 99 5.49 3.07 4.93
CA TYR A 99 5.63 1.76 4.22
C TYR A 99 4.61 0.75 4.74
N ILE A 100 3.75 0.26 3.88
CA ILE A 100 2.73 -0.73 4.32
C ILE A 100 2.91 -2.04 3.55
N ARG A 101 2.56 -3.14 4.14
CA ARG A 101 2.72 -4.45 3.43
C ARG A 101 1.52 -5.36 3.71
N PHE A 102 1.15 -6.18 2.76
CA PHE A 102 0.00 -7.09 2.96
C PHE A 102 0.23 -8.40 2.18
N PRO A 103 -0.29 -9.47 2.72
CA PRO A 103 -0.13 -10.79 2.07
C PRO A 103 -0.97 -10.90 0.80
N VAL A 104 -0.61 -11.76 -0.10
CA VAL A 104 -1.39 -11.91 -1.37
C VAL A 104 -1.28 -13.35 -1.87
N SER A 105 -2.24 -14.17 -1.55
CA SER A 105 -2.21 -15.59 -2.00
C SER A 105 -2.98 -15.76 -3.32
N ASP A 106 -2.84 -16.89 -3.95
CA ASP A 106 -3.56 -17.15 -5.23
C ASP A 106 -3.06 -16.20 -6.33
N GLY A 107 -1.86 -15.72 -6.21
CA GLY A 107 -1.34 -14.81 -7.27
C GLY A 107 -2.20 -13.55 -7.36
N THR A 108 -2.80 -13.18 -6.24
CA THR A 108 -3.69 -11.96 -6.22
C THR A 108 -3.15 -10.85 -7.13
N GLN A 109 -3.94 -10.42 -8.07
CA GLN A 109 -3.48 -9.35 -8.99
C GLN A 109 -4.46 -8.16 -8.97
N GLU A 110 -5.55 -8.27 -8.26
CA GLU A 110 -6.52 -7.14 -8.21
C GLU A 110 -7.10 -7.00 -6.80
N LEU A 111 -6.98 -5.84 -6.22
CA LEU A 111 -7.52 -5.63 -4.85
C LEU A 111 -8.22 -4.27 -4.77
N LYS A 112 -9.31 -4.19 -4.07
CA LYS A 112 -10.03 -2.90 -3.94
C LYS A 112 -9.52 -2.13 -2.72
N ILE A 113 -8.65 -1.18 -2.93
CA ILE A 113 -8.12 -0.39 -1.79
C ILE A 113 -9.21 0.52 -1.21
N VAL A 114 -9.33 0.57 0.09
CA VAL A 114 -10.37 1.44 0.71
C VAL A 114 -9.69 2.43 1.68
N SER A 115 -9.74 3.69 1.38
CA SER A 115 -9.10 4.69 2.29
C SER A 115 -9.55 6.11 1.91
N SER A 116 -9.23 7.07 2.72
CA SER A 116 -9.64 8.48 2.42
C SER A 116 -8.54 9.44 2.88
N THR A 117 -7.95 10.16 1.97
CA THR A 117 -6.87 11.11 2.35
C THR A 117 -7.36 12.56 2.23
N GLN A 118 -6.78 13.46 2.98
CA GLN A 118 -7.19 14.88 2.90
C GLN A 118 -5.97 15.80 3.05
N ILE A 119 -5.83 16.75 2.18
CA ILE A 119 -4.65 17.67 2.28
C ILE A 119 -5.11 19.11 2.52
N ASP A 120 -6.30 19.28 3.02
CA ASP A 120 -6.79 20.67 3.29
C ASP A 120 -6.77 21.50 2.00
N ASP A 121 -6.95 20.86 0.88
CA ASP A 121 -6.95 21.62 -0.41
C ASP A 121 -8.34 22.17 -0.71
N GLY A 122 -9.34 21.34 -0.69
CA GLY A 122 -10.73 21.82 -0.96
C GLY A 122 -11.73 20.81 -0.41
N GLU A 123 -11.89 19.70 -1.08
CA GLU A 123 -12.84 18.67 -0.59
C GLU A 123 -12.08 17.54 0.12
N GLU A 124 -12.65 16.37 0.16
CA GLU A 124 -11.96 15.23 0.84
C GLU A 124 -11.78 14.06 -0.13
N THR A 125 -10.57 13.58 -0.28
CA THR A 125 -10.33 12.45 -1.22
C THR A 125 -10.80 11.13 -0.59
N ASN A 126 -12.00 10.72 -0.87
CA ASN A 126 -12.51 9.45 -0.27
C ASN A 126 -12.52 8.34 -1.33
N TYR A 127 -11.59 7.43 -1.25
CA TYR A 127 -11.55 6.33 -2.25
C TYR A 127 -12.53 5.22 -1.86
N ASP A 128 -13.80 5.43 -2.08
CA ASP A 128 -14.80 4.39 -1.72
C ASP A 128 -14.45 3.07 -2.41
N TYR A 129 -13.95 3.14 -3.61
CA TYR A 129 -13.59 1.88 -4.34
C TYR A 129 -12.42 2.13 -5.30
N THR A 130 -11.25 1.67 -4.96
CA THR A 130 -10.08 1.88 -5.85
C THR A 130 -9.62 0.55 -6.45
N LYS A 131 -9.89 0.33 -7.71
CA LYS A 131 -9.49 -0.96 -8.33
C LYS A 131 -8.00 -0.93 -8.69
N LEU A 132 -7.18 -1.50 -7.86
CA LEU A 132 -5.71 -1.52 -8.14
C LEU A 132 -5.30 -2.88 -8.69
N VAL A 133 -5.16 -3.00 -9.97
CA VAL A 133 -4.76 -4.32 -10.57
C VAL A 133 -3.24 -4.40 -10.67
N PHE A 134 -2.63 -5.21 -9.85
CA PHE A 134 -1.14 -5.35 -9.90
C PHE A 134 -0.68 -5.55 -11.34
N ALA A 135 0.58 -5.34 -11.61
CA ALA A 135 1.08 -5.55 -12.99
C ALA A 135 1.15 -7.05 -13.27
N LYS A 136 1.30 -7.84 -12.23
CA LYS A 136 1.36 -9.31 -12.40
C LYS A 136 0.85 -9.99 -11.13
N PRO A 137 0.58 -11.27 -11.25
CA PRO A 137 0.08 -12.06 -10.10
C PRO A 137 1.19 -12.28 -9.07
N ILE A 138 0.91 -12.05 -7.81
CA ILE A 138 1.95 -12.25 -6.76
C ILE A 138 1.90 -13.69 -6.24
N TYR A 139 2.75 -14.54 -6.75
CA TYR A 139 2.75 -15.96 -6.28
C TYR A 139 3.95 -16.21 -5.36
N ASN A 140 3.71 -16.58 -4.13
CA ASN A 140 4.83 -16.83 -3.20
C ASN A 140 5.75 -17.93 -3.74
N ASP A 141 6.96 -18.00 -3.25
CA ASP A 141 7.91 -19.04 -3.74
C ASP A 141 8.22 -20.03 -2.62
N PRO A 142 7.42 -21.05 -2.53
CA PRO A 142 7.60 -22.09 -1.49
C PRO A 142 8.82 -22.96 -1.81
N SER A 143 9.30 -22.92 -3.02
CA SER A 143 10.49 -23.76 -3.38
C SER A 143 11.61 -22.86 -3.90
N LEU A 144 11.27 -21.81 -4.60
CA LEU A 144 12.32 -20.89 -5.14
C LEU A 144 13.23 -21.64 -6.11
N ALA A 1 -8.45 -5.44 14.51
CA ALA A 1 -7.38 -4.65 15.17
C ALA A 1 -6.69 -3.75 14.15
N ASP A 2 -7.43 -2.88 13.50
CA ASP A 2 -6.81 -1.98 12.50
C ASP A 2 -6.95 -0.51 12.94
N GLU A 3 -5.93 0.27 12.78
CA GLU A 3 -6.00 1.70 13.18
C GLU A 3 -5.86 2.60 11.96
N SER A 4 -5.30 3.78 12.14
CA SER A 4 -5.14 4.71 10.98
C SER A 4 -3.67 4.84 10.61
N LEU A 5 -3.38 5.27 9.41
CA LEU A 5 -1.95 5.42 8.98
C LEU A 5 -1.36 6.69 9.58
N LYS A 6 -2.16 7.70 9.80
CA LYS A 6 -1.62 8.97 10.37
C LYS A 6 -1.47 8.85 11.89
N ASP A 7 -1.86 7.75 12.47
CA ASP A 7 -1.72 7.60 13.95
C ASP A 7 -0.71 6.50 14.29
N ALA A 8 -0.43 5.63 13.36
CA ALA A 8 0.57 4.54 13.64
C ALA A 8 1.98 5.00 13.26
N ILE A 9 2.09 5.84 12.26
CA ILE A 9 3.44 6.31 11.84
C ILE A 9 4.16 6.98 13.01
N LYS A 10 3.43 7.44 13.99
CA LYS A 10 4.08 8.10 15.15
C LYS A 10 4.71 7.06 16.08
N ASP A 11 5.88 6.58 15.75
CA ASP A 11 6.53 5.56 16.62
C ASP A 11 8.05 5.59 16.41
N PRO A 12 8.77 5.27 17.46
CA PRO A 12 10.25 5.26 17.38
C PRO A 12 10.74 4.05 16.60
N ALA A 13 10.02 2.97 16.65
CA ALA A 13 10.44 1.74 15.91
C ALA A 13 10.12 1.89 14.42
N LEU A 14 9.15 2.70 14.10
CA LEU A 14 8.78 2.87 12.66
C LEU A 14 9.15 4.29 12.19
N GLU A 15 10.26 4.81 12.66
CA GLU A 15 10.67 6.17 12.24
C GLU A 15 11.69 6.08 11.10
N ASN A 16 12.56 5.11 11.15
CA ASN A 16 13.58 4.96 10.07
C ASN A 16 14.16 3.55 10.10
N LYS A 17 13.33 2.55 10.17
CA LYS A 17 13.84 1.15 10.20
C LYS A 17 14.14 0.66 8.78
N GLU A 18 15.05 -0.26 8.65
CA GLU A 18 15.39 -0.79 7.28
C GLU A 18 14.39 -1.88 6.88
N HIS A 19 13.37 -1.52 6.16
CA HIS A 19 12.37 -2.54 5.72
C HIS A 19 12.83 -3.24 4.44
N ASP A 20 14.04 -3.73 4.44
CA ASP A 20 14.55 -4.43 3.22
C ASP A 20 15.35 -5.67 3.63
N ILE A 21 14.87 -6.43 4.58
CA ILE A 21 15.61 -7.64 5.01
C ILE A 21 15.03 -8.88 4.33
N GLY A 22 15.86 -9.70 3.75
CA GLY A 22 15.36 -10.93 3.08
C GLY A 22 15.28 -10.68 1.57
N PRO A 23 14.54 -11.53 0.90
CA PRO A 23 14.39 -11.41 -0.57
C PRO A 23 13.49 -10.22 -0.91
N ARG A 24 13.30 -9.96 -2.17
CA ARG A 24 12.43 -8.81 -2.57
C ARG A 24 12.26 -8.76 -4.10
N GLU A 25 11.28 -8.05 -4.57
CA GLU A 25 11.06 -7.96 -6.04
C GLU A 25 10.34 -6.66 -6.39
N GLN A 26 10.01 -6.46 -7.64
CA GLN A 26 9.32 -5.21 -8.03
C GLN A 26 8.05 -5.54 -8.84
N VAL A 27 6.98 -4.83 -8.58
CA VAL A 27 5.72 -5.11 -9.33
C VAL A 27 4.95 -3.80 -9.54
N ASN A 28 4.50 -3.57 -10.75
CA ASN A 28 3.74 -2.31 -11.03
C ASN A 28 2.25 -2.52 -10.70
N PHE A 29 1.52 -1.44 -10.58
CA PHE A 29 0.06 -1.58 -10.26
C PHE A 29 -0.77 -0.70 -11.22
N GLN A 30 -1.93 -1.16 -11.59
CA GLN A 30 -2.77 -0.36 -12.52
C GLN A 30 -3.85 0.41 -11.74
N LEU A 31 -3.78 1.71 -11.75
CA LEU A 31 -4.79 2.52 -11.02
C LEU A 31 -6.06 2.69 -11.87
N LEU A 32 -7.16 2.17 -11.41
CA LEU A 32 -8.43 2.29 -12.19
C LEU A 32 -9.59 2.65 -11.28
N ASP A 33 -10.30 3.69 -11.58
CA ASP A 33 -11.46 4.09 -10.72
C ASP A 33 -12.64 3.16 -10.96
N LYS A 34 -13.84 3.64 -10.79
CA LYS A 34 -15.03 2.78 -11.01
C LYS A 34 -15.54 2.93 -12.45
N ASN A 35 -14.69 3.34 -13.34
CA ASN A 35 -15.12 3.52 -14.76
C ASN A 35 -13.99 3.12 -15.71
N ASN A 36 -13.06 2.34 -15.24
CA ASN A 36 -11.93 1.91 -16.12
C ASN A 36 -11.29 3.14 -16.78
N GLU A 37 -10.96 4.14 -15.99
CA GLU A 37 -10.34 5.36 -16.58
C GLU A 37 -9.09 5.75 -15.78
N THR A 38 -7.94 5.37 -16.27
CA THR A 38 -6.68 5.71 -15.55
C THR A 38 -6.58 7.22 -15.33
N GLN A 39 -6.76 7.66 -14.10
CA GLN A 39 -6.68 9.13 -13.83
C GLN A 39 -5.24 9.63 -14.00
N TYR A 40 -5.07 10.88 -14.32
CA TYR A 40 -3.70 11.42 -14.51
C TYR A 40 -3.40 12.48 -13.43
N TYR A 41 -4.20 13.51 -13.36
CA TYR A 41 -3.97 14.57 -12.34
C TYR A 41 -4.17 14.00 -10.94
N HIS A 42 -3.14 13.45 -10.36
CA HIS A 42 -3.27 12.88 -8.98
C HIS A 42 -2.48 13.72 -7.98
N PHE A 43 -2.20 13.18 -6.82
CA PHE A 43 -1.42 13.95 -5.81
C PHE A 43 -0.10 13.23 -5.50
N PHE A 44 0.55 13.61 -4.43
CA PHE A 44 1.84 12.96 -4.09
C PHE A 44 1.62 11.84 -3.05
N SER A 45 2.25 10.72 -3.24
CA SER A 45 2.08 9.59 -2.27
C SER A 45 2.97 8.42 -2.68
N ILE A 46 2.53 7.63 -3.63
CA ILE A 46 3.35 6.47 -4.08
C ILE A 46 4.27 6.91 -5.23
N LYS A 47 5.28 6.14 -5.53
CA LYS A 47 6.20 6.53 -6.63
C LYS A 47 6.76 5.30 -7.35
N ASP A 48 7.28 4.37 -6.61
CA ASP A 48 7.85 3.15 -7.24
C ASP A 48 6.79 2.04 -7.33
N PRO A 49 7.12 1.03 -8.07
CA PRO A 49 6.19 -0.11 -8.25
C PRO A 49 6.13 -0.95 -6.97
N ALA A 50 4.98 -1.46 -6.64
CA ALA A 50 4.85 -2.28 -5.40
C ALA A 50 5.90 -3.40 -5.41
N ASP A 51 6.64 -3.52 -4.35
CA ASP A 51 7.68 -4.60 -4.28
C ASP A 51 7.07 -5.86 -3.67
N VAL A 52 7.64 -7.00 -3.93
CA VAL A 52 7.09 -8.26 -3.35
C VAL A 52 8.10 -8.89 -2.39
N TYR A 53 7.63 -9.40 -1.28
CA TYR A 53 8.57 -10.04 -0.30
C TYR A 53 8.23 -11.53 -0.16
N TYR A 54 8.82 -12.35 -0.97
CA TYR A 54 8.55 -13.82 -0.88
C TYR A 54 9.27 -14.42 0.33
N THR A 55 8.55 -15.03 1.23
CA THR A 55 9.20 -15.63 2.43
C THR A 55 8.78 -17.09 2.59
N LYS A 56 9.15 -17.71 3.68
CA LYS A 56 8.77 -19.14 3.90
C LYS A 56 7.26 -19.27 4.12
N LYS A 57 6.57 -18.18 4.34
CA LYS A 57 5.11 -18.27 4.58
C LYS A 57 4.35 -17.86 3.31
N LYS A 58 4.26 -16.58 3.06
CA LYS A 58 3.52 -16.12 1.84
C LYS A 58 4.17 -14.84 1.28
N ALA A 59 3.86 -14.50 0.06
CA ALA A 59 4.45 -13.27 -0.54
C ALA A 59 3.94 -12.03 0.20
N GLU A 60 4.72 -10.99 0.26
CA GLU A 60 4.27 -9.77 0.98
C GLU A 60 4.48 -8.52 0.10
N VAL A 61 3.48 -8.10 -0.60
CA VAL A 61 3.64 -6.89 -1.46
C VAL A 61 3.80 -5.65 -0.58
N GLU A 62 4.57 -4.69 -1.02
CA GLU A 62 4.76 -3.46 -0.20
C GLU A 62 4.83 -2.22 -1.09
N LEU A 63 4.33 -1.11 -0.60
CA LEU A 63 4.36 0.14 -1.41
C LEU A 63 4.97 1.28 -0.58
N ASP A 64 5.56 2.24 -1.22
CA ASP A 64 6.18 3.36 -0.46
C ASP A 64 5.32 4.63 -0.60
N ILE A 65 4.77 5.10 0.48
CA ILE A 65 3.93 6.33 0.41
C ILE A 65 4.77 7.57 0.75
N ASN A 66 4.32 8.73 0.36
CA ASN A 66 5.09 9.96 0.65
C ASN A 66 4.25 10.94 1.47
N THR A 67 2.95 10.95 1.27
CA THR A 67 2.09 11.88 2.04
C THR A 67 1.35 11.13 3.15
N ALA A 68 2.08 10.58 4.10
CA ALA A 68 1.42 9.83 5.21
C ALA A 68 0.60 10.80 6.07
N SER A 69 0.90 12.07 6.01
CA SER A 69 0.14 13.06 6.82
C SER A 69 -1.26 13.28 6.24
N THR A 70 -1.48 12.87 5.02
CA THR A 70 -2.82 13.07 4.40
C THR A 70 -3.64 11.77 4.44
N TRP A 71 -2.98 10.65 4.39
CA TRP A 71 -3.71 9.35 4.42
C TRP A 71 -4.41 9.16 5.76
N LYS A 72 -5.63 8.68 5.75
CA LYS A 72 -6.35 8.46 7.03
C LYS A 72 -6.55 6.97 7.27
N LYS A 73 -7.06 6.26 6.30
CA LYS A 73 -7.26 4.80 6.47
C LYS A 73 -6.80 4.05 5.22
N PHE A 74 -6.81 2.74 5.25
CA PHE A 74 -6.37 1.97 4.05
C PHE A 74 -6.55 0.47 4.31
N GLU A 75 -7.22 -0.22 3.43
CA GLU A 75 -7.43 -1.69 3.63
C GLU A 75 -7.91 -2.34 2.33
N VAL A 76 -7.02 -2.83 1.53
CA VAL A 76 -7.44 -3.48 0.26
C VAL A 76 -8.42 -4.63 0.55
N TYR A 77 -9.32 -4.90 -0.34
CA TYR A 77 -10.30 -6.00 -0.10
C TYR A 77 -10.51 -6.82 -1.37
N GLU A 78 -10.26 -8.09 -1.32
CA GLU A 78 -10.45 -8.95 -2.52
C GLU A 78 -10.87 -10.36 -2.10
N ASN A 79 -11.73 -10.99 -2.86
CA ASN A 79 -12.17 -12.37 -2.50
C ASN A 79 -12.93 -12.35 -1.17
N ASN A 80 -13.80 -11.39 -0.99
CA ASN A 80 -14.57 -11.31 0.29
C ASN A 80 -13.62 -11.38 1.48
N GLN A 81 -12.74 -10.43 1.61
CA GLN A 81 -11.79 -10.44 2.75
C GLN A 81 -10.92 -9.17 2.74
N LYS A 82 -11.21 -8.24 3.60
CA LYS A 82 -10.40 -6.99 3.64
C LYS A 82 -9.07 -7.25 4.33
N LEU A 83 -8.01 -7.38 3.58
CA LEU A 83 -6.68 -7.64 4.20
C LEU A 83 -6.24 -6.43 5.03
N PRO A 84 -5.82 -6.69 6.24
CA PRO A 84 -5.37 -5.60 7.13
C PRO A 84 -3.95 -5.16 6.76
N VAL A 85 -3.82 -4.03 6.09
CA VAL A 85 -2.47 -3.54 5.70
C VAL A 85 -1.71 -3.06 6.94
N ARG A 86 -0.45 -3.38 7.05
CA ARG A 86 0.34 -2.94 8.23
C ARG A 86 1.45 -1.97 7.82
N LEU A 87 2.13 -1.39 8.77
CA LEU A 87 3.23 -0.45 8.44
C LEU A 87 4.58 -1.03 8.84
N VAL A 88 5.50 -1.12 7.92
CA VAL A 88 6.85 -1.69 8.24
C VAL A 88 7.82 -0.58 8.65
N SER A 89 7.57 0.62 8.20
CA SER A 89 8.48 1.76 8.56
C SER A 89 7.89 3.07 8.05
N TYR A 90 8.20 4.17 8.69
CA TYR A 90 7.65 5.47 8.23
C TYR A 90 8.62 6.61 8.55
N SER A 91 8.96 7.41 7.57
CA SER A 91 9.89 8.55 7.84
C SER A 91 9.12 9.65 8.57
N PRO A 92 9.85 10.43 9.33
CA PRO A 92 9.22 11.52 10.12
C PRO A 92 8.65 12.65 9.24
N VAL A 93 7.82 13.47 9.84
CA VAL A 93 7.16 14.61 9.12
C VAL A 93 8.04 15.24 8.03
N PRO A 94 9.23 15.66 8.38
CA PRO A 94 10.13 16.30 7.38
C PRO A 94 10.39 15.35 6.21
N GLU A 95 10.46 14.08 6.46
CA GLU A 95 10.68 13.12 5.34
C GLU A 95 9.33 12.72 4.76
N ASP A 96 8.31 12.65 5.59
CA ASP A 96 6.96 12.27 5.12
C ASP A 96 7.03 11.05 4.19
N HIS A 97 7.03 9.87 4.75
CA HIS A 97 7.09 8.64 3.92
C HIS A 97 6.64 7.44 4.75
N ALA A 98 5.53 6.86 4.41
CA ALA A 98 5.04 5.69 5.19
C ALA A 98 5.14 4.41 4.34
N TYR A 99 5.56 3.33 4.94
CA TYR A 99 5.68 2.06 4.16
C TYR A 99 4.60 1.06 4.62
N ILE A 100 4.02 0.35 3.71
CA ILE A 100 2.97 -0.64 4.09
C ILE A 100 3.08 -1.90 3.23
N ARG A 101 2.31 -2.91 3.51
CA ARG A 101 2.39 -4.16 2.70
C ARG A 101 1.28 -5.13 3.12
N PHE A 102 0.73 -5.85 2.18
CA PHE A 102 -0.34 -6.82 2.52
C PHE A 102 -0.04 -8.18 1.90
N PRO A 103 -0.60 -9.21 2.48
CA PRO A 103 -0.38 -10.59 1.98
C PRO A 103 -1.14 -10.80 0.67
N VAL A 104 -0.68 -11.71 -0.15
CA VAL A 104 -1.37 -11.98 -1.45
C VAL A 104 -1.53 -13.49 -1.65
N SER A 105 -2.69 -14.01 -1.36
CA SER A 105 -2.91 -15.48 -1.52
C SER A 105 -3.51 -15.78 -2.89
N ASP A 106 -3.22 -16.94 -3.42
CA ASP A 106 -3.77 -17.33 -4.75
C ASP A 106 -3.21 -16.44 -5.87
N GLY A 107 -2.04 -15.89 -5.68
CA GLY A 107 -1.46 -15.03 -6.76
C GLY A 107 -2.30 -13.76 -6.91
N THR A 108 -2.92 -13.32 -5.86
CA THR A 108 -3.78 -12.09 -5.91
C THR A 108 -3.19 -11.04 -6.84
N GLN A 109 -3.98 -10.54 -7.76
CA GLN A 109 -3.45 -9.50 -8.70
C GLN A 109 -4.41 -8.30 -8.77
N GLU A 110 -5.46 -8.31 -7.98
CA GLU A 110 -6.42 -7.16 -8.01
C GLU A 110 -6.98 -6.92 -6.60
N LEU A 111 -6.81 -5.74 -6.08
CA LEU A 111 -7.34 -5.45 -4.71
C LEU A 111 -8.08 -4.12 -4.71
N LYS A 112 -9.10 -3.99 -3.91
CA LYS A 112 -9.86 -2.71 -3.87
C LYS A 112 -9.30 -1.80 -2.76
N ILE A 113 -8.48 -0.85 -3.12
CA ILE A 113 -7.91 0.06 -2.09
C ILE A 113 -8.99 0.97 -1.51
N VAL A 114 -9.13 0.98 -0.21
CA VAL A 114 -10.16 1.85 0.43
C VAL A 114 -9.50 2.81 1.40
N SER A 115 -9.55 4.09 1.14
CA SER A 115 -8.92 5.07 2.06
C SER A 115 -9.59 6.44 1.93
N SER A 116 -9.18 7.38 2.74
CA SER A 116 -9.79 8.74 2.67
C SER A 116 -8.80 9.78 3.19
N THR A 117 -8.30 10.63 2.32
CA THR A 117 -7.32 11.66 2.77
C THR A 117 -7.95 13.06 2.70
N GLN A 118 -7.28 14.04 3.25
CA GLN A 118 -7.84 15.42 3.22
C GLN A 118 -6.70 16.44 3.25
N ILE A 119 -6.31 16.94 2.11
CA ILE A 119 -5.19 17.93 2.07
C ILE A 119 -5.75 19.35 2.20
N ASP A 120 -6.96 19.50 2.66
CA ASP A 120 -7.53 20.86 2.82
C ASP A 120 -7.41 21.65 1.50
N ASP A 121 -7.53 20.97 0.39
CA ASP A 121 -7.42 21.69 -0.92
C ASP A 121 -8.80 22.19 -1.37
N GLY A 122 -9.68 21.29 -1.71
CA GLY A 122 -11.05 21.72 -2.14
C GLY A 122 -12.08 20.73 -1.61
N GLU A 123 -12.10 19.54 -2.14
CA GLU A 123 -13.09 18.53 -1.66
C GLU A 123 -12.38 17.37 -0.98
N GLU A 124 -13.02 16.73 -0.03
CA GLU A 124 -12.37 15.60 0.68
C GLU A 124 -12.12 14.44 -0.30
N THR A 125 -10.93 13.92 -0.33
CA THR A 125 -10.63 12.78 -1.25
C THR A 125 -10.92 11.45 -0.56
N ASN A 126 -12.07 10.89 -0.79
CA ASN A 126 -12.42 9.59 -0.14
C ASN A 126 -12.38 8.46 -1.16
N TYR A 127 -11.36 7.64 -1.13
CA TYR A 127 -11.28 6.51 -2.11
C TYR A 127 -12.29 5.41 -1.72
N ASP A 128 -13.55 5.67 -1.92
CA ASP A 128 -14.57 4.65 -1.57
C ASP A 128 -14.26 3.30 -2.24
N TYR A 129 -13.70 3.33 -3.41
CA TYR A 129 -13.37 2.05 -4.11
C TYR A 129 -12.35 2.29 -5.22
N THR A 130 -11.17 1.73 -5.07
CA THR A 130 -10.12 1.92 -6.11
C THR A 130 -9.65 0.55 -6.63
N LYS A 131 -9.88 0.26 -7.87
CA LYS A 131 -9.46 -1.06 -8.42
C LYS A 131 -7.99 -1.01 -8.83
N LEU A 132 -7.10 -1.40 -7.96
CA LEU A 132 -5.65 -1.39 -8.29
C LEU A 132 -5.21 -2.78 -8.73
N VAL A 133 -5.20 -3.04 -10.00
CA VAL A 133 -4.78 -4.39 -10.48
C VAL A 133 -3.27 -4.46 -10.66
N PHE A 134 -2.61 -5.31 -9.92
CA PHE A 134 -1.13 -5.42 -10.05
C PHE A 134 -0.73 -5.65 -11.51
N ALA A 135 0.51 -5.46 -11.83
CA ALA A 135 0.96 -5.69 -13.24
C ALA A 135 1.07 -7.20 -13.48
N LYS A 136 1.29 -7.94 -12.43
CA LYS A 136 1.41 -9.42 -12.57
C LYS A 136 0.86 -10.10 -11.30
N PRO A 137 0.61 -11.37 -11.40
CA PRO A 137 0.07 -12.13 -10.25
C PRO A 137 1.16 -12.31 -9.18
N ILE A 138 0.84 -12.05 -7.95
CA ILE A 138 1.85 -12.20 -6.86
C ILE A 138 1.83 -13.63 -6.31
N TYR A 139 2.53 -14.53 -6.94
CA TYR A 139 2.55 -15.94 -6.44
C TYR A 139 3.79 -16.16 -5.56
N ASN A 140 3.59 -16.59 -4.35
CA ASN A 140 4.76 -16.82 -3.44
C ASN A 140 5.81 -17.69 -4.15
N ASP A 141 7.05 -17.55 -3.76
CA ASP A 141 8.14 -18.35 -4.40
C ASP A 141 8.87 -19.18 -3.33
N PRO A 142 8.31 -20.32 -3.04
CA PRO A 142 8.91 -21.23 -2.03
C PRO A 142 10.18 -21.89 -2.57
N SER A 143 10.43 -21.79 -3.85
CA SER A 143 11.65 -22.42 -4.42
C SER A 143 12.55 -21.35 -5.06
N LEU A 144 11.97 -20.31 -5.58
CA LEU A 144 12.78 -19.24 -6.21
C LEU A 144 13.64 -19.82 -7.33
N ALA A 1 -4.33 -5.70 14.16
CA ALA A 1 -4.56 -4.34 14.73
C ALA A 1 -4.38 -3.28 13.64
N ASP A 2 -5.45 -2.74 13.15
CA ASP A 2 -5.34 -1.70 12.09
C ASP A 2 -5.81 -0.34 12.62
N GLU A 3 -5.08 0.70 12.36
CA GLU A 3 -5.48 2.05 12.85
C GLU A 3 -5.41 3.08 11.72
N SER A 4 -5.15 4.31 12.03
CA SER A 4 -5.08 5.36 10.97
C SER A 4 -3.62 5.61 10.59
N LEU A 5 -3.31 5.59 9.33
CA LEU A 5 -1.91 5.84 8.89
C LEU A 5 -1.40 7.16 9.50
N LYS A 6 -2.29 8.06 9.81
CA LYS A 6 -1.86 9.35 10.41
C LYS A 6 -1.42 9.15 11.86
N ASP A 7 -2.02 8.20 12.54
CA ASP A 7 -1.63 7.94 13.95
C ASP A 7 -0.61 6.80 14.03
N ALA A 8 -0.58 5.95 13.03
CA ALA A 8 0.39 4.82 13.05
C ALA A 8 1.80 5.34 12.75
N ILE A 9 1.91 6.30 11.88
CA ILE A 9 3.26 6.85 11.54
C ILE A 9 3.84 7.64 12.73
N LYS A 10 3.02 7.95 13.71
CA LYS A 10 3.53 8.70 14.89
C LYS A 10 4.08 7.74 15.94
N ASP A 11 4.97 6.87 15.56
CA ASP A 11 5.54 5.90 16.55
C ASP A 11 7.07 5.83 16.40
N PRO A 12 7.72 5.59 17.51
CA PRO A 12 9.20 5.49 17.52
C PRO A 12 9.65 4.19 16.87
N ALA A 13 8.77 3.22 16.75
CA ALA A 13 9.16 1.93 16.13
C ALA A 13 9.14 2.05 14.60
N LEU A 14 8.18 2.76 14.07
CA LEU A 14 8.10 2.91 12.59
C LEU A 14 8.84 4.18 12.15
N GLU A 15 9.79 4.63 12.93
CA GLU A 15 10.55 5.86 12.56
C GLU A 15 11.87 5.47 11.89
N ASN A 16 11.87 5.31 10.58
CA ASN A 16 13.12 4.94 9.88
C ASN A 16 13.60 3.55 10.33
N LYS A 17 13.22 2.53 9.62
CA LYS A 17 13.65 1.16 10.00
C LYS A 17 14.23 0.43 8.78
N GLU A 18 14.94 -0.64 9.01
CA GLU A 18 15.54 -1.40 7.86
C GLU A 18 14.59 -2.51 7.41
N HIS A 19 13.66 -2.19 6.55
CA HIS A 19 12.71 -3.24 6.08
C HIS A 19 13.24 -3.90 4.80
N ASP A 20 14.51 -4.18 4.75
CA ASP A 20 15.08 -4.82 3.54
C ASP A 20 16.07 -5.93 3.94
N ILE A 21 15.61 -6.90 4.69
CA ILE A 21 16.51 -8.00 5.10
C ILE A 21 16.03 -9.34 4.53
N GLY A 22 16.27 -9.56 3.26
CA GLY A 22 15.82 -10.84 2.64
C GLY A 22 15.60 -10.63 1.14
N PRO A 23 14.92 -11.58 0.55
CA PRO A 23 14.63 -11.50 -0.91
C PRO A 23 13.58 -10.42 -1.19
N ARG A 24 13.32 -10.14 -2.44
CA ARG A 24 12.30 -9.10 -2.78
C ARG A 24 12.13 -9.02 -4.30
N GLU A 25 11.07 -8.38 -4.74
CA GLU A 25 10.83 -8.25 -6.22
C GLU A 25 10.16 -6.91 -6.52
N GLN A 26 9.83 -6.67 -7.76
CA GLN A 26 9.17 -5.37 -8.11
C GLN A 26 7.98 -5.63 -9.04
N VAL A 27 6.83 -5.12 -8.69
CA VAL A 27 5.63 -5.33 -9.55
C VAL A 27 4.88 -4.01 -9.76
N ASN A 28 4.33 -3.81 -10.93
CA ASN A 28 3.59 -2.54 -11.18
C ASN A 28 2.11 -2.73 -10.84
N PHE A 29 1.38 -1.66 -10.68
CA PHE A 29 -0.06 -1.79 -10.33
C PHE A 29 -0.90 -0.88 -11.23
N GLN A 30 -2.03 -1.36 -11.71
CA GLN A 30 -2.89 -0.52 -12.58
C GLN A 30 -4.00 0.15 -11.75
N LEU A 31 -3.96 1.44 -11.64
CA LEU A 31 -5.01 2.16 -10.86
C LEU A 31 -6.24 2.40 -11.71
N LEU A 32 -7.37 1.90 -11.30
CA LEU A 32 -8.62 2.10 -12.10
C LEU A 32 -9.80 2.31 -11.16
N ASP A 33 -10.41 3.47 -11.22
CA ASP A 33 -11.59 3.75 -10.34
C ASP A 33 -12.81 2.97 -10.82
N LYS A 34 -13.98 3.52 -10.67
CA LYS A 34 -15.21 2.81 -11.13
C LYS A 34 -15.56 3.22 -12.56
N ASN A 35 -14.57 3.55 -13.35
CA ASN A 35 -14.86 3.96 -14.76
C ASN A 35 -13.65 3.64 -15.65
N ASN A 36 -12.84 2.69 -15.26
CA ASN A 36 -11.66 2.34 -16.09
C ASN A 36 -10.82 3.59 -16.37
N GLU A 37 -10.71 4.47 -15.41
CA GLU A 37 -9.91 5.71 -15.61
C GLU A 37 -8.55 5.58 -14.93
N THR A 38 -7.49 5.45 -15.70
CA THR A 38 -6.13 5.32 -15.10
C THR A 38 -5.61 6.71 -14.67
N GLN A 39 -4.99 6.79 -13.53
CA GLN A 39 -4.46 8.10 -13.07
C GLN A 39 -3.18 8.44 -13.84
N TYR A 40 -3.15 9.58 -14.48
CA TYR A 40 -1.92 9.97 -15.23
C TYR A 40 -0.87 10.55 -14.29
N TYR A 41 -1.28 11.41 -13.40
CA TYR A 41 -0.31 12.01 -12.43
C TYR A 41 0.05 11.00 -11.34
N HIS A 42 1.22 11.12 -10.77
CA HIS A 42 1.62 10.16 -9.69
C HIS A 42 2.29 10.91 -8.54
N PHE A 43 1.82 12.09 -8.23
CA PHE A 43 2.45 12.87 -7.12
C PHE A 43 1.41 13.12 -6.01
N PHE A 44 0.70 12.10 -5.62
CA PHE A 44 -0.32 12.27 -4.54
C PHE A 44 0.06 11.43 -3.32
N SER A 45 0.87 10.43 -3.51
CA SER A 45 1.28 9.58 -2.35
C SER A 45 2.28 8.51 -2.80
N ILE A 46 1.81 7.50 -3.47
CA ILE A 46 2.74 6.42 -3.95
C ILE A 46 3.68 6.98 -5.02
N LYS A 47 4.68 6.23 -5.40
CA LYS A 47 5.63 6.73 -6.43
C LYS A 47 6.29 5.56 -7.18
N ASP A 48 6.78 4.59 -6.46
CA ASP A 48 7.44 3.44 -7.13
C ASP A 48 6.46 2.27 -7.31
N PRO A 49 6.90 1.29 -8.04
CA PRO A 49 6.07 0.09 -8.29
C PRO A 49 5.96 -0.77 -7.03
N ALA A 50 4.94 -1.56 -6.92
CA ALA A 50 4.78 -2.42 -5.71
C ALA A 50 5.97 -3.38 -5.60
N ASP A 51 6.29 -3.79 -4.40
CA ASP A 51 7.44 -4.74 -4.21
C ASP A 51 6.95 -6.00 -3.51
N VAL A 52 7.27 -7.15 -4.05
CA VAL A 52 6.83 -8.42 -3.41
C VAL A 52 7.93 -9.00 -2.53
N TYR A 53 7.64 -9.25 -1.29
CA TYR A 53 8.68 -9.82 -0.37
C TYR A 53 8.37 -11.29 -0.08
N TYR A 54 8.83 -12.18 -0.92
CA TYR A 54 8.56 -13.63 -0.69
C TYR A 54 9.25 -14.10 0.59
N THR A 55 8.50 -14.57 1.55
CA THR A 55 9.10 -15.05 2.82
C THR A 55 8.80 -16.54 3.03
N LYS A 56 8.95 -17.03 4.23
CA LYS A 56 8.68 -18.47 4.49
C LYS A 56 7.17 -18.74 4.47
N LYS A 57 6.38 -17.76 4.82
CA LYS A 57 4.90 -17.96 4.83
C LYS A 57 4.31 -17.61 3.45
N LYS A 58 4.08 -16.35 3.20
CA LYS A 58 3.50 -15.95 1.89
C LYS A 58 4.19 -14.68 1.37
N ALA A 59 3.99 -14.36 0.13
CA ALA A 59 4.63 -13.13 -0.44
C ALA A 59 4.08 -11.89 0.28
N GLU A 60 4.80 -10.80 0.22
CA GLU A 60 4.32 -9.56 0.90
C GLU A 60 4.49 -8.34 -0.01
N VAL A 61 3.42 -7.89 -0.61
CA VAL A 61 3.52 -6.70 -1.51
C VAL A 61 3.76 -5.44 -0.67
N GLU A 62 4.71 -4.64 -1.03
CA GLU A 62 4.99 -3.40 -0.23
C GLU A 62 4.87 -2.16 -1.12
N LEU A 63 3.97 -1.27 -0.78
CA LEU A 63 3.80 -0.03 -1.58
C LEU A 63 4.43 1.16 -0.84
N ASP A 64 4.93 2.13 -1.56
CA ASP A 64 5.54 3.31 -0.88
C ASP A 64 4.56 4.47 -0.83
N ILE A 65 4.82 5.43 0.02
CA ILE A 65 3.91 6.61 0.13
C ILE A 65 4.73 7.87 0.45
N ASN A 66 4.24 9.02 0.06
CA ASN A 66 5.00 10.27 0.34
C ASN A 66 4.15 11.25 1.16
N THR A 67 2.88 11.32 0.89
CA THR A 67 2.01 12.26 1.64
C THR A 67 1.37 11.54 2.84
N ALA A 68 2.15 10.78 3.56
CA ALA A 68 1.58 10.06 4.74
C ALA A 68 0.91 11.05 5.69
N SER A 69 1.28 12.30 5.62
CA SER A 69 0.66 13.32 6.52
C SER A 69 -0.80 13.57 6.10
N THR A 70 -1.18 13.13 4.93
CA THR A 70 -2.58 13.36 4.48
C THR A 70 -3.39 12.05 4.52
N TRP A 71 -2.80 10.98 4.98
CA TRP A 71 -3.55 9.68 5.03
C TRP A 71 -4.35 9.60 6.34
N LYS A 72 -5.47 8.93 6.30
CA LYS A 72 -6.30 8.79 7.54
C LYS A 72 -6.65 7.32 7.76
N LYS A 73 -7.11 6.65 6.74
CA LYS A 73 -7.46 5.21 6.89
C LYS A 73 -6.99 4.43 5.65
N PHE A 74 -7.17 3.14 5.65
CA PHE A 74 -6.74 2.34 4.48
C PHE A 74 -7.15 0.88 4.65
N GLU A 75 -7.61 0.25 3.60
CA GLU A 75 -8.04 -1.17 3.71
C GLU A 75 -8.13 -1.79 2.31
N VAL A 76 -7.50 -2.91 2.11
CA VAL A 76 -7.54 -3.56 0.76
C VAL A 76 -8.27 -4.90 0.85
N TYR A 77 -9.07 -5.22 -0.13
CA TYR A 77 -9.81 -6.51 -0.11
C TYR A 77 -9.98 -7.06 -1.53
N GLU A 78 -9.81 -8.34 -1.70
CA GLU A 78 -9.97 -8.94 -3.06
C GLU A 78 -11.06 -10.01 -3.03
N ASN A 79 -11.92 -10.01 -4.01
CA ASN A 79 -13.02 -11.03 -4.05
C ASN A 79 -14.01 -10.77 -2.92
N ASN A 80 -13.60 -11.00 -1.69
CA ASN A 80 -14.51 -10.77 -0.54
C ASN A 80 -13.74 -10.94 0.78
N GLN A 81 -12.52 -10.51 0.82
CA GLN A 81 -11.72 -10.65 2.07
C GLN A 81 -10.85 -9.41 2.29
N LYS A 82 -11.12 -8.65 3.32
CA LYS A 82 -10.30 -7.43 3.59
C LYS A 82 -8.97 -7.83 4.23
N LEU A 83 -7.89 -7.65 3.53
CA LEU A 83 -6.56 -8.02 4.09
C LEU A 83 -6.07 -6.90 5.03
N PRO A 84 -5.69 -7.28 6.23
CA PRO A 84 -5.19 -6.29 7.21
C PRO A 84 -3.78 -5.81 6.82
N VAL A 85 -3.67 -4.61 6.33
CA VAL A 85 -2.34 -4.09 5.93
C VAL A 85 -1.56 -3.62 7.16
N ARG A 86 -0.28 -3.93 7.22
CA ARG A 86 0.53 -3.50 8.39
C ARG A 86 1.56 -2.46 7.96
N LEU A 87 1.93 -1.56 8.83
CA LEU A 87 2.93 -0.53 8.46
C LEU A 87 4.35 -1.07 8.65
N VAL A 88 5.23 -0.75 7.76
CA VAL A 88 6.64 -1.23 7.89
C VAL A 88 7.52 -0.14 8.49
N SER A 89 7.74 0.92 7.76
CA SER A 89 8.58 2.04 8.29
C SER A 89 8.01 3.37 7.79
N TYR A 90 8.29 4.45 8.47
CA TYR A 90 7.74 5.75 8.02
C TYR A 90 8.70 6.90 8.34
N SER A 91 9.03 7.70 7.36
CA SER A 91 9.94 8.85 7.61
C SER A 91 9.17 9.94 8.34
N PRO A 92 9.87 10.72 9.12
CA PRO A 92 9.23 11.81 9.90
C PRO A 92 8.68 12.93 9.02
N VAL A 93 7.84 13.76 9.59
CA VAL A 93 7.20 14.90 8.85
C VAL A 93 8.10 15.51 7.76
N PRO A 94 9.29 15.90 8.11
CA PRO A 94 10.20 16.54 7.11
C PRO A 94 10.43 15.59 5.94
N GLU A 95 10.53 14.31 6.18
CA GLU A 95 10.74 13.37 5.05
C GLU A 95 9.37 12.95 4.50
N ASP A 96 8.38 12.87 5.35
CA ASP A 96 7.01 12.48 4.91
C ASP A 96 7.07 11.28 3.96
N HIS A 97 7.04 10.10 4.51
CA HIS A 97 7.09 8.87 3.67
C HIS A 97 6.66 7.66 4.49
N ALA A 98 5.58 7.04 4.13
CA ALA A 98 5.11 5.85 4.90
C ALA A 98 5.26 4.58 4.07
N TYR A 99 5.51 3.47 4.71
CA TYR A 99 5.66 2.19 3.95
C TYR A 99 4.71 1.12 4.50
N ILE A 100 3.91 0.54 3.67
CA ILE A 100 2.96 -0.51 4.14
C ILE A 100 3.01 -1.72 3.21
N ARG A 101 2.43 -2.82 3.61
CA ARG A 101 2.45 -4.03 2.73
C ARG A 101 1.43 -5.06 3.22
N PHE A 102 1.04 -5.97 2.38
CA PHE A 102 0.06 -7.00 2.79
C PHE A 102 0.36 -8.33 2.07
N PRO A 103 -0.16 -9.39 2.61
CA PRO A 103 0.07 -10.74 2.03
C PRO A 103 -0.74 -10.90 0.73
N VAL A 104 -0.36 -11.85 -0.09
CA VAL A 104 -1.11 -12.07 -1.36
C VAL A 104 -1.12 -13.57 -1.70
N SER A 105 -2.16 -14.25 -1.32
CA SER A 105 -2.24 -15.71 -1.60
C SER A 105 -2.99 -15.97 -2.91
N ASP A 106 -2.80 -17.13 -3.48
CA ASP A 106 -3.50 -17.47 -4.75
C ASP A 106 -3.01 -16.58 -5.90
N GLY A 107 -1.83 -16.05 -5.81
CA GLY A 107 -1.31 -15.19 -6.91
C GLY A 107 -2.16 -13.93 -7.04
N THR A 108 -2.74 -13.49 -5.94
CA THR A 108 -3.60 -12.27 -5.96
C THR A 108 -3.05 -11.21 -6.93
N GLN A 109 -3.78 -10.91 -7.97
CA GLN A 109 -3.31 -9.90 -8.96
C GLN A 109 -4.27 -8.70 -9.02
N GLU A 110 -5.40 -8.79 -8.38
CA GLU A 110 -6.36 -7.65 -8.41
C GLU A 110 -7.01 -7.48 -7.03
N LEU A 111 -6.85 -6.32 -6.44
CA LEU A 111 -7.46 -6.09 -5.10
C LEU A 111 -8.00 -4.65 -5.00
N LYS A 112 -9.09 -4.48 -4.28
CA LYS A 112 -9.66 -3.11 -4.14
C LYS A 112 -8.97 -2.37 -3.00
N ILE A 113 -8.98 -1.06 -3.03
CA ILE A 113 -8.33 -0.28 -1.94
C ILE A 113 -9.31 0.71 -1.32
N VAL A 114 -9.42 0.72 -0.01
CA VAL A 114 -10.36 1.67 0.64
C VAL A 114 -9.59 2.65 1.53
N SER A 115 -9.65 3.92 1.23
CA SER A 115 -8.92 4.91 2.06
C SER A 115 -9.38 6.33 1.73
N SER A 116 -9.11 7.28 2.59
CA SER A 116 -9.53 8.69 2.34
C SER A 116 -8.48 9.64 2.90
N THR A 117 -7.69 10.25 2.06
CA THR A 117 -6.65 11.19 2.55
C THR A 117 -7.21 12.61 2.64
N GLN A 118 -6.42 13.53 3.13
CA GLN A 118 -6.89 14.94 3.25
C GLN A 118 -5.71 15.91 3.13
N ILE A 119 -5.70 16.73 2.12
CA ILE A 119 -4.57 17.68 1.95
C ILE A 119 -5.02 19.11 2.33
N ASP A 120 -6.06 19.21 3.11
CA ASP A 120 -6.54 20.58 3.52
C ASP A 120 -6.80 21.44 2.28
N ASP A 121 -7.31 20.86 1.22
CA ASP A 121 -7.59 21.65 0.00
C ASP A 121 -9.08 21.99 -0.09
N GLY A 122 -9.90 21.24 0.59
CA GLY A 122 -11.37 21.51 0.54
C GLY A 122 -12.14 20.21 0.78
N GLU A 123 -12.38 19.46 -0.25
CA GLU A 123 -13.13 18.19 -0.09
C GLU A 123 -12.16 17.06 0.25
N GLU A 124 -12.49 16.24 1.22
CA GLU A 124 -11.58 15.12 1.59
C GLU A 124 -11.43 14.14 0.43
N THR A 125 -10.20 13.84 0.05
CA THR A 125 -9.99 12.90 -1.08
C THR A 125 -10.54 11.51 -0.71
N ASN A 126 -11.81 11.29 -0.95
CA ASN A 126 -12.40 9.96 -0.61
C ASN A 126 -12.30 9.02 -1.81
N TYR A 127 -11.41 8.06 -1.74
CA TYR A 127 -11.27 7.11 -2.89
C TYR A 127 -12.48 6.18 -2.94
N ASP A 128 -12.98 5.76 -1.81
CA ASP A 128 -14.17 4.86 -1.80
C ASP A 128 -13.83 3.50 -2.41
N TYR A 129 -13.67 3.44 -3.71
CA TYR A 129 -13.33 2.14 -4.35
C TYR A 129 -12.21 2.32 -5.36
N THR A 130 -11.07 1.72 -5.12
CA THR A 130 -9.93 1.86 -6.06
C THR A 130 -9.49 0.47 -6.55
N LYS A 131 -9.78 0.15 -7.78
CA LYS A 131 -9.39 -1.20 -8.31
C LYS A 131 -7.90 -1.21 -8.67
N LEU A 132 -7.08 -1.74 -7.81
CA LEU A 132 -5.62 -1.79 -8.10
C LEU A 132 -5.26 -3.15 -8.71
N VAL A 133 -5.29 -3.26 -10.01
CA VAL A 133 -4.95 -4.55 -10.66
C VAL A 133 -3.44 -4.68 -10.86
N PHE A 134 -2.80 -5.50 -10.08
CA PHE A 134 -1.33 -5.68 -10.21
C PHE A 134 -0.96 -5.95 -11.68
N ALA A 135 0.29 -5.88 -12.01
CA ALA A 135 0.70 -6.15 -13.41
C ALA A 135 0.79 -7.66 -13.62
N LYS A 136 1.03 -8.38 -12.56
CA LYS A 136 1.13 -9.87 -12.66
C LYS A 136 0.65 -10.50 -11.34
N PRO A 137 0.42 -11.79 -11.39
CA PRO A 137 -0.04 -12.51 -10.18
C PRO A 137 1.09 -12.65 -9.17
N ILE A 138 0.83 -12.34 -7.92
CA ILE A 138 1.92 -12.45 -6.90
C ILE A 138 1.88 -13.84 -6.26
N TYR A 139 2.59 -14.78 -6.83
CA TYR A 139 2.61 -16.15 -6.25
C TYR A 139 3.84 -16.34 -5.36
N ASN A 140 3.64 -16.66 -4.11
CA ASN A 140 4.80 -16.85 -3.20
C ASN A 140 5.83 -17.80 -3.84
N ASP A 141 6.96 -17.95 -3.23
CA ASP A 141 8.00 -18.85 -3.80
C ASP A 141 8.12 -20.13 -2.97
N PRO A 142 7.30 -21.09 -3.28
CA PRO A 142 7.32 -22.38 -2.54
C PRO A 142 8.57 -23.19 -2.90
N SER A 143 9.25 -22.83 -3.96
CA SER A 143 10.47 -23.59 -4.35
C SER A 143 11.66 -22.64 -4.45
N LEU A 144 11.44 -21.44 -4.91
CA LEU A 144 12.56 -20.46 -5.03
C LEU A 144 13.59 -20.95 -6.06
N ALA A 1 -3.86 -4.58 15.40
CA ALA A 1 -3.02 -4.57 14.16
C ALA A 1 -3.74 -3.79 13.04
N ASP A 2 -4.63 -2.91 13.41
CA ASP A 2 -5.35 -2.12 12.37
C ASP A 2 -5.84 -0.79 12.96
N GLU A 3 -5.46 0.30 12.35
CA GLU A 3 -5.91 1.63 12.87
C GLU A 3 -5.82 2.69 11.77
N SER A 4 -5.56 3.91 12.13
CA SER A 4 -5.45 4.99 11.09
C SER A 4 -4.01 5.10 10.60
N LEU A 5 -3.81 5.58 9.40
CA LEU A 5 -2.43 5.71 8.87
C LEU A 5 -1.74 6.92 9.50
N LYS A 6 -2.49 7.84 10.04
CA LYS A 6 -1.88 9.05 10.66
C LYS A 6 -1.42 8.73 12.10
N ASP A 7 -2.18 7.94 12.81
CA ASP A 7 -1.80 7.60 14.20
C ASP A 7 -0.75 6.48 14.22
N ALA A 8 -0.59 5.77 13.14
CA ALA A 8 0.41 4.67 13.10
C ALA A 8 1.77 5.20 12.65
N ILE A 9 1.79 6.11 11.71
CA ILE A 9 3.09 6.66 11.21
C ILE A 9 3.92 7.18 12.38
N LYS A 10 3.29 7.55 13.46
CA LYS A 10 4.07 8.07 14.63
C LYS A 10 4.51 6.91 15.53
N ASP A 11 5.33 6.04 15.03
CA ASP A 11 5.79 4.89 15.87
C ASP A 11 7.31 4.96 16.07
N PRO A 12 7.74 4.71 17.28
CA PRO A 12 9.19 4.76 17.60
C PRO A 12 9.89 3.53 17.01
N ALA A 13 9.16 2.47 16.76
CA ALA A 13 9.78 1.25 16.20
C ALA A 13 9.80 1.31 14.66
N LEU A 14 8.90 2.08 14.09
CA LEU A 14 8.86 2.19 12.61
C LEU A 14 9.69 3.40 12.14
N GLU A 15 9.90 4.35 13.02
CA GLU A 15 10.68 5.55 12.62
C GLU A 15 12.03 5.14 12.02
N ASN A 16 12.12 5.09 10.72
CA ASN A 16 13.40 4.69 10.06
C ASN A 16 13.90 3.36 10.64
N LYS A 17 13.51 2.27 10.06
CA LYS A 17 13.97 0.94 10.57
C LYS A 17 14.74 0.18 9.48
N GLU A 18 14.84 -1.11 9.62
CA GLU A 18 15.58 -1.91 8.59
C GLU A 18 14.64 -2.91 7.92
N HIS A 19 14.01 -2.50 6.85
CA HIS A 19 13.07 -3.42 6.14
C HIS A 19 13.81 -4.17 5.02
N ASP A 20 15.06 -4.45 5.21
CA ASP A 20 15.84 -5.18 4.15
C ASP A 20 16.24 -6.56 4.65
N ILE A 21 15.32 -7.30 5.22
CA ILE A 21 15.66 -8.66 5.73
C ILE A 21 14.98 -9.73 4.87
N GLY A 22 15.60 -10.12 3.78
CA GLY A 22 14.99 -11.15 2.91
C GLY A 22 15.04 -10.69 1.45
N PRO A 23 14.40 -11.45 0.61
CA PRO A 23 14.37 -11.13 -0.84
C PRO A 23 13.43 -9.94 -1.10
N ARG A 24 13.21 -9.60 -2.34
CA ARG A 24 12.31 -8.45 -2.67
C ARG A 24 12.14 -8.34 -4.18
N GLU A 25 11.10 -7.70 -4.62
CA GLU A 25 10.88 -7.55 -6.08
C GLU A 25 10.24 -6.19 -6.40
N GLN A 26 9.86 -5.97 -7.63
CA GLN A 26 9.24 -4.67 -8.00
C GLN A 26 8.04 -4.91 -8.92
N VAL A 27 6.88 -4.48 -8.53
CA VAL A 27 5.68 -4.69 -9.40
C VAL A 27 4.92 -3.37 -9.60
N ASN A 28 4.24 -3.24 -10.71
CA ASN A 28 3.48 -1.99 -10.97
C ASN A 28 1.99 -2.21 -10.66
N PHE A 29 1.25 -1.15 -10.50
CA PHE A 29 -0.21 -1.32 -10.20
C PHE A 29 -1.04 -0.39 -11.08
N GLN A 30 -2.16 -0.87 -11.55
CA GLN A 30 -3.04 -0.02 -12.42
C GLN A 30 -4.17 0.58 -11.58
N LEU A 31 -4.18 1.88 -11.43
CA LEU A 31 -5.26 2.53 -10.63
C LEU A 31 -6.51 2.71 -11.49
N LEU A 32 -7.61 2.10 -11.10
CA LEU A 32 -8.86 2.25 -11.89
C LEU A 32 -10.05 2.52 -10.97
N ASP A 33 -10.66 3.66 -11.09
CA ASP A 33 -11.83 3.98 -10.22
C ASP A 33 -13.02 3.10 -10.59
N LYS A 34 -14.22 3.61 -10.43
CA LYS A 34 -15.42 2.80 -10.79
C LYS A 34 -15.82 3.04 -12.24
N ASN A 35 -14.92 3.56 -13.05
CA ASN A 35 -15.26 3.81 -14.47
C ASN A 35 -14.11 3.33 -15.38
N ASN A 36 -13.28 2.45 -14.88
CA ASN A 36 -12.16 1.93 -15.71
C ASN A 36 -11.41 3.09 -16.36
N GLU A 37 -11.05 4.10 -15.59
CA GLU A 37 -10.32 5.26 -16.17
C GLU A 37 -8.90 5.32 -15.60
N THR A 38 -7.95 4.76 -16.30
CA THR A 38 -6.54 4.80 -15.80
C THR A 38 -6.03 6.24 -15.76
N GLN A 39 -5.60 6.69 -14.61
CA GLN A 39 -5.08 8.08 -14.50
C GLN A 39 -3.60 8.12 -14.84
N TYR A 40 -3.15 9.15 -15.51
CA TYR A 40 -1.70 9.24 -15.86
C TYR A 40 -1.00 10.26 -14.97
N TYR A 41 -1.46 10.43 -13.76
CA TYR A 41 -0.81 11.42 -12.85
C TYR A 41 -0.13 10.70 -11.69
N HIS A 42 1.08 11.06 -11.37
CA HIS A 42 1.79 10.39 -10.24
C HIS A 42 1.80 11.30 -9.01
N PHE A 43 0.64 11.67 -8.53
CA PHE A 43 0.59 12.55 -7.33
C PHE A 43 -0.40 11.97 -6.30
N PHE A 44 -0.65 10.70 -6.35
CA PHE A 44 -1.60 10.09 -5.38
C PHE A 44 -0.83 9.47 -4.21
N SER A 45 0.03 10.23 -3.58
CA SER A 45 0.82 9.70 -2.44
C SER A 45 1.80 8.62 -2.92
N ILE A 46 1.29 7.48 -3.30
CA ILE A 46 2.20 6.39 -3.78
C ILE A 46 3.06 6.89 -4.94
N LYS A 47 4.16 6.23 -5.20
CA LYS A 47 5.03 6.67 -6.32
C LYS A 47 5.89 5.49 -6.82
N ASP A 48 6.38 4.68 -5.92
CA ASP A 48 7.22 3.52 -6.36
C ASP A 48 6.33 2.33 -6.70
N PRO A 49 6.91 1.38 -7.35
CA PRO A 49 6.15 0.16 -7.75
C PRO A 49 5.87 -0.71 -6.53
N ALA A 50 4.73 -1.37 -6.51
CA ALA A 50 4.40 -2.25 -5.36
C ALA A 50 5.43 -3.37 -5.21
N ASP A 51 6.52 -3.11 -4.55
CA ASP A 51 7.55 -4.17 -4.37
C ASP A 51 6.93 -5.41 -3.71
N VAL A 52 7.65 -6.50 -3.67
CA VAL A 52 7.08 -7.72 -3.04
C VAL A 52 8.16 -8.46 -2.26
N TYR A 53 7.91 -8.73 -1.00
CA TYR A 53 8.92 -9.45 -0.17
C TYR A 53 8.49 -10.91 0.01
N TYR A 54 8.85 -11.75 -0.92
CA TYR A 54 8.46 -13.19 -0.82
C TYR A 54 9.15 -13.84 0.39
N THR A 55 8.42 -14.62 1.14
CA THR A 55 9.01 -15.29 2.33
C THR A 55 8.52 -16.74 2.43
N LYS A 56 8.76 -17.38 3.54
CA LYS A 56 8.30 -18.79 3.69
C LYS A 56 6.79 -18.82 3.96
N LYS A 57 6.26 -17.78 4.54
CA LYS A 57 4.79 -17.76 4.82
C LYS A 57 4.02 -17.38 3.56
N LYS A 58 4.11 -16.15 3.14
CA LYS A 58 3.37 -15.73 1.91
C LYS A 58 4.01 -14.47 1.31
N ALA A 59 3.71 -14.18 0.08
CA ALA A 59 4.30 -12.98 -0.58
C ALA A 59 3.88 -11.71 0.17
N GLU A 60 4.75 -10.75 0.29
CA GLU A 60 4.39 -9.50 1.02
C GLU A 60 4.61 -8.27 0.11
N VAL A 61 3.56 -7.73 -0.44
CA VAL A 61 3.72 -6.54 -1.32
C VAL A 61 4.07 -5.31 -0.48
N GLU A 62 4.59 -4.28 -1.10
CA GLU A 62 4.97 -3.06 -0.32
C GLU A 62 4.78 -1.81 -1.16
N LEU A 63 4.09 -0.84 -0.65
CA LEU A 63 3.86 0.42 -1.42
C LEU A 63 4.52 1.60 -0.69
N ASP A 64 5.18 2.46 -1.40
CA ASP A 64 5.84 3.63 -0.74
C ASP A 64 4.93 4.85 -0.81
N ILE A 65 4.52 5.35 0.33
CA ILE A 65 3.63 6.55 0.34
C ILE A 65 4.48 7.83 0.52
N ASN A 66 4.00 8.94 0.05
CA ASN A 66 4.78 10.21 0.19
C ASN A 66 4.04 11.20 1.10
N THR A 67 2.73 11.09 1.17
CA THR A 67 1.96 12.03 2.03
C THR A 67 1.30 11.27 3.18
N ALA A 68 2.07 10.56 3.96
CA ALA A 68 1.49 9.79 5.10
C ALA A 68 0.69 10.74 6.02
N SER A 69 1.02 11.99 6.02
CA SER A 69 0.30 12.96 6.90
C SER A 69 -1.13 13.19 6.39
N THR A 70 -1.45 12.71 5.22
CA THR A 70 -2.82 12.92 4.68
C THR A 70 -3.59 11.59 4.59
N TRP A 71 -3.03 10.52 5.10
CA TRP A 71 -3.74 9.21 5.04
C TRP A 71 -4.55 8.99 6.31
N LYS A 72 -5.84 8.79 6.19
CA LYS A 72 -6.67 8.55 7.40
C LYS A 72 -6.78 7.05 7.67
N LYS A 73 -7.47 6.33 6.84
CA LYS A 73 -7.61 4.86 7.04
C LYS A 73 -7.16 4.10 5.79
N PHE A 74 -7.13 2.80 5.84
CA PHE A 74 -6.69 2.02 4.64
C PHE A 74 -6.88 0.51 4.90
N GLU A 75 -7.50 -0.17 3.97
CA GLU A 75 -7.71 -1.64 4.15
C GLU A 75 -8.05 -2.28 2.81
N VAL A 76 -7.06 -2.74 2.09
CA VAL A 76 -7.33 -3.38 0.77
C VAL A 76 -8.19 -4.63 0.94
N TYR A 77 -8.93 -5.00 -0.07
CA TYR A 77 -9.79 -6.21 0.03
C TYR A 77 -9.91 -6.89 -1.33
N GLU A 78 -9.89 -8.19 -1.36
CA GLU A 78 -9.99 -8.92 -2.66
C GLU A 78 -10.95 -10.11 -2.53
N ASN A 79 -11.68 -10.41 -3.57
CA ASN A 79 -12.64 -11.56 -3.51
C ASN A 79 -13.76 -11.27 -2.51
N ASN A 80 -13.46 -11.30 -1.24
CA ASN A 80 -14.51 -11.03 -0.22
C ASN A 80 -13.89 -10.94 1.17
N GLN A 81 -12.73 -10.35 1.28
CA GLN A 81 -12.07 -10.24 2.61
C GLN A 81 -11.10 -9.06 2.63
N LYS A 82 -11.19 -8.20 3.62
CA LYS A 82 -10.27 -7.04 3.70
C LYS A 82 -8.99 -7.42 4.44
N LEU A 83 -7.85 -7.27 3.81
CA LEU A 83 -6.58 -7.63 4.50
C LEU A 83 -6.08 -6.45 5.35
N PRO A 84 -5.58 -6.75 6.51
CA PRO A 84 -5.06 -5.70 7.42
C PRO A 84 -3.73 -5.16 6.91
N VAL A 85 -3.68 -3.91 6.55
CA VAL A 85 -2.39 -3.33 6.06
C VAL A 85 -1.44 -3.06 7.21
N ARG A 86 -0.21 -3.50 7.11
CA ARG A 86 0.77 -3.27 8.21
C ARG A 86 1.84 -2.27 7.75
N LEU A 87 2.61 -1.77 8.67
CA LEU A 87 3.67 -0.79 8.28
C LEU A 87 5.06 -1.34 8.62
N VAL A 88 5.96 -1.32 7.67
CA VAL A 88 7.33 -1.84 7.93
C VAL A 88 8.25 -0.71 8.42
N SER A 89 8.00 0.49 7.97
CA SER A 89 8.85 1.64 8.41
C SER A 89 8.15 2.96 8.08
N TYR A 90 8.64 4.04 8.61
CA TYR A 90 8.01 5.36 8.33
C TYR A 90 9.05 6.47 8.33
N SER A 91 9.14 7.22 7.26
CA SER A 91 10.13 8.33 7.23
C SER A 91 9.66 9.45 8.14
N PRO A 92 10.60 10.18 8.68
CA PRO A 92 10.27 11.28 9.62
C PRO A 92 9.60 12.47 8.93
N VAL A 93 9.02 13.34 9.72
CA VAL A 93 8.29 14.56 9.21
C VAL A 93 8.87 15.11 7.90
N PRO A 94 10.14 15.43 7.88
CA PRO A 94 10.75 16.00 6.65
C PRO A 94 10.57 15.06 5.45
N GLU A 95 10.63 13.78 5.66
CA GLU A 95 10.44 12.85 4.51
C GLU A 95 8.93 12.55 4.35
N ASP A 96 8.21 12.54 5.45
CA ASP A 96 6.74 12.27 5.39
C ASP A 96 6.43 11.08 4.48
N HIS A 97 7.35 10.18 4.33
CA HIS A 97 7.10 8.99 3.47
C HIS A 97 6.66 7.81 4.35
N ALA A 98 5.61 7.13 3.99
CA ALA A 98 5.15 5.99 4.81
C ALA A 98 5.35 4.68 4.05
N TYR A 99 5.45 3.58 4.75
CA TYR A 99 5.65 2.28 4.07
C TYR A 99 4.69 1.22 4.63
N ILE A 100 3.97 0.55 3.78
CA ILE A 100 3.00 -0.48 4.26
C ILE A 100 3.25 -1.82 3.54
N ARG A 101 2.62 -2.87 3.99
CA ARG A 101 2.83 -4.19 3.33
C ARG A 101 1.64 -5.12 3.62
N PHE A 102 1.24 -5.90 2.65
CA PHE A 102 0.11 -6.85 2.88
C PHE A 102 0.37 -8.16 2.12
N PRO A 103 -0.14 -9.23 2.67
CA PRO A 103 0.04 -10.57 2.06
C PRO A 103 -0.79 -10.71 0.78
N VAL A 104 -0.29 -11.43 -0.18
CA VAL A 104 -1.05 -11.63 -1.45
C VAL A 104 -0.87 -13.05 -1.96
N SER A 105 -1.74 -13.94 -1.58
CA SER A 105 -1.62 -15.35 -2.04
C SER A 105 -2.46 -15.59 -3.29
N ASP A 106 -2.51 -16.79 -3.76
CA ASP A 106 -3.31 -17.10 -4.99
C ASP A 106 -2.91 -16.18 -6.15
N GLY A 107 -1.72 -15.63 -6.11
CA GLY A 107 -1.29 -14.76 -7.22
C GLY A 107 -2.16 -13.49 -7.26
N THR A 108 -2.68 -13.09 -6.12
CA THR A 108 -3.55 -11.87 -6.06
C THR A 108 -3.04 -10.77 -7.00
N GLN A 109 -3.69 -10.59 -8.12
CA GLN A 109 -3.23 -9.55 -9.07
C GLN A 109 -4.23 -8.37 -9.10
N GLU A 110 -5.37 -8.53 -8.47
CA GLU A 110 -6.37 -7.42 -8.46
C GLU A 110 -7.00 -7.29 -7.07
N LEU A 111 -6.95 -6.13 -6.49
CA LEU A 111 -7.55 -5.95 -5.13
C LEU A 111 -8.24 -4.60 -5.02
N LYS A 112 -9.15 -4.46 -4.10
CA LYS A 112 -9.86 -3.16 -3.95
C LYS A 112 -9.27 -2.37 -2.78
N ILE A 113 -9.08 -1.09 -2.94
CA ILE A 113 -8.50 -0.28 -1.82
C ILE A 113 -9.59 0.55 -1.14
N VAL A 114 -9.44 0.83 0.12
CA VAL A 114 -10.47 1.64 0.84
C VAL A 114 -9.78 2.68 1.73
N SER A 115 -9.96 3.93 1.45
CA SER A 115 -9.33 4.98 2.29
C SER A 115 -9.81 6.38 1.87
N SER A 116 -9.38 7.40 2.55
CA SER A 116 -9.81 8.78 2.19
C SER A 116 -8.77 9.79 2.68
N THR A 117 -7.97 10.32 1.79
CA THR A 117 -6.93 11.30 2.20
C THR A 117 -7.38 12.73 1.85
N GLN A 118 -7.02 13.69 2.64
CA GLN A 118 -7.42 15.10 2.36
C GLN A 118 -6.23 16.05 2.58
N ILE A 119 -5.84 16.77 1.57
CA ILE A 119 -4.69 17.70 1.73
C ILE A 119 -5.18 19.15 1.79
N ASP A 120 -6.43 19.35 2.10
CA ASP A 120 -6.97 20.74 2.18
C ASP A 120 -6.61 21.52 0.91
N ASP A 121 -6.93 20.99 -0.24
CA ASP A 121 -6.61 21.71 -1.50
C ASP A 121 -7.90 22.10 -2.23
N GLY A 122 -8.94 21.32 -2.07
CA GLY A 122 -10.23 21.65 -2.75
C GLY A 122 -11.32 20.75 -2.19
N GLU A 123 -11.18 19.46 -2.32
CA GLU A 123 -12.22 18.52 -1.80
C GLU A 123 -11.55 17.30 -1.17
N GLU A 124 -12.26 16.61 -0.31
CA GLU A 124 -11.66 15.40 0.34
C GLU A 124 -11.74 14.20 -0.61
N THR A 125 -10.63 13.55 -0.84
CA THR A 125 -10.64 12.37 -1.75
C THR A 125 -11.03 11.11 -0.98
N ASN A 126 -12.21 10.60 -1.21
CA ASN A 126 -12.66 9.37 -0.50
C ASN A 126 -12.57 8.16 -1.43
N TYR A 127 -11.56 7.34 -1.25
CA TYR A 127 -11.42 6.14 -2.14
C TYR A 127 -12.46 5.09 -1.75
N ASP A 128 -13.72 5.39 -1.89
CA ASP A 128 -14.77 4.40 -1.53
C ASP A 128 -14.47 3.05 -2.21
N TYR A 129 -14.04 3.08 -3.44
CA TYR A 129 -13.72 1.81 -4.15
C TYR A 129 -12.64 2.04 -5.20
N THR A 130 -11.43 1.67 -4.92
CA THR A 130 -10.32 1.87 -5.91
C THR A 130 -9.82 0.51 -6.42
N LYS A 131 -10.23 0.12 -7.59
CA LYS A 131 -9.78 -1.18 -8.14
C LYS A 131 -8.31 -1.11 -8.58
N LEU A 132 -7.40 -1.56 -7.75
CA LEU A 132 -5.96 -1.51 -8.13
C LEU A 132 -5.54 -2.87 -8.71
N VAL A 133 -5.34 -2.94 -9.99
CA VAL A 133 -4.93 -4.23 -10.61
C VAL A 133 -3.40 -4.31 -10.74
N PHE A 134 -2.77 -5.14 -9.95
CA PHE A 134 -1.29 -5.26 -10.04
C PHE A 134 -0.86 -5.46 -11.48
N ALA A 135 0.40 -5.27 -11.78
CA ALA A 135 0.88 -5.48 -13.16
C ALA A 135 1.03 -6.97 -13.42
N LYS A 136 1.23 -7.73 -12.38
CA LYS A 136 1.35 -9.21 -12.53
C LYS A 136 0.87 -9.91 -11.26
N PRO A 137 0.65 -11.19 -11.37
CA PRO A 137 0.19 -11.98 -10.20
C PRO A 137 1.31 -12.13 -9.17
N ILE A 138 1.01 -11.92 -7.91
CA ILE A 138 2.07 -12.05 -6.88
C ILE A 138 2.07 -13.46 -6.29
N TYR A 139 3.03 -14.27 -6.67
CA TYR A 139 3.09 -15.66 -6.12
C TYR A 139 4.36 -15.84 -5.29
N ASN A 140 4.26 -16.45 -4.15
CA ASN A 140 5.47 -16.65 -3.29
C ASN A 140 6.44 -17.63 -3.95
N ASP A 141 7.68 -17.63 -3.55
CA ASP A 141 8.67 -18.55 -4.16
C ASP A 141 9.18 -19.55 -3.10
N PRO A 142 8.46 -20.63 -2.99
CA PRO A 142 8.82 -21.69 -2.00
C PRO A 142 10.04 -22.48 -2.48
N SER A 143 10.41 -22.36 -3.72
CA SER A 143 11.58 -23.13 -4.24
C SER A 143 12.46 -22.22 -5.10
N LEU A 144 12.63 -20.99 -4.71
CA LEU A 144 13.47 -20.06 -5.51
C LEU A 144 14.87 -20.67 -5.73
N ALA A 1 -10.40 -4.14 13.43
CA ALA A 1 -10.00 -3.39 12.20
C ALA A 1 -8.62 -2.75 12.40
N ASP A 2 -8.13 -2.05 11.40
CA ASP A 2 -6.80 -1.41 11.52
C ASP A 2 -6.94 -0.01 12.14
N GLU A 3 -5.84 0.61 12.47
CA GLU A 3 -5.93 1.96 13.08
C GLU A 3 -5.84 3.04 11.98
N SER A 4 -5.27 4.17 12.26
CA SER A 4 -5.16 5.24 11.24
C SER A 4 -3.71 5.39 10.78
N LEU A 5 -3.49 5.52 9.50
CA LEU A 5 -2.09 5.68 9.00
C LEU A 5 -1.46 6.96 9.56
N LYS A 6 -2.26 7.96 9.81
CA LYS A 6 -1.71 9.23 10.36
C LYS A 6 -1.42 9.09 11.86
N ASP A 7 -2.03 8.11 12.50
CA ASP A 7 -1.79 7.94 13.97
C ASP A 7 -0.92 6.70 14.22
N ALA A 8 -0.81 5.83 13.26
CA ALA A 8 0.02 4.60 13.46
C ALA A 8 1.47 4.87 13.08
N ILE A 9 1.71 5.80 12.20
CA ILE A 9 3.11 6.11 11.79
C ILE A 9 3.86 6.79 12.93
N LYS A 10 3.16 7.35 13.87
CA LYS A 10 3.84 8.04 15.01
C LYS A 10 4.43 7.00 15.97
N ASP A 11 5.43 6.28 15.54
CA ASP A 11 6.05 5.26 16.43
C ASP A 11 7.57 5.38 16.39
N PRO A 12 8.20 5.05 17.49
CA PRO A 12 9.68 5.13 17.59
C PRO A 12 10.32 3.98 16.80
N ALA A 13 9.60 2.93 16.55
CA ALA A 13 10.18 1.77 15.80
C ALA A 13 10.02 2.01 14.29
N LEU A 14 8.85 2.32 13.85
CA LEU A 14 8.62 2.55 12.39
C LEU A 14 9.51 3.69 11.90
N GLU A 15 9.85 4.61 12.76
CA GLU A 15 10.72 5.75 12.33
C GLU A 15 11.97 5.22 11.64
N ASN A 16 11.99 5.24 10.33
CA ASN A 16 13.19 4.74 9.60
C ASN A 16 13.60 3.37 10.13
N LYS A 17 12.98 2.32 9.64
CA LYS A 17 13.33 0.95 10.13
C LYS A 17 14.13 0.21 9.05
N GLU A 18 14.06 -1.10 9.05
CA GLU A 18 14.80 -1.89 8.03
C GLU A 18 13.90 -2.98 7.46
N HIS A 19 13.14 -2.67 6.44
CA HIS A 19 12.23 -3.69 5.83
C HIS A 19 12.94 -4.39 4.67
N ASP A 20 14.22 -4.57 4.77
CA ASP A 20 14.96 -5.26 3.67
C ASP A 20 15.80 -6.41 4.23
N ILE A 21 15.17 -7.43 4.74
CA ILE A 21 15.92 -8.58 5.29
C ILE A 21 15.51 -9.88 4.60
N GLY A 22 16.11 -10.18 3.48
CA GLY A 22 15.74 -11.43 2.76
C GLY A 22 15.58 -11.12 1.27
N PRO A 23 14.69 -11.86 0.64
CA PRO A 23 14.43 -11.68 -0.81
C PRO A 23 13.65 -10.39 -1.04
N ARG A 24 13.32 -10.10 -2.28
CA ARG A 24 12.55 -8.86 -2.58
C ARG A 24 12.23 -8.79 -4.07
N GLU A 25 11.24 -8.03 -4.45
CA GLU A 25 10.89 -7.91 -5.89
C GLU A 25 10.22 -6.56 -6.17
N GLN A 26 9.91 -6.30 -7.40
CA GLN A 26 9.26 -5.01 -7.75
C GLN A 26 8.07 -5.24 -8.69
N VAL A 27 6.94 -4.67 -8.39
CA VAL A 27 5.74 -4.87 -9.25
C VAL A 27 5.00 -3.55 -9.45
N ASN A 28 4.62 -3.24 -10.66
CA ASN A 28 3.89 -1.97 -10.92
C ASN A 28 2.39 -2.16 -10.58
N PHE A 29 1.67 -1.08 -10.46
CA PHE A 29 0.22 -1.21 -10.13
C PHE A 29 -0.61 -0.33 -11.08
N GLN A 30 -1.75 -0.82 -11.50
CA GLN A 30 -2.60 -0.02 -12.42
C GLN A 30 -3.74 0.65 -11.65
N LEU A 31 -3.73 1.95 -11.58
CA LEU A 31 -4.81 2.67 -10.84
C LEU A 31 -6.07 2.73 -11.71
N LEU A 32 -7.14 2.14 -11.26
CA LEU A 32 -8.40 2.16 -12.05
C LEU A 32 -9.60 2.51 -11.16
N ASP A 33 -10.17 3.66 -11.35
CA ASP A 33 -11.34 4.05 -10.50
C ASP A 33 -12.54 3.17 -10.83
N LYS A 34 -13.74 3.70 -10.73
CA LYS A 34 -14.95 2.89 -11.04
C LYS A 34 -15.34 3.06 -12.51
N ASN A 35 -14.38 3.18 -13.38
CA ASN A 35 -14.71 3.34 -14.83
C ASN A 35 -13.59 2.74 -15.70
N ASN A 36 -12.78 1.88 -15.13
CA ASN A 36 -11.69 1.25 -15.92
C ASN A 36 -10.91 2.32 -16.68
N GLU A 37 -10.89 3.53 -16.19
CA GLU A 37 -10.15 4.63 -16.89
C GLU A 37 -8.98 5.10 -16.04
N THR A 38 -7.78 4.72 -16.39
CA THR A 38 -6.60 5.15 -15.59
C THR A 38 -6.31 6.64 -15.85
N GLN A 39 -6.06 7.39 -14.81
CA GLN A 39 -5.78 8.84 -15.00
C GLN A 39 -4.73 9.31 -13.99
N TYR A 40 -4.41 10.58 -14.00
CA TYR A 40 -3.40 11.10 -13.03
C TYR A 40 -4.09 11.62 -11.78
N TYR A 41 -3.41 11.62 -10.67
CA TYR A 41 -4.03 12.12 -9.41
C TYR A 41 -3.55 13.54 -9.10
N HIS A 42 -4.15 14.18 -8.13
CA HIS A 42 -3.73 15.57 -7.78
C HIS A 42 -2.71 15.54 -6.63
N PHE A 43 -2.71 14.48 -5.86
CA PHE A 43 -1.75 14.39 -4.73
C PHE A 43 -0.69 13.33 -5.03
N PHE A 44 0.57 13.67 -4.88
CA PHE A 44 1.64 12.68 -5.15
C PHE A 44 1.85 11.76 -3.95
N SER A 45 1.05 10.75 -3.81
CA SER A 45 1.20 9.82 -2.66
C SER A 45 2.24 8.74 -3.00
N ILE A 46 1.83 7.71 -3.70
CA ILE A 46 2.80 6.64 -4.07
C ILE A 46 3.74 7.14 -5.16
N LYS A 47 4.83 6.44 -5.39
CA LYS A 47 5.78 6.90 -6.45
C LYS A 47 6.51 5.71 -7.08
N ASP A 48 7.12 4.89 -6.26
CA ASP A 48 7.86 3.72 -6.81
C ASP A 48 6.90 2.55 -7.02
N PRO A 49 7.35 1.57 -7.75
CA PRO A 49 6.52 0.39 -8.03
C PRO A 49 6.43 -0.50 -6.78
N ALA A 50 5.29 -1.09 -6.55
CA ALA A 50 5.13 -1.96 -5.36
C ALA A 50 6.28 -2.97 -5.27
N ASP A 51 6.55 -3.46 -4.10
CA ASP A 51 7.66 -4.45 -3.95
C ASP A 51 7.13 -5.75 -3.34
N VAL A 52 7.45 -6.86 -3.92
CA VAL A 52 6.96 -8.17 -3.39
C VAL A 52 8.05 -8.84 -2.55
N TYR A 53 7.74 -9.19 -1.33
CA TYR A 53 8.76 -9.85 -0.47
C TYR A 53 8.34 -11.31 -0.19
N TYR A 54 8.89 -12.24 -0.92
CA TYR A 54 8.51 -13.68 -0.69
C TYR A 54 9.20 -14.21 0.56
N THR A 55 8.45 -14.57 1.55
CA THR A 55 9.05 -15.11 2.80
C THR A 55 8.75 -16.60 2.95
N LYS A 56 9.07 -17.18 4.08
CA LYS A 56 8.79 -18.63 4.28
C LYS A 56 7.28 -18.88 4.38
N LYS A 57 6.53 -17.86 4.70
CA LYS A 57 5.05 -18.03 4.81
C LYS A 57 4.37 -17.69 3.49
N LYS A 58 4.16 -16.43 3.22
CA LYS A 58 3.50 -16.03 1.95
C LYS A 58 4.16 -14.77 1.39
N ALA A 59 3.89 -14.46 0.14
CA ALA A 59 4.50 -13.23 -0.46
C ALA A 59 4.04 -11.99 0.31
N GLU A 60 4.74 -10.90 0.16
CA GLU A 60 4.34 -9.66 0.88
C GLU A 60 4.56 -8.43 -0.01
N VAL A 61 3.53 -7.96 -0.66
CA VAL A 61 3.69 -6.76 -1.54
C VAL A 61 3.79 -5.49 -0.68
N GLU A 62 4.58 -4.55 -1.09
CA GLU A 62 4.73 -3.30 -0.29
C GLU A 62 4.52 -2.07 -1.18
N LEU A 63 4.39 -0.91 -0.60
CA LEU A 63 4.19 0.31 -1.42
C LEU A 63 4.74 1.54 -0.67
N ASP A 64 5.21 2.53 -1.40
CA ASP A 64 5.75 3.74 -0.74
C ASP A 64 4.70 4.86 -0.72
N ILE A 65 4.76 5.72 0.25
CA ILE A 65 3.76 6.83 0.33
C ILE A 65 4.47 8.14 0.68
N ASN A 66 4.52 9.07 -0.24
CA ASN A 66 5.20 10.36 0.04
C ASN A 66 4.27 11.29 0.83
N THR A 67 3.00 11.03 0.82
CA THR A 67 2.05 11.91 1.57
C THR A 67 1.37 11.12 2.69
N ALA A 68 2.14 10.65 3.64
CA ALA A 68 1.54 9.87 4.76
C ALA A 68 0.66 10.78 5.63
N SER A 69 0.94 12.05 5.63
CA SER A 69 0.13 12.99 6.47
C SER A 69 -1.29 13.11 5.89
N THR A 70 -1.49 12.71 4.67
CA THR A 70 -2.85 12.81 4.07
C THR A 70 -3.62 11.51 4.26
N TRP A 71 -2.96 10.39 4.14
CA TRP A 71 -3.67 9.08 4.31
C TRP A 71 -4.16 8.92 5.76
N LYS A 72 -5.38 8.50 5.94
CA LYS A 72 -5.92 8.31 7.31
C LYS A 72 -6.37 6.86 7.49
N LYS A 73 -6.96 6.29 6.47
CA LYS A 73 -7.41 4.87 6.58
C LYS A 73 -6.91 4.09 5.36
N PHE A 74 -6.92 2.78 5.42
CA PHE A 74 -6.45 1.97 4.25
C PHE A 74 -6.64 0.48 4.53
N GLU A 75 -7.28 -0.22 3.65
CA GLU A 75 -7.50 -1.68 3.87
C GLU A 75 -7.99 -2.34 2.58
N VAL A 76 -7.09 -2.83 1.76
CA VAL A 76 -7.51 -3.48 0.48
C VAL A 76 -8.48 -4.63 0.78
N TYR A 77 -9.33 -4.95 -0.15
CA TYR A 77 -10.30 -6.07 0.07
C TYR A 77 -10.54 -6.84 -1.22
N GLU A 78 -10.22 -8.11 -1.24
CA GLU A 78 -10.42 -8.91 -2.48
C GLU A 78 -10.91 -10.32 -2.12
N ASN A 79 -11.82 -10.86 -2.90
CA ASN A 79 -12.33 -12.23 -2.61
C ASN A 79 -12.99 -12.28 -1.23
N ASN A 80 -13.71 -11.25 -0.86
CA ASN A 80 -14.37 -11.24 0.47
C ASN A 80 -13.34 -11.43 1.58
N GLN A 81 -12.47 -10.46 1.78
CA GLN A 81 -11.44 -10.58 2.84
C GLN A 81 -10.60 -9.31 2.92
N LYS A 82 -11.06 -8.32 3.64
CA LYS A 82 -10.28 -7.06 3.76
C LYS A 82 -8.95 -7.33 4.48
N LEU A 83 -7.85 -7.22 3.79
CA LEU A 83 -6.54 -7.47 4.43
C LEU A 83 -6.10 -6.27 5.28
N PRO A 84 -5.69 -6.54 6.49
CA PRO A 84 -5.25 -5.45 7.39
C PRO A 84 -3.86 -4.96 6.99
N VAL A 85 -3.79 -4.01 6.09
CA VAL A 85 -2.47 -3.49 5.65
C VAL A 85 -1.65 -3.05 6.86
N ARG A 86 -0.45 -3.53 7.00
CA ARG A 86 0.38 -3.13 8.17
C ARG A 86 1.51 -2.20 7.72
N LEU A 87 2.24 -1.63 8.65
CA LEU A 87 3.34 -0.71 8.27
C LEU A 87 4.70 -1.35 8.62
N VAL A 88 5.72 -1.06 7.86
CA VAL A 88 7.05 -1.64 8.14
C VAL A 88 8.05 -0.53 8.48
N SER A 89 7.91 0.62 7.87
CA SER A 89 8.85 1.73 8.15
C SER A 89 8.20 3.08 7.79
N TYR A 90 8.60 4.13 8.44
CA TYR A 90 8.00 5.47 8.13
C TYR A 90 9.00 6.59 8.38
N SER A 91 9.21 7.44 7.41
CA SER A 91 10.16 8.57 7.60
C SER A 91 9.47 9.68 8.39
N PRO A 92 10.26 10.46 9.08
CA PRO A 92 9.72 11.56 9.92
C PRO A 92 9.10 12.69 9.08
N VAL A 93 8.34 13.53 9.73
CA VAL A 93 7.65 14.69 9.07
C VAL A 93 8.44 15.27 7.87
N PRO A 94 9.67 15.65 8.09
CA PRO A 94 10.47 16.23 6.98
C PRO A 94 10.55 15.27 5.80
N GLU A 95 10.63 14.00 6.05
CA GLU A 95 10.67 13.04 4.92
C GLU A 95 9.23 12.67 4.55
N ASP A 96 8.36 12.62 5.52
CA ASP A 96 6.93 12.30 5.24
C ASP A 96 6.80 11.10 4.29
N HIS A 97 7.48 10.03 4.59
CA HIS A 97 7.39 8.83 3.71
C HIS A 97 6.95 7.62 4.55
N ALA A 98 5.81 7.06 4.24
CA ALA A 98 5.32 5.88 5.01
C ALA A 98 5.36 4.63 4.14
N TYR A 99 5.62 3.49 4.74
CA TYR A 99 5.67 2.23 3.94
C TYR A 99 4.61 1.25 4.43
N ILE A 100 3.98 0.54 3.52
CA ILE A 100 2.93 -0.44 3.93
C ILE A 100 3.03 -1.68 3.06
N ARG A 101 2.38 -2.75 3.45
CA ARG A 101 2.43 -4.00 2.64
C ARG A 101 1.32 -4.96 3.07
N PHE A 102 0.98 -5.90 2.21
CA PHE A 102 -0.08 -6.87 2.56
C PHE A 102 0.19 -8.22 1.89
N PRO A 103 -0.43 -9.25 2.41
CA PRO A 103 -0.25 -10.61 1.87
C PRO A 103 -1.01 -10.77 0.55
N VAL A 104 -0.60 -11.73 -0.26
CA VAL A 104 -1.30 -11.95 -1.56
C VAL A 104 -1.41 -13.45 -1.83
N SER A 105 -2.55 -14.03 -1.55
CA SER A 105 -2.72 -15.48 -1.78
C SER A 105 -3.32 -15.76 -3.15
N ASP A 106 -2.97 -16.88 -3.74
CA ASP A 106 -3.53 -17.25 -5.09
C ASP A 106 -3.03 -16.29 -6.18
N GLY A 107 -1.87 -15.71 -6.00
CA GLY A 107 -1.34 -14.80 -7.07
C GLY A 107 -2.22 -13.55 -7.15
N THR A 108 -2.83 -13.16 -6.05
CA THR A 108 -3.71 -11.95 -6.04
C THR A 108 -3.12 -10.82 -6.90
N GLN A 109 -3.89 -10.32 -7.82
CA GLN A 109 -3.38 -9.22 -8.69
C GLN A 109 -4.35 -8.03 -8.69
N GLU A 110 -5.46 -8.14 -8.00
CA GLU A 110 -6.43 -7.01 -7.96
C GLU A 110 -6.99 -6.84 -6.55
N LEU A 111 -6.84 -5.69 -5.97
CA LEU A 111 -7.37 -5.45 -4.60
C LEU A 111 -8.11 -4.11 -4.53
N LYS A 112 -9.23 -4.08 -3.88
CA LYS A 112 -9.99 -2.80 -3.77
C LYS A 112 -9.41 -1.92 -2.67
N ILE A 113 -8.63 -0.94 -3.02
CA ILE A 113 -8.03 -0.05 -1.99
C ILE A 113 -9.10 0.86 -1.37
N VAL A 114 -9.20 0.88 -0.07
CA VAL A 114 -10.22 1.74 0.58
C VAL A 114 -9.53 2.70 1.56
N SER A 115 -9.58 3.98 1.29
CA SER A 115 -8.92 4.94 2.21
C SER A 115 -9.46 6.36 1.98
N SER A 116 -9.15 7.27 2.86
CA SER A 116 -9.63 8.67 2.68
C SER A 116 -8.50 9.66 3.01
N THR A 117 -8.17 10.51 2.07
CA THR A 117 -7.07 11.49 2.32
C THR A 117 -7.61 12.93 2.22
N GLN A 118 -7.10 13.81 3.04
CA GLN A 118 -7.58 15.23 3.00
C GLN A 118 -6.39 16.18 3.00
N ILE A 119 -6.28 17.02 2.01
CA ILE A 119 -5.14 17.98 1.97
C ILE A 119 -5.65 19.42 2.13
N ASP A 120 -6.84 19.58 2.64
CA ASP A 120 -7.38 20.96 2.82
C ASP A 120 -7.29 21.76 1.51
N ASP A 121 -7.36 21.09 0.39
CA ASP A 121 -7.27 21.81 -0.91
C ASP A 121 -8.68 22.18 -1.41
N GLY A 122 -9.64 21.34 -1.14
CA GLY A 122 -11.03 21.62 -1.59
C GLY A 122 -12.01 20.72 -0.83
N GLU A 123 -12.20 19.51 -1.31
CA GLU A 123 -13.13 18.58 -0.60
C GLU A 123 -12.40 17.29 -0.22
N GLU A 124 -12.81 16.67 0.86
CA GLU A 124 -12.13 15.40 1.28
C GLU A 124 -12.25 14.34 0.19
N THR A 125 -11.15 13.73 -0.19
CA THR A 125 -11.21 12.68 -1.24
C THR A 125 -11.45 11.31 -0.62
N ASN A 126 -12.56 10.69 -0.93
CA ASN A 126 -12.86 9.35 -0.35
C ASN A 126 -12.76 8.27 -1.42
N TYR A 127 -11.96 7.26 -1.18
CA TYR A 127 -11.83 6.17 -2.19
C TYR A 127 -12.73 4.98 -1.82
N ASP A 128 -14.02 5.16 -1.94
CA ASP A 128 -14.96 4.05 -1.59
C ASP A 128 -14.57 2.77 -2.34
N TYR A 129 -13.93 2.89 -3.47
CA TYR A 129 -13.54 1.67 -4.23
C TYR A 129 -12.44 2.00 -5.25
N THR A 130 -11.24 1.59 -4.98
CA THR A 130 -10.12 1.86 -5.93
C THR A 130 -9.57 0.55 -6.49
N LYS A 131 -9.94 0.21 -7.70
CA LYS A 131 -9.45 -1.07 -8.30
C LYS A 131 -7.99 -0.94 -8.71
N LEU A 132 -7.09 -1.40 -7.89
CA LEU A 132 -5.64 -1.32 -8.23
C LEU A 132 -5.15 -2.70 -8.70
N VAL A 133 -5.07 -2.91 -9.98
CA VAL A 133 -4.61 -4.23 -10.49
C VAL A 133 -3.09 -4.25 -10.67
N PHE A 134 -2.40 -5.07 -9.93
CA PHE A 134 -0.92 -5.14 -10.05
C PHE A 134 -0.52 -5.33 -11.52
N ALA A 135 0.73 -5.17 -11.83
CA ALA A 135 1.18 -5.38 -13.24
C ALA A 135 1.20 -6.88 -13.53
N LYS A 136 1.39 -7.67 -12.51
CA LYS A 136 1.42 -9.15 -12.70
C LYS A 136 0.88 -9.83 -11.43
N PRO A 137 0.62 -11.10 -11.55
CA PRO A 137 0.09 -11.88 -10.39
C PRO A 137 1.17 -12.05 -9.32
N ILE A 138 0.82 -11.84 -8.08
CA ILE A 138 1.83 -11.99 -6.99
C ILE A 138 1.78 -13.41 -6.42
N TYR A 139 2.49 -14.33 -7.01
CA TYR A 139 2.48 -15.72 -6.50
C TYR A 139 3.69 -15.97 -5.60
N ASN A 140 3.45 -16.38 -4.39
CA ASN A 140 4.58 -16.65 -3.45
C ASN A 140 5.46 -17.78 -3.99
N ASP A 141 6.58 -18.02 -3.39
CA ASP A 141 7.47 -19.11 -3.87
C ASP A 141 7.53 -20.25 -2.84
N PRO A 142 6.62 -21.18 -3.00
CA PRO A 142 6.54 -22.34 -2.08
C PRO A 142 7.70 -23.32 -2.36
N SER A 143 8.37 -23.17 -3.47
CA SER A 143 9.49 -24.10 -3.79
C SER A 143 10.74 -23.29 -4.18
N LEU A 144 10.94 -22.17 -3.55
CA LEU A 144 12.12 -21.33 -3.90
C LEU A 144 13.39 -22.19 -3.94
N ALA A 1 -4.95 -6.52 13.90
CA ALA A 1 -5.62 -5.26 14.30
C ALA A 1 -5.41 -4.18 13.23
N ASP A 2 -6.47 -3.59 12.75
CA ASP A 2 -6.33 -2.55 11.70
C ASP A 2 -6.31 -1.15 12.34
N GLU A 3 -5.28 -0.40 12.10
CA GLU A 3 -5.19 0.97 12.69
C GLU A 3 -5.30 2.04 11.59
N SER A 4 -4.67 3.17 11.80
CA SER A 4 -4.73 4.24 10.76
C SER A 4 -3.32 4.70 10.39
N LEU A 5 -3.06 4.86 9.12
CA LEU A 5 -1.70 5.30 8.69
C LEU A 5 -1.33 6.62 9.38
N LYS A 6 -2.28 7.48 9.59
CA LYS A 6 -1.98 8.78 10.24
C LYS A 6 -1.71 8.58 11.73
N ASP A 7 -2.09 7.45 12.27
CA ASP A 7 -1.85 7.20 13.72
C ASP A 7 -0.65 6.25 13.91
N ALA A 8 -0.32 5.50 12.90
CA ALA A 8 0.82 4.56 13.01
C ALA A 8 2.14 5.26 12.66
N ILE A 9 2.07 6.25 11.81
CA ILE A 9 3.32 6.98 11.42
C ILE A 9 4.07 7.46 12.66
N LYS A 10 3.37 7.65 13.75
CA LYS A 10 4.06 8.12 14.99
C LYS A 10 4.38 6.93 15.90
N ASP A 11 5.36 6.14 15.52
CA ASP A 11 5.72 4.96 16.36
C ASP A 11 7.24 4.87 16.48
N PRO A 12 7.68 4.35 17.60
CA PRO A 12 9.14 4.19 17.84
C PRO A 12 9.71 3.05 17.01
N ALA A 13 8.88 2.13 16.59
CA ALA A 13 9.38 0.99 15.77
C ALA A 13 9.39 1.37 14.29
N LEU A 14 8.48 2.20 13.88
CA LEU A 14 8.43 2.61 12.45
C LEU A 14 9.19 3.93 12.25
N GLU A 15 10.14 4.21 13.11
CA GLU A 15 10.91 5.48 12.97
C GLU A 15 12.15 5.24 12.11
N ASN A 16 12.01 5.26 10.81
CA ASN A 16 13.18 5.05 9.93
C ASN A 16 13.79 3.66 10.18
N LYS A 17 13.04 2.62 9.95
CA LYS A 17 13.56 1.25 10.17
C LYS A 17 14.28 0.75 8.92
N GLU A 18 14.91 -0.40 9.01
CA GLU A 18 15.63 -0.94 7.82
C GLU A 18 14.75 -1.95 7.08
N HIS A 19 13.83 -1.48 6.28
CA HIS A 19 12.93 -2.41 5.55
C HIS A 19 13.64 -2.96 4.31
N ASP A 20 14.76 -3.61 4.49
CA ASP A 20 15.49 -4.17 3.32
C ASP A 20 16.19 -5.49 3.71
N ILE A 21 15.50 -6.35 4.41
CA ILE A 21 16.12 -7.64 4.82
C ILE A 21 15.28 -8.81 4.28
N GLY A 22 15.93 -9.80 3.72
CA GLY A 22 15.18 -10.97 3.19
C GLY A 22 15.03 -10.82 1.67
N PRO A 23 14.18 -11.63 1.11
CA PRO A 23 13.92 -11.59 -0.35
C PRO A 23 13.12 -10.34 -0.71
N ARG A 24 12.91 -10.12 -1.98
CA ARG A 24 12.12 -8.91 -2.40
C ARG A 24 11.94 -8.90 -3.92
N GLU A 25 11.11 -8.01 -4.41
CA GLU A 25 10.90 -7.94 -5.88
C GLU A 25 10.28 -6.60 -6.27
N GLN A 26 9.97 -6.42 -7.53
CA GLN A 26 9.35 -5.13 -7.96
C GLN A 26 8.13 -5.41 -8.85
N VAL A 27 7.03 -4.77 -8.58
CA VAL A 27 5.80 -4.99 -9.40
C VAL A 27 5.05 -3.68 -9.62
N ASN A 28 4.51 -3.48 -10.79
CA ASN A 28 3.74 -2.23 -11.06
C ASN A 28 2.27 -2.45 -10.74
N PHE A 29 1.49 -1.40 -10.72
CA PHE A 29 0.04 -1.55 -10.41
C PHE A 29 -0.80 -0.68 -11.32
N GLN A 30 -1.93 -1.18 -11.76
CA GLN A 30 -2.81 -0.38 -12.65
C GLN A 30 -3.88 0.32 -11.81
N LEU A 31 -3.83 1.62 -11.75
CA LEU A 31 -4.85 2.37 -10.94
C LEU A 31 -6.13 2.58 -11.76
N LEU A 32 -7.23 2.07 -11.28
CA LEU A 32 -8.52 2.25 -12.01
C LEU A 32 -9.65 2.52 -11.03
N ASP A 33 -10.33 3.64 -11.19
CA ASP A 33 -11.45 3.97 -10.27
C ASP A 33 -12.73 3.28 -10.74
N LYS A 34 -13.86 3.91 -10.53
CA LYS A 34 -15.15 3.30 -10.96
C LYS A 34 -15.46 3.67 -12.42
N ASN A 35 -14.50 4.16 -13.15
CA ASN A 35 -14.76 4.54 -14.57
C ASN A 35 -13.63 4.01 -15.46
N ASN A 36 -12.93 3.00 -15.02
CA ASN A 36 -11.82 2.43 -15.83
C ASN A 36 -10.87 3.54 -16.26
N GLU A 37 -10.81 4.60 -15.52
CA GLU A 37 -9.89 5.73 -15.89
C GLU A 37 -8.67 5.74 -14.95
N THR A 38 -7.50 5.90 -15.50
CA THR A 38 -6.27 5.92 -14.66
C THR A 38 -5.81 7.35 -14.43
N GLN A 39 -5.79 7.80 -13.21
CA GLN A 39 -5.34 9.19 -12.92
C GLN A 39 -3.92 9.42 -13.46
N TYR A 40 -3.31 10.53 -13.11
CA TYR A 40 -1.94 10.81 -13.59
C TYR A 40 -0.97 9.70 -13.13
N TYR A 41 0.22 9.69 -13.67
CA TYR A 41 1.20 8.64 -13.27
C TYR A 41 2.24 9.22 -12.29
N HIS A 42 2.08 10.46 -11.90
CA HIS A 42 3.07 11.07 -10.96
C HIS A 42 2.34 11.90 -9.90
N PHE A 43 1.43 11.29 -9.18
CA PHE A 43 0.68 12.05 -8.14
C PHE A 43 1.63 12.57 -7.06
N PHE A 44 1.15 12.71 -5.85
CA PHE A 44 2.04 13.20 -4.76
C PHE A 44 2.09 12.20 -3.61
N SER A 45 1.61 11.00 -3.81
CA SER A 45 1.63 9.99 -2.72
C SER A 45 2.55 8.83 -3.11
N ILE A 46 2.04 7.88 -3.87
CA ILE A 46 2.88 6.74 -4.29
C ILE A 46 3.85 7.19 -5.39
N LYS A 47 4.80 6.35 -5.75
CA LYS A 47 5.77 6.76 -6.81
C LYS A 47 6.48 5.53 -7.37
N ASP A 48 6.89 4.62 -6.54
CA ASP A 48 7.60 3.40 -7.04
C ASP A 48 6.62 2.26 -7.25
N PRO A 49 7.06 1.27 -7.99
CA PRO A 49 6.22 0.10 -8.28
C PRO A 49 6.10 -0.79 -7.04
N ALA A 50 4.91 -1.26 -6.76
CA ALA A 50 4.71 -2.12 -5.55
C ALA A 50 5.74 -3.25 -5.54
N ASP A 51 6.48 -3.37 -4.47
CA ASP A 51 7.50 -4.47 -4.40
C ASP A 51 6.90 -5.68 -3.70
N VAL A 52 7.46 -6.84 -3.90
CA VAL A 52 6.91 -8.06 -3.24
C VAL A 52 7.96 -8.71 -2.35
N TYR A 53 7.58 -9.17 -1.19
CA TYR A 53 8.55 -9.82 -0.26
C TYR A 53 8.12 -11.25 0.01
N TYR A 54 8.49 -12.18 -0.84
CA TYR A 54 8.10 -13.60 -0.62
C TYR A 54 8.82 -14.17 0.61
N THR A 55 8.19 -14.15 1.74
CA THR A 55 8.84 -14.70 2.97
C THR A 55 8.82 -16.23 2.94
N LYS A 56 8.95 -16.86 4.07
CA LYS A 56 8.93 -18.35 4.10
C LYS A 56 7.52 -18.86 4.38
N LYS A 57 6.52 -18.06 4.09
CA LYS A 57 5.12 -18.49 4.36
C LYS A 57 4.18 -17.91 3.31
N LYS A 58 4.11 -16.61 3.20
CA LYS A 58 3.21 -15.98 2.20
C LYS A 58 3.87 -14.76 1.57
N ALA A 59 3.45 -14.37 0.40
CA ALA A 59 4.06 -13.18 -0.28
C ALA A 59 3.70 -11.90 0.48
N GLU A 60 4.50 -10.89 0.36
CA GLU A 60 4.21 -9.61 1.07
C GLU A 60 4.49 -8.41 0.15
N VAL A 61 3.47 -7.82 -0.39
CA VAL A 61 3.68 -6.65 -1.29
C VAL A 61 4.03 -5.40 -0.46
N GLU A 62 4.70 -4.45 -1.04
CA GLU A 62 5.07 -3.23 -0.27
C GLU A 62 4.97 -1.99 -1.16
N LEU A 63 4.54 -0.87 -0.61
CA LEU A 63 4.43 0.38 -1.42
C LEU A 63 5.04 1.55 -0.66
N ASP A 64 5.54 2.53 -1.37
CA ASP A 64 6.16 3.71 -0.68
C ASP A 64 5.26 4.94 -0.81
N ILE A 65 4.71 5.39 0.27
CA ILE A 65 3.83 6.60 0.21
C ILE A 65 4.63 7.85 0.59
N ASN A 66 4.25 8.99 0.08
CA ASN A 66 5.00 10.24 0.40
C ASN A 66 4.12 11.20 1.20
N THR A 67 2.83 11.12 1.04
CA THR A 67 1.92 12.04 1.79
C THR A 67 1.25 11.29 2.94
N ALA A 68 2.03 10.65 3.78
CA ALA A 68 1.45 9.90 4.93
C ALA A 68 0.58 10.82 5.79
N SER A 69 0.87 12.10 5.78
CA SER A 69 0.06 13.04 6.61
C SER A 69 -1.35 13.18 6.03
N THR A 70 -1.54 12.79 4.80
CA THR A 70 -2.90 12.89 4.19
C THR A 70 -3.65 11.57 4.35
N TRP A 71 -2.95 10.46 4.31
CA TRP A 71 -3.63 9.15 4.46
C TRP A 71 -4.23 9.00 5.86
N LYS A 72 -5.40 8.45 5.96
CA LYS A 72 -6.04 8.27 7.30
C LYS A 72 -6.39 6.80 7.52
N LYS A 73 -7.05 6.19 6.58
CA LYS A 73 -7.41 4.76 6.73
C LYS A 73 -6.96 3.97 5.49
N PHE A 74 -7.07 2.67 5.53
CA PHE A 74 -6.66 1.86 4.34
C PHE A 74 -6.95 0.38 4.58
N GLU A 75 -7.86 -0.18 3.83
CA GLU A 75 -8.19 -1.62 4.01
C GLU A 75 -8.40 -2.30 2.65
N VAL A 76 -7.36 -2.88 2.11
CA VAL A 76 -7.50 -3.55 0.79
C VAL A 76 -8.50 -4.70 0.89
N TYR A 77 -9.31 -4.88 -0.13
CA TYR A 77 -10.31 -5.99 -0.09
C TYR A 77 -10.26 -6.79 -1.40
N GLU A 78 -9.96 -8.06 -1.32
CA GLU A 78 -9.90 -8.89 -2.55
C GLU A 78 -10.31 -10.33 -2.23
N ASN A 79 -10.84 -11.04 -3.19
CA ASN A 79 -11.26 -12.45 -2.93
C ASN A 79 -12.18 -12.51 -1.71
N ASN A 80 -13.03 -11.54 -1.56
CA ASN A 80 -13.97 -11.55 -0.39
C ASN A 80 -13.16 -11.60 0.92
N GLN A 81 -12.33 -10.63 1.17
CA GLN A 81 -11.53 -10.64 2.41
C GLN A 81 -10.73 -9.33 2.55
N LYS A 82 -11.01 -8.56 3.56
CA LYS A 82 -10.27 -7.27 3.75
C LYS A 82 -8.90 -7.55 4.38
N LEU A 83 -7.86 -7.41 3.63
CA LEU A 83 -6.49 -7.68 4.19
C LEU A 83 -6.04 -6.48 5.04
N PRO A 84 -5.61 -6.77 6.25
CA PRO A 84 -5.14 -5.70 7.16
C PRO A 84 -3.77 -5.17 6.70
N VAL A 85 -3.67 -3.90 6.43
CA VAL A 85 -2.37 -3.33 5.98
C VAL A 85 -1.42 -3.22 7.18
N ARG A 86 -0.14 -3.28 6.91
CA ARG A 86 0.85 -3.17 8.04
C ARG A 86 1.97 -2.20 7.66
N LEU A 87 2.37 -1.35 8.57
CA LEU A 87 3.46 -0.38 8.26
C LEU A 87 4.82 -0.96 8.68
N VAL A 88 5.73 -1.11 7.77
CA VAL A 88 7.07 -1.66 8.13
C VAL A 88 8.02 -0.53 8.54
N SER A 89 7.76 0.68 8.10
CA SER A 89 8.65 1.81 8.47
C SER A 89 7.99 3.14 8.06
N TYR A 90 8.43 4.23 8.63
CA TYR A 90 7.83 5.54 8.27
C TYR A 90 8.86 6.67 8.42
N SER A 91 9.05 7.44 7.39
CA SER A 91 10.03 8.56 7.49
C SER A 91 9.41 9.69 8.32
N PRO A 92 10.24 10.45 8.96
CA PRO A 92 9.78 11.56 9.82
C PRO A 92 9.17 12.71 9.01
N VAL A 93 8.45 13.58 9.70
CA VAL A 93 7.77 14.76 9.05
C VAL A 93 8.51 15.31 7.83
N PRO A 94 9.77 15.66 7.99
CA PRO A 94 10.54 16.23 6.85
C PRO A 94 10.53 15.28 5.65
N GLU A 95 10.57 14.00 5.89
CA GLU A 95 10.53 13.05 4.74
C GLU A 95 9.07 12.74 4.41
N ASP A 96 8.25 12.55 5.42
CA ASP A 96 6.81 12.27 5.19
C ASP A 96 6.61 11.01 4.33
N HIS A 97 7.63 10.21 4.20
CA HIS A 97 7.49 8.97 3.38
C HIS A 97 7.00 7.82 4.28
N ALA A 98 5.92 7.18 3.92
CA ALA A 98 5.40 6.07 4.76
C ALA A 98 5.56 4.74 4.02
N TYR A 99 5.49 3.64 4.73
CA TYR A 99 5.65 2.32 4.06
C TYR A 99 4.60 1.33 4.60
N ILE A 100 3.99 0.57 3.73
CA ILE A 100 2.97 -0.42 4.19
C ILE A 100 3.21 -1.78 3.53
N ARG A 101 2.55 -2.80 4.00
CA ARG A 101 2.75 -4.16 3.38
C ARG A 101 1.55 -5.06 3.67
N PHE A 102 1.14 -5.85 2.71
CA PHE A 102 -0.01 -6.76 2.93
C PHE A 102 0.23 -8.07 2.17
N PRO A 103 -0.30 -9.14 2.72
CA PRO A 103 -0.14 -10.47 2.09
C PRO A 103 -0.98 -10.59 0.82
N VAL A 104 -0.56 -11.41 -0.11
CA VAL A 104 -1.33 -11.59 -1.37
C VAL A 104 -1.25 -13.03 -1.84
N SER A 105 -2.18 -13.86 -1.44
CA SER A 105 -2.15 -15.28 -1.86
C SER A 105 -3.00 -15.50 -3.11
N ASP A 106 -2.95 -16.68 -3.66
CA ASP A 106 -3.76 -16.97 -4.88
C ASP A 106 -3.31 -16.10 -6.07
N GLY A 107 -2.10 -15.64 -6.05
CA GLY A 107 -1.61 -14.79 -7.17
C GLY A 107 -2.44 -13.51 -7.26
N THR A 108 -2.97 -13.06 -6.15
CA THR A 108 -3.81 -11.82 -6.15
C THR A 108 -3.25 -10.77 -7.11
N GLN A 109 -3.96 -10.50 -8.18
CA GLN A 109 -3.46 -9.48 -9.16
C GLN A 109 -4.43 -8.29 -9.21
N GLU A 110 -5.42 -8.27 -8.37
CA GLU A 110 -6.38 -7.13 -8.37
C GLU A 110 -7.05 -6.99 -7.00
N LEU A 111 -6.96 -5.83 -6.40
CA LEU A 111 -7.59 -5.64 -5.06
C LEU A 111 -8.28 -4.28 -4.98
N LYS A 112 -9.24 -4.15 -4.12
CA LYS A 112 -9.96 -2.85 -3.99
C LYS A 112 -9.46 -2.10 -2.75
N ILE A 113 -8.66 -1.09 -2.93
CA ILE A 113 -8.13 -0.33 -1.76
C ILE A 113 -9.21 0.62 -1.21
N VAL A 114 -9.35 0.68 0.09
CA VAL A 114 -10.37 1.58 0.69
C VAL A 114 -9.69 2.56 1.67
N SER A 115 -9.70 3.82 1.36
CA SER A 115 -9.06 4.80 2.29
C SER A 115 -9.58 6.22 2.04
N SER A 116 -9.13 7.17 2.80
CA SER A 116 -9.60 8.57 2.61
C SER A 116 -8.46 9.55 2.90
N THR A 117 -8.10 10.35 1.93
CA THR A 117 -6.99 11.33 2.14
C THR A 117 -7.50 12.76 1.97
N GLN A 118 -6.87 13.70 2.64
CA GLN A 118 -7.32 15.12 2.52
C GLN A 118 -6.10 16.05 2.47
N ILE A 119 -6.07 16.96 1.54
CA ILE A 119 -4.91 17.90 1.44
C ILE A 119 -5.35 19.32 1.77
N ASP A 120 -6.43 19.47 2.47
CA ASP A 120 -6.90 20.85 2.83
C ASP A 120 -7.06 21.70 1.57
N ASP A 121 -7.48 21.10 0.48
CA ASP A 121 -7.66 21.89 -0.77
C ASP A 121 -9.14 22.16 -1.02
N GLY A 122 -9.94 21.12 -1.16
CA GLY A 122 -11.39 21.33 -1.39
C GLY A 122 -12.17 20.16 -0.79
N GLU A 123 -12.87 19.42 -1.60
CA GLU A 123 -13.64 18.26 -1.07
C GLU A 123 -12.69 17.15 -0.64
N GLU A 124 -12.95 16.55 0.50
CA GLU A 124 -12.05 15.46 0.98
C GLU A 124 -12.01 14.32 -0.04
N THR A 125 -10.85 13.78 -0.29
CA THR A 125 -10.74 12.66 -1.27
C THR A 125 -11.09 11.33 -0.59
N ASN A 126 -12.23 10.79 -0.88
CA ASN A 126 -12.64 9.50 -0.25
C ASN A 126 -12.64 8.37 -1.28
N TYR A 127 -11.65 7.54 -1.28
CA TYR A 127 -11.60 6.43 -2.26
C TYR A 127 -12.53 5.29 -1.80
N ASP A 128 -13.80 5.44 -2.05
CA ASP A 128 -14.77 4.38 -1.63
C ASP A 128 -14.45 3.07 -2.35
N TYR A 129 -13.82 3.12 -3.48
CA TYR A 129 -13.49 1.87 -4.22
C TYR A 129 -12.36 2.12 -5.23
N THR A 130 -11.20 1.60 -4.97
CA THR A 130 -10.07 1.80 -5.93
C THR A 130 -9.60 0.45 -6.48
N LYS A 131 -9.88 0.18 -7.73
CA LYS A 131 -9.46 -1.12 -8.33
C LYS A 131 -8.01 -1.06 -8.77
N LEU A 132 -7.11 -1.57 -7.95
CA LEU A 132 -5.66 -1.56 -8.33
C LEU A 132 -5.25 -2.93 -8.86
N VAL A 133 -5.15 -3.07 -10.16
CA VAL A 133 -4.76 -4.39 -10.73
C VAL A 133 -3.23 -4.48 -10.85
N PHE A 134 -2.61 -5.33 -10.08
CA PHE A 134 -1.13 -5.47 -10.16
C PHE A 134 -0.72 -5.75 -11.60
N ALA A 135 0.54 -5.61 -11.90
CA ALA A 135 1.01 -5.89 -13.29
C ALA A 135 1.07 -7.41 -13.49
N LYS A 136 1.25 -8.13 -12.42
CA LYS A 136 1.31 -9.62 -12.51
C LYS A 136 0.76 -10.23 -11.22
N PRO A 137 0.44 -11.49 -11.30
CA PRO A 137 -0.11 -12.20 -10.11
C PRO A 137 0.99 -12.44 -9.07
N ILE A 138 0.72 -12.11 -7.83
CA ILE A 138 1.74 -12.33 -6.77
C ILE A 138 1.57 -13.71 -6.13
N TYR A 139 2.41 -14.64 -6.49
CA TYR A 139 2.29 -16.01 -5.91
C TYR A 139 3.37 -16.23 -4.85
N ASN A 140 2.99 -16.68 -3.68
CA ASN A 140 4.00 -16.92 -2.60
C ASN A 140 5.06 -17.92 -3.07
N ASP A 141 6.04 -18.17 -2.26
CA ASP A 141 7.11 -19.13 -2.64
C ASP A 141 7.05 -20.37 -1.74
N PRO A 142 6.23 -21.30 -2.13
CA PRO A 142 6.06 -22.55 -1.36
C PRO A 142 7.28 -23.47 -1.52
N SER A 143 8.16 -23.16 -2.44
CA SER A 143 9.36 -24.02 -2.64
C SER A 143 10.61 -23.15 -2.79
N LEU A 144 10.65 -22.04 -2.11
CA LEU A 144 11.84 -21.15 -2.22
C LEU A 144 13.12 -21.95 -1.97
N ALA A 1 -8.48 -4.22 14.84
CA ALA A 1 -6.99 -4.31 14.91
C ALA A 1 -6.35 -3.16 14.13
N ASP A 2 -6.51 -3.14 12.84
CA ASP A 2 -5.92 -2.05 12.03
C ASP A 2 -6.30 -0.68 12.61
N GLU A 3 -5.63 0.36 12.18
CA GLU A 3 -5.96 1.71 12.71
C GLU A 3 -5.85 2.76 11.58
N SER A 4 -5.52 3.97 11.92
CA SER A 4 -5.40 5.03 10.88
C SER A 4 -3.94 5.19 10.45
N LEU A 5 -3.68 5.15 9.17
CA LEU A 5 -2.27 5.30 8.69
C LEU A 5 -1.65 6.58 9.26
N LYS A 6 -2.46 7.57 9.55
CA LYS A 6 -1.92 8.84 10.10
C LYS A 6 -1.46 8.64 11.55
N ASP A 7 -2.16 7.82 12.30
CA ASP A 7 -1.76 7.59 13.71
C ASP A 7 -0.69 6.50 13.78
N ALA A 8 -0.59 5.68 12.77
CA ALA A 8 0.43 4.60 12.79
C ALA A 8 1.80 5.16 12.39
N ILE A 9 1.82 6.29 11.72
CA ILE A 9 3.12 6.88 11.30
C ILE A 9 3.65 7.82 12.38
N LYS A 10 3.66 7.39 13.61
CA LYS A 10 4.17 8.28 14.71
C LYS A 10 4.87 7.44 15.77
N ASP A 11 5.37 6.29 15.41
CA ASP A 11 6.07 5.43 16.40
C ASP A 11 7.59 5.55 16.22
N PRO A 12 8.29 5.23 17.28
CA PRO A 12 9.77 5.28 17.24
C PRO A 12 10.35 4.12 16.42
N ALA A 13 9.57 3.08 16.25
CA ALA A 13 10.07 1.92 15.46
C ALA A 13 9.70 2.08 13.99
N LEU A 14 8.65 2.79 13.70
CA LEU A 14 8.23 2.97 12.28
C LEU A 14 8.72 4.32 11.75
N GLU A 15 9.79 4.84 12.29
CA GLU A 15 10.30 6.15 11.80
C GLU A 15 11.36 5.94 10.72
N ASN A 16 12.01 4.81 10.74
CA ASN A 16 13.07 4.54 9.71
C ASN A 16 13.59 3.11 9.87
N LYS A 17 12.71 2.14 9.86
CA LYS A 17 13.16 0.73 10.01
C LYS A 17 13.77 0.21 8.70
N GLU A 18 14.68 -0.72 8.80
CA GLU A 18 15.32 -1.26 7.56
C GLU A 18 14.38 -2.29 6.89
N HIS A 19 13.32 -1.82 6.29
CA HIS A 19 12.37 -2.75 5.61
C HIS A 19 12.94 -3.21 4.26
N ASP A 20 14.08 -3.84 4.27
CA ASP A 20 14.68 -4.31 2.98
C ASP A 20 15.83 -5.28 3.25
N ILE A 21 15.53 -6.38 3.90
CA ILE A 21 16.61 -7.38 4.18
C ILE A 21 16.14 -8.79 3.80
N GLY A 22 16.73 -9.37 2.81
CA GLY A 22 16.33 -10.74 2.39
C GLY A 22 15.93 -10.72 0.91
N PRO A 23 15.07 -11.64 0.55
CA PRO A 23 14.60 -11.73 -0.85
C PRO A 23 13.64 -10.58 -1.16
N ARG A 24 13.40 -10.32 -2.41
CA ARG A 24 12.47 -9.20 -2.77
C ARG A 24 12.39 -9.03 -4.28
N GLU A 25 11.31 -8.48 -4.78
CA GLU A 25 11.18 -8.29 -6.25
C GLU A 25 10.49 -6.95 -6.54
N GLN A 26 10.23 -6.66 -7.78
CA GLN A 26 9.56 -5.37 -8.12
C GLN A 26 8.32 -5.64 -8.98
N VAL A 27 7.20 -5.03 -8.65
CA VAL A 27 5.97 -5.24 -9.45
C VAL A 27 5.25 -3.92 -9.69
N ASN A 28 4.66 -3.76 -10.85
CA ASN A 28 3.92 -2.50 -11.15
C ASN A 28 2.44 -2.65 -10.78
N PHE A 29 1.77 -1.56 -10.53
CA PHE A 29 0.33 -1.65 -10.17
C PHE A 29 -0.51 -0.73 -11.05
N GLN A 30 -1.65 -1.18 -11.49
CA GLN A 30 -2.51 -0.32 -12.34
C GLN A 30 -3.60 0.36 -11.50
N LEU A 31 -3.54 1.66 -11.38
CA LEU A 31 -4.57 2.37 -10.57
C LEU A 31 -5.81 2.65 -11.42
N LEU A 32 -6.93 2.10 -11.06
CA LEU A 32 -8.18 2.34 -11.85
C LEU A 32 -9.34 2.71 -10.93
N ASP A 33 -9.95 3.84 -11.15
CA ASP A 33 -11.09 4.25 -10.28
C ASP A 33 -12.34 3.43 -10.63
N LYS A 34 -13.50 4.01 -10.51
CA LYS A 34 -14.74 3.25 -10.83
C LYS A 34 -15.14 3.49 -12.30
N ASN A 35 -14.17 3.64 -13.17
CA ASN A 35 -14.50 3.85 -14.61
C ASN A 35 -13.33 3.40 -15.49
N ASN A 36 -12.52 2.50 -15.00
CA ASN A 36 -11.37 2.02 -15.81
C ASN A 36 -10.58 3.20 -16.36
N GLU A 37 -10.33 4.19 -15.54
CA GLU A 37 -9.56 5.38 -16.03
C GLU A 37 -8.17 5.41 -15.38
N THR A 38 -7.15 5.13 -16.13
CA THR A 38 -5.77 5.15 -15.56
C THR A 38 -5.37 6.58 -15.20
N GLN A 39 -4.70 6.76 -14.09
CA GLN A 39 -4.29 8.13 -13.68
C GLN A 39 -2.80 8.33 -13.96
N TYR A 40 -2.44 8.54 -15.21
CA TYR A 40 -1.00 8.75 -15.53
C TYR A 40 -0.67 10.25 -15.54
N TYR A 41 -1.66 11.09 -15.67
CA TYR A 41 -1.40 12.55 -15.68
C TYR A 41 -1.70 13.14 -14.30
N HIS A 42 -2.69 12.63 -13.63
CA HIS A 42 -3.03 13.15 -12.28
C HIS A 42 -2.37 12.29 -11.20
N PHE A 43 -1.30 12.77 -10.63
CA PHE A 43 -0.61 11.98 -9.57
C PHE A 43 -1.15 12.34 -8.18
N PHE A 44 -1.65 11.39 -7.45
CA PHE A 44 -2.19 11.68 -6.09
C PHE A 44 -1.11 11.41 -5.03
N SER A 45 -0.78 10.16 -4.83
CA SER A 45 0.25 9.82 -3.82
C SER A 45 1.21 8.76 -4.39
N ILE A 46 1.67 7.85 -3.59
CA ILE A 46 2.60 6.80 -4.10
C ILE A 46 3.75 7.46 -4.87
N LYS A 47 4.62 6.66 -5.42
CA LYS A 47 5.77 7.23 -6.19
C LYS A 47 6.59 6.11 -6.82
N ASP A 48 6.76 5.01 -6.14
CA ASP A 48 7.55 3.89 -6.72
C ASP A 48 6.62 2.70 -7.04
N PRO A 49 7.18 1.74 -7.73
CA PRO A 49 6.41 0.53 -8.11
C PRO A 49 6.16 -0.36 -6.89
N ALA A 50 5.18 -1.21 -6.96
CA ALA A 50 4.88 -2.11 -5.81
C ALA A 50 6.05 -3.06 -5.57
N ASP A 51 6.35 -3.34 -4.32
CA ASP A 51 7.48 -4.26 -4.02
C ASP A 51 6.94 -5.64 -3.63
N VAL A 52 7.80 -6.62 -3.54
CA VAL A 52 7.34 -7.99 -3.16
C VAL A 52 8.26 -8.59 -2.09
N TYR A 53 7.71 -9.15 -1.06
CA TYR A 53 8.55 -9.76 0.01
C TYR A 53 8.17 -11.24 0.21
N TYR A 54 8.80 -12.12 -0.49
CA TYR A 54 8.48 -13.56 -0.35
C TYR A 54 9.11 -14.13 0.92
N THR A 55 8.31 -14.43 1.91
CA THR A 55 8.87 -14.99 3.18
C THR A 55 8.56 -16.49 3.26
N LYS A 56 8.76 -17.08 4.41
CA LYS A 56 8.45 -18.53 4.57
C LYS A 56 6.95 -18.75 4.67
N LYS A 57 6.20 -17.73 5.00
CA LYS A 57 4.74 -17.89 5.12
C LYS A 57 4.06 -17.61 3.77
N LYS A 58 3.87 -16.37 3.43
CA LYS A 58 3.21 -16.04 2.14
C LYS A 58 3.86 -14.80 1.52
N ALA A 59 3.62 -14.55 0.25
CA ALA A 59 4.23 -13.35 -0.39
C ALA A 59 3.70 -12.08 0.28
N GLU A 60 4.46 -11.01 0.23
CA GLU A 60 3.99 -9.75 0.87
C GLU A 60 4.33 -8.54 -0.01
N VAL A 61 3.33 -7.88 -0.52
CA VAL A 61 3.60 -6.69 -1.39
C VAL A 61 3.68 -5.42 -0.52
N GLU A 62 4.45 -4.45 -0.94
CA GLU A 62 4.57 -3.20 -0.13
C GLU A 62 4.44 -1.97 -1.02
N LEU A 63 3.93 -0.90 -0.50
CA LEU A 63 3.78 0.34 -1.31
C LEU A 63 4.32 1.55 -0.55
N ASP A 64 4.53 2.65 -1.21
CA ASP A 64 5.06 3.85 -0.51
C ASP A 64 4.05 5.00 -0.58
N ILE A 65 4.21 5.99 0.26
CA ILE A 65 3.26 7.14 0.25
C ILE A 65 3.99 8.42 0.65
N ASN A 66 4.28 9.28 -0.29
CA ASN A 66 5.00 10.55 0.03
C ASN A 66 4.23 11.35 1.08
N THR A 67 3.01 11.71 0.79
CA THR A 67 2.22 12.50 1.78
C THR A 67 1.48 11.57 2.74
N ALA A 68 2.20 10.76 3.46
CA ALA A 68 1.55 9.83 4.42
C ALA A 68 0.70 10.62 5.43
N SER A 69 0.99 11.87 5.61
CA SER A 69 0.20 12.69 6.58
C SER A 69 -1.17 13.04 6.00
N THR A 70 -1.31 12.98 4.71
CA THR A 70 -2.63 13.31 4.09
C THR A 70 -3.57 12.09 4.14
N TRP A 71 -3.02 10.92 4.34
CA TRP A 71 -3.89 9.70 4.40
C TRP A 71 -4.62 9.64 5.75
N LYS A 72 -5.40 8.62 5.96
CA LYS A 72 -6.15 8.50 7.24
C LYS A 72 -6.42 7.02 7.56
N LYS A 73 -6.95 6.29 6.61
CA LYS A 73 -7.24 4.85 6.86
C LYS A 73 -6.83 4.02 5.65
N PHE A 74 -7.08 2.74 5.68
CA PHE A 74 -6.70 1.88 4.53
C PHE A 74 -7.18 0.44 4.75
N GLU A 75 -8.16 0.00 4.01
CA GLU A 75 -8.65 -1.38 4.17
C GLU A 75 -8.80 -2.06 2.81
N VAL A 76 -7.73 -2.56 2.27
CA VAL A 76 -7.79 -3.22 0.93
C VAL A 76 -8.57 -4.53 1.03
N TYR A 77 -9.21 -4.94 -0.04
CA TYR A 77 -10.00 -6.21 -0.01
C TYR A 77 -9.91 -6.90 -1.37
N GLU A 78 -9.93 -8.20 -1.39
CA GLU A 78 -9.85 -8.93 -2.68
C GLU A 78 -10.71 -10.21 -2.63
N ASN A 79 -11.35 -10.54 -3.72
CA ASN A 79 -12.20 -11.76 -3.76
C ASN A 79 -13.38 -11.63 -2.78
N ASN A 80 -13.13 -11.78 -1.51
CA ASN A 80 -14.23 -11.67 -0.52
C ASN A 80 -13.67 -11.54 0.90
N GLN A 81 -12.63 -10.78 1.07
CA GLN A 81 -12.03 -10.62 2.43
C GLN A 81 -11.17 -9.35 2.48
N LYS A 82 -11.34 -8.56 3.50
CA LYS A 82 -10.52 -7.30 3.62
C LYS A 82 -9.20 -7.61 4.31
N LEU A 83 -8.10 -7.41 3.63
CA LEU A 83 -6.77 -7.69 4.25
C LEU A 83 -6.28 -6.46 5.03
N PRO A 84 -5.79 -6.69 6.21
CA PRO A 84 -5.29 -5.57 7.05
C PRO A 84 -3.93 -5.09 6.54
N VAL A 85 -3.82 -3.83 6.20
CA VAL A 85 -2.52 -3.31 5.69
C VAL A 85 -1.50 -3.24 6.85
N ARG A 86 -0.28 -3.57 6.59
CA ARG A 86 0.76 -3.52 7.66
C ARG A 86 1.83 -2.51 7.31
N LEU A 87 2.17 -1.64 8.23
CA LEU A 87 3.23 -0.63 7.95
C LEU A 87 4.59 -1.14 8.41
N VAL A 88 5.48 -1.39 7.49
CA VAL A 88 6.84 -1.89 7.88
C VAL A 88 7.68 -0.73 8.40
N SER A 89 7.52 0.44 7.85
CA SER A 89 8.31 1.61 8.32
C SER A 89 7.75 2.90 7.73
N TYR A 90 8.02 4.02 8.35
CA TYR A 90 7.49 5.31 7.81
C TYR A 90 8.46 6.45 8.11
N SER A 91 8.85 7.18 7.11
CA SER A 91 9.79 8.32 7.34
C SER A 91 9.05 9.43 8.08
N PRO A 92 9.78 10.16 8.88
CA PRO A 92 9.17 11.27 9.68
C PRO A 92 8.66 12.42 8.81
N VAL A 93 7.84 13.26 9.40
CA VAL A 93 7.24 14.44 8.68
C VAL A 93 8.18 15.05 7.62
N PRO A 94 9.37 15.41 8.02
CA PRO A 94 10.32 16.03 7.06
C PRO A 94 10.58 15.09 5.88
N GLU A 95 10.61 13.82 6.11
CA GLU A 95 10.81 12.87 4.98
C GLU A 95 9.45 12.54 4.36
N ASP A 96 8.42 12.54 5.17
CA ASP A 96 7.05 12.24 4.68
C ASP A 96 7.06 11.03 3.74
N HIS A 97 7.01 9.85 4.29
CA HIS A 97 7.00 8.62 3.45
C HIS A 97 6.54 7.42 4.28
N ALA A 98 5.47 6.80 3.90
CA ALA A 98 4.98 5.63 4.68
C ALA A 98 5.12 4.34 3.87
N TYR A 99 5.50 3.27 4.51
CA TYR A 99 5.66 1.98 3.77
C TYR A 99 4.67 0.95 4.30
N ILE A 100 3.65 0.66 3.55
CA ILE A 100 2.64 -0.34 3.99
C ILE A 100 2.72 -1.61 3.14
N ARG A 101 2.21 -2.70 3.64
CA ARG A 101 2.28 -3.97 2.85
C ARG A 101 1.14 -4.92 3.26
N PHE A 102 0.90 -5.95 2.51
CA PHE A 102 -0.18 -6.91 2.86
C PHE A 102 0.09 -8.27 2.20
N PRO A 103 -0.55 -9.28 2.72
CA PRO A 103 -0.38 -10.65 2.20
C PRO A 103 -1.09 -10.81 0.85
N VAL A 104 -0.69 -11.78 0.07
CA VAL A 104 -1.35 -11.99 -1.26
C VAL A 104 -1.50 -13.49 -1.52
N SER A 105 -2.66 -14.03 -1.30
CA SER A 105 -2.87 -15.50 -1.53
C SER A 105 -3.40 -15.76 -2.93
N ASP A 106 -3.12 -16.91 -3.47
CA ASP A 106 -3.62 -17.27 -4.83
C ASP A 106 -3.02 -16.35 -5.90
N GLY A 107 -1.87 -15.78 -5.67
CA GLY A 107 -1.26 -14.90 -6.71
C GLY A 107 -2.11 -13.63 -6.86
N THR A 108 -2.76 -13.22 -5.79
CA THR A 108 -3.63 -12.00 -5.84
C THR A 108 -3.06 -10.93 -6.78
N GLN A 109 -3.79 -10.57 -7.79
CA GLN A 109 -3.30 -9.54 -8.75
C GLN A 109 -4.24 -8.33 -8.77
N GLU A 110 -5.38 -8.43 -8.15
CA GLU A 110 -6.34 -7.28 -8.15
C GLU A 110 -6.99 -7.15 -6.77
N LEU A 111 -6.91 -5.99 -6.18
CA LEU A 111 -7.53 -5.81 -4.82
C LEU A 111 -8.20 -4.43 -4.74
N LYS A 112 -9.29 -4.34 -4.03
CA LYS A 112 -9.99 -3.03 -3.90
C LYS A 112 -9.44 -2.26 -2.68
N ILE A 113 -8.71 -1.21 -2.92
CA ILE A 113 -8.15 -0.42 -1.78
C ILE A 113 -9.22 0.51 -1.18
N VAL A 114 -9.33 0.54 0.11
CA VAL A 114 -10.33 1.44 0.75
C VAL A 114 -9.64 2.46 1.64
N SER A 115 -9.69 3.71 1.30
CA SER A 115 -9.02 4.75 2.13
C SER A 115 -9.58 6.14 1.82
N SER A 116 -9.10 7.14 2.51
CA SER A 116 -9.60 8.52 2.27
C SER A 116 -8.59 9.54 2.81
N THR A 117 -7.91 10.24 1.94
CA THR A 117 -6.91 11.24 2.42
C THR A 117 -7.56 12.61 2.59
N GLN A 118 -7.10 13.38 3.54
CA GLN A 118 -7.68 14.73 3.76
C GLN A 118 -6.57 15.79 3.81
N ILE A 119 -6.22 16.35 2.69
CA ILE A 119 -5.14 17.38 2.66
C ILE A 119 -5.56 18.61 3.46
N ASP A 120 -6.81 18.73 3.80
CA ASP A 120 -7.27 19.92 4.57
C ASP A 120 -7.08 21.20 3.74
N ASP A 121 -7.41 21.15 2.48
CA ASP A 121 -7.25 22.35 1.61
C ASP A 121 -8.46 22.51 0.69
N GLY A 122 -8.78 21.47 -0.05
CA GLY A 122 -9.95 21.56 -0.97
C GLY A 122 -10.90 20.40 -0.68
N GLU A 123 -11.38 19.75 -1.70
CA GLU A 123 -12.32 18.60 -1.49
C GLU A 123 -11.56 17.42 -0.89
N GLU A 124 -12.18 16.69 0.00
CA GLU A 124 -11.50 15.51 0.62
C GLU A 124 -11.44 14.35 -0.38
N THR A 125 -10.28 13.80 -0.59
CA THR A 125 -10.16 12.66 -1.55
C THR A 125 -10.56 11.35 -0.86
N ASN A 126 -11.81 10.99 -0.95
CA ASN A 126 -12.27 9.73 -0.30
C ASN A 126 -12.22 8.57 -1.30
N TYR A 127 -11.27 7.69 -1.14
CA TYR A 127 -11.17 6.54 -2.09
C TYR A 127 -12.12 5.42 -1.65
N ASP A 128 -13.40 5.63 -1.78
CA ASP A 128 -14.37 4.59 -1.38
C ASP A 128 -14.05 3.25 -2.05
N TYR A 129 -13.89 3.26 -3.35
CA TYR A 129 -13.58 1.98 -4.06
C TYR A 129 -12.41 2.17 -5.02
N THR A 130 -11.26 1.63 -4.71
CA THR A 130 -10.08 1.79 -5.61
C THR A 130 -9.65 0.42 -6.15
N LYS A 131 -9.79 0.21 -7.43
CA LYS A 131 -9.40 -1.12 -8.02
C LYS A 131 -7.94 -1.09 -8.46
N LEU A 132 -7.04 -1.58 -7.63
CA LEU A 132 -5.60 -1.61 -8.01
C LEU A 132 -5.24 -2.97 -8.58
N VAL A 133 -4.99 -3.04 -9.86
CA VAL A 133 -4.63 -4.35 -10.48
C VAL A 133 -3.11 -4.47 -10.65
N PHE A 134 -2.49 -5.30 -9.84
CA PHE A 134 -1.02 -5.48 -9.96
C PHE A 134 -0.63 -5.74 -11.41
N ALA A 135 0.64 -5.68 -11.72
CA ALA A 135 1.08 -5.95 -13.12
C ALA A 135 1.20 -7.47 -13.31
N LYS A 136 1.42 -8.18 -12.24
CA LYS A 136 1.53 -9.66 -12.33
C LYS A 136 0.99 -10.31 -11.05
N PRO A 137 0.73 -11.58 -11.12
CA PRO A 137 0.19 -12.32 -9.95
C PRO A 137 1.27 -12.49 -8.88
N ILE A 138 0.99 -12.09 -7.67
CA ILE A 138 2.00 -12.24 -6.58
C ILE A 138 1.90 -13.63 -5.94
N TYR A 139 2.62 -14.58 -6.48
CA TYR A 139 2.56 -15.95 -5.90
C TYR A 139 3.72 -16.17 -4.93
N ASN A 140 3.50 -16.88 -3.87
CA ASN A 140 4.59 -17.14 -2.88
C ASN A 140 5.81 -17.74 -3.59
N ASP A 141 6.95 -17.69 -2.97
CA ASP A 141 8.18 -18.26 -3.60
C ASP A 141 8.69 -19.43 -2.77
N PRO A 142 8.21 -20.60 -3.10
CA PRO A 142 8.63 -21.84 -2.39
C PRO A 142 10.07 -22.21 -2.74
N SER A 143 10.58 -21.70 -3.83
CA SER A 143 11.98 -22.02 -4.22
C SER A 143 12.55 -20.92 -5.11
N LEU A 144 12.15 -19.70 -4.90
CA LEU A 144 12.66 -18.58 -5.73
C LEU A 144 12.49 -18.91 -7.22
N ALA A 1 -8.33 -6.64 12.68
CA ALA A 1 -8.62 -5.20 12.96
C ALA A 1 -7.76 -4.29 12.07
N ASP A 2 -7.82 -3.01 12.29
CA ASP A 2 -7.01 -2.08 11.45
C ASP A 2 -6.77 -0.76 12.21
N GLU A 3 -5.73 -0.05 11.86
CA GLU A 3 -5.44 1.23 12.56
C GLU A 3 -5.57 2.41 11.59
N SER A 4 -4.84 3.47 11.82
CA SER A 4 -4.92 4.64 10.91
C SER A 4 -3.51 5.12 10.55
N LEU A 5 -3.21 5.20 9.28
CA LEU A 5 -1.85 5.67 8.86
C LEU A 5 -1.49 6.96 9.58
N LYS A 6 -2.47 7.73 10.00
CA LYS A 6 -2.16 9.01 10.70
C LYS A 6 -1.82 8.74 12.17
N ASP A 7 -2.26 7.63 12.71
CA ASP A 7 -1.95 7.32 14.13
C ASP A 7 -0.99 6.14 14.22
N ALA A 8 -0.36 5.77 13.14
CA ALA A 8 0.59 4.62 13.18
C ALA A 8 1.99 5.09 12.77
N ILE A 9 2.07 6.00 11.85
CA ILE A 9 3.40 6.51 11.40
C ILE A 9 4.22 6.99 12.60
N LYS A 10 3.56 7.38 13.66
CA LYS A 10 4.31 7.86 14.86
C LYS A 10 4.72 6.68 15.75
N ASP A 11 5.84 6.09 15.47
CA ASP A 11 6.30 4.93 16.31
C ASP A 11 7.82 4.78 16.21
N PRO A 12 8.41 4.37 17.30
CA PRO A 12 9.88 4.18 17.34
C PRO A 12 10.29 2.92 16.59
N ALA A 13 9.41 1.96 16.51
CA ALA A 13 9.75 0.69 15.78
C ALA A 13 9.52 0.85 14.28
N LEU A 14 9.09 2.00 13.83
CA LEU A 14 8.85 2.19 12.37
C LEU A 14 9.68 3.37 11.86
N GLU A 15 9.83 4.40 12.65
CA GLU A 15 10.63 5.58 12.20
C GLU A 15 11.99 5.12 11.68
N ASN A 16 12.14 5.01 10.39
CA ASN A 16 13.45 4.57 9.82
C ASN A 16 13.78 3.16 10.30
N LYS A 17 13.28 2.15 9.63
CA LYS A 17 13.58 0.75 10.05
C LYS A 17 14.14 -0.04 8.87
N GLU A 18 15.09 -0.91 9.13
CA GLU A 18 15.69 -1.70 8.02
C GLU A 18 14.76 -2.86 7.65
N HIS A 19 13.77 -2.61 6.84
CA HIS A 19 12.83 -3.69 6.44
C HIS A 19 13.32 -4.34 5.14
N ASP A 20 14.60 -4.57 5.01
CA ASP A 20 15.13 -5.20 3.77
C ASP A 20 15.84 -6.51 4.11
N ILE A 21 15.50 -7.12 5.21
CA ILE A 21 16.15 -8.41 5.59
C ILE A 21 15.44 -9.58 4.90
N GLY A 22 15.80 -9.85 3.68
CA GLY A 22 15.15 -10.98 2.95
C GLY A 22 15.10 -10.66 1.45
N PRO A 23 14.42 -11.50 0.72
CA PRO A 23 14.28 -11.31 -0.74
C PRO A 23 13.34 -10.15 -1.04
N ARG A 24 13.18 -9.80 -2.29
CA ARG A 24 12.27 -8.68 -2.65
C ARG A 24 12.20 -8.52 -4.17
N GLU A 25 11.12 -7.98 -4.66
CA GLU A 25 10.98 -7.79 -6.13
C GLU A 25 10.27 -6.48 -6.44
N GLN A 26 10.14 -6.13 -7.69
CA GLN A 26 9.46 -4.86 -8.05
C GLN A 26 8.20 -5.15 -8.88
N VAL A 27 7.07 -4.62 -8.49
CA VAL A 27 5.82 -4.88 -9.26
C VAL A 27 5.07 -3.57 -9.52
N ASN A 28 4.53 -3.42 -10.69
CA ASN A 28 3.78 -2.16 -11.00
C ASN A 28 2.32 -2.32 -10.60
N PHE A 29 1.57 -1.25 -10.54
CA PHE A 29 0.14 -1.36 -10.16
C PHE A 29 -0.71 -0.44 -11.02
N GLN A 30 -1.87 -0.90 -11.43
CA GLN A 30 -2.75 -0.05 -12.28
C GLN A 30 -3.82 0.62 -11.41
N LEU A 31 -3.77 1.91 -11.28
CA LEU A 31 -4.79 2.62 -10.44
C LEU A 31 -6.04 2.89 -11.28
N LEU A 32 -7.16 2.35 -10.88
CA LEU A 32 -8.41 2.58 -11.66
C LEU A 32 -9.57 2.90 -10.70
N ASP A 33 -10.09 4.09 -10.76
CA ASP A 33 -11.22 4.46 -9.87
C ASP A 33 -12.48 3.67 -10.25
N LYS A 34 -13.64 4.23 -10.06
CA LYS A 34 -14.89 3.50 -10.40
C LYS A 34 -15.31 3.84 -11.83
N ASN A 35 -14.37 3.93 -12.74
CA ASN A 35 -14.72 4.26 -14.15
C ASN A 35 -13.60 3.82 -15.09
N ASN A 36 -12.82 2.86 -14.68
CA ASN A 36 -11.70 2.40 -15.56
C ASN A 36 -10.87 3.59 -16.05
N GLU A 37 -10.49 4.47 -15.16
CA GLU A 37 -9.69 5.65 -15.58
C GLU A 37 -8.41 5.73 -14.76
N THR A 38 -7.27 5.62 -15.40
CA THR A 38 -5.98 5.69 -14.64
C THR A 38 -5.50 7.14 -14.55
N GLN A 39 -5.07 7.57 -13.40
CA GLN A 39 -4.59 8.97 -13.24
C GLN A 39 -3.28 9.16 -14.01
N TYR A 40 -3.20 10.20 -14.82
CA TYR A 40 -1.96 10.45 -15.60
C TYR A 40 -1.28 11.73 -15.12
N TYR A 41 -2.05 12.75 -14.84
CA TYR A 41 -1.45 14.03 -14.37
C TYR A 41 -1.84 14.28 -12.91
N HIS A 42 -2.91 13.70 -12.46
CA HIS A 42 -3.34 13.90 -11.04
C HIS A 42 -2.25 13.41 -10.09
N PHE A 43 -1.58 14.29 -9.41
CA PHE A 43 -0.52 13.85 -8.46
C PHE A 43 -1.10 12.94 -7.38
N PHE A 44 -0.45 11.84 -7.11
CA PHE A 44 -0.97 10.91 -6.07
C PHE A 44 0.07 10.74 -4.96
N SER A 45 -0.21 9.92 -3.98
CA SER A 45 0.76 9.72 -2.86
C SER A 45 1.82 8.69 -3.28
N ILE A 46 1.40 7.55 -3.74
CA ILE A 46 2.38 6.51 -4.18
C ILE A 46 3.40 7.13 -5.14
N LYS A 47 4.52 6.49 -5.33
CA LYS A 47 5.54 7.04 -6.27
C LYS A 47 6.35 5.91 -6.91
N ASP A 48 6.81 4.97 -6.13
CA ASP A 48 7.62 3.85 -6.69
C ASP A 48 6.72 2.64 -6.97
N PRO A 49 7.28 1.68 -7.63
CA PRO A 49 6.54 0.45 -7.99
C PRO A 49 6.34 -0.42 -6.74
N ALA A 50 5.19 -1.03 -6.61
CA ALA A 50 4.94 -1.89 -5.42
C ALA A 50 5.94 -3.05 -5.39
N ASP A 51 6.67 -3.18 -4.32
CA ASP A 51 7.66 -4.30 -4.22
C ASP A 51 6.99 -5.54 -3.63
N VAL A 52 7.67 -6.66 -3.67
CA VAL A 52 7.07 -7.91 -3.11
C VAL A 52 8.08 -8.64 -2.22
N TYR A 53 7.89 -8.61 -0.93
CA TYR A 53 8.84 -9.32 -0.03
C TYR A 53 8.38 -10.76 0.21
N TYR A 54 8.78 -11.66 -0.65
CA TYR A 54 8.35 -13.08 -0.49
C TYR A 54 8.91 -13.67 0.81
N THR A 55 8.05 -14.18 1.65
CA THR A 55 8.54 -14.77 2.94
C THR A 55 8.34 -16.29 2.93
N LYS A 56 8.37 -16.90 4.08
CA LYS A 56 8.19 -18.38 4.14
C LYS A 56 6.70 -18.72 4.23
N LYS A 57 5.88 -17.78 4.64
CA LYS A 57 4.42 -18.04 4.75
C LYS A 57 3.71 -17.61 3.46
N LYS A 58 3.66 -16.34 3.21
CA LYS A 58 2.98 -15.85 1.98
C LYS A 58 3.72 -14.64 1.39
N ALA A 59 3.43 -14.29 0.18
CA ALA A 59 4.13 -13.12 -0.44
C ALA A 59 3.69 -11.82 0.26
N GLU A 60 4.55 -10.85 0.33
CA GLU A 60 4.18 -9.58 1.01
C GLU A 60 4.48 -8.38 0.09
N VAL A 61 3.46 -7.81 -0.50
CA VAL A 61 3.68 -6.65 -1.40
C VAL A 61 3.80 -5.36 -0.56
N GLU A 62 4.62 -4.44 -0.98
CA GLU A 62 4.78 -3.18 -0.21
C GLU A 62 4.62 -1.96 -1.13
N LEU A 63 4.10 -0.88 -0.61
CA LEU A 63 3.93 0.34 -1.44
C LEU A 63 4.61 1.54 -0.77
N ASP A 64 5.15 2.44 -1.56
CA ASP A 64 5.84 3.62 -0.96
C ASP A 64 4.93 4.85 -1.02
N ILE A 65 4.49 5.34 0.10
CA ILE A 65 3.60 6.54 0.10
C ILE A 65 4.44 7.81 0.22
N ASN A 66 3.96 8.91 -0.31
CA ASN A 66 4.73 10.18 -0.23
C ASN A 66 3.98 11.22 0.60
N THR A 67 2.69 11.05 0.74
CA THR A 67 1.90 12.04 1.54
C THR A 67 1.29 11.36 2.76
N ALA A 68 2.09 10.71 3.56
CA ALA A 68 1.55 10.02 4.77
C ALA A 68 0.81 11.02 5.67
N SER A 69 1.06 12.29 5.50
CA SER A 69 0.36 13.30 6.34
C SER A 69 -1.11 13.45 5.92
N THR A 70 -1.53 12.76 4.90
CA THR A 70 -2.94 12.88 4.45
C THR A 70 -3.66 11.54 4.60
N TRP A 71 -2.94 10.46 4.70
CA TRP A 71 -3.59 9.13 4.85
C TRP A 71 -4.26 9.01 6.22
N LYS A 72 -5.54 8.73 6.25
CA LYS A 72 -6.24 8.59 7.55
C LYS A 72 -6.66 7.14 7.77
N LYS A 73 -6.92 6.42 6.72
CA LYS A 73 -7.34 4.99 6.86
C LYS A 73 -6.83 4.17 5.67
N PHE A 74 -6.98 2.88 5.71
CA PHE A 74 -6.51 2.03 4.58
C PHE A 74 -6.87 0.56 4.82
N GLU A 75 -7.90 0.09 4.18
CA GLU A 75 -8.29 -1.34 4.37
C GLU A 75 -8.64 -1.97 3.02
N VAL A 76 -7.65 -2.38 2.28
CA VAL A 76 -7.91 -3.00 0.95
C VAL A 76 -8.57 -4.37 1.11
N TYR A 77 -9.31 -4.79 0.13
CA TYR A 77 -9.98 -6.13 0.22
C TYR A 77 -10.03 -6.80 -1.15
N GLU A 78 -9.72 -8.06 -1.21
CA GLU A 78 -9.74 -8.77 -2.53
C GLU A 78 -10.57 -10.06 -2.41
N ASN A 79 -11.25 -10.43 -3.46
CA ASN A 79 -12.08 -11.68 -3.42
C ASN A 79 -13.26 -11.50 -2.46
N ASN A 80 -13.00 -11.41 -1.18
CA ASN A 80 -14.10 -11.23 -0.20
C ASN A 80 -13.54 -11.08 1.22
N GLN A 81 -12.43 -10.40 1.35
CA GLN A 81 -11.84 -10.21 2.71
C GLN A 81 -10.95 -8.97 2.73
N LYS A 82 -11.14 -8.11 3.70
CA LYS A 82 -10.31 -6.87 3.78
C LYS A 82 -9.00 -7.16 4.52
N LEU A 83 -7.89 -7.09 3.83
CA LEU A 83 -6.59 -7.37 4.49
C LEU A 83 -6.15 -6.16 5.34
N PRO A 84 -5.66 -6.45 6.52
CA PRO A 84 -5.21 -5.36 7.42
C PRO A 84 -3.84 -4.84 6.98
N VAL A 85 -3.80 -3.70 6.36
CA VAL A 85 -2.48 -3.14 5.92
C VAL A 85 -1.64 -2.78 7.14
N ARG A 86 -0.35 -2.97 7.06
CA ARG A 86 0.52 -2.64 8.22
C ARG A 86 1.64 -1.69 7.80
N LEU A 87 2.14 -0.90 8.71
CA LEU A 87 3.23 0.05 8.36
C LEU A 87 4.59 -0.53 8.75
N VAL A 88 5.22 -1.22 7.85
CA VAL A 88 6.55 -1.83 8.16
C VAL A 88 7.59 -0.73 8.43
N SER A 89 7.34 0.46 7.98
CA SER A 89 8.31 1.57 8.20
C SER A 89 7.70 2.90 7.77
N TYR A 90 8.17 3.99 8.33
CA TYR A 90 7.61 5.31 7.95
C TYR A 90 8.67 6.40 8.11
N SER A 91 8.92 7.16 7.07
CA SER A 91 9.92 8.25 7.17
C SER A 91 9.34 9.41 7.99
N PRO A 92 10.20 10.12 8.65
CA PRO A 92 9.76 11.25 9.52
C PRO A 92 9.19 12.43 8.73
N VAL A 93 8.52 13.31 9.43
CA VAL A 93 7.87 14.52 8.82
C VAL A 93 8.63 15.06 7.59
N PRO A 94 9.89 15.36 7.75
CA PRO A 94 10.67 15.91 6.60
C PRO A 94 10.65 14.94 5.42
N GLU A 95 10.63 13.66 5.68
CA GLU A 95 10.58 12.69 4.55
C GLU A 95 9.11 12.43 4.19
N ASP A 96 8.24 12.47 5.17
CA ASP A 96 6.79 12.23 4.92
C ASP A 96 6.57 11.05 3.98
N HIS A 97 7.18 9.93 4.28
CA HIS A 97 7.01 8.73 3.42
C HIS A 97 6.56 7.54 4.27
N ALA A 98 5.49 6.90 3.92
CA ALA A 98 5.00 5.74 4.72
C ALA A 98 5.17 4.44 3.94
N TYR A 99 5.73 3.43 4.56
CA TYR A 99 5.92 2.13 3.86
C TYR A 99 4.94 1.09 4.38
N ILE A 100 3.95 0.74 3.60
CA ILE A 100 2.97 -0.27 4.06
C ILE A 100 3.01 -1.51 3.16
N ARG A 101 2.55 -2.63 3.64
CA ARG A 101 2.57 -3.86 2.80
C ARG A 101 1.46 -4.82 3.22
N PHE A 102 1.07 -5.71 2.34
CA PHE A 102 0.00 -6.68 2.68
C PHE A 102 0.26 -8.03 2.00
N PRO A 103 -0.36 -9.05 2.52
CA PRO A 103 -0.20 -10.41 1.96
C PRO A 103 -0.93 -10.55 0.61
N VAL A 104 -0.66 -11.60 -0.11
CA VAL A 104 -1.34 -11.81 -1.42
C VAL A 104 -1.41 -13.31 -1.74
N SER A 105 -2.54 -13.92 -1.52
CA SER A 105 -2.66 -15.37 -1.81
C SER A 105 -3.21 -15.62 -3.21
N ASP A 106 -2.94 -16.77 -3.76
CA ASP A 106 -3.44 -17.10 -5.13
C ASP A 106 -2.79 -16.21 -6.19
N GLY A 107 -1.62 -15.69 -5.92
CA GLY A 107 -0.95 -14.83 -6.95
C GLY A 107 -1.82 -13.60 -7.22
N THR A 108 -2.57 -13.16 -6.24
CA THR A 108 -3.48 -11.98 -6.40
C THR A 108 -2.88 -10.94 -7.37
N GLN A 109 -3.64 -10.53 -8.35
CA GLN A 109 -3.13 -9.53 -9.32
C GLN A 109 -4.02 -8.28 -9.32
N GLU A 110 -4.85 -8.12 -8.33
CA GLU A 110 -5.75 -6.93 -8.28
C GLU A 110 -6.55 -6.93 -6.97
N LEU A 111 -6.59 -5.82 -6.28
CA LEU A 111 -7.36 -5.78 -5.00
C LEU A 111 -8.09 -4.44 -4.87
N LYS A 112 -9.11 -4.40 -4.05
CA LYS A 112 -9.87 -3.13 -3.88
C LYS A 112 -9.34 -2.36 -2.66
N ILE A 113 -8.54 -1.36 -2.89
CA ILE A 113 -7.99 -0.57 -1.74
C ILE A 113 -9.09 0.30 -1.12
N VAL A 114 -9.07 0.45 0.17
CA VAL A 114 -10.12 1.30 0.83
C VAL A 114 -9.45 2.32 1.75
N SER A 115 -9.56 3.59 1.45
CA SER A 115 -8.93 4.63 2.31
C SER A 115 -9.58 5.99 2.08
N SER A 116 -9.23 6.96 2.87
CA SER A 116 -9.83 8.32 2.71
C SER A 116 -8.81 9.38 3.13
N THR A 117 -8.21 10.06 2.19
CA THR A 117 -7.20 11.10 2.55
C THR A 117 -7.76 12.51 2.33
N GLN A 118 -7.00 13.51 2.64
CA GLN A 118 -7.47 14.91 2.45
C GLN A 118 -6.28 15.85 2.24
N ILE A 119 -6.39 16.76 1.32
CA ILE A 119 -5.25 17.70 1.08
C ILE A 119 -5.74 19.16 1.11
N ASP A 120 -6.90 19.39 1.62
CA ASP A 120 -7.43 20.80 1.67
C ASP A 120 -7.43 21.41 0.27
N ASP A 121 -7.41 20.60 -0.76
CA ASP A 121 -7.41 21.15 -2.14
C ASP A 121 -8.83 21.56 -2.54
N GLY A 122 -9.81 20.81 -2.16
CA GLY A 122 -11.22 21.16 -2.52
C GLY A 122 -12.18 20.33 -1.67
N GLU A 123 -12.25 19.05 -1.92
CA GLU A 123 -13.17 18.19 -1.13
C GLU A 123 -12.42 16.96 -0.61
N GLU A 124 -12.88 16.38 0.47
CA GLU A 124 -12.20 15.18 1.03
C GLU A 124 -12.19 14.05 0.00
N THR A 125 -11.03 13.52 -0.30
CA THR A 125 -10.96 12.41 -1.30
C THR A 125 -11.24 11.06 -0.63
N ASN A 126 -12.38 10.49 -0.89
CA ASN A 126 -12.71 9.18 -0.25
C ASN A 126 -12.60 8.05 -1.28
N TYR A 127 -11.83 7.05 -1.00
CA TYR A 127 -11.68 5.92 -1.98
C TYR A 127 -12.62 4.77 -1.60
N ASP A 128 -13.90 4.97 -1.72
CA ASP A 128 -14.87 3.90 -1.37
C ASP A 128 -14.54 2.63 -2.15
N TYR A 129 -13.87 2.76 -3.25
CA TYR A 129 -13.52 1.56 -4.07
C TYR A 129 -12.36 1.88 -5.02
N THR A 130 -11.20 1.32 -4.76
CA THR A 130 -10.04 1.60 -5.65
C THR A 130 -9.62 0.32 -6.39
N LYS A 131 -9.98 0.19 -7.64
CA LYS A 131 -9.60 -1.03 -8.39
C LYS A 131 -8.12 -0.99 -8.75
N LEU A 132 -7.28 -1.52 -7.90
CA LEU A 132 -5.82 -1.53 -8.19
C LEU A 132 -5.40 -2.89 -8.76
N VAL A 133 -5.25 -2.98 -10.05
CA VAL A 133 -4.84 -4.28 -10.66
C VAL A 133 -3.32 -4.37 -10.76
N PHE A 134 -2.72 -5.22 -9.97
CA PHE A 134 -1.23 -5.36 -10.03
C PHE A 134 -0.77 -5.56 -11.47
N ALA A 135 0.48 -5.30 -11.75
CA ALA A 135 0.99 -5.50 -13.14
C ALA A 135 1.23 -6.99 -13.36
N LYS A 136 1.50 -7.70 -12.30
CA LYS A 136 1.75 -9.16 -12.41
C LYS A 136 1.21 -9.87 -11.18
N PRO A 137 1.00 -11.16 -11.31
CA PRO A 137 0.47 -11.96 -10.18
C PRO A 137 1.52 -12.11 -9.08
N ILE A 138 1.16 -11.83 -7.85
CA ILE A 138 2.15 -11.96 -6.75
C ILE A 138 2.14 -13.39 -6.19
N TYR A 139 2.84 -14.28 -6.81
CA TYR A 139 2.87 -15.69 -6.31
C TYR A 139 4.08 -15.89 -5.38
N ASN A 140 3.83 -16.25 -4.15
CA ASN A 140 4.96 -16.45 -3.19
C ASN A 140 5.75 -17.71 -3.56
N ASP A 141 6.95 -17.84 -3.06
CA ASP A 141 7.78 -19.04 -3.38
C ASP A 141 7.95 -19.90 -2.13
N PRO A 142 7.04 -20.81 -1.94
CA PRO A 142 7.09 -21.71 -0.76
C PRO A 142 8.21 -22.74 -0.92
N SER A 143 8.70 -22.92 -2.11
CA SER A 143 9.80 -23.92 -2.32
C SER A 143 11.06 -23.21 -2.84
N LEU A 144 10.89 -22.07 -3.46
CA LEU A 144 12.07 -21.34 -4.00
C LEU A 144 12.80 -22.19 -5.04
N ALA A 1 -10.94 -4.00 15.37
CA ALA A 1 -10.75 -2.57 15.72
C ALA A 1 -9.33 -2.11 15.35
N ASP A 2 -9.06 -1.96 14.09
CA ASP A 2 -7.69 -1.51 13.67
C ASP A 2 -7.53 -0.01 13.92
N GLU A 3 -6.35 0.51 13.69
CA GLU A 3 -6.13 1.97 13.91
C GLU A 3 -6.11 2.71 12.57
N SER A 4 -5.35 3.77 12.48
CA SER A 4 -5.28 4.52 11.19
C SER A 4 -3.82 4.73 10.77
N LEU A 5 -3.58 4.92 9.50
CA LEU A 5 -2.18 5.11 9.03
C LEU A 5 -1.59 6.40 9.63
N LYS A 6 -2.41 7.38 9.87
CA LYS A 6 -1.89 8.66 10.45
C LYS A 6 -1.73 8.52 11.96
N ASP A 7 -2.33 7.52 12.56
CA ASP A 7 -2.22 7.35 14.03
C ASP A 7 -1.14 6.31 14.37
N ALA A 8 -0.62 5.63 13.39
CA ALA A 8 0.44 4.60 13.66
C ALA A 8 1.80 5.10 13.19
N ILE A 9 1.83 5.96 12.20
CA ILE A 9 3.13 6.47 11.69
C ILE A 9 3.99 7.00 12.85
N LYS A 10 3.38 7.37 13.94
CA LYS A 10 4.16 7.89 15.10
C LYS A 10 4.78 6.73 15.89
N ASP A 11 6.02 6.43 15.63
CA ASP A 11 6.68 5.31 16.36
C ASP A 11 8.20 5.42 16.24
N PRO A 12 8.89 5.13 17.31
CA PRO A 12 10.37 5.21 17.31
C PRO A 12 10.96 4.03 16.52
N ALA A 13 10.25 2.94 16.46
CA ALA A 13 10.77 1.76 15.71
C ALA A 13 10.41 1.86 14.22
N LEU A 14 9.49 2.73 13.88
CA LEU A 14 9.09 2.88 12.45
C LEU A 14 9.75 4.13 11.85
N GLU A 15 10.18 5.05 12.67
CA GLU A 15 10.82 6.28 12.15
C GLU A 15 11.89 5.93 11.12
N ASN A 16 12.57 4.83 11.32
CA ASN A 16 13.64 4.43 10.36
C ASN A 16 14.05 2.97 10.59
N LYS A 17 13.38 2.05 9.95
CA LYS A 17 13.73 0.62 10.13
C LYS A 17 14.32 0.04 8.84
N GLU A 18 14.93 -1.11 8.92
CA GLU A 18 15.53 -1.72 7.70
C GLU A 18 14.59 -2.78 7.13
N HIS A 19 13.38 -2.39 6.81
CA HIS A 19 12.41 -3.37 6.25
C HIS A 19 12.93 -3.94 4.92
N ASP A 20 13.88 -3.28 4.31
CA ASP A 20 14.42 -3.79 3.02
C ASP A 20 15.44 -4.91 3.28
N ILE A 21 15.00 -6.00 3.84
CA ILE A 21 15.94 -7.13 4.11
C ILE A 21 15.43 -8.42 3.46
N GLY A 22 16.31 -9.34 3.18
CA GLY A 22 15.88 -10.61 2.54
C GLY A 22 15.66 -10.39 1.05
N PRO A 23 14.99 -11.33 0.43
CA PRO A 23 14.71 -11.25 -1.01
C PRO A 23 13.62 -10.21 -1.29
N ARG A 24 13.39 -9.90 -2.53
CA ARG A 24 12.34 -8.88 -2.87
C ARG A 24 12.29 -8.66 -4.38
N GLU A 25 11.18 -8.19 -4.88
CA GLU A 25 11.06 -7.96 -6.36
C GLU A 25 10.38 -6.63 -6.64
N GLN A 26 10.04 -6.38 -7.88
CA GLN A 26 9.36 -5.09 -8.23
C GLN A 26 8.06 -5.37 -8.98
N VAL A 27 7.01 -4.67 -8.66
CA VAL A 27 5.72 -4.91 -9.35
C VAL A 27 4.95 -3.60 -9.52
N ASN A 28 4.39 -3.37 -10.68
CA ASN A 28 3.63 -2.12 -10.92
C ASN A 28 2.16 -2.33 -10.54
N PHE A 29 1.40 -1.28 -10.41
CA PHE A 29 -0.04 -1.43 -10.05
C PHE A 29 -0.92 -0.56 -10.95
N GLN A 30 -2.03 -1.08 -11.38
CA GLN A 30 -2.94 -0.27 -12.25
C GLN A 30 -4.07 0.35 -11.41
N LEU A 31 -4.09 1.64 -11.29
CA LEU A 31 -5.14 2.31 -10.49
C LEU A 31 -6.39 2.55 -11.35
N LEU A 32 -7.50 1.96 -10.99
CA LEU A 32 -8.74 2.15 -11.79
C LEU A 32 -9.91 2.49 -10.87
N ASP A 33 -10.44 3.68 -10.98
CA ASP A 33 -11.59 4.08 -10.11
C ASP A 33 -12.88 3.43 -10.61
N LYS A 34 -14.00 4.08 -10.43
CA LYS A 34 -15.29 3.50 -10.90
C LYS A 34 -15.58 3.93 -12.35
N ASN A 35 -14.57 4.37 -13.06
CA ASN A 35 -14.79 4.80 -14.47
C ASN A 35 -13.74 4.15 -15.38
N ASN A 36 -13.12 3.10 -14.94
CA ASN A 36 -12.09 2.42 -15.78
C ASN A 36 -11.07 3.45 -16.28
N GLU A 37 -10.65 4.35 -15.44
CA GLU A 37 -9.66 5.38 -15.88
C GLU A 37 -8.35 5.20 -15.12
N THR A 38 -7.25 5.07 -15.82
CA THR A 38 -5.95 4.89 -15.13
C THR A 38 -5.46 6.22 -14.55
N GLN A 39 -4.90 6.20 -13.37
CA GLN A 39 -4.42 7.47 -12.74
C GLN A 39 -2.91 7.39 -12.50
N TYR A 40 -2.13 7.68 -13.51
CA TYR A 40 -0.65 7.63 -13.34
C TYR A 40 -0.12 8.99 -12.88
N TYR A 41 -0.52 10.05 -13.53
CA TYR A 41 -0.03 11.39 -13.13
C TYR A 41 -1.00 12.04 -12.13
N HIS A 42 -1.82 11.26 -11.50
CA HIS A 42 -2.79 11.82 -10.52
C HIS A 42 -2.51 11.26 -9.12
N PHE A 43 -1.28 10.93 -8.83
CA PHE A 43 -0.95 10.38 -7.49
C PHE A 43 0.32 11.04 -6.94
N PHE A 44 0.28 11.49 -5.72
CA PHE A 44 1.48 12.14 -5.13
C PHE A 44 2.03 11.30 -3.97
N SER A 45 1.19 10.48 -3.38
CA SER A 45 1.65 9.64 -2.23
C SER A 45 2.68 8.62 -2.72
N ILE A 46 2.22 7.54 -3.30
CA ILE A 46 3.18 6.51 -3.81
C ILE A 46 3.98 7.06 -4.99
N LYS A 47 5.24 6.71 -5.08
CA LYS A 47 6.07 7.23 -6.20
C LYS A 47 6.67 6.07 -7.01
N ASP A 48 6.98 4.98 -6.36
CA ASP A 48 7.57 3.82 -7.09
C ASP A 48 6.55 2.68 -7.20
N PRO A 49 6.92 1.68 -7.96
CA PRO A 49 6.03 0.52 -8.16
C PRO A 49 5.93 -0.32 -6.88
N ALA A 50 4.91 -1.11 -6.76
CA ALA A 50 4.75 -1.95 -5.54
C ALA A 50 5.83 -3.05 -5.51
N ASP A 51 6.58 -3.13 -4.44
CA ASP A 51 7.64 -4.17 -4.35
C ASP A 51 7.10 -5.41 -3.63
N VAL A 52 7.52 -6.58 -4.02
CA VAL A 52 7.00 -7.81 -3.36
C VAL A 52 8.06 -8.41 -2.44
N TYR A 53 7.66 -8.85 -1.27
CA TYR A 53 8.64 -9.46 -0.32
C TYR A 53 8.34 -10.95 -0.16
N TYR A 54 8.86 -11.77 -1.04
CA TYR A 54 8.60 -13.23 -0.96
C TYR A 54 9.28 -13.83 0.27
N THR A 55 8.55 -14.53 1.09
CA THR A 55 9.16 -15.15 2.31
C THR A 55 8.84 -16.63 2.36
N LYS A 56 8.91 -17.24 3.51
CA LYS A 56 8.61 -18.69 3.62
C LYS A 56 7.10 -18.91 3.72
N LYS A 57 6.37 -17.91 4.12
CA LYS A 57 4.89 -18.06 4.25
C LYS A 57 4.19 -17.53 2.99
N LYS A 58 4.13 -16.24 2.84
CA LYS A 58 3.46 -15.66 1.63
C LYS A 58 4.16 -14.37 1.20
N ALA A 59 4.06 -14.01 -0.05
CA ALA A 59 4.72 -12.76 -0.53
C ALA A 59 4.12 -11.55 0.18
N GLU A 60 4.80 -10.43 0.15
CA GLU A 60 4.27 -9.22 0.83
C GLU A 60 4.49 -7.98 -0.04
N VAL A 61 3.49 -7.58 -0.78
CA VAL A 61 3.64 -6.38 -1.65
C VAL A 61 3.74 -5.12 -0.79
N GLU A 62 4.73 -4.30 -1.01
CA GLU A 62 4.88 -3.06 -0.20
C GLU A 62 5.00 -1.83 -1.10
N LEU A 63 4.52 -0.71 -0.66
CA LEU A 63 4.62 0.53 -1.47
C LEU A 63 4.95 1.73 -0.58
N ASP A 64 5.53 2.76 -1.15
CA ASP A 64 5.88 3.95 -0.33
C ASP A 64 4.75 4.99 -0.38
N ILE A 65 4.78 5.95 0.52
CA ILE A 65 3.73 6.99 0.52
C ILE A 65 4.33 8.34 0.92
N ASN A 66 4.66 9.16 -0.03
CA ASN A 66 5.27 10.49 0.29
C ASN A 66 4.30 11.34 1.12
N THR A 67 3.04 11.02 1.11
CA THR A 67 2.06 11.83 1.89
C THR A 67 1.36 10.96 2.94
N ALA A 68 2.11 10.35 3.82
CA ALA A 68 1.48 9.50 4.86
C ALA A 68 0.62 10.34 5.81
N SER A 69 0.87 11.62 5.86
CA SER A 69 0.06 12.50 6.76
C SER A 69 -1.31 12.80 6.14
N THR A 70 -1.47 12.54 4.87
CA THR A 70 -2.78 12.83 4.22
C THR A 70 -3.69 11.59 4.27
N TRP A 71 -3.16 10.45 4.65
CA TRP A 71 -4.00 9.22 4.70
C TRP A 71 -4.66 9.09 6.09
N LYS A 72 -5.92 8.79 6.13
CA LYS A 72 -6.62 8.63 7.44
C LYS A 72 -6.89 7.15 7.70
N LYS A 73 -7.54 6.49 6.79
CA LYS A 73 -7.83 5.04 6.98
C LYS A 73 -7.35 4.24 5.77
N PHE A 74 -7.44 2.94 5.81
CA PHE A 74 -7.00 2.13 4.65
C PHE A 74 -7.29 0.65 4.91
N GLU A 75 -8.11 0.04 4.10
CA GLU A 75 -8.43 -1.40 4.30
C GLU A 75 -8.58 -2.10 2.94
N VAL A 76 -7.54 -2.74 2.48
CA VAL A 76 -7.63 -3.45 1.17
C VAL A 76 -8.56 -4.66 1.28
N TYR A 77 -9.28 -4.97 0.25
CA TYR A 77 -10.20 -6.13 0.30
C TYR A 77 -10.29 -6.81 -1.07
N GLU A 78 -9.94 -8.06 -1.16
CA GLU A 78 -10.01 -8.76 -2.47
C GLU A 78 -10.92 -9.98 -2.38
N ASN A 79 -11.51 -10.38 -3.48
CA ASN A 79 -12.40 -11.57 -3.47
C ASN A 79 -13.53 -11.39 -2.45
N ASN A 80 -13.30 -11.76 -1.21
CA ASN A 80 -14.36 -11.60 -0.18
C ASN A 80 -13.74 -11.47 1.21
N GLN A 81 -12.63 -10.79 1.32
CA GLN A 81 -11.98 -10.64 2.66
C GLN A 81 -11.21 -9.32 2.73
N LYS A 82 -11.27 -8.65 3.84
CA LYS A 82 -10.53 -7.35 3.97
C LYS A 82 -9.19 -7.58 4.68
N LEU A 83 -8.12 -7.65 3.93
CA LEU A 83 -6.79 -7.86 4.57
C LEU A 83 -6.34 -6.58 5.30
N PRO A 84 -6.04 -6.72 6.56
CA PRO A 84 -5.59 -5.56 7.36
C PRO A 84 -4.17 -5.13 6.95
N VAL A 85 -4.00 -3.90 6.56
CA VAL A 85 -2.65 -3.45 6.15
C VAL A 85 -1.77 -3.21 7.38
N ARG A 86 -0.48 -3.32 7.22
CA ARG A 86 0.44 -3.09 8.38
C ARG A 86 1.56 -2.14 8.00
N LEU A 87 2.06 -1.38 8.94
CA LEU A 87 3.15 -0.42 8.62
C LEU A 87 4.51 -0.99 9.07
N VAL A 88 5.32 -1.41 8.13
CA VAL A 88 6.65 -1.98 8.50
C VAL A 88 7.61 -0.85 8.92
N SER A 89 7.54 0.27 8.26
CA SER A 89 8.45 1.40 8.61
C SER A 89 7.83 2.73 8.16
N TYR A 90 8.22 3.82 8.76
CA TYR A 90 7.65 5.13 8.36
C TYR A 90 8.67 6.26 8.59
N SER A 91 8.94 7.02 7.59
CA SER A 91 9.90 8.15 7.74
C SER A 91 9.24 9.27 8.55
N PRO A 92 10.05 10.01 9.26
CA PRO A 92 9.53 11.10 10.12
C PRO A 92 8.96 12.28 9.32
N VAL A 93 8.23 13.13 9.99
CA VAL A 93 7.57 14.33 9.36
C VAL A 93 8.36 14.90 8.18
N PRO A 94 9.60 15.24 8.38
CA PRO A 94 10.41 15.84 7.28
C PRO A 94 10.48 14.89 6.09
N GLU A 95 10.49 13.60 6.33
CA GLU A 95 10.53 12.64 5.20
C GLU A 95 9.09 12.33 4.76
N ASP A 96 8.17 12.36 5.68
CA ASP A 96 6.73 12.08 5.35
C ASP A 96 6.61 10.88 4.40
N HIS A 97 7.32 9.83 4.66
CA HIS A 97 7.24 8.63 3.78
C HIS A 97 6.79 7.43 4.62
N ALA A 98 5.71 6.79 4.23
CA ALA A 98 5.23 5.62 5.02
C ALA A 98 5.41 4.33 4.21
N TYR A 99 5.66 3.24 4.87
CA TYR A 99 5.84 1.95 4.14
C TYR A 99 4.83 0.91 4.64
N ILE A 100 3.95 0.48 3.78
CA ILE A 100 2.94 -0.53 4.18
C ILE A 100 2.94 -1.71 3.21
N ARG A 101 2.35 -2.81 3.57
CA ARG A 101 2.33 -3.98 2.65
C ARG A 101 1.41 -5.09 3.19
N PHE A 102 0.75 -5.79 2.31
CA PHE A 102 -0.15 -6.88 2.75
C PHE A 102 0.20 -8.18 2.01
N PRO A 103 -0.24 -9.28 2.56
CA PRO A 103 0.04 -10.60 1.95
C PRO A 103 -0.80 -10.80 0.69
N VAL A 104 -0.39 -11.69 -0.17
CA VAL A 104 -1.16 -11.95 -1.42
C VAL A 104 -1.22 -13.46 -1.71
N SER A 105 -2.33 -14.07 -1.39
CA SER A 105 -2.44 -15.54 -1.63
C SER A 105 -3.07 -15.81 -3.01
N ASP A 106 -2.82 -16.97 -3.55
CA ASP A 106 -3.41 -17.33 -4.88
C ASP A 106 -2.83 -16.45 -5.99
N GLY A 107 -1.67 -15.87 -5.79
CA GLY A 107 -1.08 -15.01 -6.85
C GLY A 107 -1.95 -13.78 -7.06
N THR A 108 -2.62 -13.33 -6.02
CA THR A 108 -3.52 -12.13 -6.13
C THR A 108 -2.94 -11.08 -7.08
N GLN A 109 -3.73 -10.60 -8.00
CA GLN A 109 -3.23 -9.57 -8.97
C GLN A 109 -4.16 -8.36 -9.01
N GLU A 110 -5.18 -8.34 -8.19
CA GLU A 110 -6.12 -7.18 -8.20
C GLU A 110 -6.90 -7.13 -6.89
N LEU A 111 -6.90 -6.00 -6.24
CA LEU A 111 -7.65 -5.88 -4.95
C LEU A 111 -8.35 -4.52 -4.86
N LYS A 112 -9.27 -4.38 -3.94
CA LYS A 112 -10.00 -3.08 -3.80
C LYS A 112 -9.50 -2.35 -2.55
N ILE A 113 -8.94 -1.19 -2.71
CA ILE A 113 -8.44 -0.43 -1.53
C ILE A 113 -9.52 0.50 -0.98
N VAL A 114 -9.64 0.60 0.31
CA VAL A 114 -10.68 1.49 0.90
C VAL A 114 -10.01 2.57 1.77
N SER A 115 -10.12 3.80 1.38
CA SER A 115 -9.49 4.88 2.19
C SER A 115 -9.99 6.26 1.75
N SER A 116 -9.67 7.28 2.50
CA SER A 116 -10.12 8.65 2.12
C SER A 116 -9.07 9.68 2.56
N THR A 117 -8.51 10.41 1.64
CA THR A 117 -7.48 11.42 2.02
C THR A 117 -7.95 12.83 1.67
N GLN A 118 -7.17 13.83 2.01
CA GLN A 118 -7.57 15.23 1.70
C GLN A 118 -6.37 16.16 1.92
N ILE A 119 -5.75 16.61 0.86
CA ILE A 119 -4.57 17.51 1.00
C ILE A 119 -5.01 18.97 0.99
N ASP A 120 -6.13 19.28 1.59
CA ASP A 120 -6.61 20.69 1.62
C ASP A 120 -6.57 21.28 0.22
N ASP A 121 -6.68 20.48 -0.79
CA ASP A 121 -6.65 21.00 -2.19
C ASP A 121 -8.01 21.61 -2.55
N GLY A 122 -9.08 20.95 -2.20
CA GLY A 122 -10.43 21.49 -2.53
C GLY A 122 -11.50 20.63 -1.85
N GLU A 123 -11.68 19.41 -2.30
CA GLU A 123 -12.70 18.53 -1.68
C GLU A 123 -12.01 17.44 -0.84
N GLU A 124 -12.75 16.47 -0.39
CA GLU A 124 -12.14 15.38 0.43
C GLU A 124 -11.92 14.13 -0.42
N THR A 125 -10.71 13.90 -0.86
CA THR A 125 -10.44 12.69 -1.69
C THR A 125 -11.01 11.44 -0.99
N ASN A 126 -12.06 10.88 -1.52
CA ASN A 126 -12.65 9.67 -0.89
C ASN A 126 -12.59 8.48 -1.85
N TYR A 127 -11.66 7.58 -1.64
CA TYR A 127 -11.55 6.41 -2.54
C TYR A 127 -12.50 5.29 -2.07
N ASP A 128 -13.77 5.56 -2.05
CA ASP A 128 -14.74 4.53 -1.59
C ASP A 128 -14.48 3.19 -2.29
N TYR A 129 -13.96 3.23 -3.48
CA TYR A 129 -13.68 1.95 -4.21
C TYR A 129 -12.49 2.13 -5.16
N THR A 130 -11.37 1.56 -4.83
CA THR A 130 -10.18 1.70 -5.73
C THR A 130 -9.72 0.31 -6.21
N LYS A 131 -9.95 0.00 -7.46
CA LYS A 131 -9.53 -1.34 -7.97
C LYS A 131 -8.06 -1.31 -8.39
N LEU A 132 -7.18 -1.68 -7.50
CA LEU A 132 -5.73 -1.69 -7.83
C LEU A 132 -5.34 -3.01 -8.48
N VAL A 133 -5.17 -3.03 -9.77
CA VAL A 133 -4.80 -4.30 -10.46
C VAL A 133 -3.28 -4.41 -10.60
N PHE A 134 -2.66 -5.30 -9.86
CA PHE A 134 -1.19 -5.45 -9.97
C PHE A 134 -0.78 -5.63 -11.43
N ALA A 135 0.48 -5.45 -11.72
CA ALA A 135 0.94 -5.64 -13.13
C ALA A 135 1.13 -7.14 -13.39
N LYS A 136 1.39 -7.90 -12.36
CA LYS A 136 1.57 -9.36 -12.52
C LYS A 136 1.05 -10.08 -11.27
N PRO A 137 0.89 -11.37 -11.39
CA PRO A 137 0.38 -12.18 -10.25
C PRO A 137 1.44 -12.30 -9.16
N ILE A 138 1.08 -12.05 -7.93
CA ILE A 138 2.09 -12.15 -6.84
C ILE A 138 2.04 -13.56 -6.21
N TYR A 139 2.76 -14.49 -6.78
CA TYR A 139 2.76 -15.87 -6.22
C TYR A 139 3.92 -16.03 -5.23
N ASN A 140 3.66 -16.59 -4.08
CA ASN A 140 4.74 -16.78 -3.07
C ASN A 140 5.83 -17.70 -3.62
N ASP A 141 6.72 -18.15 -2.77
CA ASP A 141 7.79 -19.07 -3.25
C ASP A 141 7.67 -20.43 -2.58
N PRO A 142 6.88 -21.28 -3.19
CA PRO A 142 6.66 -22.64 -2.66
C PRO A 142 7.91 -23.51 -2.86
N SER A 143 8.70 -23.19 -3.86
CA SER A 143 9.94 -24.00 -4.11
C SER A 143 11.15 -23.07 -4.23
N LEU A 144 10.98 -21.94 -4.86
CA LEU A 144 12.13 -20.99 -5.02
C LEU A 144 13.27 -21.67 -5.77
N ALA A 1 -4.55 -6.41 13.09
CA ALA A 1 -5.22 -5.21 13.65
C ALA A 1 -5.11 -4.03 12.68
N ASP A 2 -6.15 -3.27 12.53
CA ASP A 2 -6.10 -2.10 11.60
C ASP A 2 -5.72 -0.82 12.36
N GLU A 3 -5.50 0.25 11.65
CA GLU A 3 -5.13 1.52 12.34
C GLU A 3 -4.90 2.62 11.30
N SER A 4 -5.22 3.83 11.64
CA SER A 4 -5.03 4.96 10.68
C SER A 4 -3.53 5.17 10.42
N LEU A 5 -3.17 5.43 9.20
CA LEU A 5 -1.73 5.63 8.89
C LEU A 5 -1.22 6.94 9.53
N LYS A 6 -2.11 7.86 9.79
CA LYS A 6 -1.68 9.14 10.42
C LYS A 6 -1.29 8.91 11.88
N ASP A 7 -1.74 7.83 12.47
CA ASP A 7 -1.39 7.56 13.89
C ASP A 7 -0.31 6.48 13.98
N ALA A 8 -0.17 5.69 12.95
CA ALA A 8 0.87 4.62 12.98
C ALA A 8 2.24 5.18 12.58
N ILE A 9 2.26 6.15 11.71
CA ILE A 9 3.56 6.75 11.28
C ILE A 9 4.27 7.39 12.48
N LYS A 10 3.53 7.77 13.48
CA LYS A 10 4.17 8.41 14.67
C LYS A 10 4.65 7.34 15.66
N ASP A 11 5.71 6.65 15.33
CA ASP A 11 6.23 5.60 16.24
C ASP A 11 7.74 5.41 16.02
N PRO A 12 8.43 5.12 17.10
CA PRO A 12 9.90 4.91 17.01
C PRO A 12 10.21 3.56 16.37
N ALA A 13 9.39 2.57 16.62
CA ALA A 13 9.64 1.23 16.02
C ALA A 13 9.53 1.31 14.49
N LEU A 14 8.80 2.27 13.98
CA LEU A 14 8.65 2.39 12.51
C LEU A 14 9.48 3.57 11.98
N GLU A 15 9.75 4.52 12.83
CA GLU A 15 10.56 5.70 12.38
C GLU A 15 11.89 5.24 11.79
N ASN A 16 11.94 5.08 10.49
CA ASN A 16 13.22 4.62 9.85
C ASN A 16 13.60 3.24 10.38
N LYS A 17 13.11 2.20 9.76
CA LYS A 17 13.45 0.82 10.23
C LYS A 17 14.35 0.13 9.21
N GLU A 18 14.40 -1.18 9.25
CA GLU A 18 15.26 -1.93 8.28
C GLU A 18 14.39 -2.89 7.46
N HIS A 19 13.68 -2.39 6.49
CA HIS A 19 12.81 -3.26 5.65
C HIS A 19 13.67 -4.02 4.62
N ASP A 20 14.64 -4.77 5.08
CA ASP A 20 15.49 -5.53 4.13
C ASP A 20 15.83 -6.91 4.70
N ILE A 21 14.90 -7.50 5.41
CA ILE A 21 15.17 -8.85 5.99
C ILE A 21 14.48 -9.93 5.15
N GLY A 22 15.12 -10.36 4.10
CA GLY A 22 14.50 -11.41 3.24
C GLY A 22 14.54 -10.95 1.78
N PRO A 23 14.21 -11.87 0.91
CA PRO A 23 14.20 -11.57 -0.54
C PRO A 23 13.00 -10.68 -0.89
N ARG A 24 12.95 -10.17 -2.09
CA ARG A 24 11.80 -9.31 -2.49
C ARG A 24 11.88 -8.98 -3.98
N GLU A 25 10.81 -8.50 -4.55
CA GLU A 25 10.81 -8.16 -6.00
C GLU A 25 10.13 -6.81 -6.24
N GLN A 26 10.02 -6.40 -7.46
CA GLN A 26 9.36 -5.09 -7.76
C GLN A 26 8.21 -5.29 -8.75
N VAL A 27 7.07 -4.72 -8.48
CA VAL A 27 5.91 -4.88 -9.41
C VAL A 27 5.20 -3.55 -9.60
N ASN A 28 4.58 -3.36 -10.74
CA ASN A 28 3.86 -2.08 -10.99
C ASN A 28 2.36 -2.24 -10.67
N PHE A 29 1.67 -1.16 -10.50
CA PHE A 29 0.21 -1.25 -10.20
C PHE A 29 -0.57 -0.24 -11.04
N GLN A 30 -1.66 -0.65 -11.62
CA GLN A 30 -2.47 0.29 -12.45
C GLN A 30 -3.67 0.80 -11.64
N LEU A 31 -3.72 2.07 -11.35
CA LEU A 31 -4.86 2.62 -10.57
C LEU A 31 -6.07 2.85 -11.49
N LEU A 32 -7.15 2.18 -11.24
CA LEU A 32 -8.35 2.36 -12.10
C LEU A 32 -9.61 2.52 -11.23
N ASP A 33 -10.32 3.60 -11.40
CA ASP A 33 -11.55 3.82 -10.58
C ASP A 33 -12.61 2.78 -10.95
N LYS A 34 -13.86 3.14 -10.87
CA LYS A 34 -14.94 2.17 -11.22
C LYS A 34 -15.32 2.29 -12.70
N ASN A 35 -14.44 2.84 -13.50
CA ASN A 35 -14.74 2.97 -14.95
C ASN A 35 -13.52 2.59 -15.79
N ASN A 36 -12.61 1.86 -15.22
CA ASN A 36 -11.40 1.46 -15.99
C ASN A 36 -10.75 2.67 -16.67
N GLU A 37 -10.79 3.80 -16.02
CA GLU A 37 -10.19 5.03 -16.62
C GLU A 37 -8.88 5.37 -15.92
N THR A 38 -7.77 5.10 -16.55
CA THR A 38 -6.46 5.42 -15.92
C THR A 38 -6.30 6.92 -15.73
N GLN A 39 -6.22 7.38 -14.51
CA GLN A 39 -6.08 8.84 -14.26
C GLN A 39 -4.66 9.14 -13.75
N TYR A 40 -4.17 10.33 -14.01
CA TYR A 40 -2.80 10.68 -13.54
C TYR A 40 -2.87 11.76 -12.46
N TYR A 41 -3.98 11.86 -11.78
CA TYR A 41 -4.11 12.89 -10.71
C TYR A 41 -3.78 12.29 -9.34
N HIS A 42 -4.03 11.02 -9.17
CA HIS A 42 -3.72 10.38 -7.86
C HIS A 42 -2.24 9.99 -7.79
N PHE A 43 -1.36 10.95 -7.83
CA PHE A 43 0.10 10.63 -7.77
C PHE A 43 0.78 11.48 -6.70
N PHE A 44 0.04 11.97 -5.75
CA PHE A 44 0.64 12.81 -4.68
C PHE A 44 1.14 11.94 -3.52
N SER A 45 0.71 10.70 -3.47
CA SER A 45 1.17 9.80 -2.37
C SER A 45 2.12 8.73 -2.91
N ILE A 46 1.59 7.68 -3.46
CA ILE A 46 2.47 6.59 -4.00
C ILE A 46 3.36 7.15 -5.11
N LYS A 47 4.45 6.50 -5.39
CA LYS A 47 5.36 6.99 -6.47
C LYS A 47 6.14 5.84 -7.09
N ASP A 48 6.75 5.02 -6.28
CA ASP A 48 7.53 3.87 -6.83
C ASP A 48 6.61 2.67 -7.04
N PRO A 49 7.11 1.71 -7.78
CA PRO A 49 6.32 0.49 -8.07
C PRO A 49 6.22 -0.38 -6.80
N ALA A 50 5.17 -1.15 -6.70
CA ALA A 50 5.01 -2.02 -5.50
C ALA A 50 6.24 -2.92 -5.34
N ASP A 51 6.36 -3.56 -4.21
CA ASP A 51 7.52 -4.47 -3.99
C ASP A 51 7.08 -5.76 -3.32
N VAL A 52 7.14 -6.86 -4.01
CA VAL A 52 6.71 -8.15 -3.42
C VAL A 52 7.80 -8.69 -2.47
N TYR A 53 7.44 -9.00 -1.26
CA TYR A 53 8.44 -9.53 -0.30
C TYR A 53 8.19 -11.02 -0.06
N TYR A 54 8.89 -11.87 -0.78
CA TYR A 54 8.70 -13.33 -0.59
C TYR A 54 9.38 -13.79 0.70
N THR A 55 8.65 -14.47 1.56
CA THR A 55 9.27 -14.92 2.84
C THR A 55 9.08 -16.43 3.00
N LYS A 56 9.23 -16.94 4.20
CA LYS A 56 9.06 -18.40 4.42
C LYS A 56 7.58 -18.76 4.58
N LYS A 57 6.70 -17.79 4.50
CA LYS A 57 5.24 -18.08 4.65
C LYS A 57 4.49 -17.67 3.39
N LYS A 58 4.30 -16.40 3.18
CA LYS A 58 3.56 -15.94 1.97
C LYS A 58 4.21 -14.65 1.42
N ALA A 59 3.92 -14.33 0.19
CA ALA A 59 4.51 -13.10 -0.42
C ALA A 59 3.93 -11.86 0.27
N GLU A 60 4.54 -10.72 0.07
CA GLU A 60 4.03 -9.48 0.71
C GLU A 60 4.31 -8.26 -0.17
N VAL A 61 3.31 -7.78 -0.87
CA VAL A 61 3.52 -6.58 -1.75
C VAL A 61 3.63 -5.32 -0.89
N GLU A 62 4.56 -4.46 -1.18
CA GLU A 62 4.72 -3.22 -0.37
C GLU A 62 4.68 -1.98 -1.28
N LEU A 63 4.14 -0.89 -0.79
CA LEU A 63 4.09 0.34 -1.62
C LEU A 63 4.80 1.49 -0.89
N ASP A 64 5.30 2.45 -1.62
CA ASP A 64 6.00 3.59 -0.97
C ASP A 64 5.15 4.85 -1.04
N ILE A 65 4.77 5.38 0.08
CA ILE A 65 3.94 6.62 0.09
C ILE A 65 4.83 7.84 0.34
N ASN A 66 4.44 8.99 -0.15
CA ASN A 66 5.27 10.22 0.06
C ASN A 66 4.56 11.18 1.01
N THR A 67 3.25 11.24 0.96
CA THR A 67 2.52 12.17 1.87
C THR A 67 1.77 11.37 2.94
N ALA A 68 2.49 10.81 3.87
CA ALA A 68 1.83 10.01 4.95
C ALA A 68 1.01 10.92 5.86
N SER A 69 1.32 12.19 5.88
CA SER A 69 0.55 13.14 6.75
C SER A 69 -0.82 13.44 6.15
N THR A 70 -1.10 12.95 4.97
CA THR A 70 -2.43 13.21 4.35
C THR A 70 -3.31 11.96 4.41
N TRP A 71 -2.72 10.82 4.63
CA TRP A 71 -3.52 9.56 4.69
C TRP A 71 -4.22 9.43 6.04
N LYS A 72 -5.45 9.00 6.05
CA LYS A 72 -6.19 8.85 7.34
C LYS A 72 -6.60 7.38 7.52
N LYS A 73 -7.28 6.83 6.55
CA LYS A 73 -7.70 5.40 6.66
C LYS A 73 -7.16 4.62 5.47
N PHE A 74 -7.32 3.32 5.47
CA PHE A 74 -6.80 2.52 4.32
C PHE A 74 -7.17 1.04 4.51
N GLU A 75 -7.60 0.40 3.46
CA GLU A 75 -7.97 -1.04 3.58
C GLU A 75 -7.96 -1.70 2.20
N VAL A 76 -7.68 -2.98 2.14
CA VAL A 76 -7.65 -3.68 0.83
C VAL A 76 -8.44 -4.99 0.91
N TYR A 77 -9.41 -5.16 0.08
CA TYR A 77 -10.22 -6.42 0.11
C TYR A 77 -10.17 -7.13 -1.25
N GLU A 78 -9.78 -8.37 -1.26
CA GLU A 78 -9.71 -9.11 -2.55
C GLU A 78 -10.54 -10.40 -2.44
N ASN A 79 -11.22 -10.78 -3.50
CA ASN A 79 -12.04 -12.01 -3.47
C ASN A 79 -13.20 -11.86 -2.47
N ASN A 80 -12.92 -11.92 -1.19
CA ASN A 80 -14.00 -11.77 -0.19
C ASN A 80 -13.39 -11.65 1.22
N GLN A 81 -12.37 -10.85 1.36
CA GLN A 81 -11.74 -10.69 2.71
C GLN A 81 -10.92 -9.40 2.76
N LYS A 82 -11.22 -8.52 3.67
CA LYS A 82 -10.46 -7.25 3.76
C LYS A 82 -9.15 -7.47 4.53
N LEU A 83 -8.06 -7.62 3.82
CA LEU A 83 -6.76 -7.84 4.52
C LEU A 83 -6.30 -6.54 5.20
N PRO A 84 -5.99 -6.64 6.48
CA PRO A 84 -5.55 -5.45 7.23
C PRO A 84 -4.13 -5.05 6.82
N VAL A 85 -3.94 -3.82 6.41
CA VAL A 85 -2.57 -3.38 6.00
C VAL A 85 -1.75 -3.01 7.23
N ARG A 86 -0.45 -3.13 7.15
CA ARG A 86 0.41 -2.79 8.32
C ARG A 86 1.52 -1.83 7.90
N LEU A 87 2.18 -1.23 8.85
CA LEU A 87 3.28 -0.28 8.51
C LEU A 87 4.64 -0.89 8.87
N VAL A 88 5.51 -1.03 7.91
CA VAL A 88 6.85 -1.62 8.21
C VAL A 88 7.85 -0.52 8.57
N SER A 89 7.72 0.62 7.95
CA SER A 89 8.66 1.75 8.25
C SER A 89 8.08 3.07 7.76
N TYR A 90 8.43 4.16 8.40
CA TYR A 90 7.89 5.48 7.96
C TYR A 90 8.89 6.59 8.27
N SER A 91 9.26 7.37 7.30
CA SER A 91 10.22 8.49 7.56
C SER A 91 9.48 9.63 8.28
N PRO A 92 10.22 10.35 9.08
CA PRO A 92 9.63 11.45 9.88
C PRO A 92 9.16 12.63 9.01
N VAL A 93 8.36 13.49 9.58
CA VAL A 93 7.79 14.68 8.87
C VAL A 93 8.73 15.26 7.79
N PRO A 94 9.94 15.59 8.17
CA PRO A 94 10.89 16.17 7.18
C PRO A 94 11.10 15.22 6.01
N GLU A 95 11.07 13.94 6.26
CA GLU A 95 11.22 12.98 5.14
C GLU A 95 9.84 12.69 4.54
N ASP A 96 8.84 12.60 5.38
CA ASP A 96 7.46 12.34 4.89
C ASP A 96 7.44 11.14 3.93
N HIS A 97 7.44 9.95 4.47
CA HIS A 97 7.41 8.74 3.61
C HIS A 97 6.96 7.54 4.45
N ALA A 98 5.83 6.96 4.13
CA ALA A 98 5.34 5.79 4.91
C ALA A 98 5.39 4.52 4.07
N TYR A 99 5.71 3.40 4.69
CA TYR A 99 5.78 2.12 3.92
C TYR A 99 4.74 1.14 4.44
N ILE A 100 3.95 0.58 3.57
CA ILE A 100 2.91 -0.41 4.01
C ILE A 100 2.94 -1.63 3.09
N ARG A 101 2.29 -2.70 3.48
CA ARG A 101 2.28 -3.91 2.62
C ARG A 101 1.36 -4.99 3.20
N PHE A 102 0.81 -5.81 2.36
CA PHE A 102 -0.09 -6.90 2.86
C PHE A 102 0.25 -8.22 2.15
N PRO A 103 -0.26 -9.29 2.68
CA PRO A 103 0.00 -10.63 2.09
C PRO A 103 -0.78 -10.82 0.79
N VAL A 104 -0.28 -11.65 -0.09
CA VAL A 104 -1.00 -11.88 -1.38
C VAL A 104 -1.15 -13.39 -1.62
N SER A 105 -2.29 -13.93 -1.31
CA SER A 105 -2.50 -15.39 -1.51
C SER A 105 -3.14 -15.68 -2.88
N ASP A 106 -2.90 -16.84 -3.41
CA ASP A 106 -3.48 -17.20 -4.73
C ASP A 106 -2.92 -16.32 -5.86
N GLY A 107 -1.77 -15.75 -5.67
CA GLY A 107 -1.18 -14.89 -6.75
C GLY A 107 -2.07 -13.67 -6.97
N THR A 108 -2.77 -13.25 -5.94
CA THR A 108 -3.69 -12.06 -6.05
C THR A 108 -3.11 -11.00 -7.00
N GLN A 109 -3.88 -10.59 -7.97
CA GLN A 109 -3.39 -9.56 -8.92
C GLN A 109 -4.28 -8.31 -8.87
N GLU A 110 -5.43 -8.41 -8.25
CA GLU A 110 -6.33 -7.22 -8.18
C GLU A 110 -6.92 -7.08 -6.77
N LEU A 111 -6.92 -5.90 -6.23
CA LEU A 111 -7.47 -5.70 -4.86
C LEU A 111 -8.29 -4.40 -4.81
N LYS A 112 -9.26 -4.34 -3.94
CA LYS A 112 -10.09 -3.11 -3.84
C LYS A 112 -9.57 -2.24 -2.69
N ILE A 113 -8.77 -1.25 -2.99
CA ILE A 113 -8.23 -0.38 -1.91
C ILE A 113 -9.34 0.54 -1.36
N VAL A 114 -9.31 0.80 -0.08
CA VAL A 114 -10.35 1.68 0.52
C VAL A 114 -9.70 2.69 1.47
N SER A 115 -9.82 3.96 1.19
CA SER A 115 -9.19 4.98 2.07
C SER A 115 -9.80 6.36 1.83
N SER A 116 -9.52 7.29 2.70
CA SER A 116 -10.07 8.67 2.53
C SER A 116 -9.06 9.68 3.08
N THR A 117 -8.42 10.43 2.21
CA THR A 117 -7.42 11.41 2.68
C THR A 117 -7.98 12.84 2.60
N GLN A 118 -7.32 13.78 3.22
CA GLN A 118 -7.80 15.19 3.20
C GLN A 118 -6.61 16.14 3.34
N ILE A 119 -6.25 16.81 2.29
CA ILE A 119 -5.09 17.75 2.37
C ILE A 119 -5.57 19.17 2.67
N ASP A 120 -6.76 19.31 3.18
CA ASP A 120 -7.29 20.67 3.49
C ASP A 120 -7.11 21.60 2.28
N ASP A 121 -7.85 21.36 1.23
CA ASP A 121 -7.73 22.23 0.02
C ASP A 121 -9.13 22.66 -0.45
N GLY A 122 -9.96 21.72 -0.79
CA GLY A 122 -11.33 22.09 -1.26
C GLY A 122 -12.32 21.01 -0.81
N GLU A 123 -12.05 19.77 -1.15
CA GLU A 123 -12.98 18.68 -0.74
C GLU A 123 -12.17 17.46 -0.26
N GLU A 124 -12.80 16.56 0.45
CA GLU A 124 -12.07 15.36 0.96
C GLU A 124 -12.16 14.23 -0.07
N THR A 125 -11.04 13.64 -0.41
CA THR A 125 -11.06 12.53 -1.40
C THR A 125 -11.45 11.22 -0.71
N ASN A 126 -12.43 10.52 -1.23
CA ASN A 126 -12.85 9.24 -0.60
C ASN A 126 -12.87 8.13 -1.65
N TYR A 127 -11.99 7.17 -1.52
CA TYR A 127 -11.96 6.06 -2.51
C TYR A 127 -12.89 4.93 -2.07
N ASP A 128 -14.18 5.14 -2.13
CA ASP A 128 -15.13 4.08 -1.71
C ASP A 128 -14.79 2.75 -2.39
N TYR A 129 -14.21 2.81 -3.56
CA TYR A 129 -13.84 1.55 -4.27
C TYR A 129 -12.75 1.82 -5.30
N THR A 130 -11.55 1.38 -5.04
CA THR A 130 -10.43 1.61 -6.01
C THR A 130 -9.98 0.28 -6.61
N LYS A 131 -10.13 0.14 -7.90
CA LYS A 131 -9.71 -1.13 -8.56
C LYS A 131 -8.23 -1.08 -8.93
N LEU A 132 -7.37 -1.33 -7.97
CA LEU A 132 -5.91 -1.29 -8.26
C LEU A 132 -5.44 -2.66 -8.75
N VAL A 133 -5.27 -2.81 -10.04
CA VAL A 133 -4.81 -4.11 -10.59
C VAL A 133 -3.28 -4.16 -10.70
N PHE A 134 -2.67 -5.15 -10.12
CA PHE A 134 -1.19 -5.26 -10.20
C PHE A 134 -0.74 -5.48 -11.64
N ALA A 135 0.52 -5.33 -11.92
CA ALA A 135 1.01 -5.56 -13.30
C ALA A 135 1.06 -7.06 -13.56
N LYS A 136 1.18 -7.84 -12.52
CA LYS A 136 1.22 -9.32 -12.67
C LYS A 136 0.72 -9.98 -11.39
N PRO A 137 0.53 -11.27 -11.46
CA PRO A 137 0.04 -12.04 -10.27
C PRO A 137 1.14 -12.14 -9.21
N ILE A 138 0.83 -11.83 -7.97
CA ILE A 138 1.86 -11.92 -6.90
C ILE A 138 1.90 -13.33 -6.31
N TYR A 139 2.56 -14.25 -6.96
CA TYR A 139 2.64 -15.63 -6.42
C TYR A 139 3.90 -15.80 -5.56
N ASN A 140 3.74 -16.29 -4.36
CA ASN A 140 4.94 -16.48 -3.48
C ASN A 140 5.82 -17.59 -4.03
N ASP A 141 6.95 -17.83 -3.41
CA ASP A 141 7.86 -18.91 -3.90
C ASP A 141 8.07 -19.95 -2.79
N PRO A 142 7.18 -20.91 -2.77
CA PRO A 142 7.25 -21.99 -1.76
C PRO A 142 8.42 -22.95 -2.07
N SER A 143 8.90 -22.94 -3.29
CA SER A 143 10.03 -23.85 -3.64
C SER A 143 11.24 -23.04 -4.10
N LEU A 144 11.04 -21.81 -4.50
CA LEU A 144 12.19 -20.98 -4.95
C LEU A 144 12.95 -21.70 -6.05
N ALA A 1 -8.39 -5.40 14.41
CA ALA A 1 -8.08 -4.17 15.21
C ALA A 1 -6.98 -3.35 14.51
N ASP A 2 -7.32 -2.68 13.44
CA ASP A 2 -6.29 -1.86 12.73
C ASP A 2 -6.33 -0.41 13.23
N GLU A 3 -5.45 0.42 12.74
CA GLU A 3 -5.44 1.84 13.19
C GLU A 3 -5.55 2.77 11.97
N SER A 4 -5.00 3.94 12.07
CA SER A 4 -5.07 4.90 10.92
C SER A 4 -3.68 5.10 10.32
N LEU A 5 -3.62 5.50 9.07
CA LEU A 5 -2.29 5.72 8.43
C LEU A 5 -1.55 6.87 9.12
N LYS A 6 -2.23 7.94 9.40
CA LYS A 6 -1.56 9.09 10.07
C LYS A 6 -1.40 8.83 11.57
N ASP A 7 -2.14 7.89 12.10
CA ASP A 7 -2.02 7.59 13.55
C ASP A 7 -0.99 6.48 13.80
N ALA A 8 -0.61 5.77 12.77
CA ALA A 8 0.38 4.67 12.96
C ALA A 8 1.78 5.15 12.56
N ILE A 9 1.86 6.08 11.65
CA ILE A 9 3.20 6.58 11.22
C ILE A 9 3.89 7.33 12.37
N LYS A 10 3.12 7.78 13.32
CA LYS A 10 3.73 8.52 14.47
C LYS A 10 4.28 7.53 15.51
N ASP A 11 5.42 6.96 15.25
CA ASP A 11 6.00 5.98 16.22
C ASP A 11 7.51 5.84 15.99
N PRO A 12 8.22 5.63 17.07
CA PRO A 12 9.69 5.48 16.98
C PRO A 12 10.04 4.10 16.39
N ALA A 13 9.26 3.11 16.67
CA ALA A 13 9.54 1.75 16.12
C ALA A 13 9.62 1.80 14.60
N LEU A 14 8.58 2.28 13.96
CA LEU A 14 8.59 2.35 12.47
C LEU A 14 9.47 3.52 12.00
N GLU A 15 9.61 4.52 12.83
CA GLU A 15 10.45 5.69 12.45
C GLU A 15 11.82 5.22 11.95
N ASN A 16 12.01 5.16 10.66
CA ASN A 16 13.33 4.71 10.12
C ASN A 16 13.60 3.27 10.53
N LYS A 17 13.26 2.32 9.69
CA LYS A 17 13.51 0.89 10.04
C LYS A 17 14.26 0.21 8.90
N GLU A 18 14.21 -1.10 8.85
CA GLU A 18 14.94 -1.82 7.76
C GLU A 18 14.03 -2.90 7.14
N HIS A 19 13.36 -2.57 6.07
CA HIS A 19 12.46 -3.58 5.43
C HIS A 19 13.21 -4.36 4.35
N ASP A 20 14.53 -4.36 4.41
CA ASP A 20 15.31 -5.11 3.39
C ASP A 20 15.84 -6.42 3.99
N ILE A 21 15.02 -7.13 4.71
CA ILE A 21 15.47 -8.41 5.33
C ILE A 21 14.77 -9.60 4.65
N GLY A 22 15.47 -10.33 3.83
CA GLY A 22 14.84 -11.49 3.15
C GLY A 22 14.74 -11.21 1.65
N PRO A 23 14.30 -12.20 0.93
CA PRO A 23 14.15 -12.07 -0.55
C PRO A 23 12.95 -11.18 -0.89
N ARG A 24 12.92 -10.66 -2.08
CA ARG A 24 11.77 -9.79 -2.48
C ARG A 24 11.76 -9.58 -3.99
N GLU A 25 10.95 -8.68 -4.47
CA GLU A 25 10.90 -8.45 -5.95
C GLU A 25 10.25 -7.10 -6.25
N GLN A 26 10.08 -6.77 -7.50
CA GLN A 26 9.45 -5.47 -7.86
C GLN A 26 8.26 -5.71 -8.80
N VAL A 27 7.16 -5.04 -8.59
CA VAL A 27 5.98 -5.24 -9.48
C VAL A 27 5.27 -3.91 -9.69
N ASN A 28 4.57 -3.78 -10.80
CA ASN A 28 3.85 -2.51 -11.08
C ASN A 28 2.38 -2.65 -10.71
N PHE A 29 1.69 -1.55 -10.54
CA PHE A 29 0.25 -1.63 -10.19
C PHE A 29 -0.57 -0.69 -11.07
N GLN A 30 -1.71 -1.14 -11.56
CA GLN A 30 -2.55 -0.27 -12.43
C GLN A 30 -3.63 0.42 -11.59
N LEU A 31 -3.56 1.71 -11.47
CA LEU A 31 -4.57 2.45 -10.67
C LEU A 31 -5.78 2.80 -11.55
N LEU A 32 -6.92 2.27 -11.23
CA LEU A 32 -8.14 2.59 -12.04
C LEU A 32 -9.33 2.88 -11.13
N ASP A 33 -9.86 4.08 -11.19
CA ASP A 33 -11.01 4.44 -10.32
C ASP A 33 -12.24 3.62 -10.73
N LYS A 34 -13.41 4.19 -10.61
CA LYS A 34 -14.64 3.43 -10.99
C LYS A 34 -15.00 3.68 -12.45
N ASN A 35 -14.05 4.09 -13.25
CA ASN A 35 -14.34 4.34 -14.69
C ASN A 35 -13.20 3.80 -15.57
N ASN A 36 -12.44 2.88 -15.06
CA ASN A 36 -11.31 2.31 -15.86
C ASN A 36 -10.47 3.44 -16.45
N GLU A 37 -10.36 4.54 -15.76
CA GLU A 37 -9.55 5.67 -16.27
C GLU A 37 -8.38 5.95 -15.32
N THR A 38 -7.17 5.85 -15.81
CA THR A 38 -5.99 6.11 -14.94
C THR A 38 -5.84 7.61 -14.67
N GLN A 39 -5.97 8.02 -13.43
CA GLN A 39 -5.83 9.47 -13.12
C GLN A 39 -4.40 9.77 -12.64
N TYR A 40 -3.55 10.17 -13.54
CA TYR A 40 -2.14 10.48 -13.14
C TYR A 40 -1.98 11.97 -12.88
N TYR A 41 -2.81 12.53 -12.06
CA TYR A 41 -2.70 14.00 -11.76
C TYR A 41 -1.42 14.29 -10.99
N HIS A 42 -1.20 15.51 -10.59
CA HIS A 42 0.03 15.85 -9.83
C HIS A 42 -0.16 15.54 -8.34
N PHE A 43 -1.35 15.71 -7.84
CA PHE A 43 -1.60 15.41 -6.41
C PHE A 43 -1.67 13.90 -6.16
N PHE A 44 -0.54 13.27 -5.97
CA PHE A 44 -0.56 11.80 -5.72
C PHE A 44 0.37 11.46 -4.56
N SER A 45 0.47 10.21 -4.21
CA SER A 45 1.36 9.81 -3.08
C SER A 45 2.37 8.74 -3.52
N ILE A 46 1.89 7.56 -3.82
CA ILE A 46 2.82 6.49 -4.27
C ILE A 46 3.69 6.98 -5.43
N LYS A 47 4.84 6.39 -5.62
CA LYS A 47 5.73 6.83 -6.73
C LYS A 47 6.51 5.65 -7.31
N ASP A 48 7.00 4.78 -6.46
CA ASP A 48 7.77 3.60 -6.95
C ASP A 48 6.82 2.43 -7.22
N PRO A 49 7.32 1.46 -7.94
CA PRO A 49 6.51 0.27 -8.26
C PRO A 49 6.33 -0.61 -7.02
N ALA A 50 5.26 -1.36 -6.97
CA ALA A 50 5.02 -2.23 -5.79
C ALA A 50 6.22 -3.17 -5.57
N ASP A 51 6.44 -3.58 -4.36
CA ASP A 51 7.59 -4.49 -4.07
C ASP A 51 7.07 -5.74 -3.34
N VAL A 52 7.36 -6.90 -3.87
CA VAL A 52 6.88 -8.15 -3.21
C VAL A 52 7.95 -8.71 -2.28
N TYR A 53 7.57 -9.15 -1.11
CA TYR A 53 8.56 -9.72 -0.15
C TYR A 53 8.20 -11.18 0.15
N TYR A 54 8.62 -12.08 -0.69
CA TYR A 54 8.30 -13.53 -0.45
C TYR A 54 8.98 -14.02 0.82
N THR A 55 8.27 -14.08 1.91
CA THR A 55 8.89 -14.56 3.18
C THR A 55 8.46 -16.01 3.47
N LYS A 56 8.81 -16.53 4.60
CA LYS A 56 8.43 -17.93 4.93
C LYS A 56 6.91 -18.03 5.12
N LYS A 57 6.27 -16.94 5.44
CA LYS A 57 4.79 -16.97 5.65
C LYS A 57 4.07 -16.83 4.30
N LYS A 58 4.19 -15.70 3.66
CA LYS A 58 3.51 -15.50 2.36
C LYS A 58 4.05 -14.27 1.64
N ALA A 59 3.74 -14.10 0.39
CA ALA A 59 4.25 -12.91 -0.36
C ALA A 59 3.74 -11.64 0.30
N GLU A 60 4.56 -10.62 0.37
CA GLU A 60 4.12 -9.35 1.01
C GLU A 60 4.36 -8.17 0.08
N VAL A 61 3.33 -7.69 -0.58
CA VAL A 61 3.50 -6.52 -1.50
C VAL A 61 3.55 -5.24 -0.69
N GLU A 62 4.41 -4.32 -1.05
CA GLU A 62 4.51 -3.04 -0.28
C GLU A 62 4.57 -1.85 -1.23
N LEU A 63 4.27 -0.68 -0.74
CA LEU A 63 4.30 0.53 -1.59
C LEU A 63 4.98 1.69 -0.84
N ASP A 64 5.46 2.67 -1.55
CA ASP A 64 6.12 3.82 -0.87
C ASP A 64 5.26 5.08 -0.95
N ILE A 65 4.50 5.35 0.07
CA ILE A 65 3.63 6.57 0.05
C ILE A 65 4.48 7.82 0.31
N ASN A 66 4.12 8.93 -0.27
CA ASN A 66 4.92 10.17 -0.05
C ASN A 66 4.14 11.18 0.82
N THR A 67 2.84 11.10 0.80
CA THR A 67 2.03 12.06 1.62
C THR A 67 1.37 11.32 2.78
N ALA A 68 2.14 10.69 3.63
CA ALA A 68 1.54 9.96 4.78
C ALA A 68 0.76 10.92 5.68
N SER A 69 1.03 12.19 5.58
CA SER A 69 0.31 13.18 6.43
C SER A 69 -1.13 13.38 5.94
N THR A 70 -1.47 12.81 4.82
CA THR A 70 -2.86 12.97 4.30
C THR A 70 -3.64 11.65 4.42
N TRP A 71 -2.95 10.54 4.40
CA TRP A 71 -3.66 9.23 4.51
C TRP A 71 -4.27 9.08 5.91
N LYS A 72 -5.37 8.38 6.01
CA LYS A 72 -6.02 8.19 7.34
C LYS A 72 -6.49 6.73 7.49
N LYS A 73 -7.14 6.21 6.49
CA LYS A 73 -7.61 4.80 6.57
C LYS A 73 -7.08 3.99 5.39
N PHE A 74 -7.16 2.69 5.46
CA PHE A 74 -6.66 1.85 4.34
C PHE A 74 -6.93 0.37 4.63
N GLU A 75 -7.45 -0.36 3.67
CA GLU A 75 -7.74 -1.80 3.91
C GLU A 75 -7.94 -2.52 2.56
N VAL A 76 -6.88 -2.96 1.96
CA VAL A 76 -7.00 -3.68 0.65
C VAL A 76 -8.00 -4.83 0.79
N TYR A 77 -8.96 -4.90 -0.10
CA TYR A 77 -9.96 -6.01 -0.01
C TYR A 77 -10.14 -6.67 -1.37
N GLU A 78 -9.96 -7.96 -1.43
CA GLU A 78 -10.13 -8.67 -2.74
C GLU A 78 -10.77 -10.04 -2.50
N ASN A 79 -11.66 -10.45 -3.37
CA ASN A 79 -12.31 -11.78 -3.19
C ASN A 79 -12.97 -11.86 -1.81
N ASN A 80 -13.62 -10.81 -1.38
CA ASN A 80 -14.27 -10.82 -0.04
C ASN A 80 -13.26 -11.16 1.05
N GLN A 81 -12.35 -10.27 1.32
CA GLN A 81 -11.33 -10.54 2.37
C GLN A 81 -10.45 -9.31 2.60
N LYS A 82 -10.96 -8.32 3.30
CA LYS A 82 -10.16 -7.10 3.55
C LYS A 82 -8.85 -7.47 4.27
N LEU A 83 -7.77 -7.56 3.55
CA LEU A 83 -6.47 -7.93 4.19
C LEU A 83 -5.98 -6.78 5.08
N PRO A 84 -5.49 -7.14 6.24
CA PRO A 84 -4.98 -6.12 7.20
C PRO A 84 -3.60 -5.62 6.77
N VAL A 85 -3.51 -4.39 6.36
CA VAL A 85 -2.19 -3.84 5.93
C VAL A 85 -1.41 -3.33 7.15
N ARG A 86 -0.10 -3.43 7.12
CA ARG A 86 0.70 -2.96 8.28
C ARG A 86 1.83 -2.03 7.79
N LEU A 87 2.38 -1.25 8.68
CA LEU A 87 3.49 -0.33 8.28
C LEU A 87 4.84 -0.90 8.70
N VAL A 88 5.77 -1.01 7.79
CA VAL A 88 7.11 -1.56 8.15
C VAL A 88 8.07 -0.42 8.49
N SER A 89 7.93 0.70 7.83
CA SER A 89 8.85 1.85 8.12
C SER A 89 8.20 3.15 7.65
N TYR A 90 8.57 4.25 8.26
CA TYR A 90 7.97 5.55 7.84
C TYR A 90 8.99 6.69 8.05
N SER A 91 9.24 7.47 7.03
CA SER A 91 10.20 8.59 7.18
C SER A 91 9.53 9.72 7.97
N PRO A 92 10.35 10.50 8.63
CA PRO A 92 9.83 11.62 9.47
C PRO A 92 9.21 12.74 8.64
N VAL A 93 8.46 13.60 9.30
CA VAL A 93 7.77 14.76 8.64
C VAL A 93 8.53 15.32 7.42
N PRO A 94 9.77 15.70 7.61
CA PRO A 94 10.55 16.28 6.48
C PRO A 94 10.62 15.32 5.30
N GLU A 95 10.74 14.05 5.55
CA GLU A 95 10.78 13.08 4.41
C GLU A 95 9.35 12.71 4.02
N ASP A 96 8.47 12.66 4.99
CA ASP A 96 7.05 12.30 4.71
C ASP A 96 6.96 11.07 3.80
N HIS A 97 7.08 9.91 4.38
CA HIS A 97 7.01 8.67 3.56
C HIS A 97 6.59 7.49 4.45
N ALA A 98 5.47 6.89 4.18
CA ALA A 98 5.01 5.74 5.02
C ALA A 98 5.07 4.45 4.21
N TYR A 99 5.89 3.52 4.62
CA TYR A 99 5.99 2.24 3.87
C TYR A 99 4.97 1.22 4.41
N ILE A 100 4.07 0.78 3.57
CA ILE A 100 3.06 -0.22 4.03
C ILE A 100 3.10 -1.47 3.14
N ARG A 101 2.34 -2.48 3.46
CA ARG A 101 2.36 -3.70 2.63
C ARG A 101 1.30 -4.71 3.10
N PHE A 102 0.95 -5.64 2.27
CA PHE A 102 -0.08 -6.66 2.66
C PHE A 102 0.20 -7.98 1.95
N PRO A 103 -0.34 -9.03 2.48
CA PRO A 103 -0.14 -10.39 1.90
C PRO A 103 -0.95 -10.54 0.61
N VAL A 104 -0.59 -11.48 -0.22
CA VAL A 104 -1.34 -11.70 -1.49
C VAL A 104 -1.34 -13.19 -1.86
N SER A 105 -2.34 -13.90 -1.44
CA SER A 105 -2.40 -15.35 -1.75
C SER A 105 -3.21 -15.61 -3.03
N ASP A 106 -3.10 -16.77 -3.58
CA ASP A 106 -3.88 -17.10 -4.83
C ASP A 106 -3.39 -16.26 -6.01
N GLY A 107 -2.17 -15.80 -5.98
CA GLY A 107 -1.66 -14.99 -7.13
C GLY A 107 -2.47 -13.71 -7.25
N THR A 108 -2.99 -13.21 -6.15
CA THR A 108 -3.81 -11.95 -6.18
C THR A 108 -3.22 -10.93 -7.16
N GLN A 109 -3.91 -10.66 -8.23
CA GLN A 109 -3.40 -9.68 -9.23
C GLN A 109 -4.28 -8.43 -9.25
N GLU A 110 -5.40 -8.44 -8.57
CA GLU A 110 -6.28 -7.26 -8.56
C GLU A 110 -6.94 -7.10 -7.17
N LEU A 111 -6.87 -5.93 -6.61
CA LEU A 111 -7.48 -5.73 -5.25
C LEU A 111 -8.20 -4.38 -5.19
N LYS A 112 -9.14 -4.24 -4.30
CA LYS A 112 -9.87 -2.95 -4.18
C LYS A 112 -9.40 -2.19 -2.95
N ILE A 113 -8.50 -1.26 -3.11
CA ILE A 113 -7.98 -0.49 -1.94
C ILE A 113 -9.08 0.43 -1.39
N VAL A 114 -9.22 0.47 -0.09
CA VAL A 114 -10.25 1.34 0.53
C VAL A 114 -9.60 2.31 1.52
N SER A 115 -9.64 3.59 1.25
CA SER A 115 -9.01 4.56 2.18
C SER A 115 -9.60 5.96 1.98
N SER A 116 -9.21 6.90 2.81
CA SER A 116 -9.74 8.29 2.68
C SER A 116 -8.70 9.29 3.19
N THR A 117 -8.32 10.24 2.39
CA THR A 117 -7.31 11.23 2.85
C THR A 117 -7.91 12.65 2.84
N GLN A 118 -7.38 13.53 3.64
CA GLN A 118 -7.91 14.91 3.69
C GLN A 118 -6.75 15.92 3.85
N ILE A 119 -6.58 16.80 2.90
CA ILE A 119 -5.47 17.78 2.99
C ILE A 119 -6.01 19.18 3.29
N ASP A 120 -7.20 19.26 3.83
CA ASP A 120 -7.79 20.59 4.15
C ASP A 120 -7.70 21.52 2.93
N ASP A 121 -8.09 21.05 1.78
CA ASP A 121 -8.03 21.91 0.57
C ASP A 121 -9.44 22.24 0.07
N GLY A 122 -10.14 21.27 -0.43
CA GLY A 122 -11.53 21.52 -0.92
C GLY A 122 -12.45 20.40 -0.47
N GLU A 123 -12.28 19.23 -1.01
CA GLU A 123 -13.15 18.08 -0.61
C GLU A 123 -12.29 16.94 -0.06
N GLU A 124 -12.82 16.14 0.82
CA GLU A 124 -12.04 15.01 1.38
C GLU A 124 -11.88 13.90 0.34
N THR A 125 -10.67 13.50 0.07
CA THR A 125 -10.45 12.42 -0.94
C THR A 125 -10.87 11.07 -0.36
N ASN A 126 -12.07 10.64 -0.63
CA ASN A 126 -12.54 9.33 -0.09
C ASN A 126 -12.52 8.27 -1.20
N TYR A 127 -11.80 7.20 -0.99
CA TYR A 127 -11.74 6.13 -2.03
C TYR A 127 -12.74 5.03 -1.71
N ASP A 128 -13.97 5.20 -2.11
CA ASP A 128 -15.00 4.15 -1.81
C ASP A 128 -14.68 2.86 -2.58
N TYR A 129 -13.90 2.95 -3.63
CA TYR A 129 -13.55 1.72 -4.39
C TYR A 129 -12.38 2.00 -5.34
N THR A 130 -11.22 1.51 -5.02
CA THR A 130 -10.04 1.73 -5.90
C THR A 130 -9.56 0.39 -6.47
N LYS A 131 -9.82 0.14 -7.72
CA LYS A 131 -9.38 -1.16 -8.33
C LYS A 131 -7.91 -1.11 -8.73
N LEU A 132 -7.04 -1.58 -7.89
CA LEU A 132 -5.59 -1.56 -8.23
C LEU A 132 -5.18 -2.91 -8.83
N VAL A 133 -5.07 -2.98 -10.13
CA VAL A 133 -4.69 -4.28 -10.78
C VAL A 133 -3.17 -4.42 -10.86
N PHE A 134 -2.61 -5.33 -10.12
CA PHE A 134 -1.13 -5.52 -10.17
C PHE A 134 -0.69 -5.76 -11.62
N ALA A 135 0.58 -5.65 -11.89
CA ALA A 135 1.06 -5.90 -13.28
C ALA A 135 1.03 -7.40 -13.55
N LYS A 136 1.15 -8.18 -12.51
CA LYS A 136 1.12 -9.66 -12.67
C LYS A 136 0.62 -10.30 -11.37
N PRO A 137 0.36 -11.58 -11.44
CA PRO A 137 -0.12 -12.32 -10.24
C PRO A 137 0.99 -12.47 -9.22
N ILE A 138 0.69 -12.26 -7.96
CA ILE A 138 1.75 -12.38 -6.92
C ILE A 138 1.68 -13.76 -6.25
N TYR A 139 2.62 -14.63 -6.54
CA TYR A 139 2.60 -15.98 -5.92
C TYR A 139 3.83 -16.16 -5.02
N ASN A 140 3.62 -16.56 -3.79
CA ASN A 140 4.78 -16.75 -2.87
C ASN A 140 5.75 -17.78 -3.43
N ASP A 141 7.00 -17.73 -3.03
CA ASP A 141 7.99 -18.71 -3.53
C ASP A 141 8.66 -19.45 -2.38
N PRO A 142 8.06 -20.54 -1.98
CA PRO A 142 8.60 -21.35 -0.87
C PRO A 142 9.87 -22.09 -1.30
N SER A 143 10.11 -22.19 -2.58
CA SER A 143 11.33 -22.90 -3.06
C SER A 143 12.07 -22.03 -4.07
N LEU A 144 12.02 -20.73 -3.92
CA LEU A 144 12.72 -19.84 -4.88
C LEU A 144 14.14 -20.31 -5.11
N ALA A 1 -10.37 -5.08 13.62
CA ALA A 1 -10.36 -3.59 13.70
C ALA A 1 -9.16 -3.02 12.92
N ASP A 2 -8.92 -1.75 13.02
CA ASP A 2 -7.77 -1.15 12.30
C ASP A 2 -7.47 0.26 12.82
N GLU A 3 -6.29 0.76 12.60
CA GLU A 3 -5.94 2.11 13.10
C GLU A 3 -5.94 3.12 11.94
N SER A 4 -5.12 4.13 12.01
CA SER A 4 -5.08 5.14 10.92
C SER A 4 -3.64 5.34 10.44
N LEU A 5 -3.42 5.33 9.16
CA LEU A 5 -2.04 5.52 8.64
C LEU A 5 -1.39 6.74 9.28
N LYS A 6 -2.18 7.69 9.71
CA LYS A 6 -1.62 8.92 10.34
C LYS A 6 -1.20 8.61 11.78
N ASP A 7 -1.96 7.80 12.47
CA ASP A 7 -1.61 7.47 13.88
C ASP A 7 -0.58 6.33 13.93
N ALA A 8 -0.39 5.64 12.84
CA ALA A 8 0.60 4.52 12.84
C ALA A 8 1.99 5.04 12.48
N ILE A 9 2.06 5.97 11.56
CA ILE A 9 3.39 6.52 11.16
C ILE A 9 4.11 7.12 12.38
N LYS A 10 3.38 7.46 13.40
CA LYS A 10 4.02 8.05 14.61
C LYS A 10 4.51 6.94 15.55
N ASP A 11 5.61 6.32 15.21
CA ASP A 11 6.15 5.24 16.08
C ASP A 11 7.68 5.22 16.03
N PRO A 12 8.28 4.91 17.15
CA PRO A 12 9.76 4.87 17.22
C PRO A 12 10.30 3.61 16.52
N ALA A 13 9.54 2.55 16.52
CA ALA A 13 10.01 1.30 15.85
C ALA A 13 9.98 1.46 14.33
N LEU A 14 9.06 2.25 13.83
CA LEU A 14 8.97 2.44 12.36
C LEU A 14 9.82 3.64 11.94
N GLU A 15 10.06 4.56 12.82
CA GLU A 15 10.88 5.75 12.47
C GLU A 15 12.27 5.31 11.98
N ASN A 16 12.54 5.50 10.72
CA ASN A 16 13.88 5.09 10.18
C ASN A 16 14.14 3.61 10.49
N LYS A 17 13.47 2.73 9.80
CA LYS A 17 13.68 1.27 10.06
C LYS A 17 14.38 0.62 8.86
N GLU A 18 14.87 -0.58 9.03
CA GLU A 18 15.57 -1.26 7.90
C GLU A 18 14.67 -2.36 7.33
N HIS A 19 13.84 -2.04 6.38
CA HIS A 19 12.95 -3.09 5.78
C HIS A 19 13.64 -3.74 4.58
N ASP A 20 14.87 -4.13 4.74
CA ASP A 20 15.59 -4.78 3.61
C ASP A 20 16.16 -6.13 4.06
N ILE A 21 15.44 -6.86 4.86
CA ILE A 21 15.93 -8.18 5.33
C ILE A 21 15.18 -9.32 4.63
N GLY A 22 15.79 -9.93 3.65
CA GLY A 22 15.11 -11.04 2.93
C GLY A 22 15.12 -10.75 1.42
N PRO A 23 14.40 -11.56 0.70
CA PRO A 23 14.32 -11.39 -0.78
C PRO A 23 13.46 -10.18 -1.12
N ARG A 24 13.19 -9.97 -2.38
CA ARG A 24 12.35 -8.81 -2.78
C ARG A 24 12.19 -8.75 -4.31
N GLU A 25 11.04 -8.37 -4.78
CA GLU A 25 10.83 -8.30 -6.26
C GLU A 25 10.19 -6.96 -6.63
N GLN A 26 10.23 -6.60 -7.89
CA GLN A 26 9.62 -5.32 -8.31
C GLN A 26 8.32 -5.56 -9.09
N VAL A 27 7.22 -5.09 -8.57
CA VAL A 27 5.92 -5.31 -9.27
C VAL A 27 5.18 -3.98 -9.43
N ASN A 28 4.63 -3.73 -10.59
CA ASN A 28 3.90 -2.45 -10.80
C ASN A 28 2.42 -2.64 -10.46
N PHE A 29 1.68 -1.56 -10.37
CA PHE A 29 0.23 -1.69 -10.03
C PHE A 29 -0.61 -0.81 -10.96
N GLN A 30 -1.73 -1.30 -11.40
CA GLN A 30 -2.60 -0.50 -12.31
C GLN A 30 -3.76 0.12 -11.52
N LEU A 31 -3.78 1.42 -11.40
CA LEU A 31 -4.89 2.07 -10.65
C LEU A 31 -6.11 2.26 -11.54
N LEU A 32 -7.22 1.67 -11.19
CA LEU A 32 -8.44 1.81 -12.02
C LEU A 32 -9.67 2.05 -11.14
N ASP A 33 -10.28 3.19 -11.25
CA ASP A 33 -11.48 3.48 -10.42
C ASP A 33 -12.73 2.82 -11.03
N LYS A 34 -13.87 3.44 -10.87
CA LYS A 34 -15.12 2.84 -11.44
C LYS A 34 -15.34 3.34 -12.87
N ASN A 35 -14.29 3.43 -13.65
CA ASN A 35 -14.45 3.91 -15.05
C ASN A 35 -13.25 3.48 -15.90
N ASN A 36 -12.58 2.43 -15.50
CA ASN A 36 -11.40 1.96 -16.27
C ASN A 36 -10.45 3.13 -16.55
N GLU A 37 -10.44 4.11 -15.68
CA GLU A 37 -9.54 5.28 -15.88
C GLU A 37 -8.16 4.99 -15.30
N THR A 38 -7.14 4.96 -16.12
CA THR A 38 -5.77 4.68 -15.60
C THR A 38 -5.07 5.99 -15.22
N GLN A 39 -4.43 6.03 -14.09
CA GLN A 39 -3.73 7.27 -13.66
C GLN A 39 -2.22 7.14 -13.87
N TYR A 40 -1.73 7.55 -15.00
CA TYR A 40 -0.26 7.45 -15.26
C TYR A 40 0.36 8.84 -15.42
N TYR A 41 -0.44 9.81 -15.79
CA TYR A 41 0.10 11.19 -15.96
C TYR A 41 0.05 11.94 -14.64
N HIS A 42 -1.00 11.76 -13.88
CA HIS A 42 -1.10 12.47 -12.57
C HIS A 42 -1.50 11.48 -11.47
N PHE A 43 -0.80 11.50 -10.36
CA PHE A 43 -1.14 10.55 -9.26
C PHE A 43 -1.20 11.30 -7.92
N PHE A 44 -1.56 10.63 -6.86
CA PHE A 44 -1.63 11.30 -5.54
C PHE A 44 -0.31 11.15 -4.79
N SER A 45 -0.04 9.99 -4.25
CA SER A 45 1.23 9.78 -3.51
C SER A 45 2.02 8.63 -4.15
N ILE A 46 2.61 7.78 -3.35
CA ILE A 46 3.41 6.66 -3.93
C ILE A 46 4.48 7.20 -4.88
N LYS A 47 5.36 6.36 -5.34
CA LYS A 47 6.43 6.84 -6.27
C LYS A 47 6.98 5.68 -7.11
N ASP A 48 7.41 4.63 -6.48
CA ASP A 48 7.95 3.47 -7.25
C ASP A 48 6.92 2.35 -7.34
N PRO A 49 7.28 1.32 -8.07
CA PRO A 49 6.37 0.16 -8.23
C PRO A 49 6.28 -0.63 -6.93
N ALA A 50 5.23 -1.38 -6.75
CA ALA A 50 5.08 -2.18 -5.50
C ALA A 50 6.23 -3.17 -5.34
N ASP A 51 6.58 -3.51 -4.14
CA ASP A 51 7.69 -4.47 -3.91
C ASP A 51 7.16 -5.72 -3.20
N VAL A 52 7.28 -6.85 -3.82
CA VAL A 52 6.76 -8.11 -3.18
C VAL A 52 7.88 -8.81 -2.40
N TYR A 53 7.64 -9.12 -1.15
CA TYR A 53 8.68 -9.81 -0.34
C TYR A 53 8.29 -11.27 -0.13
N TYR A 54 8.62 -12.13 -1.05
CA TYR A 54 8.26 -13.56 -0.92
C TYR A 54 8.99 -14.18 0.28
N THR A 55 8.26 -14.56 1.29
CA THR A 55 8.91 -15.19 2.48
C THR A 55 8.43 -16.63 2.64
N LYS A 56 9.02 -17.39 3.52
CA LYS A 56 8.59 -18.79 3.71
C LYS A 56 7.12 -18.86 4.10
N LYS A 57 6.58 -17.77 4.60
CA LYS A 57 5.14 -17.77 4.99
C LYS A 57 4.26 -17.42 3.77
N LYS A 58 4.21 -16.18 3.41
CA LYS A 58 3.37 -15.78 2.23
C LYS A 58 3.97 -14.54 1.57
N ALA A 59 3.70 -14.34 0.31
CA ALA A 59 4.25 -13.15 -0.39
C ALA A 59 3.83 -11.88 0.35
N GLU A 60 4.66 -10.86 0.32
CA GLU A 60 4.29 -9.61 1.04
C GLU A 60 4.44 -8.40 0.11
N VAL A 61 3.37 -7.96 -0.49
CA VAL A 61 3.45 -6.77 -1.39
C VAL A 61 3.58 -5.51 -0.55
N GLU A 62 4.37 -4.56 -0.99
CA GLU A 62 4.53 -3.30 -0.20
C GLU A 62 4.50 -2.07 -1.12
N LEU A 63 3.67 -1.12 -0.79
CA LEU A 63 3.60 0.11 -1.63
C LEU A 63 4.24 1.28 -0.88
N ASP A 64 4.57 2.35 -1.56
CA ASP A 64 5.21 3.50 -0.88
C ASP A 64 4.24 4.69 -0.80
N ILE A 65 4.53 5.63 0.06
CA ILE A 65 3.65 6.82 0.20
C ILE A 65 4.47 8.01 0.69
N ASN A 66 4.27 9.17 0.13
CA ASN A 66 5.06 10.36 0.58
C ASN A 66 4.22 11.25 1.49
N THR A 67 3.00 11.53 1.11
CA THR A 67 2.14 12.40 1.96
C THR A 67 1.51 11.58 3.10
N ALA A 68 2.32 10.99 3.93
CA ALA A 68 1.78 10.18 5.05
C ALA A 68 0.94 11.07 5.98
N SER A 69 1.14 12.35 5.94
CA SER A 69 0.35 13.27 6.82
C SER A 69 -1.04 13.52 6.24
N THR A 70 -1.28 13.10 5.02
CA THR A 70 -2.63 13.31 4.40
C THR A 70 -3.43 12.01 4.41
N TRP A 71 -2.79 10.88 4.60
CA TRP A 71 -3.53 9.60 4.61
C TRP A 71 -4.24 9.39 5.95
N LYS A 72 -5.51 9.12 5.93
CA LYS A 72 -6.26 8.92 7.21
C LYS A 72 -6.45 7.42 7.46
N LYS A 73 -7.27 6.77 6.69
CA LYS A 73 -7.50 5.31 6.89
C LYS A 73 -7.01 4.53 5.66
N PHE A 74 -7.20 3.24 5.66
CA PHE A 74 -6.77 2.42 4.49
C PHE A 74 -7.19 0.96 4.66
N GLU A 75 -7.77 0.39 3.64
CA GLU A 75 -8.21 -1.03 3.74
C GLU A 75 -8.16 -1.70 2.37
N VAL A 76 -7.62 -2.88 2.28
CA VAL A 76 -7.54 -3.58 0.96
C VAL A 76 -8.28 -4.91 1.02
N TYR A 77 -9.31 -5.07 0.24
CA TYR A 77 -10.08 -6.36 0.25
C TYR A 77 -10.24 -6.91 -1.16
N GLU A 78 -10.05 -8.20 -1.32
CA GLU A 78 -10.20 -8.81 -2.67
C GLU A 78 -11.35 -9.81 -2.66
N ASN A 79 -12.17 -9.82 -3.67
CA ASN A 79 -13.32 -10.78 -3.72
C ASN A 79 -14.31 -10.45 -2.60
N ASN A 80 -13.97 -10.75 -1.37
CA ASN A 80 -14.90 -10.45 -0.24
C ASN A 80 -14.17 -10.62 1.10
N GLN A 81 -12.92 -10.28 1.15
CA GLN A 81 -12.16 -10.41 2.42
C GLN A 81 -11.18 -9.25 2.59
N LYS A 82 -11.39 -8.42 3.57
CA LYS A 82 -10.48 -7.26 3.78
C LYS A 82 -9.14 -7.74 4.38
N LEU A 83 -8.07 -7.56 3.67
CA LEU A 83 -6.75 -8.00 4.21
C LEU A 83 -6.14 -6.89 5.08
N PRO A 84 -5.57 -7.29 6.19
CA PRO A 84 -4.96 -6.31 7.11
C PRO A 84 -3.63 -5.79 6.55
N VAL A 85 -3.55 -4.52 6.25
CA VAL A 85 -2.29 -3.96 5.71
C VAL A 85 -1.47 -3.35 6.85
N ARG A 86 -0.33 -3.91 7.15
CA ARG A 86 0.50 -3.36 8.26
C ARG A 86 1.50 -2.33 7.72
N LEU A 87 2.23 -1.69 8.59
CA LEU A 87 3.22 -0.68 8.14
C LEU A 87 4.64 -1.22 8.28
N VAL A 88 5.48 -0.92 7.32
CA VAL A 88 6.89 -1.42 7.39
C VAL A 88 7.80 -0.36 8.02
N SER A 89 7.85 0.80 7.42
CA SER A 89 8.71 1.89 7.96
C SER A 89 8.15 3.24 7.55
N TYR A 90 8.46 4.29 8.27
CA TYR A 90 7.92 5.63 7.90
C TYR A 90 8.93 6.73 8.23
N SER A 91 9.26 7.56 7.28
CA SER A 91 10.22 8.66 7.55
C SER A 91 9.51 9.75 8.34
N PRO A 92 10.27 10.48 9.11
CA PRO A 92 9.69 11.56 9.96
C PRO A 92 9.12 12.72 9.13
N VAL A 93 8.32 13.54 9.79
CA VAL A 93 7.66 14.71 9.12
C VAL A 93 8.52 15.36 8.01
N PRO A 94 9.73 15.73 8.32
CA PRO A 94 10.59 16.38 7.31
C PRO A 94 10.78 15.46 6.09
N GLU A 95 10.84 14.18 6.30
CA GLU A 95 10.97 13.26 5.15
C GLU A 95 9.58 12.91 4.63
N ASP A 96 8.61 12.85 5.50
CA ASP A 96 7.22 12.53 5.08
C ASP A 96 7.20 11.34 4.12
N HIS A 97 7.14 10.15 4.63
CA HIS A 97 7.12 8.95 3.75
C HIS A 97 6.64 7.73 4.55
N ALA A 98 5.50 7.19 4.21
CA ALA A 98 4.99 6.00 4.97
C ALA A 98 5.01 4.76 4.06
N TYR A 99 5.25 3.61 4.62
CA TYR A 99 5.28 2.38 3.80
C TYR A 99 4.28 1.35 4.34
N ILE A 100 3.61 0.64 3.47
CA ILE A 100 2.62 -0.38 3.93
C ILE A 100 2.71 -1.62 3.05
N ARG A 101 2.22 -2.74 3.53
CA ARG A 101 2.27 -3.98 2.71
C ARG A 101 1.24 -5.00 3.18
N PHE A 102 0.91 -5.95 2.35
CA PHE A 102 -0.09 -6.99 2.75
C PHE A 102 0.20 -8.30 2.01
N PRO A 103 -0.29 -9.38 2.56
CA PRO A 103 -0.07 -10.71 1.95
C PRO A 103 -0.93 -10.89 0.70
N VAL A 104 -0.53 -11.77 -0.19
CA VAL A 104 -1.32 -12.00 -1.43
C VAL A 104 -1.18 -13.46 -1.87
N SER A 105 -2.12 -14.27 -1.49
CA SER A 105 -2.05 -15.72 -1.89
C SER A 105 -2.84 -15.97 -3.18
N ASP A 106 -2.68 -17.12 -3.75
CA ASP A 106 -3.42 -17.46 -5.00
C ASP A 106 -2.99 -16.54 -6.16
N GLY A 107 -1.79 -16.03 -6.12
CA GLY A 107 -1.33 -15.15 -7.23
C GLY A 107 -2.23 -13.90 -7.29
N THR A 108 -2.78 -13.50 -6.18
CA THR A 108 -3.67 -12.30 -6.15
C THR A 108 -3.14 -11.19 -7.06
N GLN A 109 -3.93 -10.73 -7.97
CA GLN A 109 -3.47 -9.65 -8.90
C GLN A 109 -4.48 -8.49 -8.92
N GLU A 110 -5.54 -8.57 -8.16
CA GLU A 110 -6.54 -7.47 -8.15
C GLU A 110 -7.12 -7.29 -6.74
N LEU A 111 -6.97 -6.12 -6.18
CA LEU A 111 -7.52 -5.88 -4.82
C LEU A 111 -8.18 -4.49 -4.75
N LYS A 112 -9.19 -4.36 -3.92
CA LYS A 112 -9.87 -3.03 -3.81
C LYS A 112 -9.34 -2.28 -2.59
N ILE A 113 -8.85 -1.08 -2.79
CA ILE A 113 -8.31 -0.29 -1.64
C ILE A 113 -9.37 0.70 -1.13
N VAL A 114 -9.41 0.91 0.16
CA VAL A 114 -10.41 1.87 0.72
C VAL A 114 -9.72 2.88 1.63
N SER A 115 -9.80 4.14 1.32
CA SER A 115 -9.13 5.16 2.17
C SER A 115 -9.67 6.56 1.85
N SER A 116 -9.21 7.55 2.56
CA SER A 116 -9.68 8.95 2.29
C SER A 116 -8.66 9.95 2.85
N THR A 117 -8.08 10.75 1.99
CA THR A 117 -7.08 11.75 2.47
C THR A 117 -7.66 13.16 2.37
N GLN A 118 -7.27 14.03 3.26
CA GLN A 118 -7.80 15.43 3.22
C GLN A 118 -6.65 16.43 3.37
N ILE A 119 -6.46 17.27 2.38
CA ILE A 119 -5.36 18.26 2.47
C ILE A 119 -5.90 19.63 2.90
N ASP A 120 -7.07 19.66 3.48
CA ASP A 120 -7.66 20.95 3.92
C ASP A 120 -7.81 21.91 2.74
N ASP A 121 -8.17 21.38 1.59
CA ASP A 121 -8.34 22.27 0.40
C ASP A 121 -9.81 22.70 0.27
N GLY A 122 -10.69 21.78 0.05
CA GLY A 122 -12.13 22.15 -0.08
C GLY A 122 -12.99 20.89 0.09
N GLU A 123 -12.77 19.90 -0.72
CA GLU A 123 -13.58 18.65 -0.62
C GLU A 123 -12.69 17.50 -0.11
N GLU A 124 -13.29 16.52 0.52
CA GLU A 124 -12.48 15.38 1.04
C GLU A 124 -12.21 14.36 -0.07
N THR A 125 -10.96 14.10 -0.34
CA THR A 125 -10.63 13.12 -1.43
C THR A 125 -11.00 11.71 -0.98
N ASN A 126 -12.19 11.27 -1.31
CA ASN A 126 -12.62 9.89 -0.92
C ASN A 126 -12.55 8.95 -2.11
N TYR A 127 -11.89 7.83 -1.96
CA TYR A 127 -11.78 6.87 -3.10
C TYR A 127 -12.95 5.87 -3.04
N ASP A 128 -13.28 5.41 -1.86
CA ASP A 128 -14.41 4.43 -1.73
C ASP A 128 -14.05 3.11 -2.42
N TYR A 129 -14.05 3.08 -3.71
CA TYR A 129 -13.71 1.81 -4.43
C TYR A 129 -12.46 2.01 -5.31
N THR A 130 -11.35 1.45 -4.89
CA THR A 130 -10.11 1.61 -5.70
C THR A 130 -9.60 0.24 -6.15
N LYS A 131 -9.84 -0.13 -7.38
CA LYS A 131 -9.37 -1.45 -7.88
C LYS A 131 -7.91 -1.38 -8.34
N LEU A 132 -6.99 -1.87 -7.57
CA LEU A 132 -5.56 -1.83 -7.98
C LEU A 132 -5.14 -3.18 -8.55
N VAL A 133 -5.10 -3.30 -9.86
CA VAL A 133 -4.70 -4.59 -10.48
C VAL A 133 -3.18 -4.68 -10.59
N PHE A 134 -2.58 -5.57 -9.85
CA PHE A 134 -1.09 -5.73 -9.92
C PHE A 134 -0.64 -5.92 -11.37
N ALA A 135 0.62 -5.79 -11.63
CA ALA A 135 1.12 -6.01 -13.01
C ALA A 135 1.21 -7.51 -13.29
N LYS A 136 1.33 -8.29 -12.25
CA LYS A 136 1.40 -9.76 -12.43
C LYS A 136 0.88 -10.46 -11.16
N PRO A 137 0.65 -11.74 -11.29
CA PRO A 137 0.13 -12.54 -10.14
C PRO A 137 1.24 -12.74 -9.10
N ILE A 138 0.98 -12.40 -7.87
CA ILE A 138 2.02 -12.58 -6.82
C ILE A 138 1.99 -14.00 -6.27
N TYR A 139 2.92 -14.83 -6.67
CA TYR A 139 2.94 -16.23 -6.18
C TYR A 139 4.17 -16.46 -5.29
N ASN A 140 3.96 -16.82 -4.06
CA ASN A 140 5.11 -17.06 -3.14
C ASN A 140 6.06 -18.10 -3.73
N ASP A 141 7.21 -18.30 -3.12
CA ASP A 141 8.17 -19.31 -3.65
C ASP A 141 8.25 -20.50 -2.69
N PRO A 142 7.40 -21.47 -2.94
CA PRO A 142 7.37 -22.68 -2.09
C PRO A 142 8.59 -23.56 -2.37
N SER A 143 9.27 -23.34 -3.47
CA SER A 143 10.47 -24.17 -3.78
C SER A 143 11.69 -23.27 -3.98
N LEU A 144 11.50 -22.12 -4.56
CA LEU A 144 12.64 -21.20 -4.79
C LEU A 144 13.67 -21.84 -5.74
N ALA A 1 -6.37 -4.37 15.43
CA ALA A 1 -6.06 -4.89 14.07
C ALA A 1 -5.34 -3.82 13.23
N ASP A 2 -6.06 -2.82 12.78
CA ASP A 2 -5.42 -1.75 11.98
C ASP A 2 -5.84 -0.38 12.50
N GLU A 3 -4.98 0.59 12.42
CA GLU A 3 -5.34 1.96 12.92
C GLU A 3 -5.35 2.95 11.75
N SER A 4 -5.10 4.20 12.03
CA SER A 4 -5.10 5.22 10.93
C SER A 4 -3.67 5.42 10.40
N LEU A 5 -3.49 5.31 9.12
CA LEU A 5 -2.12 5.48 8.55
C LEU A 5 -1.50 6.80 9.03
N LYS A 6 -2.31 7.79 9.29
CA LYS A 6 -1.76 9.09 9.76
C LYS A 6 -1.49 9.05 11.27
N ASP A 7 -2.23 8.27 12.00
CA ASP A 7 -2.01 8.19 13.48
C ASP A 7 -1.08 7.02 13.81
N ALA A 8 -0.85 6.13 12.89
CA ALA A 8 0.05 4.97 13.18
C ALA A 8 1.50 5.35 12.87
N ILE A 9 1.73 6.07 11.80
CA ILE A 9 3.12 6.45 11.46
C ILE A 9 3.83 7.07 12.66
N LYS A 10 3.08 7.68 13.55
CA LYS A 10 3.70 8.31 14.75
C LYS A 10 4.26 7.23 15.69
N ASP A 11 5.32 6.59 15.28
CA ASP A 11 5.93 5.53 16.15
C ASP A 11 7.46 5.56 16.04
N PRO A 12 8.10 5.17 17.11
CA PRO A 12 9.57 5.15 17.14
C PRO A 12 10.11 4.00 16.30
N ALA A 13 9.42 2.88 16.27
CA ALA A 13 9.89 1.73 15.47
C ALA A 13 9.65 1.99 13.98
N LEU A 14 8.62 2.71 13.65
CA LEU A 14 8.33 3.00 12.21
C LEU A 14 8.82 4.40 11.86
N GLU A 15 9.88 4.85 12.47
CA GLU A 15 10.41 6.21 12.16
C GLU A 15 11.48 6.13 11.07
N ASN A 16 12.21 5.05 11.03
CA ASN A 16 13.28 4.92 10.00
C ASN A 16 13.80 3.47 9.95
N LYS A 17 12.94 2.52 10.21
CA LYS A 17 13.40 1.09 10.19
C LYS A 17 13.95 0.75 8.80
N GLU A 18 14.63 -0.36 8.69
CA GLU A 18 15.21 -0.75 7.37
C GLU A 18 14.24 -1.69 6.64
N HIS A 19 13.27 -1.14 5.95
CA HIS A 19 12.30 -2.00 5.21
C HIS A 19 12.95 -2.58 3.95
N ASP A 20 14.01 -3.34 4.12
CA ASP A 20 14.68 -3.94 2.95
C ASP A 20 15.50 -5.16 3.37
N ILE A 21 14.90 -6.05 4.12
CA ILE A 21 15.65 -7.26 4.57
C ILE A 21 15.02 -8.52 3.97
N GLY A 22 15.82 -9.41 3.46
CA GLY A 22 15.26 -10.66 2.86
C GLY A 22 15.12 -10.49 1.35
N PRO A 23 14.64 -11.53 0.71
CA PRO A 23 14.47 -11.49 -0.76
C PRO A 23 13.29 -10.59 -1.13
N ARG A 24 13.14 -10.28 -2.39
CA ARG A 24 12.01 -9.40 -2.81
C ARG A 24 11.95 -9.29 -4.34
N GLU A 25 10.96 -8.61 -4.85
CA GLU A 25 10.85 -8.47 -6.33
C GLU A 25 10.19 -7.13 -6.68
N GLN A 26 10.18 -6.77 -7.94
CA GLN A 26 9.55 -5.48 -8.34
C GLN A 26 8.29 -5.73 -9.16
N VAL A 27 7.20 -5.12 -8.80
CA VAL A 27 5.94 -5.33 -9.56
C VAL A 27 5.22 -3.99 -9.78
N ASN A 28 4.68 -3.80 -10.95
CA ASN A 28 3.96 -2.52 -11.23
C ASN A 28 2.48 -2.67 -10.88
N PHE A 29 1.83 -1.60 -10.51
CA PHE A 29 0.38 -1.69 -10.16
C PHE A 29 -0.43 -0.71 -11.00
N GLN A 30 -1.56 -1.13 -11.50
CA GLN A 30 -2.39 -0.21 -12.33
C GLN A 30 -3.49 0.41 -11.47
N LEU A 31 -3.43 1.70 -11.25
CA LEU A 31 -4.47 2.37 -10.43
C LEU A 31 -5.69 2.72 -11.29
N LEU A 32 -6.83 2.18 -10.97
CA LEU A 32 -8.05 2.48 -11.78
C LEU A 32 -9.25 2.73 -10.88
N ASP A 33 -9.96 3.80 -11.11
CA ASP A 33 -11.16 4.10 -10.27
C ASP A 33 -12.36 3.30 -10.76
N LYS A 34 -13.54 3.85 -10.66
CA LYS A 34 -14.75 3.11 -11.13
C LYS A 34 -15.03 3.42 -12.61
N ASN A 35 -14.01 3.49 -13.41
CA ASN A 35 -14.21 3.80 -14.86
C ASN A 35 -12.94 3.52 -15.65
N ASN A 36 -12.13 2.60 -15.20
CA ASN A 36 -10.87 2.28 -15.93
C ASN A 36 -10.09 3.56 -16.22
N GLU A 37 -10.10 4.51 -15.32
CA GLU A 37 -9.37 5.78 -15.57
C GLU A 37 -8.31 6.00 -14.47
N THR A 38 -7.10 6.29 -14.86
CA THR A 38 -6.03 6.51 -13.84
C THR A 38 -6.10 7.94 -13.29
N GLN A 39 -6.48 8.09 -12.05
CA GLN A 39 -6.56 9.47 -11.46
C GLN A 39 -5.40 9.69 -10.49
N TYR A 40 -4.19 9.67 -10.98
CA TYR A 40 -3.02 9.89 -10.09
C TYR A 40 -2.20 11.09 -10.57
N TYR A 41 -2.78 11.95 -11.36
CA TYR A 41 -2.04 13.13 -11.86
C TYR A 41 -1.84 14.15 -10.74
N HIS A 42 -2.90 14.60 -10.14
CA HIS A 42 -2.78 15.60 -9.04
C HIS A 42 -2.25 14.93 -7.77
N PHE A 43 -2.65 13.71 -7.52
CA PHE A 43 -2.17 13.01 -6.29
C PHE A 43 -1.01 12.07 -6.65
N PHE A 44 0.18 12.39 -6.23
CA PHE A 44 1.34 11.51 -6.54
C PHE A 44 1.87 10.87 -5.26
N SER A 45 1.00 10.42 -4.40
CA SER A 45 1.44 9.78 -3.12
C SER A 45 2.49 8.71 -3.43
N ILE A 46 2.07 7.52 -3.77
CA ILE A 46 3.06 6.44 -4.07
C ILE A 46 4.03 6.92 -5.16
N LYS A 47 5.21 6.38 -5.19
CA LYS A 47 6.20 6.83 -6.23
C LYS A 47 6.86 5.63 -6.90
N ASP A 48 7.20 4.61 -6.15
CA ASP A 48 7.85 3.41 -6.75
C ASP A 48 6.83 2.32 -7.03
N PRO A 49 7.28 1.32 -7.76
CA PRO A 49 6.40 0.18 -8.11
C PRO A 49 6.18 -0.70 -6.89
N ALA A 50 5.21 -1.57 -6.94
CA ALA A 50 4.93 -2.46 -5.77
C ALA A 50 6.14 -3.35 -5.48
N ASP A 51 6.40 -3.62 -4.23
CA ASP A 51 7.55 -4.48 -3.87
C ASP A 51 7.07 -5.76 -3.18
N VAL A 52 7.27 -6.89 -3.79
CA VAL A 52 6.80 -8.16 -3.18
C VAL A 52 7.86 -8.72 -2.22
N TYR A 53 7.44 -9.24 -1.10
CA TYR A 53 8.41 -9.79 -0.11
C TYR A 53 8.16 -11.29 0.09
N TYR A 54 8.71 -12.11 -0.77
CA TYR A 54 8.50 -13.58 -0.62
C TYR A 54 9.21 -14.10 0.63
N THR A 55 8.52 -14.88 1.43
CA THR A 55 9.16 -15.41 2.67
C THR A 55 8.91 -16.92 2.77
N LYS A 56 9.01 -17.46 3.96
CA LYS A 56 8.79 -18.93 4.13
C LYS A 56 7.29 -19.24 4.16
N LYS A 57 6.46 -18.25 4.39
CA LYS A 57 4.99 -18.51 4.43
C LYS A 57 4.32 -17.94 3.17
N LYS A 58 4.02 -16.67 3.16
CA LYS A 58 3.37 -16.07 1.96
C LYS A 58 4.09 -14.78 1.56
N ALA A 59 3.96 -14.37 0.33
CA ALA A 59 4.63 -13.12 -0.13
C ALA A 59 4.05 -11.91 0.61
N GLU A 60 4.67 -10.77 0.48
CA GLU A 60 4.14 -9.55 1.17
C GLU A 60 4.35 -8.32 0.28
N VAL A 61 3.37 -7.97 -0.50
CA VAL A 61 3.52 -6.77 -1.38
C VAL A 61 3.68 -5.51 -0.53
N GLU A 62 4.47 -4.57 -0.97
CA GLU A 62 4.67 -3.32 -0.18
C GLU A 62 4.59 -2.09 -1.09
N LEU A 63 4.18 -0.97 -0.56
CA LEU A 63 4.08 0.25 -1.40
C LEU A 63 4.56 1.47 -0.60
N ASP A 64 5.03 2.48 -1.27
CA ASP A 64 5.52 3.70 -0.55
C ASP A 64 4.46 4.80 -0.63
N ILE A 65 4.52 5.76 0.25
CA ILE A 65 3.52 6.86 0.23
C ILE A 65 4.19 8.20 0.55
N ASN A 66 4.49 8.98 -0.44
CA ASN A 66 5.15 10.30 -0.19
C ASN A 66 4.35 11.13 0.82
N THR A 67 3.10 11.37 0.55
CA THR A 67 2.28 12.18 1.50
C THR A 67 1.57 11.27 2.50
N ALA A 68 2.33 10.51 3.25
CA ALA A 68 1.71 9.61 4.26
C ALA A 68 0.92 10.41 5.29
N SER A 69 1.24 11.67 5.43
CA SER A 69 0.51 12.51 6.43
C SER A 69 -0.93 12.76 5.96
N THR A 70 -1.21 12.54 4.70
CA THR A 70 -2.60 12.77 4.21
C THR A 70 -3.44 11.50 4.39
N TRP A 71 -2.83 10.35 4.26
CA TRP A 71 -3.60 9.08 4.43
C TRP A 71 -4.23 9.01 5.82
N LYS A 72 -5.44 8.52 5.90
CA LYS A 72 -6.11 8.42 7.23
C LYS A 72 -6.53 6.97 7.50
N LYS A 73 -7.05 6.31 6.51
CA LYS A 73 -7.47 4.89 6.69
C LYS A 73 -7.05 4.05 5.49
N PHE A 74 -7.19 2.76 5.56
CA PHE A 74 -6.79 1.90 4.41
C PHE A 74 -7.17 0.44 4.69
N GLU A 75 -7.82 -0.20 3.76
CA GLU A 75 -8.20 -1.63 3.97
C GLU A 75 -8.43 -2.32 2.62
N VAL A 76 -7.40 -2.89 2.06
CA VAL A 76 -7.55 -3.58 0.75
C VAL A 76 -8.58 -4.71 0.86
N TYR A 77 -9.40 -4.88 -0.14
CA TYR A 77 -10.43 -5.96 -0.09
C TYR A 77 -10.46 -6.73 -1.42
N GLU A 78 -10.20 -8.00 -1.38
CA GLU A 78 -10.22 -8.81 -2.63
C GLU A 78 -10.79 -10.20 -2.36
N ASN A 79 -11.54 -10.74 -3.28
CA ASN A 79 -12.12 -12.10 -3.06
C ASN A 79 -12.93 -12.13 -1.77
N ASN A 80 -13.75 -11.14 -1.54
CA ASN A 80 -14.57 -11.11 -0.30
C ASN A 80 -13.68 -11.35 0.92
N GLN A 81 -12.83 -10.41 1.25
CA GLN A 81 -11.95 -10.59 2.43
C GLN A 81 -11.02 -9.37 2.59
N LYS A 82 -11.33 -8.50 3.51
CA LYS A 82 -10.47 -7.30 3.70
C LYS A 82 -9.13 -7.71 4.30
N LEU A 83 -8.05 -7.32 3.67
CA LEU A 83 -6.69 -7.69 4.20
C LEU A 83 -6.21 -6.64 5.20
N PRO A 84 -5.77 -7.10 6.34
CA PRO A 84 -5.28 -6.16 7.38
C PRO A 84 -3.90 -5.62 6.99
N VAL A 85 -3.86 -4.51 6.30
CA VAL A 85 -2.55 -3.94 5.89
C VAL A 85 -1.85 -3.31 7.10
N ARG A 86 -0.55 -3.42 7.16
CA ARG A 86 0.20 -2.83 8.31
C ARG A 86 1.20 -1.79 7.82
N LEU A 87 1.96 -1.21 8.71
CA LEU A 87 2.96 -0.19 8.29
C LEU A 87 4.37 -0.65 8.66
N VAL A 88 5.12 -1.13 7.71
CA VAL A 88 6.50 -1.57 7.99
C VAL A 88 7.32 -0.44 8.61
N SER A 89 7.63 0.56 7.83
CA SER A 89 8.41 1.70 8.37
C SER A 89 7.83 3.02 7.83
N TYR A 90 8.16 4.13 8.44
CA TYR A 90 7.62 5.42 7.95
C TYR A 90 8.61 6.56 8.23
N SER A 91 8.96 7.30 7.22
CA SER A 91 9.91 8.43 7.44
C SER A 91 9.17 9.57 8.15
N PRO A 92 9.92 10.32 8.91
CA PRO A 92 9.33 11.44 9.70
C PRO A 92 8.82 12.59 8.82
N VAL A 93 8.02 13.45 9.41
CA VAL A 93 7.41 14.62 8.69
C VAL A 93 8.30 15.18 7.57
N PRO A 94 9.52 15.54 7.89
CA PRO A 94 10.42 16.12 6.87
C PRO A 94 10.62 15.14 5.71
N GLU A 95 10.65 13.87 6.00
CA GLU A 95 10.82 12.88 4.89
C GLU A 95 9.44 12.51 4.32
N ASP A 96 8.44 12.48 5.16
CA ASP A 96 7.07 12.15 4.68
C ASP A 96 7.10 10.91 3.78
N HIS A 97 7.04 9.74 4.36
CA HIS A 97 7.06 8.50 3.54
C HIS A 97 6.61 7.31 4.39
N ALA A 98 5.52 6.68 4.04
CA ALA A 98 5.05 5.52 4.84
C ALA A 98 5.19 4.22 4.03
N TYR A 99 5.64 3.16 4.65
CA TYR A 99 5.82 1.89 3.90
C TYR A 99 4.82 0.84 4.41
N ILE A 100 3.79 0.58 3.64
CA ILE A 100 2.78 -0.43 4.07
C ILE A 100 2.90 -1.70 3.21
N ARG A 101 2.26 -2.75 3.61
CA ARG A 101 2.33 -4.01 2.82
C ARG A 101 1.22 -4.98 3.23
N PHE A 102 0.87 -5.91 2.38
CA PHE A 102 -0.20 -6.89 2.71
C PHE A 102 0.12 -8.26 2.10
N PRO A 103 -0.53 -9.27 2.62
CA PRO A 103 -0.31 -10.65 2.12
C PRO A 103 -0.98 -10.83 0.76
N VAL A 104 -0.57 -11.82 0.00
CA VAL A 104 -1.19 -12.07 -1.33
C VAL A 104 -1.16 -13.56 -1.66
N SER A 105 -2.21 -14.25 -1.33
CA SER A 105 -2.26 -15.71 -1.62
C SER A 105 -2.95 -15.97 -2.97
N ASP A 106 -2.72 -17.12 -3.54
CA ASP A 106 -3.37 -17.46 -4.84
C ASP A 106 -2.86 -16.54 -5.96
N GLY A 107 -1.72 -15.93 -5.78
CA GLY A 107 -1.18 -15.05 -6.87
C GLY A 107 -2.08 -13.80 -7.00
N THR A 108 -2.70 -13.39 -5.92
CA THR A 108 -3.59 -12.19 -5.95
C THR A 108 -3.01 -11.10 -6.86
N GLN A 109 -3.73 -10.73 -7.88
CA GLN A 109 -3.23 -9.67 -8.80
C GLN A 109 -4.18 -8.47 -8.83
N GLU A 110 -5.38 -8.63 -8.31
CA GLU A 110 -6.35 -7.49 -8.31
C GLU A 110 -6.96 -7.34 -6.91
N LEU A 111 -6.84 -6.17 -6.33
CA LEU A 111 -7.41 -5.97 -4.97
C LEU A 111 -8.02 -4.56 -4.86
N LYS A 112 -9.17 -4.45 -4.25
CA LYS A 112 -9.81 -3.12 -4.10
C LYS A 112 -9.25 -2.42 -2.86
N ILE A 113 -9.01 -1.14 -2.94
CA ILE A 113 -8.46 -0.41 -1.76
C ILE A 113 -9.51 0.53 -1.17
N VAL A 114 -9.58 0.60 0.13
CA VAL A 114 -10.58 1.49 0.78
C VAL A 114 -9.86 2.50 1.68
N SER A 115 -9.92 3.76 1.36
CA SER A 115 -9.22 4.77 2.21
C SER A 115 -9.69 6.19 1.88
N SER A 116 -9.21 7.16 2.60
CA SER A 116 -9.61 8.57 2.34
C SER A 116 -8.53 9.52 2.86
N THR A 117 -8.02 10.37 2.02
CA THR A 117 -6.96 11.32 2.48
C THR A 117 -7.48 12.76 2.47
N GLN A 118 -6.87 13.62 3.25
CA GLN A 118 -7.32 15.03 3.30
C GLN A 118 -6.10 15.97 3.40
N ILE A 119 -6.03 16.96 2.54
CA ILE A 119 -4.87 17.89 2.59
C ILE A 119 -5.33 19.29 3.01
N ASP A 120 -6.46 19.39 3.66
CA ASP A 120 -6.96 20.72 4.09
C ASP A 120 -6.93 21.70 2.91
N ASP A 121 -7.56 21.37 1.84
CA ASP A 121 -7.57 22.28 0.65
C ASP A 121 -9.01 22.57 0.22
N GLY A 122 -9.68 21.58 -0.31
CA GLY A 122 -11.09 21.80 -0.74
C GLY A 122 -11.95 20.61 -0.30
N GLU A 123 -12.38 19.80 -1.22
CA GLU A 123 -13.22 18.62 -0.84
C GLU A 123 -12.32 17.43 -0.50
N GLU A 124 -12.58 16.80 0.61
CA GLU A 124 -11.74 15.62 0.99
C GLU A 124 -11.85 14.52 -0.07
N THR A 125 -10.80 13.77 -0.28
CA THR A 125 -10.85 12.69 -1.29
C THR A 125 -10.99 11.33 -0.61
N ASN A 126 -12.17 10.77 -0.63
CA ASN A 126 -12.38 9.44 0.02
C ASN A 126 -12.44 8.34 -1.04
N TYR A 127 -11.40 7.56 -1.15
CA TYR A 127 -11.40 6.46 -2.16
C TYR A 127 -12.33 5.33 -1.72
N ASP A 128 -13.62 5.55 -1.81
CA ASP A 128 -14.58 4.49 -1.40
C ASP A 128 -14.26 3.17 -2.11
N TYR A 129 -14.01 3.22 -3.39
CA TYR A 129 -13.68 1.97 -4.13
C TYR A 129 -12.54 2.21 -5.12
N THR A 130 -11.41 1.61 -4.88
CA THR A 130 -10.25 1.80 -5.80
C THR A 130 -9.79 0.45 -6.35
N LYS A 131 -10.03 0.21 -7.61
CA LYS A 131 -9.61 -1.10 -8.21
C LYS A 131 -8.14 -1.04 -8.64
N LEU A 132 -7.26 -1.53 -7.82
CA LEU A 132 -5.81 -1.51 -8.18
C LEU A 132 -5.40 -2.88 -8.73
N VAL A 133 -5.12 -2.95 -9.99
CA VAL A 133 -4.71 -4.26 -10.60
C VAL A 133 -3.19 -4.34 -10.73
N PHE A 134 -2.59 -5.33 -10.13
CA PHE A 134 -1.10 -5.47 -10.22
C PHE A 134 -0.69 -5.74 -11.67
N ALA A 135 0.57 -5.65 -11.97
CA ALA A 135 1.03 -5.94 -13.35
C ALA A 135 1.12 -7.45 -13.55
N LYS A 136 1.32 -8.17 -12.46
CA LYS A 136 1.41 -9.65 -12.54
C LYS A 136 0.88 -10.25 -11.23
N PRO A 137 0.60 -11.52 -11.28
CA PRO A 137 0.07 -12.22 -10.08
C PRO A 137 1.18 -12.36 -9.03
N ILE A 138 0.88 -12.05 -7.80
CA ILE A 138 1.92 -12.15 -6.72
C ILE A 138 1.91 -13.55 -6.10
N TYR A 139 2.72 -14.44 -6.60
CA TYR A 139 2.76 -15.82 -6.04
C TYR A 139 3.95 -15.97 -5.09
N ASN A 140 3.75 -16.60 -3.96
CA ASN A 140 4.88 -16.77 -3.00
C ASN A 140 5.83 -17.87 -3.48
N ASP A 141 6.91 -18.09 -2.79
CA ASP A 141 7.88 -19.14 -3.21
C ASP A 141 7.84 -20.32 -2.23
N PRO A 142 7.00 -21.25 -2.53
CA PRO A 142 6.86 -22.46 -1.67
C PRO A 142 8.07 -23.39 -1.85
N SER A 143 8.81 -23.22 -2.90
CA SER A 143 10.00 -24.09 -3.13
C SER A 143 11.27 -23.24 -3.21
N LEU A 144 11.15 -22.02 -3.67
CA LEU A 144 12.35 -21.14 -3.78
C LEU A 144 13.42 -21.82 -4.63
N ALA A 1 -7.59 -3.50 15.80
CA ALA A 1 -7.16 -4.32 14.62
C ALA A 1 -6.56 -3.42 13.54
N ASP A 2 -7.28 -2.43 13.12
CA ASP A 2 -6.75 -1.52 12.06
C ASP A 2 -6.85 -0.07 12.51
N GLU A 3 -5.75 0.63 12.60
CA GLU A 3 -5.78 2.04 13.03
C GLU A 3 -5.68 2.97 11.82
N SER A 4 -5.10 4.12 11.98
CA SER A 4 -4.97 5.07 10.83
C SER A 4 -3.50 5.26 10.47
N LEU A 5 -3.22 5.49 9.22
CA LEU A 5 -1.80 5.69 8.80
C LEU A 5 -1.25 7.01 9.36
N LYS A 6 -2.11 7.94 9.63
CA LYS A 6 -1.65 9.25 10.18
C LYS A 6 -1.42 9.14 11.69
N ASP A 7 -2.05 8.20 12.33
CA ASP A 7 -1.86 8.05 13.81
C ASP A 7 -0.96 6.84 14.12
N ALA A 8 -0.55 6.11 13.12
CA ALA A 8 0.33 4.93 13.37
C ALA A 8 1.79 5.26 13.01
N ILE A 9 1.98 6.08 12.01
CA ILE A 9 3.37 6.44 11.60
C ILE A 9 4.17 6.94 12.81
N LYS A 10 3.50 7.49 13.79
CA LYS A 10 4.22 7.99 14.99
C LYS A 10 4.63 6.83 15.89
N ASP A 11 5.56 6.02 15.45
CA ASP A 11 6.01 4.87 16.28
C ASP A 11 7.53 4.72 16.21
N PRO A 12 8.09 4.22 17.29
CA PRO A 12 9.56 4.03 17.36
C PRO A 12 9.99 2.83 16.51
N ALA A 13 9.13 1.88 16.33
CA ALA A 13 9.48 0.69 15.51
C ALA A 13 9.19 0.93 14.03
N LEU A 14 8.62 2.06 13.70
CA LEU A 14 8.31 2.33 12.25
C LEU A 14 9.11 3.54 11.77
N GLU A 15 9.52 4.39 12.67
CA GLU A 15 10.31 5.59 12.25
C GLU A 15 11.72 5.18 11.82
N ASN A 16 11.95 5.11 10.54
CA ASN A 16 13.31 4.72 10.05
C ASN A 16 13.65 3.30 10.50
N LYS A 17 13.25 2.32 9.75
CA LYS A 17 13.55 0.91 10.13
C LYS A 17 14.00 0.12 8.91
N GLU A 18 15.00 -0.71 9.06
CA GLU A 18 15.49 -1.51 7.90
C GLU A 18 14.47 -2.59 7.53
N HIS A 19 13.34 -2.20 7.02
CA HIS A 19 12.30 -3.21 6.63
C HIS A 19 12.83 -4.13 5.53
N ASP A 20 13.84 -3.71 4.82
CA ASP A 20 14.40 -4.56 3.75
C ASP A 20 15.27 -5.68 4.33
N ILE A 21 14.67 -6.78 4.70
CA ILE A 21 15.47 -7.90 5.29
C ILE A 21 15.12 -9.21 4.58
N GLY A 22 15.91 -9.59 3.61
CA GLY A 22 15.64 -10.86 2.88
C GLY A 22 15.52 -10.57 1.37
N PRO A 23 14.87 -11.47 0.69
CA PRO A 23 14.69 -11.32 -0.78
C PRO A 23 13.66 -10.21 -1.08
N ARG A 24 13.41 -9.96 -2.34
CA ARG A 24 12.42 -8.90 -2.69
C ARG A 24 12.23 -8.85 -4.21
N GLU A 25 11.32 -8.03 -4.68
CA GLU A 25 11.09 -7.93 -6.15
C GLU A 25 10.42 -6.60 -6.48
N GLN A 26 10.02 -6.41 -7.71
CA GLN A 26 9.35 -5.14 -8.09
C GLN A 26 8.06 -5.43 -8.87
N VAL A 27 7.03 -4.68 -8.61
CA VAL A 27 5.74 -4.90 -9.33
C VAL A 27 4.99 -3.58 -9.47
N ASN A 28 4.64 -3.22 -10.69
CA ASN A 28 3.91 -1.94 -10.89
C ASN A 28 2.42 -2.13 -10.56
N PHE A 29 1.70 -1.07 -10.36
CA PHE A 29 0.25 -1.20 -10.04
C PHE A 29 -0.57 -0.27 -10.94
N GLN A 30 -1.68 -0.75 -11.43
CA GLN A 30 -2.54 0.09 -12.31
C GLN A 30 -3.68 0.70 -11.49
N LEU A 31 -3.69 2.00 -11.33
CA LEU A 31 -4.77 2.64 -10.54
C LEU A 31 -6.05 2.76 -11.39
N LEU A 32 -7.10 2.12 -10.99
CA LEU A 32 -8.36 2.19 -11.78
C LEU A 32 -9.55 2.53 -10.87
N ASP A 33 -9.99 3.76 -10.88
CA ASP A 33 -11.15 4.14 -10.02
C ASP A 33 -12.43 3.45 -10.52
N LYS A 34 -13.56 4.08 -10.34
CA LYS A 34 -14.84 3.46 -10.80
C LYS A 34 -15.15 3.88 -12.24
N ASN A 35 -14.15 3.94 -13.08
CA ASN A 35 -14.39 4.33 -14.50
C ASN A 35 -13.33 3.73 -15.42
N ASN A 36 -12.66 2.71 -14.98
CA ASN A 36 -11.61 2.07 -15.84
C ASN A 36 -10.68 3.14 -16.41
N GLU A 37 -10.28 4.10 -15.61
CA GLU A 37 -9.38 5.17 -16.12
C GLU A 37 -8.01 5.06 -15.46
N THR A 38 -7.01 4.64 -16.20
CA THR A 38 -5.65 4.51 -15.61
C THR A 38 -4.96 5.88 -15.58
N GLN A 39 -4.46 6.28 -14.44
CA GLN A 39 -3.77 7.60 -14.35
C GLN A 39 -2.31 7.48 -14.80
N TYR A 40 -1.81 8.48 -15.48
CA TYR A 40 -0.39 8.42 -15.94
C TYR A 40 0.55 8.47 -14.73
N TYR A 41 1.81 8.73 -14.96
CA TYR A 41 2.79 8.78 -13.83
C TYR A 41 2.53 10.03 -12.99
N HIS A 42 1.53 10.00 -12.15
CA HIS A 42 1.24 11.19 -11.30
C HIS A 42 2.11 11.18 -10.04
N PHE A 43 2.24 12.30 -9.39
CA PHE A 43 3.07 12.35 -8.16
C PHE A 43 2.27 12.94 -6.99
N PHE A 44 1.31 12.20 -6.48
CA PHE A 44 0.50 12.73 -5.36
C PHE A 44 0.76 11.92 -4.08
N SER A 45 0.65 10.63 -4.14
CA SER A 45 0.90 9.80 -2.93
C SER A 45 2.00 8.76 -3.22
N ILE A 46 1.64 7.66 -3.83
CA ILE A 46 2.66 6.62 -4.14
C ILE A 46 3.69 7.17 -5.15
N LYS A 47 4.84 6.56 -5.20
CA LYS A 47 5.88 7.05 -6.16
C LYS A 47 6.56 5.86 -6.86
N ASP A 48 7.08 4.93 -6.10
CA ASP A 48 7.76 3.75 -6.71
C ASP A 48 6.74 2.63 -6.93
N PRO A 49 7.18 1.64 -7.66
CA PRO A 49 6.31 0.48 -7.96
C PRO A 49 6.16 -0.40 -6.71
N ALA A 50 5.10 -1.17 -6.65
CA ALA A 50 4.90 -2.05 -5.46
C ALA A 50 5.94 -3.18 -5.46
N ASP A 51 6.69 -3.31 -4.40
CA ASP A 51 7.71 -4.39 -4.34
C ASP A 51 7.10 -5.65 -3.74
N VAL A 52 7.67 -6.80 -4.04
CA VAL A 52 7.11 -8.07 -3.49
C VAL A 52 8.08 -8.67 -2.47
N TYR A 53 7.64 -8.88 -1.26
CA TYR A 53 8.52 -9.48 -0.22
C TYR A 53 8.14 -10.93 0.01
N TYR A 54 8.81 -11.84 -0.66
CA TYR A 54 8.49 -13.29 -0.48
C TYR A 54 9.13 -13.83 0.80
N THR A 55 8.35 -14.08 1.82
CA THR A 55 8.91 -14.60 3.09
C THR A 55 8.69 -16.12 3.17
N LYS A 56 8.73 -16.67 4.35
CA LYS A 56 8.53 -18.13 4.50
C LYS A 56 7.04 -18.45 4.66
N LYS A 57 6.25 -17.48 5.06
CA LYS A 57 4.79 -17.73 5.24
C LYS A 57 4.05 -17.53 3.91
N LYS A 58 3.82 -16.31 3.52
CA LYS A 58 3.11 -16.04 2.24
C LYS A 58 3.73 -14.85 1.51
N ALA A 59 3.49 -14.72 0.24
CA ALA A 59 4.06 -13.57 -0.52
C ALA A 59 3.53 -12.26 0.06
N GLU A 60 4.27 -11.19 -0.12
CA GLU A 60 3.81 -9.88 0.44
C GLU A 60 4.11 -8.75 -0.55
N VAL A 61 3.27 -7.75 -0.60
CA VAL A 61 3.51 -6.61 -1.52
C VAL A 61 3.67 -5.32 -0.71
N GLU A 62 4.67 -4.53 -1.01
CA GLU A 62 4.87 -3.26 -0.25
C GLU A 62 4.76 -2.04 -1.16
N LEU A 63 4.05 -1.04 -0.74
CA LEU A 63 3.91 0.19 -1.58
C LEU A 63 4.59 1.37 -0.88
N ASP A 64 5.16 2.27 -1.64
CA ASP A 64 5.86 3.43 -1.02
C ASP A 64 4.98 4.68 -1.12
N ILE A 65 4.52 5.19 -0.01
CA ILE A 65 3.67 6.41 -0.05
C ILE A 65 4.54 7.66 0.16
N ASN A 66 4.11 8.78 -0.35
CA ASN A 66 4.93 10.02 -0.18
C ASN A 66 4.19 11.03 0.69
N THR A 67 2.89 11.16 0.51
CA THR A 67 2.12 12.13 1.33
C THR A 67 1.54 11.43 2.57
N ALA A 68 2.35 10.71 3.29
CA ALA A 68 1.85 10.01 4.50
C ALA A 68 1.05 10.98 5.39
N SER A 69 1.33 12.24 5.31
CA SER A 69 0.60 13.23 6.14
C SER A 69 -0.85 13.38 5.67
N THR A 70 -1.16 12.90 4.49
CA THR A 70 -2.55 13.03 3.98
C THR A 70 -3.33 11.73 4.20
N TRP A 71 -2.66 10.60 4.12
CA TRP A 71 -3.37 9.30 4.33
C TRP A 71 -3.97 9.25 5.73
N LYS A 72 -5.05 8.51 5.89
CA LYS A 72 -5.69 8.42 7.24
C LYS A 72 -6.05 6.96 7.54
N LYS A 73 -6.77 6.32 6.65
CA LYS A 73 -7.15 4.90 6.88
C LYS A 73 -6.66 4.03 5.72
N PHE A 74 -6.95 2.76 5.75
CA PHE A 74 -6.50 1.87 4.65
C PHE A 74 -7.03 0.45 4.86
N GLU A 75 -7.77 -0.07 3.92
CA GLU A 75 -8.32 -1.45 4.09
C GLU A 75 -8.51 -2.10 2.71
N VAL A 76 -7.57 -2.88 2.27
CA VAL A 76 -7.70 -3.55 0.94
C VAL A 76 -8.64 -4.75 1.04
N TYR A 77 -9.34 -5.05 -0.01
CA TYR A 77 -10.28 -6.22 0.03
C TYR A 77 -10.26 -6.96 -1.31
N GLU A 78 -9.99 -8.24 -1.29
CA GLU A 78 -9.96 -9.02 -2.56
C GLU A 78 -10.75 -10.32 -2.38
N ASN A 79 -11.38 -10.78 -3.43
CA ASN A 79 -12.17 -12.05 -3.34
C ASN A 79 -13.35 -11.87 -2.38
N ASN A 80 -13.10 -11.85 -1.10
CA ASN A 80 -14.20 -11.69 -0.12
C ASN A 80 -13.64 -11.55 1.29
N GLN A 81 -12.73 -10.63 1.50
CA GLN A 81 -12.15 -10.44 2.86
C GLN A 81 -11.22 -9.23 2.88
N LYS A 82 -11.49 -8.29 3.75
CA LYS A 82 -10.62 -7.07 3.82
C LYS A 82 -9.32 -7.39 4.55
N LEU A 83 -8.21 -7.36 3.86
CA LEU A 83 -6.91 -7.67 4.52
C LEU A 83 -6.41 -6.44 5.30
N PRO A 84 -6.03 -6.66 6.54
CA PRO A 84 -5.52 -5.55 7.37
C PRO A 84 -4.12 -5.14 6.92
N VAL A 85 -3.99 -4.02 6.27
CA VAL A 85 -2.64 -3.58 5.80
C VAL A 85 -1.75 -3.29 7.00
N ARG A 86 -0.48 -3.53 6.86
CA ARG A 86 0.45 -3.26 8.00
C ARG A 86 1.59 -2.35 7.55
N LEU A 87 2.09 -1.53 8.44
CA LEU A 87 3.20 -0.60 8.06
C LEU A 87 4.56 -1.19 8.45
N VAL A 88 5.51 -1.14 7.56
CA VAL A 88 6.86 -1.70 7.88
C VAL A 88 7.79 -0.57 8.34
N SER A 89 7.61 0.60 7.81
CA SER A 89 8.47 1.75 8.21
C SER A 89 7.87 3.07 7.71
N TYR A 90 8.24 4.16 8.30
CA TYR A 90 7.68 5.47 7.85
C TYR A 90 8.70 6.60 8.07
N SER A 91 9.00 7.35 7.06
CA SER A 91 9.97 8.47 7.23
C SER A 91 9.28 9.60 7.99
N PRO A 92 10.07 10.35 8.71
CA PRO A 92 9.53 11.47 9.53
C PRO A 92 8.98 12.63 8.67
N VAL A 93 8.22 13.49 9.30
CA VAL A 93 7.59 14.66 8.60
C VAL A 93 8.45 15.23 7.46
N PRO A 94 9.68 15.56 7.74
CA PRO A 94 10.56 16.14 6.67
C PRO A 94 10.68 15.16 5.50
N GLU A 95 10.70 13.88 5.76
CA GLU A 95 10.78 12.92 4.64
C GLU A 95 9.38 12.61 4.13
N ASP A 96 8.43 12.50 5.03
CA ASP A 96 7.03 12.20 4.62
C ASP A 96 6.98 11.00 3.69
N HIS A 97 6.94 9.82 4.24
CA HIS A 97 6.88 8.58 3.39
C HIS A 97 6.42 7.41 4.26
N ALA A 98 5.33 6.80 3.91
CA ALA A 98 4.83 5.65 4.72
C ALA A 98 4.95 4.35 3.92
N TYR A 99 5.44 3.31 4.55
CA TYR A 99 5.59 2.01 3.82
C TYR A 99 4.61 0.98 4.38
N ILE A 100 3.74 0.47 3.55
CA ILE A 100 2.75 -0.54 4.02
C ILE A 100 2.78 -1.79 3.12
N ARG A 101 2.09 -2.82 3.50
CA ARG A 101 2.09 -4.05 2.65
C ARG A 101 1.04 -5.06 3.16
N PHE A 102 0.73 -6.05 2.37
CA PHE A 102 -0.27 -7.05 2.80
C PHE A 102 0.03 -8.41 2.13
N PRO A 103 -0.58 -9.43 2.65
CA PRO A 103 -0.38 -10.80 2.09
C PRO A 103 -1.10 -10.94 0.75
N VAL A 104 -0.63 -11.84 -0.09
CA VAL A 104 -1.29 -12.03 -1.41
C VAL A 104 -1.32 -13.52 -1.76
N SER A 105 -2.43 -14.17 -1.54
CA SER A 105 -2.53 -15.61 -1.85
C SER A 105 -3.11 -15.83 -3.26
N ASP A 106 -2.77 -16.93 -3.87
CA ASP A 106 -3.29 -17.23 -5.24
C ASP A 106 -2.77 -16.24 -6.27
N GLY A 107 -1.61 -15.68 -6.06
CA GLY A 107 -1.05 -14.72 -7.05
C GLY A 107 -1.97 -13.49 -7.16
N THR A 108 -2.66 -13.16 -6.10
CA THR A 108 -3.60 -11.99 -6.11
C THR A 108 -3.03 -10.83 -6.94
N GLN A 109 -3.77 -10.40 -7.93
CA GLN A 109 -3.28 -9.28 -8.79
C GLN A 109 -4.29 -8.13 -8.79
N GLU A 110 -5.48 -8.34 -8.25
CA GLU A 110 -6.49 -7.25 -8.23
C GLU A 110 -7.04 -7.08 -6.81
N LEU A 111 -6.94 -5.90 -6.25
CA LEU A 111 -7.47 -5.68 -4.88
C LEU A 111 -8.20 -4.35 -4.81
N LYS A 112 -9.03 -4.17 -3.80
CA LYS A 112 -9.78 -2.89 -3.67
C LYS A 112 -9.19 -2.04 -2.53
N ILE A 113 -8.39 -1.06 -2.86
CA ILE A 113 -7.79 -0.22 -1.80
C ILE A 113 -8.86 0.69 -1.18
N VAL A 114 -8.95 0.71 0.12
CA VAL A 114 -9.98 1.58 0.78
C VAL A 114 -9.32 2.52 1.78
N SER A 115 -9.36 3.80 1.51
CA SER A 115 -8.72 4.77 2.46
C SER A 115 -9.35 6.16 2.29
N SER A 116 -8.92 7.11 3.06
CA SER A 116 -9.47 8.49 2.95
C SER A 116 -8.40 9.52 3.30
N THR A 117 -8.08 10.40 2.39
CA THR A 117 -7.04 11.43 2.67
C THR A 117 -7.60 12.83 2.40
N GLN A 118 -7.01 13.83 3.01
CA GLN A 118 -7.51 15.23 2.80
C GLN A 118 -6.33 16.19 2.65
N ILE A 119 -6.21 16.83 1.52
CA ILE A 119 -5.08 17.77 1.32
C ILE A 119 -5.58 19.22 1.44
N ASP A 120 -6.65 19.43 2.14
CA ASP A 120 -7.19 20.82 2.29
C ASP A 120 -7.41 21.46 0.91
N ASP A 121 -7.61 20.64 -0.10
CA ASP A 121 -7.82 21.22 -1.47
C ASP A 121 -9.25 21.76 -1.59
N GLY A 122 -10.17 21.22 -0.86
CA GLY A 122 -11.57 21.72 -0.94
C GLY A 122 -12.53 20.61 -0.47
N GLU A 123 -12.43 19.44 -1.03
CA GLU A 123 -13.34 18.33 -0.62
C GLU A 123 -12.52 17.16 -0.06
N GLU A 124 -13.02 16.49 0.94
CA GLU A 124 -12.28 15.34 1.51
C GLU A 124 -12.20 14.19 0.50
N THR A 125 -11.02 13.73 0.19
CA THR A 125 -10.89 12.62 -0.78
C THR A 125 -11.24 11.29 -0.11
N ASN A 126 -12.32 10.67 -0.53
CA ASN A 126 -12.71 9.37 0.09
C ASN A 126 -12.64 8.25 -0.94
N TYR A 127 -11.66 7.39 -0.83
CA TYR A 127 -11.54 6.26 -1.81
C TYR A 127 -12.51 5.14 -1.44
N ASP A 128 -13.79 5.37 -1.58
CA ASP A 128 -14.79 4.32 -1.24
C ASP A 128 -14.41 3.00 -1.91
N TYR A 129 -13.86 3.04 -3.09
CA TYR A 129 -13.48 1.77 -3.78
C TYR A 129 -12.41 2.05 -4.84
N THR A 130 -11.23 1.51 -4.66
CA THR A 130 -10.15 1.73 -5.66
C THR A 130 -9.63 0.37 -6.17
N LYS A 131 -9.96 0.03 -7.38
CA LYS A 131 -9.49 -1.28 -7.93
C LYS A 131 -8.06 -1.16 -8.47
N LEU A 132 -7.09 -1.56 -7.70
CA LEU A 132 -5.68 -1.47 -8.17
C LEU A 132 -5.23 -2.83 -8.73
N VAL A 133 -5.00 -2.91 -10.02
CA VAL A 133 -4.57 -4.20 -10.62
C VAL A 133 -3.05 -4.25 -10.73
N PHE A 134 -2.41 -5.08 -9.94
CA PHE A 134 -0.93 -5.19 -10.01
C PHE A 134 -0.48 -5.40 -11.47
N ALA A 135 0.78 -5.21 -11.75
CA ALA A 135 1.26 -5.42 -13.13
C ALA A 135 1.37 -6.93 -13.38
N LYS A 136 1.59 -7.68 -12.34
CA LYS A 136 1.70 -9.15 -12.47
C LYS A 136 1.13 -9.83 -11.21
N PRO A 137 0.91 -11.11 -11.31
CA PRO A 137 0.36 -11.88 -10.17
C PRO A 137 1.40 -12.03 -9.06
N ILE A 138 1.05 -11.73 -7.84
CA ILE A 138 2.03 -11.86 -6.72
C ILE A 138 2.02 -13.29 -6.19
N TYR A 139 2.77 -14.18 -6.79
CA TYR A 139 2.79 -15.59 -6.32
C TYR A 139 4.00 -15.81 -5.40
N ASN A 140 3.79 -16.47 -4.27
CA ASN A 140 4.92 -16.72 -3.35
C ASN A 140 5.84 -17.80 -3.91
N ASP A 141 7.05 -17.88 -3.41
CA ASP A 141 8.00 -18.91 -3.93
C ASP A 141 8.18 -20.02 -2.90
N PRO A 142 7.38 -21.04 -3.04
CA PRO A 142 7.43 -22.20 -2.11
C PRO A 142 8.71 -23.02 -2.34
N SER A 143 9.34 -22.84 -3.46
CA SER A 143 10.59 -23.62 -3.74
C SER A 143 11.74 -22.65 -4.05
N LEU A 144 11.45 -21.56 -4.71
CA LEU A 144 12.52 -20.58 -5.05
C LEU A 144 13.63 -21.25 -5.84
N ALA A 1 -10.19 -4.64 14.14
CA ALA A 1 -9.44 -3.42 14.54
C ALA A 1 -8.40 -3.08 13.48
N ASP A 2 -8.21 -1.82 13.21
CA ASP A 2 -7.20 -1.42 12.18
C ASP A 2 -6.29 -0.32 12.73
N GLU A 3 -5.55 0.33 11.88
CA GLU A 3 -4.63 1.41 12.35
C GLU A 3 -4.61 2.55 11.34
N SER A 4 -4.91 3.75 11.76
CA SER A 4 -4.90 4.91 10.84
C SER A 4 -3.45 5.31 10.52
N LEU A 5 -3.12 5.46 9.27
CA LEU A 5 -1.73 5.84 8.91
C LEU A 5 -1.35 7.15 9.62
N LYS A 6 -2.30 8.02 9.84
CA LYS A 6 -1.98 9.30 10.52
C LYS A 6 -1.65 9.05 12.00
N ASP A 7 -1.92 7.87 12.49
CA ASP A 7 -1.60 7.57 13.92
C ASP A 7 -0.51 6.50 14.02
N ALA A 8 -0.29 5.76 12.97
CA ALA A 8 0.76 4.70 13.03
C ALA A 8 2.11 5.27 12.58
N ILE A 9 2.10 6.35 11.85
CA ILE A 9 3.39 6.94 11.37
C ILE A 9 4.14 7.57 12.54
N LYS A 10 3.46 7.87 13.62
CA LYS A 10 4.15 8.49 14.79
C LYS A 10 4.80 7.41 15.65
N ASP A 11 6.07 7.19 15.50
CA ASP A 11 6.76 6.15 16.32
C ASP A 11 8.27 6.20 16.05
N PRO A 12 9.03 5.89 17.08
CA PRO A 12 10.50 5.90 16.95
C PRO A 12 10.98 4.67 16.15
N ALA A 13 10.23 3.61 16.20
CA ALA A 13 10.63 2.38 15.46
C ALA A 13 10.23 2.50 13.98
N LEU A 14 9.12 3.12 13.71
CA LEU A 14 8.67 3.27 12.29
C LEU A 14 9.18 4.59 11.71
N GLU A 15 10.18 5.17 12.31
CA GLU A 15 10.72 6.46 11.78
C GLU A 15 11.68 6.19 10.61
N ASN A 16 12.49 5.19 10.72
CA ASN A 16 13.46 4.88 9.62
C ASN A 16 14.00 3.45 9.78
N LYS A 17 13.13 2.48 9.85
CA LYS A 17 13.60 1.07 10.01
C LYS A 17 14.29 0.58 8.72
N GLU A 18 14.37 -0.71 8.54
CA GLU A 18 15.02 -1.25 7.31
C GLU A 18 14.16 -2.37 6.71
N HIS A 19 13.14 -2.02 5.97
CA HIS A 19 12.27 -3.06 5.37
C HIS A 19 12.99 -3.73 4.19
N ASP A 20 14.12 -4.33 4.43
CA ASP A 20 14.86 -5.00 3.32
C ASP A 20 15.46 -6.31 3.81
N ILE A 21 14.84 -6.95 4.77
CA ILE A 21 15.38 -8.23 5.30
C ILE A 21 14.68 -9.41 4.61
N GLY A 22 15.44 -10.29 4.02
CA GLY A 22 14.82 -11.47 3.34
C GLY A 22 14.75 -11.21 1.83
N PRO A 23 14.26 -12.19 1.12
CA PRO A 23 14.12 -12.08 -0.35
C PRO A 23 12.97 -11.12 -0.71
N ARG A 24 12.94 -10.65 -1.93
CA ARG A 24 11.85 -9.72 -2.34
C ARG A 24 11.98 -9.37 -3.83
N GLU A 25 11.04 -8.62 -4.35
CA GLU A 25 11.11 -8.24 -5.79
C GLU A 25 10.40 -6.91 -6.02
N GLN A 26 10.24 -6.51 -7.24
CA GLN A 26 9.55 -5.21 -7.51
C GLN A 26 8.42 -5.42 -8.53
N VAL A 27 7.27 -4.85 -8.29
CA VAL A 27 6.14 -5.01 -9.25
C VAL A 27 5.39 -3.69 -9.40
N ASN A 28 4.96 -3.38 -10.61
CA ASN A 28 4.23 -2.11 -10.82
C ASN A 28 2.75 -2.30 -10.46
N PHE A 29 1.98 -1.24 -10.44
CA PHE A 29 0.54 -1.38 -10.10
C PHE A 29 -0.30 -0.38 -10.89
N GLN A 30 -1.39 -0.82 -11.45
CA GLN A 30 -2.26 0.09 -12.24
C GLN A 30 -3.42 0.59 -11.37
N LEU A 31 -3.46 1.87 -11.08
CA LEU A 31 -4.55 2.41 -10.23
C LEU A 31 -5.77 2.75 -11.11
N LEU A 32 -6.88 2.12 -10.86
CA LEU A 32 -8.10 2.41 -11.67
C LEU A 32 -9.32 2.56 -10.77
N ASP A 33 -9.92 3.71 -10.76
CA ASP A 33 -11.12 3.93 -9.90
C ASP A 33 -12.31 3.14 -10.44
N LYS A 34 -13.50 3.63 -10.24
CA LYS A 34 -14.70 2.91 -10.76
C LYS A 34 -15.06 3.40 -12.16
N ASN A 35 -14.13 4.01 -12.84
CA ASN A 35 -14.43 4.51 -14.22
C ASN A 35 -13.28 4.14 -15.18
N ASN A 36 -12.45 3.22 -14.80
CA ASN A 36 -11.33 2.82 -15.68
C ASN A 36 -10.46 4.04 -16.04
N GLU A 37 -10.36 4.98 -15.14
CA GLU A 37 -9.54 6.20 -15.43
C GLU A 37 -8.27 6.18 -14.58
N THR A 38 -7.14 6.42 -15.18
CA THR A 38 -5.87 6.44 -14.41
C THR A 38 -5.63 7.81 -13.78
N GLN A 39 -5.12 7.85 -12.58
CA GLN A 39 -4.87 9.16 -11.92
C GLN A 39 -3.36 9.44 -11.85
N TYR A 40 -2.90 10.44 -12.55
CA TYR A 40 -1.45 10.76 -12.53
C TYR A 40 -1.22 12.22 -12.14
N TYR A 41 -2.24 12.90 -11.68
CA TYR A 41 -2.07 14.33 -11.29
C TYR A 41 -2.63 14.56 -9.88
N HIS A 42 -3.91 14.38 -9.71
CA HIS A 42 -4.51 14.59 -8.37
C HIS A 42 -4.03 13.51 -7.39
N PHE A 43 -3.66 12.36 -7.90
CA PHE A 43 -3.19 11.27 -7.01
C PHE A 43 -1.76 11.56 -6.53
N PHE A 44 -1.61 12.22 -5.43
CA PHE A 44 -0.24 12.54 -4.92
C PHE A 44 0.06 11.71 -3.67
N SER A 45 0.57 10.52 -3.83
CA SER A 45 0.88 9.68 -2.64
C SER A 45 1.95 8.64 -3.00
N ILE A 46 1.56 7.55 -3.60
CA ILE A 46 2.57 6.51 -3.98
C ILE A 46 3.58 7.08 -4.97
N LYS A 47 4.69 6.44 -5.13
CA LYS A 47 5.72 6.97 -6.09
C LYS A 47 6.56 5.83 -6.68
N ASP A 48 7.02 4.93 -5.85
CA ASP A 48 7.85 3.81 -6.36
C ASP A 48 6.98 2.58 -6.66
N PRO A 49 7.57 1.64 -7.35
CA PRO A 49 6.85 0.39 -7.71
C PRO A 49 6.69 -0.50 -6.48
N ALA A 50 5.56 -1.14 -6.35
CA ALA A 50 5.35 -2.03 -5.16
C ALA A 50 6.50 -3.03 -5.04
N ASP A 51 6.57 -3.73 -3.95
CA ASP A 51 7.67 -4.73 -3.77
C ASP A 51 7.10 -6.03 -3.18
N VAL A 52 7.33 -7.13 -3.84
CA VAL A 52 6.80 -8.43 -3.31
C VAL A 52 7.78 -9.03 -2.30
N TYR A 53 7.27 -9.55 -1.22
CA TYR A 53 8.16 -10.17 -0.19
C TYR A 53 7.82 -11.64 0.00
N TYR A 54 8.54 -12.52 -0.64
CA TYR A 54 8.26 -13.98 -0.51
C TYR A 54 8.88 -14.52 0.78
N THR A 55 8.07 -14.77 1.78
CA THR A 55 8.62 -15.31 3.06
C THR A 55 8.42 -16.82 3.13
N LYS A 56 8.45 -17.39 4.30
CA LYS A 56 8.26 -18.85 4.43
C LYS A 56 6.77 -19.18 4.62
N LYS A 57 5.90 -18.27 4.30
CA LYS A 57 4.45 -18.54 4.46
C LYS A 57 3.67 -17.96 3.27
N LYS A 58 3.57 -16.66 3.20
CA LYS A 58 2.83 -16.02 2.07
C LYS A 58 3.59 -14.80 1.57
N ALA A 59 3.40 -14.42 0.33
CA ALA A 59 4.12 -13.24 -0.21
C ALA A 59 3.65 -11.97 0.50
N GLU A 60 4.26 -10.86 0.20
CA GLU A 60 3.84 -9.59 0.88
C GLU A 60 4.21 -8.38 0.00
N VAL A 61 3.27 -7.86 -0.72
CA VAL A 61 3.56 -6.68 -1.59
C VAL A 61 3.69 -5.42 -0.73
N GLU A 62 4.63 -4.57 -1.04
CA GLU A 62 4.80 -3.32 -0.23
C GLU A 62 4.83 -2.10 -1.14
N LEU A 63 4.18 -1.03 -0.74
CA LEU A 63 4.18 0.19 -1.58
C LEU A 63 4.81 1.36 -0.81
N ASP A 64 5.23 2.38 -1.50
CA ASP A 64 5.86 3.54 -0.79
C ASP A 64 5.00 4.79 -0.96
N ILE A 65 4.41 5.26 0.11
CA ILE A 65 3.57 6.49 0.02
C ILE A 65 4.42 7.73 0.31
N ASN A 66 4.01 8.87 -0.18
CA ASN A 66 4.81 10.10 0.07
C ASN A 66 4.02 11.08 0.94
N THR A 67 2.73 11.14 0.77
CA THR A 67 1.91 12.08 1.58
C THR A 67 1.29 11.35 2.78
N ALA A 68 2.06 10.55 3.45
CA ALA A 68 1.53 9.81 4.63
C ALA A 68 0.76 10.76 5.57
N SER A 69 1.13 12.02 5.56
CA SER A 69 0.44 12.99 6.44
C SER A 69 -1.00 13.23 5.97
N THR A 70 -1.32 12.84 4.76
CA THR A 70 -2.70 13.06 4.25
C THR A 70 -3.53 11.78 4.42
N TRP A 71 -2.88 10.64 4.41
CA TRP A 71 -3.63 9.36 4.57
C TRP A 71 -4.22 9.27 5.98
N LYS A 72 -5.36 8.64 6.11
CA LYS A 72 -5.99 8.51 7.46
C LYS A 72 -6.30 7.04 7.75
N LYS A 73 -6.84 6.33 6.79
CA LYS A 73 -7.18 4.90 7.01
C LYS A 73 -6.70 4.05 5.83
N PHE A 74 -6.93 2.77 5.87
CA PHE A 74 -6.50 1.90 4.75
C PHE A 74 -6.95 0.45 4.98
N GLU A 75 -7.78 -0.07 4.13
CA GLU A 75 -8.26 -1.47 4.31
C GLU A 75 -8.44 -2.15 2.95
N VAL A 76 -7.39 -2.72 2.42
CA VAL A 76 -7.51 -3.40 1.09
C VAL A 76 -8.44 -4.60 1.19
N TYR A 77 -9.10 -4.94 0.12
CA TYR A 77 -10.03 -6.11 0.15
C TYR A 77 -10.07 -6.79 -1.22
N GLU A 78 -9.71 -8.04 -1.28
CA GLU A 78 -9.74 -8.77 -2.59
C GLU A 78 -10.54 -10.06 -2.46
N ASN A 79 -11.05 -10.57 -3.55
CA ASN A 79 -11.84 -11.83 -3.49
C ASN A 79 -13.08 -11.64 -2.62
N ASN A 80 -12.93 -11.75 -1.33
CA ASN A 80 -14.10 -11.57 -0.42
C ASN A 80 -13.62 -11.39 1.02
N GLN A 81 -12.62 -10.60 1.24
CA GLN A 81 -12.11 -10.40 2.63
C GLN A 81 -11.21 -9.15 2.69
N LYS A 82 -11.40 -8.32 3.67
CA LYS A 82 -10.56 -7.09 3.79
C LYS A 82 -9.21 -7.44 4.42
N LEU A 83 -8.14 -7.26 3.71
CA LEU A 83 -6.80 -7.59 4.28
C LEU A 83 -6.28 -6.40 5.10
N PRO A 84 -5.96 -6.66 6.34
CA PRO A 84 -5.44 -5.58 7.23
C PRO A 84 -4.00 -5.22 6.85
N VAL A 85 -3.81 -4.12 6.20
CA VAL A 85 -2.43 -3.72 5.80
C VAL A 85 -1.61 -3.35 7.04
N ARG A 86 -0.32 -3.52 6.98
CA ARG A 86 0.53 -3.17 8.15
C ARG A 86 1.65 -2.22 7.72
N LEU A 87 2.05 -1.32 8.59
CA LEU A 87 3.14 -0.37 8.24
C LEU A 87 4.50 -0.96 8.60
N VAL A 88 5.42 -0.95 7.68
CA VAL A 88 6.78 -1.50 7.98
C VAL A 88 7.74 -0.38 8.36
N SER A 89 7.60 0.77 7.77
CA SER A 89 8.51 1.90 8.11
C SER A 89 7.89 3.23 7.65
N TYR A 90 8.24 4.31 8.29
CA TYR A 90 7.66 5.63 7.87
C TYR A 90 8.67 6.76 8.11
N SER A 91 8.96 7.53 7.10
CA SER A 91 9.92 8.66 7.29
C SER A 91 9.20 9.79 8.03
N PRO A 92 9.96 10.58 8.73
CA PRO A 92 9.38 11.70 9.53
C PRO A 92 8.80 12.81 8.65
N VAL A 93 8.00 13.66 9.27
CA VAL A 93 7.32 14.79 8.57
C VAL A 93 8.13 15.37 7.40
N PRO A 94 9.36 15.77 7.66
CA PRO A 94 10.19 16.37 6.59
C PRO A 94 10.36 15.39 5.42
N GLU A 95 10.46 14.13 5.69
CA GLU A 95 10.59 13.16 4.57
C GLU A 95 9.19 12.74 4.10
N ASP A 96 8.25 12.70 5.00
CA ASP A 96 6.86 12.33 4.63
C ASP A 96 6.85 11.08 3.74
N HIS A 97 6.82 9.93 4.33
CA HIS A 97 6.81 8.68 3.52
C HIS A 97 6.36 7.49 4.39
N ALA A 98 5.24 6.90 4.06
CA ALA A 98 4.74 5.75 4.87
C ALA A 98 4.82 4.47 4.04
N TYR A 99 5.34 3.41 4.60
CA TYR A 99 5.45 2.13 3.85
C TYR A 99 4.45 1.11 4.38
N ILE A 100 3.70 0.50 3.51
CA ILE A 100 2.70 -0.52 3.95
C ILE A 100 2.77 -1.75 3.04
N ARG A 101 2.09 -2.81 3.40
CA ARG A 101 2.12 -4.04 2.56
C ARG A 101 1.06 -5.05 3.00
N PHE A 102 0.74 -5.99 2.16
CA PHE A 102 -0.28 -7.01 2.53
C PHE A 102 0.04 -8.35 1.84
N PRO A 103 -0.58 -9.38 2.33
CA PRO A 103 -0.37 -10.74 1.76
C PRO A 103 -1.04 -10.86 0.39
N VAL A 104 -0.67 -11.86 -0.37
CA VAL A 104 -1.27 -12.05 -1.71
C VAL A 104 -1.32 -13.53 -2.07
N SER A 105 -2.40 -14.18 -1.75
CA SER A 105 -2.51 -15.64 -2.07
C SER A 105 -3.20 -15.85 -3.41
N ASP A 106 -3.04 -17.01 -4.00
CA ASP A 106 -3.70 -17.30 -5.30
C ASP A 106 -3.16 -16.40 -6.42
N GLY A 107 -1.98 -15.87 -6.26
CA GLY A 107 -1.42 -15.00 -7.33
C GLY A 107 -2.24 -13.71 -7.45
N THR A 108 -2.83 -13.28 -6.36
CA THR A 108 -3.66 -12.04 -6.38
C THR A 108 -3.02 -10.95 -7.24
N GLN A 109 -3.65 -10.57 -8.31
CA GLN A 109 -3.07 -9.52 -9.19
C GLN A 109 -3.98 -8.28 -9.19
N GLU A 110 -5.18 -8.40 -8.69
CA GLU A 110 -6.10 -7.22 -8.68
C GLU A 110 -6.82 -7.15 -7.32
N LEU A 111 -6.76 -6.02 -6.66
CA LEU A 111 -7.45 -5.90 -5.35
C LEU A 111 -8.14 -4.54 -5.23
N LYS A 112 -9.02 -4.40 -4.26
CA LYS A 112 -9.73 -3.10 -4.09
C LYS A 112 -9.15 -2.35 -2.88
N ILE A 113 -8.44 -1.28 -3.13
CA ILE A 113 -7.86 -0.50 -2.00
C ILE A 113 -8.89 0.43 -1.39
N VAL A 114 -8.80 0.69 -0.11
CA VAL A 114 -9.78 1.60 0.55
C VAL A 114 -9.03 2.64 1.39
N SER A 115 -9.55 3.83 1.49
CA SER A 115 -8.85 4.86 2.31
C SER A 115 -9.58 6.21 2.19
N SER A 116 -9.26 7.13 3.05
CA SER A 116 -9.93 8.47 3.00
C SER A 116 -8.96 9.56 3.45
N THR A 117 -8.27 10.17 2.51
CA THR A 117 -7.31 11.24 2.88
C THR A 117 -7.96 12.62 2.76
N GLN A 118 -7.40 13.61 3.39
CA GLN A 118 -7.98 14.98 3.31
C GLN A 118 -6.90 16.03 3.61
N ILE A 119 -6.44 16.71 2.60
CA ILE A 119 -5.38 17.74 2.81
C ILE A 119 -6.03 19.13 2.91
N ASP A 120 -7.28 19.20 3.27
CA ASP A 120 -7.95 20.52 3.39
C ASP A 120 -7.70 21.35 2.13
N ASP A 121 -7.89 20.77 0.98
CA ASP A 121 -7.66 21.53 -0.28
C ASP A 121 -8.99 21.94 -0.90
N GLY A 122 -9.90 21.01 -1.04
CA GLY A 122 -11.23 21.35 -1.63
C GLY A 122 -12.27 20.32 -1.19
N GLU A 123 -12.18 19.12 -1.70
CA GLU A 123 -13.17 18.07 -1.31
C GLU A 123 -12.44 16.89 -0.65
N GLU A 124 -13.13 16.16 0.18
CA GLU A 124 -12.48 14.99 0.86
C GLU A 124 -12.27 13.85 -0.14
N THR A 125 -11.05 13.39 -0.28
CA THR A 125 -10.79 12.27 -1.23
C THR A 125 -11.09 10.93 -0.56
N ASN A 126 -12.27 10.41 -0.79
CA ASN A 126 -12.63 9.09 -0.18
C ASN A 126 -12.51 7.97 -1.20
N TYR A 127 -11.57 7.08 -1.01
CA TYR A 127 -11.39 5.96 -1.99
C TYR A 127 -12.36 4.82 -1.65
N ASP A 128 -13.63 5.02 -1.87
CA ASP A 128 -14.62 3.95 -1.55
C ASP A 128 -14.25 2.66 -2.28
N TYR A 129 -13.93 2.74 -3.54
CA TYR A 129 -13.56 1.51 -4.29
C TYR A 129 -12.44 1.81 -5.29
N THR A 130 -11.24 1.36 -5.01
CA THR A 130 -10.11 1.62 -5.94
C THR A 130 -9.59 0.30 -6.52
N LYS A 131 -9.94 0.00 -7.73
CA LYS A 131 -9.47 -1.28 -8.36
C LYS A 131 -8.00 -1.14 -8.80
N LEU A 132 -7.08 -1.62 -8.00
CA LEU A 132 -5.65 -1.54 -8.37
C LEU A 132 -5.18 -2.86 -8.96
N VAL A 133 -4.79 -2.87 -10.21
CA VAL A 133 -4.33 -4.14 -10.84
C VAL A 133 -2.80 -4.20 -10.86
N PHE A 134 -2.23 -5.18 -10.20
CA PHE A 134 -0.75 -5.30 -10.19
C PHE A 134 -0.21 -5.47 -11.61
N ALA A 135 1.07 -5.32 -11.80
CA ALA A 135 1.64 -5.51 -13.16
C ALA A 135 1.63 -7.00 -13.49
N LYS A 136 1.69 -7.83 -12.49
CA LYS A 136 1.68 -9.30 -12.71
C LYS A 136 1.07 -10.00 -11.48
N PRO A 137 0.85 -11.28 -11.61
CA PRO A 137 0.27 -12.06 -10.50
C PRO A 137 1.30 -12.26 -9.39
N ILE A 138 0.91 -12.03 -8.15
CA ILE A 138 1.88 -12.22 -7.03
C ILE A 138 1.77 -13.63 -6.44
N TYR A 139 2.60 -14.52 -6.88
CA TYR A 139 2.54 -15.92 -6.35
C TYR A 139 3.64 -16.14 -5.32
N ASN A 140 3.29 -16.50 -4.12
CA ASN A 140 4.32 -16.73 -3.06
C ASN A 140 5.31 -17.79 -3.54
N ASP A 141 6.38 -17.97 -2.81
CA ASP A 141 7.39 -18.99 -3.21
C ASP A 141 7.57 -20.04 -2.12
N PRO A 142 6.73 -21.04 -2.17
CA PRO A 142 6.77 -22.13 -1.16
C PRO A 142 7.98 -23.05 -1.41
N SER A 143 8.62 -22.93 -2.54
CA SER A 143 9.80 -23.78 -2.83
C SER A 143 11.05 -22.92 -2.99
N LEU A 144 10.88 -21.67 -3.33
CA LEU A 144 12.05 -20.77 -3.51
C LEU A 144 13.07 -21.41 -4.46
N ALA A 1 -4.79 -2.88 16.12
CA ALA A 1 -5.60 -3.66 15.14
C ALA A 1 -6.04 -2.76 13.98
N ASP A 2 -5.22 -2.64 12.97
CA ASP A 2 -5.59 -1.77 11.82
C ASP A 2 -6.00 -0.38 12.31
N GLU A 3 -5.05 0.47 12.60
CA GLU A 3 -5.39 1.83 13.09
C GLU A 3 -5.39 2.82 11.92
N SER A 4 -5.04 4.05 12.17
CA SER A 4 -5.03 5.07 11.07
C SER A 4 -3.59 5.34 10.64
N LEU A 5 -3.33 5.33 9.36
CA LEU A 5 -1.95 5.60 8.87
C LEU A 5 -1.43 6.91 9.45
N LYS A 6 -2.31 7.80 9.84
CA LYS A 6 -1.86 9.10 10.41
C LYS A 6 -1.54 8.94 11.90
N ASP A 7 -2.14 7.97 12.55
CA ASP A 7 -1.87 7.76 14.00
C ASP A 7 -0.88 6.61 14.22
N ALA A 8 -0.48 5.94 13.16
CA ALA A 8 0.49 4.81 13.32
C ALA A 8 1.89 5.25 12.91
N ILE A 9 1.99 6.13 11.96
CA ILE A 9 3.34 6.60 11.51
C ILE A 9 4.07 7.28 12.65
N LYS A 10 3.35 7.73 13.66
CA LYS A 10 4.03 8.41 14.81
C LYS A 10 4.60 7.38 15.77
N ASP A 11 5.74 6.82 15.43
CA ASP A 11 6.36 5.80 16.34
C ASP A 11 7.88 5.77 16.13
N PRO A 12 8.57 5.45 17.18
CA PRO A 12 10.06 5.38 17.13
C PRO A 12 10.51 4.14 16.35
N ALA A 13 9.73 3.10 16.38
CA ALA A 13 10.12 1.85 15.65
C ALA A 13 9.80 1.99 14.17
N LEU A 14 8.75 2.70 13.84
CA LEU A 14 8.39 2.87 12.39
C LEU A 14 8.83 4.25 11.89
N GLU A 15 9.98 4.70 12.33
CA GLU A 15 10.48 6.03 11.87
C GLU A 15 11.52 5.85 10.77
N ASN A 16 12.20 4.74 10.76
CA ASN A 16 13.23 4.49 9.71
C ASN A 16 13.74 3.05 9.79
N LYS A 17 12.84 2.11 9.91
CA LYS A 17 13.26 0.69 10.00
C LYS A 17 13.98 0.26 8.72
N GLU A 18 14.28 -1.01 8.58
CA GLU A 18 14.98 -1.48 7.35
C GLU A 18 13.97 -2.09 6.36
N HIS A 19 12.70 -1.89 6.58
CA HIS A 19 11.69 -2.46 5.64
C HIS A 19 11.92 -3.96 5.45
N ASP A 20 12.33 -4.65 6.48
CA ASP A 20 12.57 -6.11 6.35
C ASP A 20 13.69 -6.38 5.35
N ILE A 21 14.45 -7.43 5.55
CA ILE A 21 15.55 -7.74 4.60
C ILE A 21 15.44 -9.20 4.14
N GLY A 22 15.88 -9.48 2.94
CA GLY A 22 15.81 -10.88 2.43
C GLY A 22 15.47 -10.87 0.94
N PRO A 23 14.89 -11.95 0.49
CA PRO A 23 14.50 -12.07 -0.93
C PRO A 23 13.29 -11.19 -1.24
N ARG A 24 13.29 -10.53 -2.37
CA ARG A 24 12.14 -9.65 -2.71
C ARG A 24 12.15 -9.33 -4.21
N GLU A 25 11.01 -8.99 -4.76
CA GLU A 25 10.96 -8.66 -6.21
C GLU A 25 10.26 -7.32 -6.44
N GLN A 26 9.92 -7.01 -7.65
CA GLN A 26 9.23 -5.71 -7.93
C GLN A 26 7.96 -5.96 -8.74
N VAL A 27 6.96 -5.14 -8.54
CA VAL A 27 5.69 -5.32 -9.30
C VAL A 27 4.98 -3.97 -9.49
N ASN A 28 4.41 -3.76 -10.64
CA ASN A 28 3.70 -2.47 -10.89
C ASN A 28 2.22 -2.61 -10.51
N PHE A 29 1.49 -1.53 -10.49
CA PHE A 29 0.05 -1.62 -10.13
C PHE A 29 -0.78 -0.67 -10.99
N GLN A 30 -1.89 -1.14 -11.50
CA GLN A 30 -2.75 -0.27 -12.35
C GLN A 30 -3.88 0.33 -11.51
N LEU A 31 -3.86 1.63 -11.32
CA LEU A 31 -4.93 2.27 -10.50
C LEU A 31 -6.11 2.67 -11.39
N LEU A 32 -7.26 2.10 -11.16
CA LEU A 32 -8.45 2.44 -11.99
C LEU A 32 -9.70 2.57 -11.10
N ASP A 33 -10.30 3.72 -11.08
CA ASP A 33 -11.51 3.91 -10.23
C ASP A 33 -12.70 3.17 -10.83
N LYS A 34 -13.90 3.66 -10.62
CA LYS A 34 -15.10 2.99 -11.18
C LYS A 34 -15.39 3.49 -12.60
N ASN A 35 -14.45 4.15 -13.22
CA ASN A 35 -14.69 4.66 -14.60
C ASN A 35 -13.49 4.35 -15.49
N ASN A 36 -12.66 3.40 -15.10
CA ASN A 36 -11.48 3.06 -15.92
C ASN A 36 -10.71 4.33 -16.31
N GLU A 37 -10.66 5.29 -15.43
CA GLU A 37 -9.92 6.55 -15.74
C GLU A 37 -8.65 6.63 -14.91
N THR A 38 -7.52 6.34 -15.51
CA THR A 38 -6.24 6.41 -14.74
C THR A 38 -5.99 7.83 -14.26
N GLN A 39 -6.01 8.04 -12.97
CA GLN A 39 -5.77 9.41 -12.43
C GLN A 39 -4.28 9.76 -12.51
N TYR A 40 -3.94 10.72 -13.34
CA TYR A 40 -2.51 11.10 -13.47
C TYR A 40 -2.16 12.20 -12.46
N TYR A 41 -2.67 13.39 -12.67
CA TYR A 41 -2.37 14.50 -11.73
C TYR A 41 -3.54 14.69 -10.76
N HIS A 42 -4.14 13.62 -10.31
CA HIS A 42 -5.28 13.74 -9.36
C HIS A 42 -4.86 13.29 -7.96
N PHE A 43 -4.17 12.18 -7.86
CA PHE A 43 -3.73 11.70 -6.52
C PHE A 43 -2.22 11.89 -6.37
N PHE A 44 -1.77 12.19 -5.18
CA PHE A 44 -0.31 12.38 -4.96
C PHE A 44 0.14 11.62 -3.70
N SER A 45 0.70 10.45 -3.88
CA SER A 45 1.16 9.67 -2.69
C SER A 45 2.12 8.55 -3.14
N ILE A 46 1.60 7.45 -3.60
CA ILE A 46 2.49 6.34 -4.05
C ILE A 46 3.37 6.80 -5.21
N LYS A 47 4.55 6.28 -5.33
CA LYS A 47 5.45 6.70 -6.45
C LYS A 47 6.28 5.51 -6.96
N ASP A 48 6.74 4.67 -6.08
CA ASP A 48 7.56 3.51 -6.53
C ASP A 48 6.65 2.31 -6.82
N PRO A 49 7.19 1.38 -7.56
CA PRO A 49 6.42 0.17 -7.93
C PRO A 49 6.28 -0.76 -6.72
N ALA A 50 5.21 -1.51 -6.66
CA ALA A 50 5.00 -2.43 -5.51
C ALA A 50 6.22 -3.35 -5.33
N ASP A 51 6.50 -3.73 -4.13
CA ASP A 51 7.67 -4.62 -3.88
C ASP A 51 7.20 -5.94 -3.26
N VAL A 52 7.37 -7.04 -3.95
CA VAL A 52 6.93 -8.34 -3.39
C VAL A 52 7.98 -8.91 -2.43
N TYR A 53 7.61 -9.14 -1.20
CA TYR A 53 8.59 -9.69 -0.22
C TYR A 53 8.29 -11.18 0.01
N TYR A 54 8.90 -12.03 -0.75
CA TYR A 54 8.66 -13.50 -0.58
C TYR A 54 9.29 -13.98 0.73
N THR A 55 8.48 -14.31 1.70
CA THR A 55 9.04 -14.80 2.99
C THR A 55 8.82 -16.31 3.12
N LYS A 56 9.32 -16.91 4.17
CA LYS A 56 9.14 -18.38 4.34
C LYS A 56 7.66 -18.75 4.36
N LYS A 57 6.81 -17.79 4.63
CA LYS A 57 5.34 -18.09 4.66
C LYS A 57 4.70 -17.72 3.33
N LYS A 58 4.35 -16.48 3.14
CA LYS A 58 3.72 -16.06 1.87
C LYS A 58 4.35 -14.76 1.35
N ALA A 59 4.13 -14.42 0.11
CA ALA A 59 4.72 -13.18 -0.44
C ALA A 59 4.08 -11.95 0.20
N GLU A 60 4.74 -10.83 0.16
CA GLU A 60 4.18 -9.60 0.78
C GLU A 60 4.48 -8.37 -0.09
N VAL A 61 3.52 -7.91 -0.85
CA VAL A 61 3.76 -6.72 -1.70
C VAL A 61 3.82 -5.46 -0.84
N GLU A 62 4.70 -4.55 -1.15
CA GLU A 62 4.81 -3.30 -0.32
C GLU A 62 4.63 -2.07 -1.20
N LEU A 63 4.39 -0.93 -0.61
CA LEU A 63 4.21 0.31 -1.41
C LEU A 63 4.95 1.48 -0.74
N ASP A 64 5.32 2.47 -1.50
CA ASP A 64 6.05 3.63 -0.92
C ASP A 64 5.18 4.90 -0.98
N ILE A 65 4.52 5.22 0.11
CA ILE A 65 3.67 6.44 0.11
C ILE A 65 4.52 7.68 0.37
N ASN A 66 4.09 8.83 -0.08
CA ASN A 66 4.89 10.06 0.15
C ASN A 66 4.15 11.03 1.08
N THR A 67 2.86 11.12 0.94
CA THR A 67 2.08 12.05 1.82
C THR A 67 1.40 11.27 2.94
N ALA A 68 2.17 10.59 3.75
CA ALA A 68 1.57 9.81 4.87
C ALA A 68 0.79 10.75 5.81
N SER A 69 1.13 12.01 5.81
CA SER A 69 0.41 12.97 6.70
C SER A 69 -1.01 13.22 6.19
N THR A 70 -1.30 12.81 4.98
CA THR A 70 -2.68 13.04 4.44
C THR A 70 -3.50 11.74 4.54
N TRP A 71 -2.85 10.61 4.50
CA TRP A 71 -3.60 9.32 4.58
C TRP A 71 -4.28 9.20 5.95
N LYS A 72 -5.51 8.76 5.97
CA LYS A 72 -6.24 8.62 7.26
C LYS A 72 -6.62 7.16 7.49
N LYS A 73 -7.18 6.52 6.49
CA LYS A 73 -7.58 5.09 6.64
C LYS A 73 -7.06 4.27 5.45
N PHE A 74 -7.14 2.97 5.54
CA PHE A 74 -6.67 2.12 4.40
C PHE A 74 -6.96 0.65 4.69
N GLU A 75 -7.54 -0.05 3.74
CA GLU A 75 -7.85 -1.49 3.97
C GLU A 75 -8.09 -2.20 2.64
N VAL A 76 -7.04 -2.69 2.02
CA VAL A 76 -7.22 -3.40 0.71
C VAL A 76 -8.13 -4.62 0.90
N TYR A 77 -8.97 -4.90 -0.05
CA TYR A 77 -9.88 -6.07 0.10
C TYR A 77 -10.01 -6.81 -1.24
N GLU A 78 -9.84 -8.10 -1.24
CA GLU A 78 -9.96 -8.89 -2.50
C GLU A 78 -10.66 -10.23 -2.23
N ASN A 79 -11.59 -10.59 -3.05
CA ASN A 79 -12.31 -11.89 -2.85
C ASN A 79 -13.12 -11.84 -1.54
N ASN A 80 -13.90 -10.81 -1.37
CA ASN A 80 -14.72 -10.71 -0.11
C ASN A 80 -13.84 -10.91 1.12
N GLN A 81 -12.73 -10.24 1.18
CA GLN A 81 -11.82 -10.40 2.36
C GLN A 81 -10.91 -9.18 2.50
N LYS A 82 -11.21 -8.30 3.43
CA LYS A 82 -10.36 -7.10 3.61
C LYS A 82 -9.02 -7.48 4.27
N LEU A 83 -7.93 -7.26 3.58
CA LEU A 83 -6.60 -7.62 4.16
C LEU A 83 -6.12 -6.51 5.10
N PRO A 84 -5.67 -6.91 6.27
CA PRO A 84 -5.17 -5.92 7.26
C PRO A 84 -3.81 -5.39 6.84
N VAL A 85 -3.75 -4.22 6.29
CA VAL A 85 -2.44 -3.65 5.86
C VAL A 85 -1.58 -3.32 7.08
N ARG A 86 -0.33 -3.67 7.05
CA ARG A 86 0.56 -3.37 8.21
C ARG A 86 1.67 -2.41 7.79
N LEU A 87 2.19 -1.64 8.70
CA LEU A 87 3.28 -0.68 8.35
C LEU A 87 4.64 -1.26 8.73
N VAL A 88 5.59 -1.19 7.83
CA VAL A 88 6.94 -1.74 8.13
C VAL A 88 7.89 -0.59 8.52
N SER A 89 7.68 0.57 7.96
CA SER A 89 8.57 1.72 8.29
C SER A 89 7.94 3.02 7.77
N TYR A 90 8.25 4.13 8.38
CA TYR A 90 7.67 5.42 7.92
C TYR A 90 8.63 6.58 8.20
N SER A 91 8.97 7.35 7.21
CA SER A 91 9.88 8.49 7.43
C SER A 91 9.13 9.60 8.18
N PRO A 92 9.86 10.34 8.96
CA PRO A 92 9.26 11.44 9.77
C PRO A 92 8.72 12.59 8.90
N VAL A 93 7.91 13.42 9.50
CA VAL A 93 7.29 14.60 8.79
C VAL A 93 8.21 15.21 7.71
N PRO A 94 9.41 15.58 8.09
CA PRO A 94 10.33 16.20 7.10
C PRO A 94 10.55 15.28 5.89
N GLU A 95 10.61 14.00 6.12
CA GLU A 95 10.78 13.07 4.97
C GLU A 95 9.41 12.71 4.40
N ASP A 96 8.41 12.65 5.24
CA ASP A 96 7.03 12.33 4.78
C ASP A 96 7.06 11.11 3.85
N HIS A 97 6.99 9.93 4.40
CA HIS A 97 7.01 8.70 3.58
C HIS A 97 6.56 7.50 4.42
N ALA A 98 5.46 6.90 4.08
CA ALA A 98 4.97 5.73 4.87
C ALA A 98 5.07 4.45 4.04
N TYR A 99 5.65 3.42 4.60
CA TYR A 99 5.79 2.15 3.84
C TYR A 99 4.81 1.10 4.39
N ILE A 100 4.06 0.47 3.54
CA ILE A 100 3.09 -0.56 4.01
C ILE A 100 3.16 -1.80 3.11
N ARG A 101 2.59 -2.89 3.53
CA ARG A 101 2.64 -4.13 2.69
C ARG A 101 1.56 -5.11 3.12
N PHE A 102 1.04 -5.87 2.20
CA PHE A 102 -0.02 -6.87 2.55
C PHE A 102 0.29 -8.22 1.91
N PRO A 103 -0.28 -9.25 2.47
CA PRO A 103 -0.06 -10.62 1.96
C PRO A 103 -0.81 -10.84 0.64
N VAL A 104 -0.42 -11.83 -0.11
CA VAL A 104 -1.12 -12.10 -1.41
C VAL A 104 -1.25 -13.62 -1.61
N SER A 105 -2.40 -14.17 -1.36
CA SER A 105 -2.58 -15.64 -1.52
C SER A 105 -3.13 -15.96 -2.91
N ASP A 106 -2.80 -17.11 -3.44
CA ASP A 106 -3.31 -17.53 -4.78
C ASP A 106 -2.74 -16.61 -5.87
N GLY A 107 -1.58 -16.06 -5.68
CA GLY A 107 -0.99 -15.18 -6.73
C GLY A 107 -1.90 -13.97 -6.97
N THR A 108 -2.61 -13.55 -5.95
CA THR A 108 -3.53 -12.38 -6.08
C THR A 108 -2.94 -11.30 -7.00
N GLN A 109 -3.62 -10.98 -8.07
CA GLN A 109 -3.09 -9.94 -9.00
C GLN A 109 -4.04 -8.74 -9.07
N GLU A 110 -5.16 -8.80 -8.38
CA GLU A 110 -6.11 -7.65 -8.43
C GLU A 110 -6.77 -7.47 -7.06
N LEU A 111 -6.67 -6.30 -6.49
CA LEU A 111 -7.31 -6.07 -5.15
C LEU A 111 -7.98 -4.70 -5.12
N LYS A 112 -8.85 -4.48 -4.18
CA LYS A 112 -9.55 -3.15 -4.09
C LYS A 112 -9.02 -2.36 -2.89
N ILE A 113 -8.65 -1.13 -3.09
CA ILE A 113 -8.13 -0.32 -1.96
C ILE A 113 -9.26 0.54 -1.36
N VAL A 114 -9.21 0.79 -0.08
CA VAL A 114 -10.28 1.61 0.57
C VAL A 114 -9.64 2.64 1.49
N SER A 115 -9.77 3.90 1.18
CA SER A 115 -9.16 4.95 2.05
C SER A 115 -9.69 6.34 1.67
N SER A 116 -9.55 7.30 2.55
CA SER A 116 -10.03 8.68 2.25
C SER A 116 -9.04 9.70 2.81
N THR A 117 -8.21 10.24 1.96
CA THR A 117 -7.21 11.25 2.44
C THR A 117 -7.74 12.67 2.27
N GLN A 118 -7.04 13.64 2.79
CA GLN A 118 -7.49 15.05 2.66
C GLN A 118 -6.28 16.00 2.66
N ILE A 119 -6.19 16.87 1.69
CA ILE A 119 -5.03 17.81 1.63
C ILE A 119 -5.50 19.24 1.88
N ASP A 120 -6.60 19.42 2.56
CA ASP A 120 -7.11 20.79 2.83
C ASP A 120 -7.14 21.62 1.54
N ASP A 121 -7.38 20.97 0.43
CA ASP A 121 -7.44 21.73 -0.86
C ASP A 121 -8.85 22.25 -1.13
N GLY A 122 -9.83 21.71 -0.46
CA GLY A 122 -11.23 22.17 -0.68
C GLY A 122 -12.20 21.09 -0.20
N GLU A 123 -12.26 19.99 -0.89
CA GLU A 123 -13.18 18.89 -0.47
C GLU A 123 -12.38 17.67 0.00
N GLU A 124 -13.02 16.75 0.67
CA GLU A 124 -12.28 15.55 1.16
C GLU A 124 -12.06 14.56 0.00
N THR A 125 -10.98 13.84 0.03
CA THR A 125 -10.71 12.86 -1.07
C THR A 125 -11.15 11.46 -0.64
N ASN A 126 -12.38 11.11 -0.89
CA ASN A 126 -12.87 9.75 -0.49
C ASN A 126 -12.89 8.83 -1.71
N TYR A 127 -11.93 7.95 -1.82
CA TYR A 127 -11.90 7.03 -2.99
C TYR A 127 -13.05 6.02 -2.89
N ASP A 128 -13.37 5.59 -1.70
CA ASP A 128 -14.47 4.60 -1.53
C ASP A 128 -14.09 3.25 -2.16
N TYR A 129 -14.07 3.18 -3.46
CA TYR A 129 -13.70 1.89 -4.12
C TYR A 129 -12.56 2.10 -5.12
N THR A 130 -11.42 1.55 -4.85
CA THR A 130 -10.27 1.71 -5.78
C THR A 130 -9.79 0.34 -6.27
N LYS A 131 -9.94 0.07 -7.54
CA LYS A 131 -9.50 -1.26 -8.07
C LYS A 131 -8.02 -1.22 -8.47
N LEU A 132 -7.16 -1.71 -7.64
CA LEU A 132 -5.70 -1.71 -7.98
C LEU A 132 -5.31 -3.07 -8.56
N VAL A 133 -5.05 -3.13 -9.84
CA VAL A 133 -4.67 -4.43 -10.46
C VAL A 133 -3.15 -4.54 -10.59
N PHE A 134 -2.55 -5.44 -9.86
CA PHE A 134 -1.07 -5.60 -9.94
C PHE A 134 -0.63 -5.78 -11.39
N ALA A 135 0.63 -5.58 -11.68
CA ALA A 135 1.11 -5.76 -13.08
C ALA A 135 1.21 -7.26 -13.37
N LYS A 136 1.38 -8.05 -12.35
CA LYS A 136 1.47 -9.52 -12.54
C LYS A 136 0.95 -10.24 -11.28
N PRO A 137 0.83 -11.53 -11.38
CA PRO A 137 0.34 -12.34 -10.24
C PRO A 137 1.40 -12.41 -9.14
N ILE A 138 1.04 -12.15 -7.92
CA ILE A 138 2.04 -12.20 -6.82
C ILE A 138 2.09 -13.61 -6.23
N TYR A 139 2.80 -14.51 -6.86
CA TYR A 139 2.89 -15.90 -6.34
C TYR A 139 4.13 -16.05 -5.45
N ASN A 140 3.97 -16.61 -4.28
CA ASN A 140 5.15 -16.79 -3.38
C ASN A 140 6.27 -17.54 -4.10
N ASP A 141 7.42 -17.63 -3.50
CA ASP A 141 8.55 -18.34 -4.14
C ASP A 141 8.94 -19.57 -3.33
N PRO A 142 8.13 -20.60 -3.44
CA PRO A 142 8.39 -21.86 -2.71
C PRO A 142 9.57 -22.61 -3.34
N SER A 143 9.88 -22.31 -4.57
CA SER A 143 11.03 -23.00 -5.23
C SER A 143 11.86 -21.98 -6.03
N LEU A 144 12.13 -20.86 -5.43
CA LEU A 144 12.95 -19.82 -6.15
C LEU A 144 14.19 -20.45 -6.76
N ALA A 1 -8.73 -5.55 13.97
CA ALA A 1 -8.86 -4.11 14.30
C ALA A 1 -7.63 -3.34 13.81
N ASP A 2 -7.62 -2.96 12.57
CA ASP A 2 -6.45 -2.21 12.03
C ASP A 2 -6.45 -0.78 12.56
N GLU A 3 -5.34 -0.10 12.47
CA GLU A 3 -5.28 1.30 12.97
C GLU A 3 -5.33 2.29 11.80
N SER A 4 -4.71 3.42 11.94
CA SER A 4 -4.72 4.42 10.83
C SER A 4 -3.29 4.80 10.44
N LEU A 5 -3.04 5.02 9.18
CA LEU A 5 -1.67 5.40 8.74
C LEU A 5 -1.29 6.77 9.29
N LYS A 6 -2.22 7.68 9.34
CA LYS A 6 -1.93 9.04 9.87
C LYS A 6 -1.70 8.97 11.38
N ASP A 7 -2.20 7.95 12.02
CA ASP A 7 -2.01 7.83 13.50
C ASP A 7 -0.91 6.81 13.81
N ALA A 8 -0.53 6.02 12.85
CA ALA A 8 0.54 5.01 13.12
C ALA A 8 1.91 5.57 12.71
N ILE A 9 1.95 6.45 11.75
CA ILE A 9 3.25 7.02 11.32
C ILE A 9 3.97 7.67 12.51
N LYS A 10 3.25 8.00 13.55
CA LYS A 10 3.90 8.63 14.73
C LYS A 10 4.38 7.55 15.71
N ASP A 11 5.53 6.98 15.45
CA ASP A 11 6.06 5.92 16.37
C ASP A 11 7.58 5.83 16.24
N PRO A 12 8.22 5.51 17.33
CA PRO A 12 9.71 5.39 17.33
C PRO A 12 10.14 4.10 16.63
N ALA A 13 9.31 3.10 16.64
CA ALA A 13 9.68 1.81 15.98
C ALA A 13 9.56 1.95 14.45
N LEU A 14 8.64 2.76 14.00
CA LEU A 14 8.48 2.94 12.52
C LEU A 14 9.18 4.21 12.05
N GLU A 15 10.14 4.68 12.81
CA GLU A 15 10.86 5.92 12.42
C GLU A 15 12.03 5.57 11.48
N ASN A 16 11.77 5.40 10.22
CA ASN A 16 12.87 5.05 9.28
C ASN A 16 13.49 3.70 9.65
N LYS A 17 12.72 2.65 9.61
CA LYS A 17 13.26 1.31 9.97
C LYS A 17 13.91 0.66 8.74
N GLU A 18 14.64 -0.41 8.95
CA GLU A 18 15.31 -1.09 7.81
C GLU A 18 14.39 -2.18 7.24
N HIS A 19 13.53 -1.84 6.32
CA HIS A 19 12.61 -2.86 5.74
C HIS A 19 13.19 -3.40 4.44
N ASP A 20 14.48 -3.60 4.39
CA ASP A 20 15.10 -4.14 3.15
C ASP A 20 15.94 -5.39 3.47
N ILE A 21 15.47 -6.21 4.36
CA ILE A 21 16.23 -7.44 4.71
C ILE A 21 15.49 -8.68 4.22
N GLY A 22 16.15 -9.52 3.47
CA GLY A 22 15.48 -10.75 2.96
C GLY A 22 15.26 -10.64 1.45
N PRO A 23 14.37 -11.44 0.95
CA PRO A 23 14.06 -11.43 -0.50
C PRO A 23 13.26 -10.17 -0.85
N ARG A 24 13.12 -9.89 -2.12
CA ARG A 24 12.36 -8.68 -2.54
C ARG A 24 12.22 -8.63 -4.06
N GLU A 25 11.08 -8.21 -4.55
CA GLU A 25 10.87 -8.12 -6.03
C GLU A 25 10.21 -6.80 -6.39
N GLN A 26 9.97 -6.58 -7.66
CA GLN A 26 9.32 -5.30 -8.07
C GLN A 26 8.04 -5.59 -8.85
N VAL A 27 6.99 -4.86 -8.59
CA VAL A 27 5.72 -5.09 -9.31
C VAL A 27 4.97 -3.77 -9.50
N ASN A 28 4.48 -3.51 -10.69
CA ASN A 28 3.75 -2.23 -10.92
C ASN A 28 2.27 -2.42 -10.60
N PHE A 29 1.54 -1.35 -10.45
CA PHE A 29 0.09 -1.46 -10.13
C PHE A 29 -0.75 -0.58 -11.06
N GLN A 30 -1.87 -1.07 -11.49
CA GLN A 30 -2.74 -0.25 -12.39
C GLN A 30 -3.82 0.45 -11.57
N LEU A 31 -3.77 1.76 -11.49
CA LEU A 31 -4.81 2.50 -10.70
C LEU A 31 -6.04 2.76 -11.57
N LEU A 32 -7.18 2.30 -11.14
CA LEU A 32 -8.42 2.53 -11.93
C LEU A 32 -9.61 2.80 -11.01
N ASP A 33 -10.21 3.95 -11.15
CA ASP A 33 -11.38 4.29 -10.29
C ASP A 33 -12.60 3.45 -10.69
N LYS A 34 -13.78 4.00 -10.58
CA LYS A 34 -14.99 3.22 -10.97
C LYS A 34 -15.36 3.49 -12.43
N ASN A 35 -14.39 3.86 -13.23
CA ASN A 35 -14.68 4.12 -14.67
C ASN A 35 -13.52 3.62 -15.53
N ASN A 36 -12.73 2.72 -15.02
CA ASN A 36 -11.58 2.19 -15.82
C ASN A 36 -10.72 3.34 -16.33
N GLU A 37 -10.70 4.44 -15.63
CA GLU A 37 -9.88 5.60 -16.08
C GLU A 37 -8.48 5.53 -15.48
N THR A 38 -7.47 5.37 -16.31
CA THR A 38 -6.08 5.29 -15.79
C THR A 38 -5.65 6.64 -15.21
N GLN A 39 -5.18 6.65 -14.00
CA GLN A 39 -4.73 7.94 -13.39
C GLN A 39 -3.26 8.20 -13.71
N TYR A 40 -2.97 9.29 -14.37
CA TYR A 40 -1.56 9.60 -14.71
C TYR A 40 -1.20 11.01 -14.23
N TYR A 41 -0.91 11.16 -12.96
CA TYR A 41 -0.55 12.51 -12.43
C TYR A 41 0.85 12.48 -11.82
N HIS A 42 1.61 13.53 -11.98
CA HIS A 42 2.98 13.56 -11.40
C HIS A 42 2.91 13.68 -9.88
N PHE A 43 2.26 14.68 -9.37
CA PHE A 43 2.16 14.85 -7.90
C PHE A 43 1.19 13.82 -7.31
N PHE A 44 1.67 12.66 -6.96
CA PHE A 44 0.77 11.62 -6.39
C PHE A 44 1.40 11.03 -5.12
N SER A 45 0.61 10.34 -4.33
CA SER A 45 1.17 9.73 -3.09
C SER A 45 2.26 8.72 -3.43
N ILE A 46 1.90 7.54 -3.85
CA ILE A 46 2.92 6.52 -4.21
C ILE A 46 3.88 7.08 -5.25
N LYS A 47 5.07 6.53 -5.34
CA LYS A 47 6.05 7.03 -6.34
C LYS A 47 6.66 5.87 -7.12
N ASP A 48 7.10 4.84 -6.43
CA ASP A 48 7.71 3.69 -7.14
C ASP A 48 6.68 2.55 -7.27
N PRO A 49 7.07 1.54 -8.00
CA PRO A 49 6.17 0.37 -8.21
C PRO A 49 6.07 -0.46 -6.92
N ALA A 50 5.01 -1.20 -6.77
CA ALA A 50 4.85 -2.02 -5.55
C ALA A 50 5.84 -3.19 -5.54
N ASP A 51 6.59 -3.35 -4.50
CA ASP A 51 7.56 -4.47 -4.44
C ASP A 51 6.94 -5.68 -3.75
N VAL A 52 7.48 -6.85 -3.94
CA VAL A 52 6.90 -8.06 -3.29
C VAL A 52 7.94 -8.72 -2.38
N TYR A 53 7.57 -8.99 -1.15
CA TYR A 53 8.52 -9.65 -0.22
C TYR A 53 8.12 -11.11 0.01
N TYR A 54 8.64 -12.00 -0.77
CA TYR A 54 8.26 -13.44 -0.61
C TYR A 54 8.90 -14.01 0.67
N THR A 55 8.09 -14.41 1.60
CA THR A 55 8.63 -14.98 2.87
C THR A 55 8.45 -16.51 2.88
N LYS A 56 8.47 -17.11 4.03
CA LYS A 56 8.30 -18.59 4.10
C LYS A 56 6.81 -18.94 4.18
N LYS A 57 5.97 -17.99 4.51
CA LYS A 57 4.52 -18.28 4.60
C LYS A 57 3.77 -17.71 3.39
N LYS A 58 3.50 -16.43 3.39
CA LYS A 58 2.78 -15.82 2.23
C LYS A 58 3.56 -14.63 1.69
N ALA A 59 3.31 -14.26 0.46
CA ALA A 59 4.04 -13.10 -0.13
C ALA A 59 3.66 -11.80 0.59
N GLU A 60 4.40 -10.75 0.38
CA GLU A 60 4.06 -9.46 1.06
C GLU A 60 4.36 -8.29 0.13
N VAL A 61 3.35 -7.78 -0.54
CA VAL A 61 3.58 -6.62 -1.46
C VAL A 61 3.83 -5.35 -0.64
N GLU A 62 4.74 -4.52 -1.08
CA GLU A 62 5.03 -3.27 -0.31
C GLU A 62 4.87 -2.04 -1.22
N LEU A 63 4.38 -0.95 -0.68
CA LEU A 63 4.21 0.27 -1.50
C LEU A 63 4.82 1.48 -0.78
N ASP A 64 5.53 2.32 -1.48
CA ASP A 64 6.15 3.50 -0.82
C ASP A 64 5.26 4.73 -0.98
N ILE A 65 4.78 5.28 0.10
CA ILE A 65 3.90 6.48 0.02
C ILE A 65 4.72 7.75 0.30
N ASN A 66 4.35 8.84 -0.29
CA ASN A 66 5.11 10.11 -0.06
C ASN A 66 4.32 11.05 0.85
N THR A 67 3.01 11.03 0.75
CA THR A 67 2.19 11.94 1.61
C THR A 67 1.55 11.15 2.75
N ALA A 68 2.35 10.59 3.62
CA ALA A 68 1.78 9.80 4.76
C ALA A 68 0.99 10.72 5.69
N SER A 69 1.18 12.00 5.58
CA SER A 69 0.43 12.94 6.48
C SER A 69 -0.97 13.23 5.90
N THR A 70 -1.29 12.71 4.75
CA THR A 70 -2.63 12.98 4.16
C THR A 70 -3.52 11.73 4.29
N TRP A 71 -2.95 10.56 4.17
CA TRP A 71 -3.76 9.32 4.29
C TRP A 71 -4.48 9.26 5.64
N LYS A 72 -5.35 8.31 5.81
CA LYS A 72 -6.09 8.19 7.10
C LYS A 72 -6.40 6.72 7.39
N LYS A 73 -7.21 6.10 6.58
CA LYS A 73 -7.54 4.66 6.80
C LYS A 73 -7.03 3.83 5.63
N PHE A 74 -7.22 2.54 5.66
CA PHE A 74 -6.74 1.70 4.53
C PHE A 74 -7.18 0.24 4.73
N GLU A 75 -8.15 -0.19 3.97
CA GLU A 75 -8.62 -1.60 4.11
C GLU A 75 -8.81 -2.22 2.72
N VAL A 76 -7.74 -2.66 2.12
CA VAL A 76 -7.84 -3.27 0.77
C VAL A 76 -8.52 -4.64 0.84
N TYR A 77 -9.25 -5.01 -0.17
CA TYR A 77 -9.94 -6.32 -0.15
C TYR A 77 -10.01 -6.91 -1.57
N GLU A 78 -10.05 -8.21 -1.68
CA GLU A 78 -10.10 -8.85 -3.03
C GLU A 78 -10.99 -10.09 -2.98
N ASN A 79 -11.73 -10.33 -4.03
CA ASN A 79 -12.63 -11.53 -4.06
C ASN A 79 -13.57 -11.53 -2.86
N ASN A 80 -13.14 -12.08 -1.74
CA ASN A 80 -14.03 -12.10 -0.54
C ASN A 80 -13.18 -12.09 0.73
N GLN A 81 -12.45 -11.04 0.96
CA GLN A 81 -11.60 -10.97 2.19
C GLN A 81 -10.95 -9.60 2.32
N LYS A 82 -11.06 -8.98 3.46
CA LYS A 82 -10.43 -7.63 3.64
C LYS A 82 -9.06 -7.79 4.29
N LEU A 83 -8.00 -7.61 3.54
CA LEU A 83 -6.64 -7.76 4.12
C LEU A 83 -6.27 -6.50 4.92
N PRO A 84 -5.96 -6.70 6.19
CA PRO A 84 -5.60 -5.56 7.06
C PRO A 84 -4.18 -5.08 6.73
N VAL A 85 -4.05 -4.00 6.02
CA VAL A 85 -2.69 -3.49 5.68
C VAL A 85 -2.02 -2.91 6.92
N ARG A 86 -0.72 -3.04 7.03
CA ARG A 86 -0.01 -2.50 8.23
C ARG A 86 1.17 -1.63 7.79
N LEU A 87 1.97 -1.19 8.72
CA LEU A 87 3.14 -0.35 8.37
C LEU A 87 4.43 -0.97 8.88
N VAL A 88 5.47 -0.98 8.07
CA VAL A 88 6.76 -1.58 8.52
C VAL A 88 7.79 -0.49 8.81
N SER A 89 7.71 0.61 8.09
CA SER A 89 8.68 1.71 8.32
C SER A 89 8.09 3.03 7.83
N TYR A 90 8.47 4.13 8.43
CA TYR A 90 7.92 5.44 7.99
C TYR A 90 8.94 6.56 8.24
N SER A 91 9.25 7.32 7.23
CA SER A 91 10.23 8.43 7.41
C SER A 91 9.54 9.58 8.16
N PRO A 92 10.33 10.33 8.88
CA PRO A 92 9.78 11.46 9.69
C PRO A 92 9.25 12.60 8.82
N VAL A 93 8.47 13.47 9.43
CA VAL A 93 7.84 14.63 8.72
C VAL A 93 8.72 15.20 7.58
N PRO A 94 9.95 15.55 7.88
CA PRO A 94 10.83 16.11 6.82
C PRO A 94 10.97 15.14 5.66
N GLU A 95 11.00 13.87 5.92
CA GLU A 95 11.09 12.89 4.80
C GLU A 95 9.68 12.56 4.31
N ASP A 96 8.72 12.56 5.20
CA ASP A 96 7.32 12.25 4.82
C ASP A 96 7.26 11.03 3.90
N HIS A 97 7.24 9.86 4.47
CA HIS A 97 7.18 8.62 3.64
C HIS A 97 6.74 7.45 4.50
N ALA A 98 5.62 6.85 4.18
CA ALA A 98 5.14 5.69 5.00
C ALA A 98 5.22 4.41 4.18
N TYR A 99 5.82 3.39 4.72
CA TYR A 99 5.94 2.10 3.97
C TYR A 99 4.94 1.08 4.52
N ILE A 100 4.10 0.55 3.69
CA ILE A 100 3.10 -0.45 4.15
C ILE A 100 3.12 -1.68 3.24
N ARG A 101 2.43 -2.73 3.61
CA ARG A 101 2.42 -3.95 2.75
C ARG A 101 1.37 -4.94 3.24
N PHE A 102 0.81 -5.71 2.34
CA PHE A 102 -0.23 -6.70 2.74
C PHE A 102 0.07 -8.06 2.08
N PRO A 103 -0.54 -9.08 2.61
CA PRO A 103 -0.35 -10.45 2.08
C PRO A 103 -1.08 -10.63 0.75
N VAL A 104 -0.76 -11.67 0.02
CA VAL A 104 -1.45 -11.91 -1.28
C VAL A 104 -1.45 -13.40 -1.60
N SER A 105 -2.54 -14.06 -1.31
CA SER A 105 -2.61 -15.53 -1.59
C SER A 105 -3.24 -15.78 -2.96
N ASP A 106 -3.02 -16.95 -3.50
CA ASP A 106 -3.61 -17.28 -4.83
C ASP A 106 -3.00 -16.41 -5.95
N GLY A 107 -1.83 -15.88 -5.73
CA GLY A 107 -1.20 -15.04 -6.79
C GLY A 107 -2.06 -13.80 -7.04
N THR A 108 -2.77 -13.34 -6.03
CA THR A 108 -3.65 -12.13 -6.17
C THR A 108 -3.01 -11.08 -7.08
N GLN A 109 -3.70 -10.67 -8.11
CA GLN A 109 -3.13 -9.64 -9.03
C GLN A 109 -4.08 -8.45 -9.15
N GLU A 110 -5.06 -8.35 -8.29
CA GLU A 110 -6.01 -7.21 -8.35
C GLU A 110 -6.79 -7.10 -7.03
N LEU A 111 -6.76 -5.97 -6.40
CA LEU A 111 -7.50 -5.82 -5.11
C LEU A 111 -8.18 -4.44 -5.05
N LYS A 112 -9.23 -4.33 -4.28
CA LYS A 112 -9.93 -3.02 -4.16
C LYS A 112 -9.44 -2.27 -2.91
N ILE A 113 -8.61 -1.28 -3.10
CA ILE A 113 -8.08 -0.53 -1.93
C ILE A 113 -9.18 0.34 -1.31
N VAL A 114 -9.22 0.43 0.00
CA VAL A 114 -10.26 1.26 0.67
C VAL A 114 -9.60 2.25 1.62
N SER A 115 -9.71 3.52 1.33
CA SER A 115 -9.08 4.54 2.23
C SER A 115 -9.77 5.91 2.06
N SER A 116 -9.34 6.89 2.80
CA SER A 116 -9.96 8.24 2.69
C SER A 116 -8.97 9.32 3.14
N THR A 117 -8.23 9.88 2.22
CA THR A 117 -7.24 10.94 2.61
C THR A 117 -7.95 12.30 2.72
N GLN A 118 -7.53 13.09 3.67
CA GLN A 118 -8.16 14.44 3.85
C GLN A 118 -7.09 15.52 3.96
N ILE A 119 -6.69 16.09 2.85
CA ILE A 119 -5.64 17.15 2.90
C ILE A 119 -6.22 18.45 3.46
N ASP A 120 -7.51 18.55 3.57
CA ASP A 120 -8.12 19.80 4.12
C ASP A 120 -7.63 21.02 3.33
N ASP A 121 -7.65 20.95 2.03
CA ASP A 121 -7.18 22.09 1.21
C ASP A 121 -8.25 22.50 0.20
N GLY A 122 -8.93 21.55 -0.37
CA GLY A 122 -10.00 21.89 -1.36
C GLY A 122 -11.16 20.90 -1.22
N GLU A 123 -10.95 19.66 -1.55
CA GLU A 123 -12.04 18.65 -1.44
C GLU A 123 -11.51 17.36 -0.80
N GLU A 124 -12.34 16.65 -0.10
CA GLU A 124 -11.88 15.39 0.55
C GLU A 124 -11.76 14.28 -0.49
N THR A 125 -10.69 13.52 -0.44
CA THR A 125 -10.52 12.42 -1.43
C THR A 125 -10.81 11.07 -0.77
N ASN A 126 -12.05 10.66 -0.78
CA ASN A 126 -12.41 9.35 -0.15
C ASN A 126 -12.24 8.21 -1.16
N TYR A 127 -11.35 7.29 -0.89
CA TYR A 127 -11.15 6.15 -1.82
C TYR A 127 -12.12 5.02 -1.50
N ASP A 128 -13.39 5.28 -1.54
CA ASP A 128 -14.39 4.23 -1.23
C ASP A 128 -14.08 2.95 -2.02
N TYR A 129 -13.79 3.08 -3.29
CA TYR A 129 -13.48 1.88 -4.11
C TYR A 129 -12.32 2.18 -5.06
N THR A 130 -11.20 1.53 -4.85
CA THR A 130 -10.02 1.77 -5.76
C THR A 130 -9.58 0.45 -6.38
N LYS A 131 -9.88 0.24 -7.64
CA LYS A 131 -9.48 -1.03 -8.29
C LYS A 131 -8.00 -0.99 -8.70
N LEU A 132 -7.13 -1.47 -7.85
CA LEU A 132 -5.68 -1.47 -8.18
C LEU A 132 -5.26 -2.84 -8.73
N VAL A 133 -5.19 -2.97 -10.02
CA VAL A 133 -4.80 -4.28 -10.62
C VAL A 133 -3.28 -4.41 -10.69
N PHE A 134 -2.71 -5.29 -9.90
CA PHE A 134 -1.23 -5.46 -9.93
C PHE A 134 -0.77 -5.69 -11.37
N ALA A 135 0.51 -5.56 -11.62
CA ALA A 135 1.02 -5.80 -13.00
C ALA A 135 1.17 -7.30 -13.23
N LYS A 136 1.34 -8.04 -12.17
CA LYS A 136 1.50 -9.52 -12.31
C LYS A 136 0.94 -10.21 -11.07
N PRO A 137 0.77 -11.51 -11.17
CA PRO A 137 0.23 -12.30 -10.04
C PRO A 137 1.27 -12.42 -8.93
N ILE A 138 0.93 -12.06 -7.73
CA ILE A 138 1.91 -12.16 -6.61
C ILE A 138 1.86 -13.55 -5.98
N TYR A 139 2.58 -14.48 -6.53
CA TYR A 139 2.58 -15.87 -5.96
C TYR A 139 3.71 -16.04 -4.96
N ASN A 140 3.40 -16.37 -3.74
CA ASN A 140 4.48 -16.56 -2.72
C ASN A 140 5.54 -17.52 -3.25
N ASP A 141 6.56 -17.78 -2.48
CA ASP A 141 7.63 -18.71 -2.94
C ASP A 141 7.90 -19.79 -1.88
N PRO A 142 7.10 -20.81 -1.92
CA PRO A 142 7.25 -21.93 -0.95
C PRO A 142 8.49 -22.76 -1.28
N SER A 143 9.10 -22.56 -2.42
CA SER A 143 10.31 -23.34 -2.78
C SER A 143 11.40 -22.40 -3.29
N LEU A 144 11.41 -21.18 -2.81
CA LEU A 144 12.46 -20.21 -3.26
C LEU A 144 13.85 -20.85 -3.18
N ALA A 1 -7.80 -5.83 14.09
CA ALA A 1 -8.29 -4.43 14.08
C ALA A 1 -7.27 -3.51 13.37
N ASP A 2 -7.73 -2.44 12.79
CA ASP A 2 -6.79 -1.53 12.08
C ASP A 2 -7.03 -0.08 12.52
N GLU A 3 -5.99 0.70 12.67
CA GLU A 3 -6.15 2.12 13.09
C GLU A 3 -6.09 3.04 11.87
N SER A 4 -5.61 4.24 12.05
CA SER A 4 -5.52 5.19 10.91
C SER A 4 -4.06 5.33 10.45
N LEU A 5 -3.82 5.27 9.17
CA LEU A 5 -2.42 5.39 8.67
C LEU A 5 -1.76 6.64 9.26
N LYS A 6 -2.55 7.61 9.63
CA LYS A 6 -1.96 8.86 10.21
C LYS A 6 -1.65 8.66 11.71
N ASP A 7 -2.34 7.76 12.35
CA ASP A 7 -2.09 7.51 13.79
C ASP A 7 -1.14 6.33 13.99
N ALA A 8 -0.64 5.76 12.93
CA ALA A 8 0.28 4.60 13.07
C ALA A 8 1.70 4.99 12.61
N ILE A 9 1.80 5.88 11.66
CA ILE A 9 3.14 6.29 11.17
C ILE A 9 3.96 6.89 12.32
N LYS A 10 3.31 7.31 13.36
CA LYS A 10 4.06 7.90 14.52
C LYS A 10 4.63 6.79 15.40
N ASP A 11 5.63 6.09 14.92
CA ASP A 11 6.23 5.00 15.73
C ASP A 11 7.77 5.01 15.58
N PRO A 12 8.46 4.94 16.69
CA PRO A 12 9.93 4.94 16.66
C PRO A 12 10.47 3.58 16.21
N ALA A 13 9.72 2.53 16.45
CA ALA A 13 10.18 1.18 16.03
C ALA A 13 10.19 1.06 14.50
N LEU A 14 9.44 1.89 13.82
CA LEU A 14 9.41 1.83 12.34
C LEU A 14 10.13 3.05 11.73
N GLU A 15 10.17 4.13 12.45
CA GLU A 15 10.85 5.34 11.92
C GLU A 15 12.26 4.99 11.43
N ASN A 16 12.54 5.21 10.18
CA ASN A 16 13.89 4.89 9.64
C ASN A 16 14.28 3.46 10.02
N LYS A 17 13.62 2.48 9.46
CA LYS A 17 13.96 1.07 9.78
C LYS A 17 14.49 0.35 8.53
N GLU A 18 15.23 -0.70 8.71
CA GLU A 18 15.78 -1.45 7.55
C GLU A 18 14.76 -2.48 7.06
N HIS A 19 13.85 -2.09 6.22
CA HIS A 19 12.84 -3.06 5.71
C HIS A 19 13.33 -3.69 4.41
N ASP A 20 14.59 -4.03 4.33
CA ASP A 20 15.13 -4.65 3.09
C ASP A 20 16.03 -5.84 3.44
N ILE A 21 15.54 -6.74 4.24
CA ILE A 21 16.37 -7.92 4.63
C ILE A 21 15.76 -9.21 4.08
N GLY A 22 16.41 -9.85 3.15
CA GLY A 22 15.85 -11.10 2.56
C GLY A 22 15.56 -10.90 1.09
N PRO A 23 14.80 -11.82 0.54
CA PRO A 23 14.43 -11.76 -0.89
C PRO A 23 13.41 -10.65 -1.14
N ARG A 24 13.26 -10.22 -2.36
CA ARG A 24 12.27 -9.14 -2.66
C ARG A 24 12.32 -8.79 -4.15
N GLU A 25 11.26 -8.20 -4.66
CA GLU A 25 11.24 -7.83 -6.10
C GLU A 25 10.44 -6.53 -6.29
N GLN A 26 10.16 -6.16 -7.51
CA GLN A 26 9.40 -4.92 -7.76
C GLN A 26 8.28 -5.18 -8.76
N VAL A 27 7.06 -4.84 -8.43
CA VAL A 27 5.94 -5.08 -9.37
C VAL A 27 5.22 -3.77 -9.72
N ASN A 28 4.65 -3.69 -10.89
CA ASN A 28 3.94 -2.45 -11.29
C ASN A 28 2.43 -2.63 -11.07
N PHE A 29 1.76 -1.61 -10.64
CA PHE A 29 0.28 -1.73 -10.40
C PHE A 29 -0.48 -0.64 -11.14
N GLN A 30 -1.57 -0.98 -11.76
CA GLN A 30 -2.36 0.04 -12.49
C GLN A 30 -3.49 0.58 -11.60
N LEU A 31 -3.42 1.83 -11.24
CA LEU A 31 -4.49 2.41 -10.37
C LEU A 31 -5.65 2.90 -11.23
N LEU A 32 -6.83 2.37 -10.99
CA LEU A 32 -8.01 2.80 -11.80
C LEU A 32 -9.27 2.84 -10.91
N ASP A 33 -9.96 3.94 -10.90
CA ASP A 33 -11.19 4.05 -10.06
C ASP A 33 -12.28 3.12 -10.62
N LYS A 34 -13.52 3.52 -10.51
CA LYS A 34 -14.62 2.65 -11.03
C LYS A 34 -14.94 3.03 -12.48
N ASN A 35 -14.00 3.59 -13.19
CA ASN A 35 -14.27 3.98 -14.61
C ASN A 35 -13.01 3.76 -15.46
N ASN A 36 -12.10 2.94 -14.99
CA ASN A 36 -10.86 2.68 -15.77
C ASN A 36 -10.18 4.01 -16.13
N GLU A 37 -10.07 4.90 -15.19
CA GLU A 37 -9.42 6.21 -15.47
C GLU A 37 -8.31 6.48 -14.47
N THR A 38 -7.16 6.88 -14.94
CA THR A 38 -6.02 7.16 -14.00
C THR A 38 -6.10 8.59 -13.47
N GLN A 39 -5.94 8.77 -12.20
CA GLN A 39 -6.01 10.15 -11.61
C GLN A 39 -5.05 11.08 -12.37
N TYR A 40 -5.44 12.32 -12.55
CA TYR A 40 -4.57 13.27 -13.28
C TYR A 40 -3.32 13.60 -12.44
N TYR A 41 -2.53 14.55 -12.87
CA TYR A 41 -1.30 14.90 -12.11
C TYR A 41 -1.65 15.86 -10.96
N HIS A 42 -2.56 15.50 -10.12
CA HIS A 42 -2.93 16.39 -8.98
C HIS A 42 -2.00 16.15 -7.79
N PHE A 43 -2.04 14.99 -7.20
CA PHE A 43 -1.15 14.71 -6.05
C PHE A 43 -0.25 13.51 -6.37
N PHE A 44 0.79 13.31 -5.61
CA PHE A 44 1.71 12.17 -5.88
C PHE A 44 2.03 11.42 -4.57
N SER A 45 1.04 10.86 -3.94
CA SER A 45 1.30 10.13 -2.67
C SER A 45 2.15 8.89 -2.95
N ILE A 46 1.60 7.93 -3.63
CA ILE A 46 2.38 6.69 -3.94
C ILE A 46 3.27 6.94 -5.18
N LYS A 47 4.17 6.03 -5.46
CA LYS A 47 5.06 6.23 -6.64
C LYS A 47 5.95 5.00 -6.86
N ASP A 48 6.37 4.36 -5.80
CA ASP A 48 7.23 3.16 -5.94
C ASP A 48 6.41 1.97 -6.42
N PRO A 49 7.08 1.02 -7.02
CA PRO A 49 6.39 -0.18 -7.53
C PRO A 49 5.98 -1.09 -6.37
N ALA A 50 5.00 -1.91 -6.57
CA ALA A 50 4.54 -2.82 -5.48
C ALA A 50 5.62 -3.87 -5.18
N ASP A 51 6.65 -3.48 -4.47
CA ASP A 51 7.73 -4.45 -4.14
C ASP A 51 7.15 -5.66 -3.41
N VAL A 52 7.53 -6.85 -3.82
CA VAL A 52 6.99 -8.07 -3.16
C VAL A 52 8.05 -8.67 -2.22
N TYR A 53 7.64 -9.12 -1.07
CA TYR A 53 8.61 -9.72 -0.11
C TYR A 53 8.28 -11.19 0.13
N TYR A 54 8.84 -12.07 -0.66
CA TYR A 54 8.57 -13.52 -0.49
C TYR A 54 9.27 -14.05 0.76
N THR A 55 8.55 -14.16 1.85
CA THR A 55 9.18 -14.67 3.11
C THR A 55 8.96 -16.19 3.23
N LYS A 56 9.06 -16.71 4.42
CA LYS A 56 8.85 -18.18 4.60
C LYS A 56 7.39 -18.49 4.94
N LYS A 57 6.50 -17.60 4.59
CA LYS A 57 5.06 -17.85 4.90
C LYS A 57 4.19 -17.45 3.70
N LYS A 58 4.23 -16.20 3.33
CA LYS A 58 3.41 -15.74 2.17
C LYS A 58 4.02 -14.48 1.55
N ALA A 59 3.81 -14.27 0.29
CA ALA A 59 4.39 -13.06 -0.38
C ALA A 59 3.86 -11.79 0.30
N GLU A 60 4.61 -10.73 0.27
CA GLU A 60 4.14 -9.47 0.92
C GLU A 60 4.44 -8.26 0.03
N VAL A 61 3.44 -7.73 -0.62
CA VAL A 61 3.66 -6.55 -1.50
C VAL A 61 3.77 -5.28 -0.67
N GLU A 62 4.68 -4.40 -0.99
CA GLU A 62 4.83 -3.15 -0.21
C GLU A 62 4.75 -1.92 -1.12
N LEU A 63 4.17 -0.86 -0.63
CA LEU A 63 4.05 0.37 -1.46
C LEU A 63 4.60 1.58 -0.69
N ASP A 64 4.93 2.63 -1.39
CA ASP A 64 5.47 3.84 -0.70
C ASP A 64 4.42 4.95 -0.63
N ILE A 65 4.50 5.80 0.35
CA ILE A 65 3.49 6.90 0.46
C ILE A 65 4.19 8.22 0.80
N ASN A 66 4.46 9.03 -0.19
CA ASN A 66 5.15 10.33 0.07
C ASN A 66 4.33 11.16 1.06
N THR A 67 3.04 11.21 0.89
CA THR A 67 2.18 12.02 1.82
C THR A 67 1.53 11.11 2.86
N ALA A 68 2.32 10.59 3.78
CA ALA A 68 1.74 9.70 4.83
C ALA A 68 0.85 10.50 5.79
N SER A 69 0.90 11.80 5.74
CA SER A 69 0.06 12.61 6.67
C SER A 69 -1.31 12.89 6.03
N THR A 70 -1.43 12.72 4.74
CA THR A 70 -2.74 12.97 4.07
C THR A 70 -3.64 11.74 4.17
N TRP A 71 -3.07 10.59 4.42
CA TRP A 71 -3.90 9.36 4.52
C TRP A 71 -4.43 9.19 5.95
N LYS A 72 -5.71 8.99 6.10
CA LYS A 72 -6.29 8.81 7.46
C LYS A 72 -6.67 7.34 7.68
N LYS A 73 -7.35 6.75 6.73
CA LYS A 73 -7.74 5.33 6.86
C LYS A 73 -7.28 4.54 5.63
N PHE A 74 -7.49 3.24 5.63
CA PHE A 74 -7.06 2.43 4.45
C PHE A 74 -7.51 0.98 4.64
N GLU A 75 -7.93 0.34 3.59
CA GLU A 75 -8.37 -1.08 3.71
C GLU A 75 -8.49 -1.72 2.33
N VAL A 76 -7.80 -2.81 2.11
CA VAL A 76 -7.89 -3.48 0.78
C VAL A 76 -8.80 -4.70 0.86
N TYR A 77 -9.61 -4.93 -0.15
CA TYR A 77 -10.53 -6.10 -0.12
C TYR A 77 -10.42 -6.90 -1.42
N GLU A 78 -10.03 -8.15 -1.33
CA GLU A 78 -9.90 -8.98 -2.55
C GLU A 78 -10.54 -10.35 -2.34
N ASN A 79 -11.03 -10.97 -3.39
CA ASN A 79 -11.67 -12.31 -3.26
C ASN A 79 -12.94 -12.22 -2.42
N ASN A 80 -12.82 -12.05 -1.13
CA ASN A 80 -14.03 -11.96 -0.28
C ASN A 80 -13.64 -11.64 1.17
N GLN A 81 -12.73 -10.72 1.36
CA GLN A 81 -12.30 -10.37 2.73
C GLN A 81 -11.31 -9.20 2.70
N LYS A 82 -11.31 -8.38 3.72
CA LYS A 82 -10.37 -7.22 3.76
C LYS A 82 -9.06 -7.63 4.44
N LEU A 83 -7.94 -7.26 3.86
CA LEU A 83 -6.64 -7.65 4.48
C LEU A 83 -6.18 -6.56 5.47
N PRO A 84 -5.64 -7.00 6.58
CA PRO A 84 -5.17 -6.06 7.62
C PRO A 84 -3.83 -5.44 7.19
N VAL A 85 -3.87 -4.26 6.63
CA VAL A 85 -2.60 -3.60 6.19
C VAL A 85 -1.76 -3.23 7.41
N ARG A 86 -0.47 -3.44 7.35
CA ARG A 86 0.40 -3.10 8.50
C ARG A 86 1.57 -2.22 8.05
N LEU A 87 2.01 -1.31 8.88
CA LEU A 87 3.15 -0.43 8.48
C LEU A 87 4.47 -1.06 8.90
N VAL A 88 5.43 -1.09 8.01
CA VAL A 88 6.75 -1.69 8.35
C VAL A 88 7.77 -0.59 8.65
N SER A 89 7.71 0.49 7.92
CA SER A 89 8.67 1.60 8.15
C SER A 89 8.06 2.93 7.71
N TYR A 90 8.40 4.00 8.36
CA TYR A 90 7.84 5.32 7.95
C TYR A 90 8.84 6.44 8.24
N SER A 91 9.15 7.23 7.25
CA SER A 91 10.11 8.35 7.50
C SER A 91 9.39 9.46 8.27
N PRO A 92 10.15 10.19 9.04
CA PRO A 92 9.58 11.27 9.87
C PRO A 92 9.03 12.44 9.03
N VAL A 93 8.23 13.27 9.66
CA VAL A 93 7.61 14.46 8.97
C VAL A 93 8.49 15.07 7.87
N PRO A 94 9.71 15.43 8.20
CA PRO A 94 10.60 16.06 7.18
C PRO A 94 10.78 15.13 5.98
N GLU A 95 10.85 13.85 6.19
CA GLU A 95 10.99 12.92 5.04
C GLU A 95 9.60 12.57 4.51
N ASP A 96 8.63 12.51 5.39
CA ASP A 96 7.23 12.18 4.97
C ASP A 96 7.22 10.98 4.02
N HIS A 97 7.17 9.78 4.56
CA HIS A 97 7.15 8.57 3.71
C HIS A 97 6.69 7.37 4.53
N ALA A 98 5.58 6.77 4.17
CA ALA A 98 5.08 5.60 4.94
C ALA A 98 5.20 4.32 4.10
N TYR A 99 5.66 3.26 4.68
CA TYR A 99 5.80 1.98 3.91
C TYR A 99 4.81 0.94 4.46
N ILE A 100 3.87 0.54 3.66
CA ILE A 100 2.87 -0.48 4.13
C ILE A 100 2.87 -1.69 3.20
N ARG A 101 2.34 -2.80 3.62
CA ARG A 101 2.31 -4.00 2.75
C ARG A 101 1.30 -5.03 3.26
N PHE A 102 0.74 -5.80 2.38
CA PHE A 102 -0.24 -6.83 2.81
C PHE A 102 0.09 -8.18 2.15
N PRO A 103 -0.49 -9.22 2.67
CA PRO A 103 -0.25 -10.58 2.14
C PRO A 103 -0.96 -10.78 0.80
N VAL A 104 -0.48 -11.70 -0.01
CA VAL A 104 -1.12 -11.95 -1.34
C VAL A 104 -1.10 -13.45 -1.64
N SER A 105 -2.16 -14.13 -1.31
CA SER A 105 -2.20 -15.61 -1.58
C SER A 105 -2.86 -15.90 -2.93
N ASP A 106 -2.72 -17.10 -3.41
CA ASP A 106 -3.34 -17.48 -4.71
C ASP A 106 -2.82 -16.59 -5.85
N GLY A 107 -1.69 -15.96 -5.68
CA GLY A 107 -1.15 -15.11 -6.78
C GLY A 107 -2.04 -13.88 -6.96
N THR A 108 -2.69 -13.44 -5.90
CA THR A 108 -3.58 -12.24 -5.99
C THR A 108 -3.00 -11.16 -6.91
N GLN A 109 -3.75 -10.75 -7.90
CA GLN A 109 -3.24 -9.72 -8.84
C GLN A 109 -4.18 -8.51 -8.87
N GLU A 110 -5.36 -8.63 -8.32
CA GLU A 110 -6.30 -7.47 -8.33
C GLU A 110 -7.03 -7.35 -6.99
N LEU A 111 -6.92 -6.22 -6.35
CA LEU A 111 -7.60 -6.05 -5.03
C LEU A 111 -8.17 -4.62 -4.92
N LYS A 112 -9.27 -4.47 -4.24
CA LYS A 112 -9.86 -3.11 -4.08
C LYS A 112 -9.16 -2.34 -2.95
N ILE A 113 -9.33 -1.05 -2.91
CA ILE A 113 -8.65 -0.26 -1.83
C ILE A 113 -9.63 0.77 -1.24
N VAL A 114 -9.79 0.77 0.05
CA VAL A 114 -10.71 1.75 0.68
C VAL A 114 -9.93 2.73 1.57
N SER A 115 -9.94 4.00 1.24
CA SER A 115 -9.19 4.98 2.07
C SER A 115 -9.71 6.40 1.81
N SER A 116 -9.20 7.36 2.53
CA SER A 116 -9.65 8.77 2.32
C SER A 116 -8.53 9.74 2.71
N THR A 117 -8.41 10.84 2.02
CA THR A 117 -7.34 11.82 2.35
C THR A 117 -7.90 13.25 2.33
N GLN A 118 -7.18 14.18 2.89
CA GLN A 118 -7.67 15.59 2.91
C GLN A 118 -6.48 16.56 2.88
N ILE A 119 -6.34 17.30 1.82
CA ILE A 119 -5.20 18.26 1.74
C ILE A 119 -5.70 19.70 1.94
N ASP A 120 -6.82 19.86 2.60
CA ASP A 120 -7.35 21.23 2.84
C ASP A 120 -7.44 21.99 1.51
N ASP A 121 -8.14 21.45 0.55
CA ASP A 121 -8.26 22.14 -0.76
C ASP A 121 -9.72 22.48 -1.06
N GLY A 122 -10.52 21.49 -1.36
CA GLY A 122 -11.96 21.75 -1.65
C GLY A 122 -12.78 20.51 -1.30
N GLU A 123 -12.50 19.39 -1.91
CA GLU A 123 -13.28 18.16 -1.61
C GLU A 123 -12.38 17.13 -0.89
N GLU A 124 -12.92 16.46 0.08
CA GLU A 124 -12.11 15.45 0.82
C GLU A 124 -11.91 14.20 -0.04
N THR A 125 -10.70 13.92 -0.42
CA THR A 125 -10.45 12.71 -1.26
C THR A 125 -11.01 11.46 -0.59
N ASN A 126 -12.12 10.97 -1.05
CA ASN A 126 -12.73 9.75 -0.45
C ASN A 126 -12.72 8.60 -1.45
N TYR A 127 -11.79 7.69 -1.31
CA TYR A 127 -11.73 6.53 -2.26
C TYR A 127 -12.65 5.41 -1.79
N ASP A 128 -13.93 5.55 -1.97
CA ASP A 128 -14.88 4.49 -1.53
C ASP A 128 -14.55 3.16 -2.23
N TYR A 129 -14.04 3.24 -3.44
CA TYR A 129 -13.70 1.98 -4.16
C TYR A 129 -12.54 2.23 -5.15
N THR A 130 -11.40 1.64 -4.90
CA THR A 130 -10.25 1.84 -5.81
C THR A 130 -9.76 0.49 -6.35
N LYS A 131 -10.03 0.22 -7.60
CA LYS A 131 -9.59 -1.09 -8.18
C LYS A 131 -8.11 -1.03 -8.57
N LEU A 132 -7.25 -1.61 -7.78
CA LEU A 132 -5.80 -1.58 -8.11
C LEU A 132 -5.36 -2.94 -8.68
N VAL A 133 -5.16 -3.01 -9.97
CA VAL A 133 -4.74 -4.31 -10.57
C VAL A 133 -3.22 -4.36 -10.72
N PHE A 134 -2.62 -5.43 -10.27
CA PHE A 134 -1.14 -5.54 -10.38
C PHE A 134 -0.74 -5.84 -11.82
N ALA A 135 0.51 -5.70 -12.15
CA ALA A 135 0.95 -6.00 -13.53
C ALA A 135 1.03 -7.53 -13.71
N LYS A 136 1.27 -8.23 -12.63
CA LYS A 136 1.35 -9.71 -12.70
C LYS A 136 0.85 -10.31 -11.38
N PRO A 137 0.54 -11.57 -11.41
CA PRO A 137 0.04 -12.26 -10.18
C PRO A 137 1.17 -12.41 -9.15
N ILE A 138 0.90 -12.06 -7.92
CA ILE A 138 1.96 -12.17 -6.88
C ILE A 138 1.96 -13.60 -6.29
N TYR A 139 2.61 -14.51 -6.94
CA TYR A 139 2.65 -15.91 -6.42
C TYR A 139 3.88 -16.11 -5.53
N ASN A 140 3.67 -16.42 -4.28
CA ASN A 140 4.82 -16.64 -3.35
C ASN A 140 5.71 -17.77 -3.88
N ASP A 141 6.71 -18.15 -3.13
CA ASP A 141 7.61 -19.25 -3.59
C ASP A 141 7.61 -20.40 -2.57
N PRO A 142 6.59 -21.23 -2.66
CA PRO A 142 6.46 -22.36 -1.73
C PRO A 142 7.48 -23.47 -2.08
N SER A 143 8.23 -23.31 -3.15
CA SER A 143 9.21 -24.34 -3.52
C SER A 143 10.55 -23.69 -3.89
N LEU A 144 10.82 -22.53 -3.34
CA LEU A 144 12.10 -21.84 -3.65
C LEU A 144 13.27 -22.80 -3.50
N ALA A 1 -5.58 -6.43 14.32
CA ALA A 1 -5.65 -5.06 14.91
C ALA A 1 -5.18 -4.02 13.91
N ASP A 2 -5.89 -2.94 13.76
CA ASP A 2 -5.47 -1.89 12.80
C ASP A 2 -6.01 -0.52 13.25
N GLU A 3 -5.39 0.54 12.82
CA GLU A 3 -5.86 1.89 13.22
C GLU A 3 -5.74 2.86 12.04
N SER A 4 -5.54 4.12 12.31
CA SER A 4 -5.42 5.11 11.20
C SER A 4 -3.94 5.25 10.79
N LEU A 5 -3.68 5.30 9.51
CA LEU A 5 -2.27 5.43 9.06
C LEU A 5 -1.65 6.74 9.57
N LYS A 6 -2.47 7.70 9.87
CA LYS A 6 -1.94 9.00 10.38
C LYS A 6 -1.56 8.87 11.86
N ASP A 7 -2.22 8.02 12.58
CA ASP A 7 -1.90 7.85 14.03
C ASP A 7 -0.87 6.74 14.23
N ALA A 8 -0.70 5.89 13.25
CA ALA A 8 0.31 4.79 13.39
C ALA A 8 1.68 5.27 12.93
N ILE A 9 1.73 6.10 11.93
CA ILE A 9 3.05 6.60 11.42
C ILE A 9 3.90 7.09 12.59
N LYS A 10 3.30 7.52 13.67
CA LYS A 10 4.08 8.01 14.84
C LYS A 10 4.65 6.82 15.62
N ASP A 11 5.94 6.63 15.59
CA ASP A 11 6.54 5.49 16.34
C ASP A 11 8.06 5.56 16.25
N PRO A 12 8.72 5.23 17.34
CA PRO A 12 10.20 5.26 17.37
C PRO A 12 10.79 4.07 16.61
N ALA A 13 10.01 3.03 16.42
CA ALA A 13 10.52 1.84 15.68
C ALA A 13 10.34 2.03 14.17
N LEU A 14 9.21 2.53 13.75
CA LEU A 14 8.98 2.74 12.30
C LEU A 14 9.74 3.99 11.80
N GLU A 15 10.25 4.79 12.69
CA GLU A 15 11.00 6.00 12.26
C GLU A 15 12.28 5.61 11.53
N ASN A 16 12.24 5.53 10.22
CA ASN A 16 13.45 5.15 9.45
C ASN A 16 13.99 3.80 9.95
N LYS A 17 13.37 2.73 9.57
CA LYS A 17 13.84 1.39 10.03
C LYS A 17 14.21 0.52 8.83
N GLU A 18 14.99 -0.51 9.04
CA GLU A 18 15.39 -1.39 7.91
C GLU A 18 14.26 -2.34 7.55
N HIS A 19 13.16 -1.82 7.06
CA HIS A 19 12.02 -2.70 6.68
C HIS A 19 12.47 -3.77 5.69
N ASP A 20 13.55 -3.52 4.98
CA ASP A 20 14.03 -4.52 3.99
C ASP A 20 14.74 -5.68 4.70
N ILE A 21 14.07 -6.79 4.85
CA ILE A 21 14.71 -7.95 5.54
C ILE A 21 14.42 -9.25 4.78
N GLY A 22 15.32 -9.68 3.95
CA GLY A 22 15.10 -10.93 3.19
C GLY A 22 15.14 -10.63 1.68
N PRO A 23 14.49 -11.48 0.93
CA PRO A 23 14.44 -11.30 -0.54
C PRO A 23 13.52 -10.13 -0.92
N ARG A 24 13.39 -9.86 -2.19
CA ARG A 24 12.51 -8.73 -2.61
C ARG A 24 12.40 -8.69 -4.14
N GLU A 25 11.30 -8.20 -4.66
CA GLU A 25 11.14 -8.13 -6.13
C GLU A 25 10.55 -6.78 -6.54
N GLN A 26 10.13 -6.65 -7.77
CA GLN A 26 9.55 -5.36 -8.23
C GLN A 26 8.27 -5.61 -9.05
N VAL A 27 7.24 -4.86 -8.78
CA VAL A 27 5.96 -5.07 -9.55
C VAL A 27 5.22 -3.73 -9.69
N ASN A 28 4.57 -3.53 -10.81
CA ASN A 28 3.82 -2.25 -11.02
C ASN A 28 2.35 -2.44 -10.62
N PHE A 29 1.64 -1.37 -10.44
CA PHE A 29 0.20 -1.49 -10.07
C PHE A 29 -0.67 -0.62 -10.98
N GLN A 30 -1.80 -1.11 -11.38
CA GLN A 30 -2.69 -0.30 -12.27
C GLN A 30 -3.80 0.36 -11.45
N LEU A 31 -3.79 1.66 -11.36
CA LEU A 31 -4.85 2.36 -10.57
C LEU A 31 -6.07 2.63 -11.45
N LEU A 32 -7.20 2.06 -11.11
CA LEU A 32 -8.42 2.29 -11.92
C LEU A 32 -9.64 2.49 -11.01
N ASP A 33 -10.07 3.70 -10.85
CA ASP A 33 -11.25 3.97 -9.97
C ASP A 33 -12.50 3.30 -10.55
N LYS A 34 -13.65 3.87 -10.31
CA LYS A 34 -14.91 3.28 -10.86
C LYS A 34 -15.22 3.88 -12.23
N ASN A 35 -14.24 4.05 -13.07
CA ASN A 35 -14.50 4.63 -14.41
C ASN A 35 -13.35 4.29 -15.37
N ASN A 36 -12.65 3.22 -15.11
CA ASN A 36 -11.52 2.83 -16.01
C ASN A 36 -10.62 4.04 -16.27
N GLU A 37 -10.49 4.92 -15.31
CA GLU A 37 -9.62 6.12 -15.51
C GLU A 37 -8.53 6.17 -14.42
N THR A 38 -7.30 6.27 -14.81
CA THR A 38 -6.20 6.33 -13.80
C THR A 38 -6.10 7.74 -13.22
N GLN A 39 -6.37 7.89 -11.95
CA GLN A 39 -6.29 9.24 -11.32
C GLN A 39 -4.89 9.83 -11.50
N TYR A 40 -4.76 10.83 -12.32
CA TYR A 40 -3.41 11.45 -12.53
C TYR A 40 -3.43 12.90 -12.07
N TYR A 41 -3.97 13.16 -10.91
CA TYR A 41 -4.02 14.57 -10.40
C TYR A 41 -2.61 15.06 -10.09
N HIS A 42 -2.48 16.27 -9.60
CA HIS A 42 -1.14 16.80 -9.26
C HIS A 42 -0.58 16.11 -8.02
N PHE A 43 -1.31 16.13 -6.94
CA PHE A 43 -0.83 15.47 -5.69
C PHE A 43 -0.92 13.94 -5.84
N PHE A 44 0.17 13.25 -5.67
CA PHE A 44 0.16 11.77 -5.79
C PHE A 44 0.73 11.13 -4.53
N SER A 45 0.01 10.23 -3.92
CA SER A 45 0.51 9.57 -2.68
C SER A 45 1.65 8.61 -3.03
N ILE A 46 1.33 7.45 -3.53
CA ILE A 46 2.40 6.47 -3.88
C ILE A 46 3.32 7.06 -4.96
N LYS A 47 4.43 6.43 -5.22
CA LYS A 47 5.37 6.97 -6.25
C LYS A 47 6.19 5.83 -6.87
N ASP A 48 6.77 5.00 -6.06
CA ASP A 48 7.59 3.88 -6.60
C ASP A 48 6.69 2.69 -6.95
N PRO A 49 7.23 1.78 -7.69
CA PRO A 49 6.48 0.58 -8.09
C PRO A 49 6.30 -0.37 -6.90
N ALA A 50 5.21 -1.09 -6.85
CA ALA A 50 4.98 -2.03 -5.71
C ALA A 50 6.02 -3.16 -5.73
N ASP A 51 6.69 -3.38 -4.64
CA ASP A 51 7.70 -4.48 -4.58
C ASP A 51 7.09 -5.74 -3.97
N VAL A 52 7.78 -6.84 -4.03
CA VAL A 52 7.21 -8.11 -3.47
C VAL A 52 8.21 -8.76 -2.51
N TYR A 53 7.77 -9.14 -1.35
CA TYR A 53 8.68 -9.79 -0.37
C TYR A 53 8.33 -11.28 -0.24
N TYR A 54 8.84 -12.11 -1.11
CA TYR A 54 8.54 -13.55 -1.04
C TYR A 54 9.21 -14.18 0.19
N THR A 55 8.43 -14.48 1.20
CA THR A 55 9.01 -15.10 2.43
C THR A 55 8.83 -16.62 2.39
N LYS A 56 8.90 -17.27 3.52
CA LYS A 56 8.74 -18.75 3.54
C LYS A 56 7.25 -19.12 3.55
N LYS A 57 6.40 -18.20 3.95
CA LYS A 57 4.94 -18.51 3.99
C LYS A 57 4.23 -17.89 2.79
N LYS A 58 4.10 -16.59 2.77
CA LYS A 58 3.41 -15.92 1.63
C LYS A 58 4.16 -14.67 1.21
N ALA A 59 4.02 -14.25 -0.01
CA ALA A 59 4.73 -13.03 -0.48
C ALA A 59 4.15 -11.79 0.21
N GLU A 60 4.87 -10.70 0.20
CA GLU A 60 4.36 -9.47 0.86
C GLU A 60 4.58 -8.25 -0.04
N VAL A 61 3.54 -7.76 -0.67
CA VAL A 61 3.69 -6.58 -1.56
C VAL A 61 3.95 -5.32 -0.72
N GLU A 62 4.86 -4.48 -1.15
CA GLU A 62 5.15 -3.25 -0.37
C GLU A 62 4.89 -2.01 -1.22
N LEU A 63 4.43 -0.95 -0.60
CA LEU A 63 4.15 0.31 -1.37
C LEU A 63 4.79 1.50 -0.66
N ASP A 64 5.23 2.48 -1.41
CA ASP A 64 5.87 3.67 -0.77
C ASP A 64 4.93 4.87 -0.84
N ILE A 65 4.40 5.29 0.29
CA ILE A 65 3.48 6.46 0.30
C ILE A 65 4.26 7.76 0.53
N ASN A 66 3.83 8.84 -0.06
CA ASN A 66 4.56 10.13 0.13
C ASN A 66 3.75 11.07 1.05
N THR A 67 2.47 11.14 0.84
CA THR A 67 1.63 12.02 1.70
C THR A 67 1.06 11.24 2.88
N ALA A 68 1.86 10.43 3.51
CA ALA A 68 1.35 9.64 4.67
C ALA A 68 0.62 10.54 5.65
N SER A 69 1.05 11.77 5.80
CA SER A 69 0.38 12.70 6.74
C SER A 69 -1.08 12.94 6.32
N THR A 70 -1.41 12.62 5.10
CA THR A 70 -2.82 12.82 4.63
C THR A 70 -3.61 11.52 4.72
N TRP A 71 -2.94 10.40 4.71
CA TRP A 71 -3.66 9.10 4.80
C TRP A 71 -4.30 8.93 6.18
N LYS A 72 -5.56 8.57 6.21
CA LYS A 72 -6.24 8.39 7.53
C LYS A 72 -6.61 6.91 7.72
N LYS A 73 -7.04 6.26 6.67
CA LYS A 73 -7.40 4.83 6.78
C LYS A 73 -6.93 4.06 5.54
N PHE A 74 -7.04 2.76 5.55
CA PHE A 74 -6.59 1.97 4.37
C PHE A 74 -6.90 0.48 4.57
N GLU A 75 -7.48 -0.15 3.59
CA GLU A 75 -7.81 -1.60 3.73
C GLU A 75 -8.19 -2.19 2.37
N VAL A 76 -7.32 -2.97 1.79
CA VAL A 76 -7.65 -3.58 0.47
C VAL A 76 -8.48 -4.84 0.65
N TYR A 77 -9.40 -5.09 -0.25
CA TYR A 77 -10.25 -6.31 -0.12
C TYR A 77 -10.36 -7.04 -1.45
N GLU A 78 -10.10 -8.32 -1.47
CA GLU A 78 -10.18 -9.09 -2.75
C GLU A 78 -11.02 -10.35 -2.54
N ASN A 79 -11.85 -10.68 -3.51
CA ASN A 79 -12.70 -11.90 -3.37
C ASN A 79 -13.72 -11.72 -2.23
N ASN A 80 -13.27 -11.80 -1.01
CA ASN A 80 -14.21 -11.63 0.14
C ASN A 80 -13.44 -11.60 1.46
N GLN A 81 -12.53 -10.69 1.62
CA GLN A 81 -11.75 -10.61 2.89
C GLN A 81 -10.84 -9.38 2.89
N LYS A 82 -11.16 -8.39 3.68
CA LYS A 82 -10.32 -7.16 3.72
C LYS A 82 -8.99 -7.47 4.44
N LEU A 83 -7.91 -7.53 3.71
CA LEU A 83 -6.60 -7.82 4.35
C LEU A 83 -6.13 -6.63 5.20
N PRO A 84 -5.54 -6.93 6.33
CA PRO A 84 -5.04 -5.88 7.23
C PRO A 84 -3.71 -5.32 6.72
N VAL A 85 -3.57 -4.02 6.68
CA VAL A 85 -2.29 -3.43 6.18
C VAL A 85 -1.39 -3.08 7.38
N ARG A 86 -0.12 -3.32 7.26
CA ARG A 86 0.80 -3.01 8.39
C ARG A 86 1.87 -2.00 7.96
N LEU A 87 2.52 -1.37 8.90
CA LEU A 87 3.58 -0.38 8.55
C LEU A 87 4.97 -0.95 8.88
N VAL A 88 5.84 -1.01 7.91
CA VAL A 88 7.20 -1.55 8.17
C VAL A 88 8.19 -0.39 8.41
N SER A 89 7.89 0.76 7.91
CA SER A 89 8.81 1.92 8.10
C SER A 89 8.10 3.23 7.72
N TYR A 90 8.45 4.31 8.35
CA TYR A 90 7.79 5.61 8.02
C TYR A 90 8.75 6.78 8.26
N SER A 91 8.97 7.60 7.28
CA SER A 91 9.87 8.77 7.47
C SER A 91 9.14 9.85 8.27
N PRO A 92 9.89 10.64 8.97
CA PRO A 92 9.32 11.71 9.82
C PRO A 92 8.66 12.83 9.00
N VAL A 93 7.86 13.63 9.66
CA VAL A 93 7.13 14.77 9.00
C VAL A 93 7.90 15.41 7.84
N PRO A 94 9.12 15.84 8.09
CA PRO A 94 9.90 16.50 7.00
C PRO A 94 10.05 15.56 5.80
N GLU A 95 10.20 14.29 6.03
CA GLU A 95 10.31 13.35 4.88
C GLU A 95 8.91 12.92 4.45
N ASP A 96 8.02 12.75 5.39
CA ASP A 96 6.62 12.34 5.06
C ASP A 96 6.63 11.15 4.10
N HIS A 97 6.71 9.96 4.64
CA HIS A 97 6.72 8.75 3.78
C HIS A 97 6.37 7.53 4.63
N ALA A 98 5.27 6.89 4.36
CA ALA A 98 4.89 5.69 5.16
C ALA A 98 4.98 4.42 4.31
N TYR A 99 5.63 3.40 4.82
CA TYR A 99 5.74 2.14 4.04
C TYR A 99 4.78 1.09 4.58
N ILE A 100 4.04 0.44 3.72
CA ILE A 100 3.07 -0.59 4.18
C ILE A 100 3.12 -1.81 3.26
N ARG A 101 2.47 -2.89 3.63
CA ARG A 101 2.49 -4.09 2.76
C ARG A 101 1.47 -5.12 3.24
N PHE A 102 0.95 -5.92 2.35
CA PHE A 102 -0.04 -6.96 2.76
C PHE A 102 0.26 -8.28 2.05
N PRO A 103 -0.31 -9.33 2.55
CA PRO A 103 -0.10 -10.68 1.96
C PRO A 103 -0.88 -10.83 0.65
N VAL A 104 -0.46 -11.73 -0.20
CA VAL A 104 -1.18 -11.94 -1.49
C VAL A 104 -1.33 -13.44 -1.76
N SER A 105 -2.46 -13.99 -1.42
CA SER A 105 -2.67 -15.44 -1.63
C SER A 105 -3.35 -15.69 -2.99
N ASP A 106 -3.17 -16.87 -3.53
CA ASP A 106 -3.81 -17.20 -4.84
C ASP A 106 -3.25 -16.33 -5.96
N GLY A 107 -2.06 -15.83 -5.82
CA GLY A 107 -1.47 -14.99 -6.90
C GLY A 107 -2.30 -13.71 -7.07
N THR A 108 -2.92 -13.26 -6.00
CA THR A 108 -3.76 -12.02 -6.06
C THR A 108 -3.16 -10.98 -7.00
N GLN A 109 -3.92 -10.54 -7.97
CA GLN A 109 -3.40 -9.53 -8.93
C GLN A 109 -4.35 -8.32 -8.99
N GLU A 110 -5.21 -8.17 -8.01
CA GLU A 110 -6.16 -7.03 -8.01
C GLU A 110 -6.88 -6.94 -6.67
N LEU A 111 -6.80 -5.81 -6.01
CA LEU A 111 -7.50 -5.68 -4.69
C LEU A 111 -8.18 -4.32 -4.60
N LYS A 112 -9.31 -4.25 -3.95
CA LYS A 112 -10.03 -2.95 -3.83
C LYS A 112 -9.49 -2.15 -2.64
N ILE A 113 -8.65 -1.18 -2.90
CA ILE A 113 -8.09 -0.37 -1.78
C ILE A 113 -9.18 0.51 -1.16
N VAL A 114 -9.32 0.47 0.14
CA VAL A 114 -10.37 1.30 0.80
C VAL A 114 -9.71 2.36 1.68
N SER A 115 -9.87 3.61 1.35
CA SER A 115 -9.24 4.68 2.18
C SER A 115 -9.86 6.04 1.87
N SER A 116 -9.42 7.07 2.56
CA SER A 116 -9.96 8.43 2.31
C SER A 116 -8.96 9.48 2.80
N THR A 117 -8.12 9.97 1.94
CA THR A 117 -7.11 10.99 2.36
C THR A 117 -7.66 12.41 2.20
N GLN A 118 -7.06 13.36 2.85
CA GLN A 118 -7.53 14.77 2.74
C GLN A 118 -6.40 15.73 3.09
N ILE A 119 -6.03 16.60 2.20
CA ILE A 119 -4.92 17.55 2.49
C ILE A 119 -5.47 18.98 2.64
N ASP A 120 -6.75 19.12 2.85
CA ASP A 120 -7.33 20.48 2.99
C ASP A 120 -6.93 21.36 1.81
N ASP A 121 -7.05 20.86 0.62
CA ASP A 121 -6.67 21.68 -0.57
C ASP A 121 -7.92 22.05 -1.38
N GLY A 122 -8.60 21.08 -1.92
CA GLY A 122 -9.82 21.39 -2.72
C GLY A 122 -10.92 20.39 -2.36
N GLU A 123 -10.91 19.23 -2.97
CA GLU A 123 -11.97 18.23 -2.65
C GLU A 123 -11.34 17.02 -1.92
N GLU A 124 -12.01 16.53 -0.91
CA GLU A 124 -11.46 15.36 -0.15
C GLU A 124 -11.34 14.16 -1.08
N THR A 125 -10.26 13.44 -1.00
CA THR A 125 -10.08 12.25 -1.86
C THR A 125 -10.58 10.98 -1.15
N ASN A 126 -11.84 10.68 -1.26
CA ASN A 126 -12.38 9.47 -0.58
C ASN A 126 -12.26 8.26 -1.51
N TYR A 127 -11.42 7.31 -1.16
CA TYR A 127 -11.26 6.11 -2.03
C TYR A 127 -12.22 5.00 -1.57
N ASP A 128 -13.50 5.20 -1.73
CA ASP A 128 -14.47 4.16 -1.32
C ASP A 128 -14.18 2.84 -2.03
N TYR A 129 -13.83 2.90 -3.28
CA TYR A 129 -13.52 1.65 -4.03
C TYR A 129 -12.46 1.90 -5.10
N THR A 130 -11.25 1.46 -4.88
CA THR A 130 -10.18 1.68 -5.89
C THR A 130 -9.67 0.34 -6.41
N LYS A 131 -10.00 0.00 -7.63
CA LYS A 131 -9.54 -1.30 -8.20
C LYS A 131 -8.07 -1.21 -8.61
N LEU A 132 -7.18 -1.71 -7.81
CA LEU A 132 -5.74 -1.67 -8.16
C LEU A 132 -5.29 -3.03 -8.68
N VAL A 133 -5.17 -3.18 -9.97
CA VAL A 133 -4.75 -4.48 -10.54
C VAL A 133 -3.22 -4.55 -10.65
N PHE A 134 -2.61 -5.43 -9.90
CA PHE A 134 -1.12 -5.54 -9.97
C PHE A 134 -0.67 -5.69 -11.43
N ALA A 135 0.59 -5.53 -11.69
CA ALA A 135 1.09 -5.71 -13.08
C ALA A 135 1.08 -7.20 -13.43
N LYS A 136 1.15 -8.03 -12.43
CA LYS A 136 1.13 -9.50 -12.66
C LYS A 136 0.62 -10.21 -11.40
N PRO A 137 0.41 -11.49 -11.52
CA PRO A 137 -0.08 -12.29 -10.37
C PRO A 137 1.03 -12.44 -9.33
N ILE A 138 0.73 -12.14 -8.09
CA ILE A 138 1.78 -12.27 -7.03
C ILE A 138 1.71 -13.66 -6.40
N TYR A 139 2.35 -14.63 -6.99
CA TYR A 139 2.32 -16.01 -6.42
C TYR A 139 3.54 -16.22 -5.52
N ASN A 140 3.32 -16.57 -4.28
CA ASN A 140 4.45 -16.80 -3.35
C ASN A 140 5.31 -17.96 -3.84
N ASP A 141 6.42 -18.22 -3.19
CA ASP A 141 7.29 -19.35 -3.60
C ASP A 141 7.28 -20.46 -2.55
N PRO A 142 6.29 -21.30 -2.65
CA PRO A 142 6.15 -22.43 -1.70
C PRO A 142 7.22 -23.50 -1.95
N SER A 143 7.87 -23.44 -3.08
CA SER A 143 8.93 -24.45 -3.39
C SER A 143 10.21 -23.74 -3.81
N LEU A 144 10.46 -22.60 -3.26
CA LEU A 144 11.70 -21.84 -3.63
C LEU A 144 12.93 -22.74 -3.49
N ALA A 1 -8.33 -5.43 13.21
CA ALA A 1 -7.83 -4.62 14.34
C ALA A 1 -6.90 -3.52 13.85
N ASP A 2 -7.05 -3.11 12.62
CA ASP A 2 -6.18 -2.03 12.08
C ASP A 2 -6.66 -0.66 12.53
N GLU A 3 -5.88 0.36 12.31
CA GLU A 3 -6.31 1.74 12.73
C GLU A 3 -6.08 2.73 11.59
N SER A 4 -5.82 3.97 11.92
CA SER A 4 -5.58 4.99 10.86
C SER A 4 -4.09 5.08 10.54
N LEU A 5 -3.73 5.12 9.28
CA LEU A 5 -2.29 5.21 8.91
C LEU A 5 -1.68 6.49 9.50
N LYS A 6 -2.47 7.50 9.70
CA LYS A 6 -1.93 8.77 10.27
C LYS A 6 -1.62 8.60 11.75
N ASP A 7 -2.18 7.60 12.38
CA ASP A 7 -1.91 7.38 13.83
C ASP A 7 -0.85 6.30 14.01
N ALA A 8 -0.66 5.47 13.02
CA ALA A 8 0.37 4.38 13.14
C ALA A 8 1.74 4.92 12.76
N ILE A 9 1.78 5.99 12.00
CA ILE A 9 3.10 6.55 11.59
C ILE A 9 3.82 7.19 12.80
N LYS A 10 3.10 7.48 13.84
CA LYS A 10 3.74 8.09 15.04
C LYS A 10 4.38 7.01 15.91
N ASP A 11 5.65 6.77 15.73
CA ASP A 11 6.35 5.74 16.56
C ASP A 11 7.87 5.92 16.45
N PRO A 12 8.55 5.60 17.52
CA PRO A 12 10.02 5.72 17.55
C PRO A 12 10.68 4.59 16.75
N ALA A 13 10.06 3.44 16.72
CA ALA A 13 10.66 2.30 15.96
C ALA A 13 10.26 2.38 14.48
N LEU A 14 9.12 2.95 14.20
CA LEU A 14 8.67 3.05 12.78
C LEU A 14 9.11 4.39 12.18
N GLU A 15 10.12 5.01 12.75
CA GLU A 15 10.60 6.31 12.22
C GLU A 15 11.69 6.08 11.17
N ASN A 16 12.43 5.01 11.29
CA ASN A 16 13.51 4.73 10.30
C ASN A 16 14.03 3.30 10.49
N LYS A 17 13.27 2.32 10.04
CA LYS A 17 13.72 0.90 10.18
C LYS A 17 14.12 0.33 8.82
N GLU A 18 14.92 -0.69 8.81
CA GLU A 18 15.36 -1.30 7.51
C GLU A 18 14.46 -2.49 7.17
N HIS A 19 13.24 -2.23 6.80
CA HIS A 19 12.32 -3.36 6.45
C HIS A 19 12.83 -4.11 5.21
N ASP A 20 13.69 -3.49 4.45
CA ASP A 20 14.23 -4.17 3.24
C ASP A 20 15.19 -5.29 3.65
N ILE A 21 14.68 -6.47 3.88
CA ILE A 21 15.56 -7.60 4.29
C ILE A 21 15.04 -8.91 3.70
N GLY A 22 15.91 -9.72 3.16
CA GLY A 22 15.46 -11.01 2.57
C GLY A 22 15.27 -10.86 1.06
N PRO A 23 14.42 -11.68 0.52
CA PRO A 23 14.14 -11.63 -0.94
C PRO A 23 13.30 -10.41 -1.29
N ARG A 24 13.14 -10.13 -2.55
CA ARG A 24 12.33 -8.94 -2.95
C ARG A 24 12.15 -8.92 -4.48
N GLU A 25 11.16 -8.22 -4.96
CA GLU A 25 10.93 -8.16 -6.43
C GLU A 25 10.33 -6.81 -6.82
N GLN A 26 10.05 -6.62 -8.08
CA GLN A 26 9.46 -5.32 -8.52
C GLN A 26 8.14 -5.57 -9.25
N VAL A 27 7.05 -5.03 -8.74
CA VAL A 27 5.74 -5.24 -9.40
C VAL A 27 5.01 -3.92 -9.57
N ASN A 28 4.43 -3.69 -10.71
CA ASN A 28 3.69 -2.41 -10.95
C ASN A 28 2.22 -2.58 -10.56
N PHE A 29 1.42 -1.57 -10.75
CA PHE A 29 -0.02 -1.69 -10.38
C PHE A 29 -0.88 -0.79 -11.28
N GLN A 30 -2.03 -1.25 -11.66
CA GLN A 30 -2.92 -0.42 -12.54
C GLN A 30 -3.94 0.34 -11.68
N LEU A 31 -3.84 1.63 -11.66
CA LEU A 31 -4.81 2.44 -10.85
C LEU A 31 -6.05 2.75 -11.68
N LEU A 32 -7.19 2.26 -11.27
CA LEU A 32 -8.44 2.53 -12.04
C LEU A 32 -9.62 2.73 -11.07
N ASP A 33 -10.17 3.91 -11.03
CA ASP A 33 -11.32 4.17 -10.11
C ASP A 33 -12.52 3.29 -10.50
N LYS A 34 -13.72 3.79 -10.30
CA LYS A 34 -14.92 2.98 -10.66
C LYS A 34 -15.34 3.23 -12.11
N ASN A 35 -14.46 3.80 -12.89
CA ASN A 35 -14.80 4.06 -14.32
C ASN A 35 -13.65 3.65 -15.23
N ASN A 36 -12.80 2.77 -14.76
CA ASN A 36 -11.64 2.32 -15.59
C ASN A 36 -10.91 3.53 -16.18
N GLU A 37 -10.94 4.63 -15.49
CA GLU A 37 -10.23 5.85 -16.01
C GLU A 37 -9.02 6.17 -15.13
N THR A 38 -7.84 6.09 -15.69
CA THR A 38 -6.62 6.39 -14.89
C THR A 38 -6.53 7.90 -14.60
N GLN A 39 -6.49 8.27 -13.35
CA GLN A 39 -6.39 9.71 -13.00
C GLN A 39 -5.11 10.32 -13.57
N TYR A 40 -4.76 11.50 -13.14
CA TYR A 40 -3.51 12.14 -13.66
C TYR A 40 -2.30 11.66 -12.85
N TYR A 41 -1.12 11.87 -13.37
CA TYR A 41 0.10 11.42 -12.64
C TYR A 41 0.81 12.61 -11.99
N HIS A 42 0.50 12.89 -10.75
CA HIS A 42 1.16 14.05 -10.08
C HIS A 42 1.50 13.67 -8.62
N PHE A 43 1.80 14.64 -7.81
CA PHE A 43 2.13 14.35 -6.38
C PHE A 43 0.86 14.06 -5.59
N PHE A 44 0.67 12.84 -5.18
CA PHE A 44 -0.56 12.49 -4.39
C PHE A 44 -0.20 11.59 -3.21
N SER A 45 0.43 10.48 -3.45
CA SER A 45 0.81 9.57 -2.33
C SER A 45 1.85 8.55 -2.79
N ILE A 46 1.41 7.48 -3.40
CA ILE A 46 2.38 6.45 -3.87
C ILE A 46 3.31 7.06 -4.94
N LYS A 47 4.35 6.37 -5.31
CA LYS A 47 5.27 6.92 -6.34
C LYS A 47 6.04 5.81 -7.04
N ASP A 48 6.61 4.90 -6.29
CA ASP A 48 7.39 3.79 -6.92
C ASP A 48 6.48 2.57 -7.13
N PRO A 49 7.02 1.62 -7.85
CA PRO A 49 6.26 0.37 -8.14
C PRO A 49 6.18 -0.51 -6.88
N ALA A 50 5.08 -1.19 -6.70
CA ALA A 50 4.94 -2.06 -5.50
C ALA A 50 5.88 -3.26 -5.60
N ASP A 51 6.68 -3.49 -4.58
CA ASP A 51 7.62 -4.65 -4.61
C ASP A 51 6.98 -5.85 -3.92
N VAL A 52 7.57 -7.01 -4.04
CA VAL A 52 7.00 -8.20 -3.38
C VAL A 52 8.01 -8.83 -2.43
N TYR A 53 7.56 -9.37 -1.32
CA TYR A 53 8.50 -9.99 -0.34
C TYR A 53 8.15 -11.46 -0.15
N TYR A 54 8.76 -12.34 -0.92
CA TYR A 54 8.47 -13.79 -0.78
C TYR A 54 9.17 -14.36 0.45
N THR A 55 8.55 -14.27 1.60
CA THR A 55 9.19 -14.82 2.83
C THR A 55 9.04 -16.33 2.89
N LYS A 56 9.15 -16.91 4.04
CA LYS A 56 9.00 -18.40 4.16
C LYS A 56 7.53 -18.79 4.33
N LYS A 57 6.68 -17.83 4.60
CA LYS A 57 5.24 -18.16 4.78
C LYS A 57 4.45 -17.84 3.49
N LYS A 58 4.33 -16.59 3.16
CA LYS A 58 3.59 -16.22 1.93
C LYS A 58 4.17 -14.94 1.31
N ALA A 59 3.83 -14.65 0.08
CA ALA A 59 4.36 -13.42 -0.57
C ALA A 59 3.85 -12.18 0.15
N GLU A 60 4.52 -11.07 0.01
CA GLU A 60 4.06 -9.84 0.70
C GLU A 60 4.36 -8.61 -0.16
N VAL A 61 3.34 -7.97 -0.67
CA VAL A 61 3.56 -6.76 -1.52
C VAL A 61 3.70 -5.51 -0.64
N GLU A 62 4.60 -4.63 -0.97
CA GLU A 62 4.76 -3.40 -0.14
C GLU A 62 4.72 -2.15 -1.03
N LEU A 63 4.13 -1.09 -0.55
CA LEU A 63 4.05 0.15 -1.36
C LEU A 63 4.77 1.30 -0.63
N ASP A 64 5.20 2.29 -1.35
CA ASP A 64 5.91 3.43 -0.70
C ASP A 64 5.06 4.70 -0.77
N ILE A 65 4.49 5.10 0.33
CA ILE A 65 3.66 6.34 0.32
C ILE A 65 4.53 7.57 0.62
N ASN A 66 4.20 8.70 0.06
CA ASN A 66 5.02 9.92 0.31
C ASN A 66 4.21 10.96 1.10
N THR A 67 2.92 10.96 0.95
CA THR A 67 2.08 11.95 1.68
C THR A 67 1.40 11.28 2.89
N ALA A 68 2.13 10.53 3.65
CA ALA A 68 1.53 9.85 4.83
C ALA A 68 0.76 10.86 5.69
N SER A 69 1.13 12.11 5.60
CA SER A 69 0.42 13.15 6.41
C SER A 69 -1.01 13.35 5.89
N THR A 70 -1.28 12.92 4.69
CA THR A 70 -2.65 13.09 4.14
C THR A 70 -3.45 11.79 4.27
N TRP A 71 -2.78 10.68 4.38
CA TRP A 71 -3.50 9.37 4.52
C TRP A 71 -4.25 9.32 5.85
N LYS A 72 -5.48 8.89 5.81
CA LYS A 72 -6.28 8.79 7.07
C LYS A 72 -6.61 7.33 7.38
N LYS A 73 -7.00 6.59 6.38
CA LYS A 73 -7.34 5.15 6.61
C LYS A 73 -6.84 4.32 5.42
N PHE A 74 -6.97 3.03 5.49
CA PHE A 74 -6.52 2.16 4.37
C PHE A 74 -6.84 0.70 4.66
N GLU A 75 -7.68 0.10 3.87
CA GLU A 75 -8.02 -1.33 4.10
C GLU A 75 -8.16 -2.06 2.76
N VAL A 76 -7.13 -2.75 2.35
CA VAL A 76 -7.20 -3.50 1.06
C VAL A 76 -8.15 -4.69 1.17
N TYR A 77 -8.93 -4.93 0.15
CA TYR A 77 -9.88 -6.08 0.19
C TYR A 77 -9.96 -6.75 -1.18
N GLU A 78 -9.84 -8.05 -1.23
CA GLU A 78 -9.91 -8.75 -2.55
C GLU A 78 -10.69 -10.06 -2.42
N ASN A 79 -11.27 -10.53 -3.49
CA ASN A 79 -12.05 -11.81 -3.43
C ASN A 79 -13.27 -11.65 -2.52
N ASN A 80 -13.08 -11.62 -1.24
CA ASN A 80 -14.24 -11.48 -0.30
C ASN A 80 -13.75 -11.29 1.13
N GLN A 81 -12.66 -10.60 1.32
CA GLN A 81 -12.13 -10.40 2.69
C GLN A 81 -11.19 -9.19 2.72
N LYS A 82 -11.36 -8.32 3.69
CA LYS A 82 -10.46 -7.13 3.77
C LYS A 82 -9.18 -7.48 4.54
N LEU A 83 -8.06 -7.43 3.88
CA LEU A 83 -6.78 -7.76 4.57
C LEU A 83 -6.30 -6.56 5.41
N PRO A 84 -5.85 -6.85 6.61
CA PRO A 84 -5.36 -5.78 7.51
C PRO A 84 -3.98 -5.30 7.06
N VAL A 85 -3.88 -4.07 6.64
CA VAL A 85 -2.56 -3.54 6.20
C VAL A 85 -1.64 -3.35 7.40
N ARG A 86 -0.39 -3.69 7.27
CA ARG A 86 0.55 -3.54 8.41
C ARG A 86 1.62 -2.49 8.09
N LEU A 87 2.17 -1.86 9.08
CA LEU A 87 3.22 -0.82 8.83
C LEU A 87 4.60 -1.39 9.12
N VAL A 88 5.52 -1.25 8.21
CA VAL A 88 6.89 -1.80 8.44
C VAL A 88 7.85 -0.66 8.79
N SER A 89 7.60 0.53 8.30
CA SER A 89 8.51 1.67 8.60
C SER A 89 7.90 2.98 8.10
N TYR A 90 8.22 4.08 8.74
CA TYR A 90 7.65 5.39 8.29
C TYR A 90 8.62 6.52 8.57
N SER A 91 8.94 7.32 7.59
CA SER A 91 9.88 8.46 7.84
C SER A 91 9.11 9.59 8.54
N PRO A 92 9.83 10.37 9.27
CA PRO A 92 9.22 11.49 10.04
C PRO A 92 8.64 12.59 9.13
N VAL A 93 7.81 13.44 9.71
CA VAL A 93 7.16 14.56 8.96
C VAL A 93 8.03 15.15 7.84
N PRO A 94 9.23 15.56 8.18
CA PRO A 94 10.12 16.17 7.15
C PRO A 94 10.37 15.17 6.00
N GLU A 95 10.44 13.91 6.31
CA GLU A 95 10.63 12.91 5.23
C GLU A 95 9.27 12.50 4.66
N ASP A 96 8.27 12.48 5.50
CA ASP A 96 6.89 12.11 5.05
C ASP A 96 6.94 10.86 4.16
N HIS A 97 6.86 9.71 4.76
CA HIS A 97 6.89 8.45 3.97
C HIS A 97 6.39 7.29 4.82
N ALA A 98 5.26 6.72 4.48
CA ALA A 98 4.72 5.59 5.29
C ALA A 98 4.78 4.30 4.48
N TYR A 99 5.57 3.36 4.90
CA TYR A 99 5.67 2.07 4.13
C TYR A 99 4.65 1.06 4.67
N ILE A 100 4.00 0.34 3.81
CA ILE A 100 3.00 -0.66 4.26
C ILE A 100 3.04 -1.89 3.34
N ARG A 101 2.26 -2.89 3.63
CA ARG A 101 2.26 -4.11 2.76
C ARG A 101 1.20 -5.12 3.25
N PHE A 102 0.85 -6.06 2.42
CA PHE A 102 -0.16 -7.07 2.83
C PHE A 102 0.15 -8.41 2.15
N PRO A 103 -0.43 -9.45 2.70
CA PRO A 103 -0.21 -10.81 2.14
C PRO A 103 -0.96 -10.98 0.82
N VAL A 104 -0.54 -11.90 0.00
CA VAL A 104 -1.22 -12.13 -1.31
C VAL A 104 -1.19 -13.61 -1.67
N SER A 105 -2.23 -14.33 -1.35
CA SER A 105 -2.27 -15.78 -1.67
C SER A 105 -2.96 -16.01 -3.01
N ASP A 106 -2.75 -17.17 -3.59
CA ASP A 106 -3.41 -17.49 -4.90
C ASP A 106 -2.89 -16.56 -6.00
N GLY A 107 -1.70 -16.03 -5.85
CA GLY A 107 -1.15 -15.14 -6.92
C GLY A 107 -2.03 -13.89 -7.06
N THR A 108 -2.66 -13.48 -5.99
CA THR A 108 -3.56 -12.27 -6.03
C THR A 108 -3.03 -11.20 -7.00
N GLN A 109 -3.80 -10.85 -7.98
CA GLN A 109 -3.35 -9.81 -8.95
C GLN A 109 -4.26 -8.58 -8.91
N GLU A 110 -5.39 -8.68 -8.25
CA GLU A 110 -6.31 -7.51 -8.18
C GLU A 110 -6.86 -7.35 -6.76
N LEU A 111 -6.77 -6.18 -6.21
CA LEU A 111 -7.29 -5.96 -4.83
C LEU A 111 -7.97 -4.59 -4.72
N LYS A 112 -9.12 -4.53 -4.12
CA LYS A 112 -9.83 -3.21 -3.98
C LYS A 112 -9.30 -2.46 -2.75
N ILE A 113 -8.75 -1.30 -2.96
CA ILE A 113 -8.21 -0.52 -1.81
C ILE A 113 -9.29 0.42 -1.24
N VAL A 114 -9.19 0.76 0.02
CA VAL A 114 -10.20 1.67 0.63
C VAL A 114 -9.50 2.69 1.53
N SER A 115 -9.54 3.95 1.16
CA SER A 115 -8.88 4.98 2.01
C SER A 115 -9.39 6.37 1.66
N SER A 116 -9.09 7.35 2.47
CA SER A 116 -9.55 8.74 2.19
C SER A 116 -8.52 9.74 2.74
N THR A 117 -7.94 10.54 1.88
CA THR A 117 -6.93 11.53 2.36
C THR A 117 -7.44 12.95 2.14
N GLN A 118 -6.82 13.91 2.77
CA GLN A 118 -7.24 15.33 2.60
C GLN A 118 -6.02 16.25 2.63
N ILE A 119 -5.92 17.15 1.70
CA ILE A 119 -4.74 18.07 1.67
C ILE A 119 -5.20 19.52 1.89
N ASP A 120 -6.36 19.70 2.48
CA ASP A 120 -6.84 21.09 2.72
C ASP A 120 -6.77 21.92 1.43
N ASP A 121 -7.34 21.43 0.37
CA ASP A 121 -7.31 22.18 -0.92
C ASP A 121 -8.73 22.57 -1.34
N GLY A 122 -9.70 21.77 -1.01
CA GLY A 122 -11.10 22.09 -1.40
C GLY A 122 -12.02 20.93 -1.05
N GLU A 123 -11.85 19.81 -1.69
CA GLU A 123 -12.71 18.63 -1.39
C GLU A 123 -11.86 17.45 -0.93
N GLU A 124 -12.24 16.81 0.14
CA GLU A 124 -11.46 15.64 0.64
C GLU A 124 -11.51 14.50 -0.37
N THR A 125 -10.38 13.91 -0.69
CA THR A 125 -10.38 12.78 -1.66
C THR A 125 -10.67 11.46 -0.96
N ASN A 126 -11.90 11.04 -0.93
CA ASN A 126 -12.25 9.75 -0.26
C ASN A 126 -12.35 8.64 -1.31
N TYR A 127 -11.40 7.74 -1.33
CA TYR A 127 -11.44 6.63 -2.32
C TYR A 127 -12.38 5.53 -1.83
N ASP A 128 -13.63 5.59 -2.18
CA ASP A 128 -14.60 4.54 -1.73
C ASP A 128 -14.30 3.22 -2.46
N TYR A 129 -13.73 3.28 -3.62
CA TYR A 129 -13.42 2.03 -4.37
C TYR A 129 -12.25 2.26 -5.33
N THR A 130 -11.11 1.73 -5.03
CA THR A 130 -9.94 1.91 -5.93
C THR A 130 -9.50 0.55 -6.49
N LYS A 131 -9.84 0.27 -7.71
CA LYS A 131 -9.45 -1.05 -8.30
C LYS A 131 -7.97 -1.06 -8.70
N LEU A 132 -7.13 -1.51 -7.82
CA LEU A 132 -5.68 -1.55 -8.15
C LEU A 132 -5.31 -2.96 -8.65
N VAL A 133 -5.08 -3.09 -9.94
CA VAL A 133 -4.74 -4.42 -10.49
C VAL A 133 -3.22 -4.55 -10.68
N PHE A 134 -2.59 -5.41 -9.93
CA PHE A 134 -1.12 -5.57 -10.06
C PHE A 134 -0.76 -5.83 -11.54
N ALA A 135 0.48 -5.64 -11.89
CA ALA A 135 0.89 -5.91 -13.30
C ALA A 135 0.90 -7.42 -13.53
N LYS A 136 1.10 -8.17 -12.48
CA LYS A 136 1.11 -9.65 -12.60
C LYS A 136 0.68 -10.29 -11.27
N PRO A 137 0.45 -11.57 -11.31
CA PRO A 137 0.02 -12.31 -10.10
C PRO A 137 1.19 -12.45 -9.11
N ILE A 138 0.92 -12.27 -7.84
CA ILE A 138 2.02 -12.40 -6.83
C ILE A 138 2.03 -13.81 -6.25
N TYR A 139 2.81 -14.69 -6.83
CA TYR A 139 2.87 -16.08 -6.31
C TYR A 139 4.10 -16.25 -5.40
N ASN A 140 3.92 -16.84 -4.25
CA ASN A 140 5.07 -17.03 -3.32
C ASN A 140 6.18 -17.81 -4.02
N ASP A 141 7.41 -17.41 -3.82
CA ASP A 141 8.55 -18.14 -4.47
C ASP A 141 9.40 -18.85 -3.42
N PRO A 142 9.08 -20.10 -3.20
CA PRO A 142 9.82 -20.91 -2.22
C PRO A 142 11.21 -21.27 -2.75
N SER A 143 11.40 -21.22 -4.04
CA SER A 143 12.73 -21.55 -4.63
C SER A 143 13.28 -20.35 -5.39
N LEU A 144 12.44 -19.42 -5.76
CA LEU A 144 12.92 -18.23 -6.51
C LEU A 144 13.68 -18.67 -7.77
#